data_3VBB
#
_entry.id   3VBB
#
_cell.length_a   116.800
_cell.length_b   189.417
_cell.length_c   230.589
_cell.angle_alpha   90.00
_cell.angle_beta   90.00
_cell.angle_gamma   90.00
#
_symmetry.space_group_name_H-M   'P 21 21 21'
#
loop_
_entity.id
_entity.type
_entity.pdbx_description
1 polymer 'Seryl-tRNA synthetase, cytoplasmic'
2 non-polymer 'MAGNESIUM ION'
3 non-polymer 'PHOSPHATE ION'
4 water water
#
_entity_poly.entity_id   1
_entity_poly.type   'polypeptide(L)'
_entity_poly.pdbx_seq_one_letter_code
;MVLDLDLFRVDKGGDPALIRETQEKRFKDPGLVDQLVKADSEWRRCRFRADNLNKLKNLCSKTIGEKMKKKEPVGDDESV
PENVLSFDDLTADALANLKVSQIKKVRLLIDEAILKCDAERIKLEAERFENLREIGNLLHPSVPISNDEDVDNKVERIWG
DCTVRKKYSHVDLVVMVDGFEGEKGAVVAGSRGYFLKGVLVFLEQALIQYALRTLGSRGYIPIYTPFFMRKEVMQEVAQL
SQFDEELYKVIGKGSEKSDDNSYDEKYLIATSEQPIAALHRDEWLRPEDLPIKYAGLSTCFRQEVGSHGRDTRGIFRVHQ
FEKIEQFVYSSPHDNKSWEMFEEMITTAEEFYQSLGIPYHIVNIVSGSLNHAASKKLDLEAWFPGSGAFRELVSCSNCTD
YQARRLRIRYGQTKKMMDKVEFVHMLNATMCATTRTICAILENYQTEKGITVPEKLKEFMPPGLQELIPFVKPAPIEQEP
SKKQKKQHEGSKKKAAARDVTLENRLQNMEVTDALEHHHHHH
;
_entity_poly.pdbx_strand_id   A,B,C,D,E,F
#
# COMPACT_ATOMS: atom_id res chain seq x y z
N VAL A 2 39.96 7.82 40.65
CA VAL A 2 41.14 7.27 41.29
C VAL A 2 42.38 7.42 40.39
N LEU A 3 43.52 7.77 40.98
CA LEU A 3 44.74 8.04 40.20
C LEU A 3 45.28 6.83 39.46
N ASP A 4 46.00 7.10 38.38
CA ASP A 4 46.71 6.07 37.61
C ASP A 4 47.88 5.54 38.44
N LEU A 5 47.99 4.22 38.62
CA LEU A 5 49.05 3.67 39.47
C LEU A 5 50.45 4.08 39.03
N ASP A 6 50.64 4.24 37.73
CA ASP A 6 51.91 4.66 37.17
C ASP A 6 52.29 6.07 37.60
N LEU A 7 51.39 6.80 38.24
CA LEU A 7 51.76 8.14 38.63
C LEU A 7 52.63 8.06 39.87
N PHE A 8 52.50 6.93 40.57
CA PHE A 8 53.28 6.66 41.77
C PHE A 8 54.65 6.04 41.47
N ARG A 9 54.83 5.58 40.24
CA ARG A 9 56.03 4.87 39.83
C ARG A 9 56.99 5.72 38.99
N VAL A 10 58.13 6.10 39.57
CA VAL A 10 59.06 6.98 38.86
C VAL A 10 59.52 6.42 37.52
N ASP A 11 59.76 5.11 37.46
CA ASP A 11 60.32 4.49 36.27
C ASP A 11 59.25 4.13 35.26
N LYS A 12 57.99 4.34 35.64
CA LYS A 12 56.87 4.30 34.71
C LYS A 12 56.48 5.71 34.27
N GLY A 13 57.27 6.70 34.66
CA GLY A 13 57.04 8.05 34.23
C GLY A 13 56.46 8.87 35.35
N GLY A 14 56.21 8.23 36.48
CA GLY A 14 55.58 8.89 37.61
C GLY A 14 56.36 9.97 38.34
N ASP A 15 55.63 10.70 39.18
CA ASP A 15 56.25 11.58 40.17
C ASP A 15 55.53 11.47 41.51
N PRO A 16 55.97 10.55 42.38
CA PRO A 16 55.27 10.35 43.65
C PRO A 16 55.41 11.55 44.56
N ALA A 17 56.42 12.37 44.34
CA ALA A 17 56.60 13.59 45.13
C ALA A 17 55.44 14.52 44.89
N LEU A 18 55.13 14.73 43.62
CA LEU A 18 54.09 15.62 43.19
C LEU A 18 52.74 15.20 43.80
N ILE A 19 52.53 13.89 43.90
CA ILE A 19 51.28 13.42 44.45
C ILE A 19 51.25 13.72 45.94
N ARG A 20 52.38 13.58 46.62
CA ARG A 20 52.50 13.93 48.03
C ARG A 20 52.17 15.39 48.19
N GLU A 21 52.92 16.21 47.44
CA GLU A 21 52.77 17.65 47.44
C GLU A 21 51.28 18.03 47.25
N THR A 22 50.62 17.36 46.31
CA THR A 22 49.21 17.61 46.07
C THR A 22 48.43 17.34 47.32
N GLN A 23 48.61 16.15 47.89
CA GLN A 23 47.85 15.75 49.06
C GLN A 23 48.09 16.74 50.20
N GLU A 24 49.24 17.39 50.20
CA GLU A 24 49.49 18.50 51.12
C GLU A 24 48.59 19.68 50.77
N LYS A 25 48.64 20.12 49.52
CA LYS A 25 47.83 21.24 49.03
C LYS A 25 46.34 21.05 49.30
N ARG A 26 45.86 19.82 49.20
CA ARG A 26 44.47 19.54 49.54
C ARG A 26 44.20 19.48 51.04
N PHE A 27 45.25 19.40 51.85
CA PHE A 27 45.09 19.29 53.31
C PHE A 27 44.66 17.88 53.80
N LYS A 28 44.50 16.97 52.84
CA LYS A 28 44.29 15.55 53.14
C LYS A 28 45.63 14.97 53.60
N ASP A 29 45.66 13.64 53.78
CA ASP A 29 46.77 12.96 54.46
C ASP A 29 47.95 12.60 53.52
N PRO A 30 49.09 13.31 53.67
CA PRO A 30 50.28 13.14 52.82
C PRO A 30 50.91 11.77 52.98
N GLY A 31 50.51 11.08 54.04
CA GLY A 31 51.10 9.80 54.37
C GLY A 31 50.57 8.71 53.47
N LEU A 32 49.27 8.76 53.19
CA LEU A 32 48.62 7.70 52.45
C LEU A 32 49.39 7.40 51.16
N VAL A 33 50.13 8.39 50.65
CA VAL A 33 50.97 8.17 49.48
C VAL A 33 52.11 7.22 49.81
N ASP A 34 52.91 7.60 50.82
CA ASP A 34 54.11 6.85 51.20
C ASP A 34 53.79 5.38 51.45
N GLN A 35 52.70 5.14 52.18
CA GLN A 35 52.26 3.79 52.44
C GLN A 35 52.19 2.98 51.15
N LEU A 36 51.54 3.55 50.15
CA LEU A 36 51.28 2.81 48.92
C LEU A 36 52.52 2.68 48.04
N VAL A 37 53.41 3.67 48.10
CA VAL A 37 54.66 3.56 47.36
C VAL A 37 55.43 2.37 47.91
N LYS A 38 55.25 2.14 49.21
CA LYS A 38 55.96 1.07 49.90
C LYS A 38 55.34 -0.24 49.44
N ALA A 39 54.06 -0.45 49.73
CA ALA A 39 53.35 -1.65 49.33
C ALA A 39 53.45 -1.95 47.83
N ASP A 40 53.38 -0.91 47.01
CA ASP A 40 53.54 -1.07 45.57
C ASP A 40 54.94 -1.56 45.23
N SER A 41 55.95 -0.94 45.84
CA SER A 41 57.35 -1.27 45.59
C SER A 41 57.74 -2.63 46.12
N GLU A 42 57.31 -2.94 47.33
CA GLU A 42 57.53 -4.26 47.91
C GLU A 42 57.01 -5.35 46.96
N TRP A 43 55.80 -5.17 46.45
CA TRP A 43 55.25 -6.17 45.53
C TRP A 43 56.07 -6.25 44.25
N ARG A 44 56.31 -5.11 43.62
CA ARG A 44 57.02 -5.06 42.36
C ARG A 44 58.44 -5.62 42.47
N ARG A 45 59.11 -5.33 43.59
CA ARG A 45 60.45 -5.88 43.86
C ARG A 45 60.44 -7.39 44.04
N CYS A 46 59.48 -7.90 44.82
CA CYS A 46 59.24 -9.33 44.90
C CYS A 46 59.13 -9.92 43.50
N ARG A 47 58.41 -9.21 42.65
CA ARG A 47 58.01 -9.72 41.35
C ARG A 47 59.14 -9.70 40.34
N PHE A 48 59.89 -8.60 40.28
CA PHE A 48 61.03 -8.48 39.37
C PHE A 48 62.12 -9.48 39.71
N ARG A 49 62.40 -9.62 41.01
CA ARG A 49 63.31 -10.65 41.49
C ARG A 49 62.81 -12.00 40.98
N ALA A 50 61.61 -12.39 41.41
CA ALA A 50 61.02 -13.67 41.04
C ALA A 50 61.01 -13.94 39.53
N ASP A 51 60.64 -12.94 38.73
CA ASP A 51 60.59 -13.12 37.28
C ASP A 51 62.00 -13.25 36.68
N ASN A 52 62.88 -12.34 37.06
CA ASN A 52 64.25 -12.27 36.55
C ASN A 52 65.16 -13.41 37.05
N LEU A 53 64.91 -13.87 38.27
CA LEU A 53 65.60 -15.02 38.82
C LEU A 53 65.24 -16.25 37.98
N ASN A 54 64.04 -16.23 37.41
CA ASN A 54 63.56 -17.31 36.55
C ASN A 54 64.14 -17.24 35.13
N LYS A 55 64.27 -16.04 34.59
CA LYS A 55 64.84 -15.83 33.25
C LYS A 55 66.27 -16.37 33.16
N LEU A 56 66.98 -16.37 34.29
CA LEU A 56 68.33 -16.92 34.38
C LEU A 56 68.33 -18.46 34.47
N LYS A 57 67.39 -19.02 35.24
CA LYS A 57 67.23 -20.47 35.37
C LYS A 57 67.04 -21.16 34.01
N ASN A 58 66.41 -20.43 33.09
CA ASN A 58 66.23 -20.90 31.72
C ASN A 58 67.50 -20.75 30.88
N LEU A 59 68.19 -19.63 31.05
CA LEU A 59 69.46 -19.39 30.35
C LEU A 59 70.54 -20.31 30.94
N CYS A 60 70.25 -20.82 32.13
CA CYS A 60 71.08 -21.83 32.76
C CYS A 60 70.92 -23.14 32.00
N SER A 61 69.68 -23.47 31.67
CA SER A 61 69.36 -24.70 30.98
C SER A 61 69.67 -24.64 29.48
N LYS A 62 69.41 -23.50 28.85
CA LYS A 62 69.70 -23.30 27.42
C LYS A 62 71.18 -23.52 27.05
N THR A 63 72.07 -22.68 27.55
CA THR A 63 73.49 -22.86 27.29
C THR A 63 74.01 -24.15 27.93
N ILE A 64 73.24 -24.72 28.87
CA ILE A 64 73.57 -26.05 29.43
C ILE A 64 73.21 -27.15 28.43
N GLY A 65 72.23 -26.86 27.57
CA GLY A 65 71.86 -27.75 26.49
C GLY A 65 72.89 -27.81 25.37
N GLU A 66 73.29 -26.64 24.88
CA GLU A 66 74.29 -26.55 23.82
C GLU A 66 75.62 -27.18 24.24
N LYS A 67 75.83 -27.30 25.55
CA LYS A 67 77.09 -27.80 26.11
C LYS A 67 77.42 -29.26 25.79
N MET A 68 76.54 -30.18 26.16
CA MET A 68 76.81 -31.61 25.97
C MET A 68 76.62 -32.03 24.51
N LYS A 69 75.83 -31.23 23.79
CA LYS A 69 75.50 -31.47 22.38
C LYS A 69 76.67 -31.24 21.44
N LYS A 70 77.34 -30.09 21.58
CA LYS A 70 78.52 -29.79 20.77
C LYS A 70 79.76 -30.61 21.15
N LYS A 71 80.14 -30.59 22.42
CA LYS A 71 81.32 -31.33 22.91
C LYS A 71 81.59 -31.07 24.39
N GLU A 72 82.57 -31.79 24.95
CA GLU A 72 82.99 -31.60 26.34
C GLU A 72 81.89 -31.98 27.36
N ASP A 77 84.83 -31.21 37.26
CA ASP A 77 83.82 -31.14 38.31
C ASP A 77 84.26 -30.22 39.43
N GLU A 78 83.90 -28.94 39.32
CA GLU A 78 84.36 -27.93 40.27
C GLU A 78 83.19 -27.32 41.09
N SER A 79 83.54 -26.38 41.97
CA SER A 79 82.56 -25.72 42.84
C SER A 79 82.01 -24.46 42.17
N VAL A 80 81.11 -23.76 42.87
CA VAL A 80 80.50 -22.55 42.30
C VAL A 80 81.50 -21.40 42.30
N PRO A 81 81.73 -20.79 41.13
CA PRO A 81 82.56 -19.58 41.03
C PRO A 81 81.85 -18.38 41.68
N GLU A 82 82.58 -17.58 42.45
CA GLU A 82 81.98 -16.48 43.21
C GLU A 82 81.65 -15.25 42.38
N ASN A 83 82.30 -15.12 41.23
CA ASN A 83 82.18 -13.93 40.40
C ASN A 83 80.97 -13.93 39.46
N VAL A 84 80.20 -15.01 39.49
CA VAL A 84 78.91 -15.04 38.80
C VAL A 84 77.60 -14.85 39.58
N LEU A 85 77.61 -14.69 40.90
CA LEU A 85 76.29 -14.71 41.55
C LEU A 85 75.81 -13.30 41.84
N SER A 86 74.87 -12.89 41.01
CA SER A 86 74.41 -11.52 40.92
C SER A 86 73.47 -11.55 39.74
N PHE A 87 72.62 -10.54 39.59
CA PHE A 87 71.81 -10.49 38.39
C PHE A 87 72.67 -9.99 37.24
N ASP A 88 73.50 -8.99 37.54
CA ASP A 88 74.32 -8.29 36.55
C ASP A 88 75.60 -9.03 36.14
N ASP A 89 76.13 -9.86 37.03
CA ASP A 89 77.36 -10.62 36.73
C ASP A 89 77.15 -12.01 36.14
N LEU A 90 75.91 -12.48 36.14
CA LEU A 90 75.62 -13.76 35.53
C LEU A 90 75.00 -13.48 34.18
N THR A 91 75.78 -13.74 33.14
CA THR A 91 75.40 -13.39 31.79
C THR A 91 75.74 -14.56 30.88
N ALA A 92 75.23 -14.56 29.66
CA ALA A 92 75.37 -15.71 28.76
C ALA A 92 76.81 -16.21 28.67
N ASP A 93 77.74 -15.28 28.44
CA ASP A 93 79.16 -15.61 28.28
C ASP A 93 79.82 -16.27 29.49
N ALA A 94 79.67 -15.68 30.67
CA ALA A 94 80.31 -16.18 31.88
C ALA A 94 79.87 -17.60 32.25
N LEU A 95 78.79 -18.05 31.63
CA LEU A 95 78.27 -19.40 31.86
C LEU A 95 79.09 -20.45 31.10
N ALA A 96 79.57 -20.08 29.91
CA ALA A 96 80.36 -20.99 29.09
C ALA A 96 81.68 -21.34 29.78
N ASN A 97 82.43 -20.31 30.16
CA ASN A 97 83.72 -20.48 30.82
C ASN A 97 83.61 -21.23 32.15
N LEU A 98 82.37 -21.38 32.63
CA LEU A 98 82.10 -22.08 33.89
C LEU A 98 81.82 -23.57 33.66
N LYS A 99 81.96 -24.03 32.42
CA LYS A 99 81.72 -25.42 32.05
C LYS A 99 80.29 -25.90 32.29
N VAL A 100 80.18 -27.07 32.91
CA VAL A 100 78.90 -27.72 33.22
C VAL A 100 79.14 -28.56 34.48
N SER A 101 78.06 -28.96 35.15
CA SER A 101 78.16 -29.58 36.47
C SER A 101 78.62 -28.50 37.45
N GLN A 102 79.07 -27.39 36.89
CA GLN A 102 79.18 -26.12 37.59
C GLN A 102 77.86 -25.38 37.39
N ILE A 103 77.55 -25.08 36.14
CA ILE A 103 76.27 -24.48 35.78
C ILE A 103 75.13 -25.23 36.44
N LYS A 104 75.22 -26.56 36.47
CA LYS A 104 74.23 -27.38 37.16
C LYS A 104 74.02 -26.94 38.62
N LYS A 105 75.12 -26.68 39.33
CA LYS A 105 75.05 -26.32 40.75
C LYS A 105 74.64 -24.86 40.96
N VAL A 106 75.02 -23.99 40.01
CA VAL A 106 74.57 -22.61 40.04
C VAL A 106 73.07 -22.53 39.83
N ARG A 107 72.55 -23.43 39.00
CA ARG A 107 71.12 -23.47 38.71
C ARG A 107 70.31 -23.97 39.91
N LEU A 108 70.96 -24.68 40.83
CA LEU A 108 70.31 -25.12 42.06
C LEU A 108 70.24 -23.99 43.09
N LEU A 109 71.16 -23.03 42.98
CA LEU A 109 71.21 -21.86 43.86
C LEU A 109 70.20 -20.80 43.44
N ILE A 110 69.88 -20.78 42.15
CA ILE A 110 68.87 -19.89 41.60
C ILE A 110 67.48 -20.34 42.03
N ASP A 111 67.30 -21.65 42.10
CA ASP A 111 66.02 -22.24 42.49
C ASP A 111 65.80 -22.19 43.99
N GLU A 112 66.88 -22.08 44.75
CA GLU A 112 66.76 -21.92 46.20
C GLU A 112 66.24 -20.53 46.54
N ALA A 113 66.50 -19.57 45.63
CA ALA A 113 66.21 -18.17 45.88
C ALA A 113 64.87 -17.67 45.32
N ILE A 114 64.16 -18.55 44.61
CA ILE A 114 62.83 -18.23 44.05
C ILE A 114 61.77 -18.17 45.15
N LEU A 115 61.05 -17.07 45.23
CA LEU A 115 60.04 -16.93 46.27
C LEU A 115 58.64 -16.67 45.70
N LYS A 116 57.63 -16.93 46.51
CA LYS A 116 56.26 -16.64 46.13
C LYS A 116 55.86 -15.25 46.62
N CYS A 117 55.20 -14.49 45.75
CA CYS A 117 54.79 -13.13 46.08
C CYS A 117 53.36 -13.06 46.59
N ASP A 118 52.71 -14.21 46.71
CA ASP A 118 51.29 -14.30 47.10
C ASP A 118 51.02 -13.49 48.36
N ALA A 119 52.03 -13.45 49.23
CA ALA A 119 51.94 -12.71 50.48
C ALA A 119 51.97 -11.19 50.27
N GLU A 120 52.81 -10.75 49.35
CA GLU A 120 53.01 -9.31 49.10
C GLU A 120 51.87 -8.72 48.27
N ARG A 121 51.29 -9.56 47.39
CA ARG A 121 50.18 -9.14 46.55
C ARG A 121 49.00 -8.76 47.41
N ILE A 122 48.62 -9.64 48.34
CA ILE A 122 47.52 -9.34 49.25
C ILE A 122 47.69 -7.96 49.84
N LYS A 123 48.87 -7.67 50.37
CA LYS A 123 49.10 -6.38 51.02
C LYS A 123 48.89 -5.23 50.05
N LEU A 124 49.36 -5.38 48.81
CA LEU A 124 49.21 -4.33 47.82
C LEU A 124 47.74 -4.04 47.56
N GLU A 125 47.00 -5.04 47.13
CA GLU A 125 45.56 -4.92 46.93
C GLU A 125 44.83 -4.40 48.16
N ALA A 126 45.25 -4.80 49.34
CA ALA A 126 44.66 -4.26 50.55
C ALA A 126 44.77 -2.74 50.59
N GLU A 127 45.94 -2.23 50.21
CA GLU A 127 46.23 -0.79 50.23
C GLU A 127 45.45 -0.03 49.16
N ARG A 128 45.35 -0.63 47.99
CA ARG A 128 44.61 -0.05 46.89
C ARG A 128 43.14 0.11 47.22
N PHE A 129 42.49 -0.99 47.56
CA PHE A 129 41.06 -1.02 47.90
C PHE A 129 40.73 -0.07 49.04
N GLU A 130 41.65 0.04 49.99
CA GLU A 130 41.49 0.91 51.15
C GLU A 130 41.93 2.36 50.89
N ASN A 131 43.23 2.56 50.65
CA ASN A 131 43.79 3.90 50.55
C ASN A 131 43.69 4.72 49.25
N LEU A 132 43.78 4.05 48.09
CA LEU A 132 43.81 4.75 46.79
C LEU A 132 42.68 5.75 46.66
N ARG A 133 41.50 5.33 47.08
CA ARG A 133 40.31 6.16 47.02
C ARG A 133 40.43 7.43 47.83
N GLU A 134 41.38 7.47 48.76
CA GLU A 134 41.58 8.63 49.63
C GLU A 134 42.69 9.59 49.18
N ILE A 135 43.39 9.25 48.11
CA ILE A 135 44.37 10.20 47.55
C ILE A 135 43.72 10.96 46.40
N GLY A 136 43.66 12.29 46.56
CA GLY A 136 42.97 13.14 45.60
C GLY A 136 43.67 13.43 44.29
N ASN A 137 42.90 13.88 43.31
CA ASN A 137 43.37 14.16 41.96
C ASN A 137 44.34 15.34 41.89
N LEU A 138 45.14 15.38 40.82
CA LEU A 138 46.07 16.48 40.59
C LEU A 138 45.38 17.83 40.51
N LEU A 139 46.06 18.88 40.96
CA LEU A 139 45.43 20.19 40.97
C LEU A 139 45.88 21.05 39.80
N HIS A 140 44.97 21.86 39.30
CA HIS A 140 45.31 22.86 38.32
C HIS A 140 46.09 23.96 39.02
N PRO A 141 47.12 24.48 38.34
CA PRO A 141 48.00 25.54 38.83
C PRO A 141 47.24 26.74 39.35
N SER A 142 46.03 26.95 38.85
CA SER A 142 45.27 28.15 39.19
C SER A 142 44.57 28.07 40.53
N VAL A 143 44.37 26.84 41.03
CA VAL A 143 43.61 26.58 42.25
C VAL A 143 44.31 27.23 43.42
N PRO A 144 43.62 28.16 44.09
CA PRO A 144 44.26 28.82 45.23
C PRO A 144 44.46 27.78 46.34
N ILE A 145 45.55 27.87 47.12
CA ILE A 145 45.81 26.88 48.15
C ILE A 145 45.44 27.41 49.52
N SER A 146 44.35 26.90 50.09
CA SER A 146 43.96 27.19 51.46
C SER A 146 42.94 26.15 51.93
N ASN A 147 42.75 26.01 53.24
CA ASN A 147 41.61 25.26 53.71
C ASN A 147 40.42 26.12 54.10
N ASP A 148 40.56 27.46 54.05
CA ASP A 148 39.44 28.33 54.47
C ASP A 148 38.75 29.01 53.30
N GLU A 149 37.54 28.55 52.97
CA GLU A 149 36.88 29.05 51.78
C GLU A 149 36.54 30.52 51.94
N ASP A 150 35.85 30.85 53.02
CA ASP A 150 35.33 32.21 53.21
C ASP A 150 36.36 33.30 52.95
N VAL A 151 37.56 33.14 53.52
CA VAL A 151 38.64 34.10 53.32
C VAL A 151 39.40 33.97 51.98
N ASP A 152 39.77 32.74 51.60
CA ASP A 152 40.65 32.51 50.45
C ASP A 152 40.07 32.13 49.06
N ASN A 153 38.75 31.96 48.92
CA ASN A 153 38.21 31.75 47.58
C ASN A 153 38.54 32.96 46.73
N LYS A 154 39.08 32.73 45.54
CA LYS A 154 39.49 33.85 44.68
C LYS A 154 38.37 34.32 43.76
N VAL A 155 38.08 35.62 43.74
CA VAL A 155 37.04 36.11 42.83
C VAL A 155 37.66 36.54 41.51
N GLU A 156 37.41 35.77 40.47
CA GLU A 156 38.10 35.97 39.20
C GLU A 156 37.47 37.02 38.28
N ARG A 157 36.20 37.32 38.48
CA ARG A 157 35.42 38.07 37.52
C ARG A 157 34.26 38.65 38.27
N ILE A 158 33.65 39.69 37.74
CA ILE A 158 32.39 40.14 38.25
C ILE A 158 31.67 40.72 37.06
N TRP A 159 30.35 40.60 37.06
CA TRP A 159 29.53 41.08 35.96
C TRP A 159 28.31 41.77 36.54
N GLY A 160 27.96 42.91 35.98
CA GLY A 160 26.83 43.66 36.47
C GLY A 160 27.11 44.31 37.80
N ASP A 161 26.12 45.01 38.34
CA ASP A 161 26.31 45.70 39.60
C ASP A 161 25.86 44.85 40.78
N CYS A 162 26.83 44.39 41.56
CA CYS A 162 26.62 43.52 42.70
C CYS A 162 26.54 44.24 44.05
N THR A 163 26.54 45.57 44.01
CA THR A 163 26.29 46.41 45.20
C THR A 163 24.80 46.67 45.53
N VAL A 164 23.98 46.74 44.49
CA VAL A 164 22.62 47.31 44.59
C VAL A 164 21.66 46.60 45.56
N ARG A 165 20.85 47.39 46.27
CA ARG A 165 19.81 46.82 47.14
C ARG A 165 18.40 47.05 46.58
N LYS A 166 17.52 46.09 46.81
CA LYS A 166 16.10 46.24 46.47
C LYS A 166 15.23 45.84 47.66
N LYS A 167 13.94 46.14 47.59
CA LYS A 167 13.11 46.16 48.79
C LYS A 167 12.82 44.80 49.43
N TYR A 168 12.32 43.85 48.65
CA TYR A 168 11.87 42.57 49.19
C TYR A 168 12.78 41.43 48.81
N SER A 169 12.91 40.43 49.68
CA SER A 169 13.67 39.23 49.35
C SER A 169 12.83 38.23 48.55
N HIS A 170 13.44 37.11 48.18
CA HIS A 170 12.74 36.09 47.39
C HIS A 170 11.69 35.39 48.23
N VAL A 171 11.84 35.47 49.54
CA VAL A 171 10.88 34.83 50.43
C VAL A 171 9.53 35.52 50.30
N ASP A 172 9.53 36.84 50.25
CA ASP A 172 8.28 37.60 50.18
C ASP A 172 7.69 37.63 48.76
N LEU A 173 8.54 37.83 47.77
CA LEU A 173 8.05 37.99 46.40
C LEU A 173 7.31 36.75 45.98
N VAL A 174 7.80 35.62 46.44
CA VAL A 174 7.21 34.35 46.07
C VAL A 174 5.75 34.27 46.59
N VAL A 175 5.50 34.90 47.74
CA VAL A 175 4.14 35.00 48.27
C VAL A 175 3.33 36.05 47.53
N MET A 176 3.93 37.23 47.35
CA MET A 176 3.25 38.36 46.75
C MET A 176 2.76 38.13 45.33
N VAL A 177 3.34 37.17 44.64
CA VAL A 177 2.95 36.92 43.26
C VAL A 177 1.91 35.81 43.22
N ASP A 178 1.61 35.25 44.40
CA ASP A 178 0.78 34.05 44.56
C ASP A 178 1.33 32.87 43.76
N GLY A 179 2.61 32.59 43.96
CA GLY A 179 3.26 31.48 43.32
C GLY A 179 3.65 30.31 44.18
N PHE A 180 3.39 30.41 45.48
CA PHE A 180 3.96 29.46 46.42
C PHE A 180 2.94 29.08 47.47
N GLU A 181 2.66 27.80 47.64
CA GLU A 181 2.03 27.39 48.88
C GLU A 181 3.01 26.50 49.63
N GLY A 182 3.63 27.04 50.66
CA GLY A 182 4.59 26.28 51.45
C GLY A 182 4.04 25.83 52.78
N GLU A 183 2.93 26.45 53.17
CA GLU A 183 2.22 26.00 54.34
C GLU A 183 1.68 24.61 54.05
N LYS A 184 0.87 24.52 53.00
CA LYS A 184 0.10 23.32 52.72
C LYS A 184 0.93 22.25 52.01
N GLY A 185 2.14 22.62 51.61
CA GLY A 185 3.04 21.69 50.97
C GLY A 185 3.87 21.00 52.02
N ALA A 186 3.93 21.62 53.20
CA ALA A 186 4.60 21.01 54.35
C ALA A 186 3.69 19.96 54.99
N VAL A 187 2.38 20.20 54.93
CA VAL A 187 1.42 19.20 55.38
C VAL A 187 1.58 17.93 54.54
N VAL A 188 1.47 18.11 53.23
CA VAL A 188 1.47 17.01 52.28
C VAL A 188 2.80 16.24 52.17
N ALA A 189 3.87 16.95 51.86
CA ALA A 189 5.15 16.31 51.60
C ALA A 189 6.10 16.18 52.80
N GLY A 190 5.78 16.82 53.91
CA GLY A 190 6.74 16.89 55.00
C GLY A 190 7.39 18.28 55.09
N SER A 191 8.46 18.39 55.88
CA SER A 191 9.10 19.68 56.11
C SER A 191 9.70 20.26 54.83
N ARG A 192 9.51 21.56 54.63
CA ARG A 192 10.04 22.27 53.46
C ARG A 192 9.33 21.91 52.16
N GLY A 193 8.36 21.00 52.25
CA GLY A 193 7.57 20.61 51.10
C GLY A 193 6.93 21.86 50.54
N TYR A 194 6.65 21.85 49.26
CA TYR A 194 6.09 23.05 48.67
C TYR A 194 5.23 22.76 47.46
N PHE A 195 4.36 23.71 47.15
CA PHE A 195 3.69 23.76 45.86
C PHE A 195 4.19 25.00 45.16
N LEU A 196 4.27 24.94 43.84
CA LEU A 196 4.57 26.10 43.05
C LEU A 196 3.33 26.29 42.22
N LYS A 197 2.80 27.51 42.17
CA LYS A 197 1.58 27.66 41.41
C LYS A 197 1.58 28.84 40.42
N GLY A 198 0.68 28.79 39.46
CA GLY A 198 0.43 29.94 38.60
C GLY A 198 1.62 30.51 37.87
N VAL A 199 1.81 31.81 38.04
CA VAL A 199 2.86 32.52 37.33
C VAL A 199 4.22 31.84 37.48
N LEU A 200 4.51 31.25 38.65
CA LEU A 200 5.82 30.63 38.87
C LEU A 200 5.98 29.27 38.20
N VAL A 201 4.89 28.57 37.93
CA VAL A 201 5.04 27.35 37.16
C VAL A 201 5.38 27.76 35.75
N PHE A 202 4.95 28.95 35.37
CA PHE A 202 5.16 29.40 34.00
C PHE A 202 6.56 29.93 33.79
N LEU A 203 7.03 30.70 34.77
CA LEU A 203 8.37 31.27 34.77
C LEU A 203 9.38 30.13 34.65
N GLU A 204 9.17 29.09 35.41
CA GLU A 204 10.11 27.98 35.43
C GLU A 204 10.09 27.19 34.15
N GLN A 205 8.93 27.01 33.54
CA GLN A 205 8.91 26.33 32.25
C GLN A 205 9.62 27.17 31.21
N ALA A 206 9.56 28.49 31.39
CA ALA A 206 10.30 29.40 30.51
C ALA A 206 11.80 29.15 30.64
N LEU A 207 12.32 29.24 31.86
CA LEU A 207 13.71 28.93 32.15
C LEU A 207 14.16 27.59 31.56
N ILE A 208 13.42 26.53 31.82
CA ILE A 208 13.82 25.22 31.32
C ILE A 208 13.88 25.27 29.81
N GLN A 209 12.98 26.05 29.19
CA GLN A 209 12.94 26.11 27.74
C GLN A 209 14.13 26.91 27.26
N TYR A 210 14.37 28.04 27.92
CA TYR A 210 15.48 28.88 27.52
C TYR A 210 16.82 28.15 27.70
N ALA A 211 16.99 27.48 28.84
CA ALA A 211 18.21 26.74 29.12
C ALA A 211 18.47 25.67 28.06
N LEU A 212 17.46 24.87 27.75
CA LEU A 212 17.63 23.83 26.76
C LEU A 212 17.87 24.35 25.34
N ARG A 213 17.34 25.52 24.98
CA ARG A 213 17.65 26.08 23.65
C ARG A 213 19.12 26.41 23.66
N THR A 214 19.52 27.18 24.66
CA THR A 214 20.89 27.63 24.83
C THR A 214 21.87 26.47 24.77
N LEU A 215 21.70 25.46 25.61
CA LEU A 215 22.63 24.35 25.52
C LEU A 215 22.50 23.57 24.22
N GLY A 216 21.29 23.47 23.68
CA GLY A 216 21.06 22.63 22.53
C GLY A 216 21.74 23.17 21.28
N SER A 217 21.71 24.49 21.14
CA SER A 217 22.26 25.18 19.98
C SER A 217 23.78 25.36 20.09
N ARG A 218 24.34 25.06 21.26
CA ARG A 218 25.79 24.97 21.43
C ARG A 218 26.28 23.52 21.27
N GLY A 219 25.39 22.62 20.89
CA GLY A 219 25.82 21.30 20.50
C GLY A 219 25.54 20.22 21.50
N TYR A 220 24.93 20.60 22.63
CA TYR A 220 24.53 19.65 23.67
C TYR A 220 23.30 18.89 23.25
N ILE A 221 23.31 17.62 23.58
CA ILE A 221 22.16 16.75 23.46
C ILE A 221 21.39 16.71 24.78
N PRO A 222 20.14 17.20 24.82
CA PRO A 222 19.36 17.15 26.07
C PRO A 222 19.01 15.72 26.40
N ILE A 223 19.13 15.38 27.67
CA ILE A 223 18.86 14.02 28.09
C ILE A 223 18.09 13.99 29.42
N TYR A 224 17.01 13.23 29.42
CA TYR A 224 16.13 13.18 30.57
C TYR A 224 16.38 11.82 31.20
N THR A 225 16.95 11.83 32.39
CA THR A 225 17.43 10.63 33.09
C THR A 225 16.34 10.00 33.99
N PRO A 226 16.48 8.70 34.32
CA PRO A 226 15.65 8.17 35.40
C PRO A 226 15.90 8.98 36.69
N PHE A 227 14.87 9.17 37.51
CA PHE A 227 15.03 9.93 38.76
C PHE A 227 15.43 9.05 39.95
N PHE A 228 15.51 7.74 39.73
CA PHE A 228 16.08 6.83 40.72
C PHE A 228 16.90 5.70 40.08
N MET A 229 18.01 5.35 40.73
CA MET A 229 18.78 4.19 40.27
C MET A 229 18.94 3.10 41.35
N ARG A 230 19.18 1.87 40.91
CA ARG A 230 19.36 0.74 41.80
C ARG A 230 20.50 1.00 42.78
N LYS A 231 20.39 0.49 44.01
CA LYS A 231 21.40 0.77 45.04
C LYS A 231 22.78 0.29 44.60
N GLU A 232 22.83 -0.88 43.95
CA GLU A 232 24.06 -1.48 43.46
C GLU A 232 24.85 -0.56 42.52
N VAL A 233 24.17 -0.05 41.49
CA VAL A 233 24.79 0.81 40.48
C VAL A 233 25.05 2.22 41.00
N MET A 234 24.23 2.68 41.93
CA MET A 234 24.42 4.01 42.53
C MET A 234 25.68 4.01 43.39
N GLN A 235 26.05 2.84 43.90
CA GLN A 235 27.31 2.68 44.61
C GLN A 235 28.48 2.61 43.63
N GLU A 236 28.32 1.81 42.57
CA GLU A 236 29.36 1.60 41.58
C GLU A 236 29.79 2.89 40.87
N VAL A 237 29.00 3.96 41.03
CA VAL A 237 29.23 5.20 40.29
C VAL A 237 29.56 6.41 41.16
N ALA A 238 28.64 6.78 42.03
CA ALA A 238 28.70 8.06 42.75
C ALA A 238 29.99 8.28 43.57
N GLN A 239 30.37 9.55 43.65
CA GLN A 239 31.59 10.00 44.31
C GLN A 239 31.51 9.73 45.82
N LEU A 240 32.67 9.74 46.50
CA LEU A 240 32.70 9.48 47.94
C LEU A 240 31.60 10.29 48.61
N SER A 241 31.42 11.53 48.15
CA SER A 241 30.34 12.40 48.62
C SER A 241 29.10 12.30 47.70
N PHE A 243 29.29 7.82 50.23
CA PHE A 243 27.84 8.06 50.26
C PHE A 243 27.53 9.14 51.31
N ASP A 244 28.13 10.32 51.14
CA ASP A 244 28.00 11.42 52.12
C ASP A 244 26.56 11.85 52.38
N GLU A 245 25.93 12.51 51.41
CA GLU A 245 24.54 12.94 51.57
C GLU A 245 23.69 11.68 51.59
N GLU A 246 22.62 11.69 52.37
CA GLU A 246 21.86 10.47 52.59
C GLU A 246 20.82 10.17 51.51
N LEU A 247 20.76 11.01 50.49
CA LEU A 247 19.87 10.74 49.36
C LEU A 247 18.47 10.43 49.85
N TYR A 248 17.85 9.42 49.27
CA TYR A 248 16.56 8.92 49.74
C TYR A 248 16.54 7.47 49.39
N LYS A 249 15.66 6.70 50.03
CA LYS A 249 15.57 5.29 49.70
C LYS A 249 14.19 4.91 49.21
N VAL A 250 14.17 4.06 48.18
CA VAL A 250 12.94 3.63 47.55
C VAL A 250 12.85 2.10 47.60
N ILE A 251 11.66 1.56 47.89
CA ILE A 251 11.46 0.10 47.93
C ILE A 251 10.46 -0.42 46.89
N ASP A 264 12.71 -3.54 45.92
CA ASP A 264 13.52 -3.16 44.79
C ASP A 264 14.92 -2.70 45.18
N GLU A 265 15.01 -1.99 46.30
CA GLU A 265 16.25 -1.36 46.77
C GLU A 265 16.85 -0.29 45.81
N LYS A 266 16.14 0.83 45.66
CA LYS A 266 16.55 1.92 44.79
C LYS A 266 16.82 3.23 45.56
N TYR A 267 17.69 4.08 44.98
CA TYR A 267 18.00 5.40 45.52
C TYR A 267 17.41 6.52 44.64
N LEU A 268 16.98 7.62 45.25
CA LEU A 268 16.61 8.83 44.50
C LEU A 268 17.85 9.68 44.20
N ILE A 269 18.09 9.92 42.91
CA ILE A 269 19.25 10.66 42.41
C ILE A 269 19.32 12.10 42.94
N ALA A 270 20.52 12.56 43.32
CA ALA A 270 20.68 13.96 43.71
C ALA A 270 21.14 14.90 42.59
N THR A 271 21.55 14.31 41.46
CA THR A 271 21.95 15.03 40.24
C THR A 271 21.76 14.11 39.03
N SER A 272 21.77 14.69 37.83
CA SER A 272 21.70 13.90 36.61
C SER A 272 23.04 13.21 36.38
N GLU A 273 24.07 13.77 37.01
CA GLU A 273 25.46 13.31 36.87
C GLU A 273 25.65 11.82 37.12
N GLN A 274 24.94 11.30 38.12
CA GLN A 274 25.01 9.88 38.46
C GLN A 274 24.44 8.94 37.37
N PRO A 275 23.16 9.15 36.95
CA PRO A 275 22.62 8.26 35.91
C PRO A 275 23.42 8.32 34.60
N ILE A 276 23.87 9.52 34.24
CA ILE A 276 24.57 9.72 32.97
C ILE A 276 25.95 9.10 33.02
N ALA A 277 26.69 9.36 34.10
CA ALA A 277 27.97 8.71 34.28
C ALA A 277 27.78 7.20 34.09
N ALA A 278 26.70 6.66 34.66
CA ALA A 278 26.37 5.24 34.58
C ALA A 278 26.01 4.81 33.17
N LEU A 279 25.82 5.80 32.29
CA LEU A 279 25.39 5.56 30.92
C LEU A 279 26.52 5.00 30.08
N HIS A 280 27.70 5.61 30.24
CA HIS A 280 28.91 5.23 29.51
C HIS A 280 29.87 4.29 30.24
N ARG A 281 29.48 3.85 31.42
CA ARG A 281 30.31 2.94 32.20
C ARG A 281 30.76 1.74 31.37
N ASP A 282 32.02 1.33 31.55
CA ASP A 282 32.57 0.15 30.90
C ASP A 282 32.48 0.20 29.39
N GLU A 283 32.84 1.33 28.79
CA GLU A 283 32.80 1.45 27.35
C GLU A 283 34.08 2.02 26.80
N TRP A 284 34.31 1.77 25.51
CA TRP A 284 35.39 2.38 24.78
C TRP A 284 34.75 3.43 23.91
N LEU A 285 35.37 4.59 23.78
CA LEU A 285 34.75 5.71 23.10
C LEU A 285 35.57 6.15 21.88
N ARG A 286 34.92 6.22 20.70
CA ARG A 286 35.59 6.70 19.49
C ARG A 286 36.16 8.11 19.66
N PRO A 287 37.48 8.27 19.49
CA PRO A 287 38.08 9.61 19.59
C PRO A 287 37.45 10.59 18.61
N GLU A 288 37.03 10.08 17.45
CA GLU A 288 36.32 10.87 16.45
C GLU A 288 35.07 11.57 17.06
N ASP A 289 34.36 10.85 17.93
CA ASP A 289 33.11 11.35 18.50
C ASP A 289 33.29 12.45 19.56
N LEU A 290 34.40 12.45 20.28
CA LEU A 290 34.58 13.43 21.35
C LEU A 290 34.76 14.82 20.76
N PRO A 291 34.36 15.87 21.49
CA PRO A 291 33.62 15.85 22.76
C PRO A 291 32.18 15.38 22.59
N ILE A 292 31.72 14.57 23.54
CA ILE A 292 30.31 14.26 23.69
C ILE A 292 29.72 15.18 24.74
N LYS A 293 28.79 16.05 24.37
CA LYS A 293 28.19 16.97 25.35
C LYS A 293 26.71 16.68 25.62
N TYR A 294 26.34 16.54 26.90
CA TYR A 294 24.94 16.29 27.28
C TYR A 294 24.40 17.44 28.13
N ALA A 295 23.15 17.84 27.89
CA ALA A 295 22.46 18.72 28.82
C ALA A 295 21.50 17.83 29.57
N GLY A 296 21.81 17.55 30.83
CA GLY A 296 20.96 16.69 31.62
C GLY A 296 19.82 17.48 32.23
N LEU A 297 18.66 16.85 32.26
CA LEU A 297 17.46 17.49 32.74
C LEU A 297 16.76 16.49 33.64
N SER A 298 16.60 16.84 34.90
CA SER A 298 15.98 15.92 35.83
C SER A 298 15.42 16.66 37.02
N THR A 299 14.56 15.99 37.78
CA THR A 299 14.18 16.50 39.08
C THR A 299 15.14 15.86 40.06
N CYS A 300 15.59 16.63 41.04
CA CYS A 300 16.56 16.15 42.01
C CYS A 300 16.02 16.19 43.41
N PHE A 301 16.53 15.31 44.25
CA PHE A 301 16.04 15.18 45.62
C PHE A 301 17.20 15.23 46.62
N ARG A 302 17.14 16.23 47.49
CA ARG A 302 18.14 16.40 48.53
C ARG A 302 17.50 16.34 49.90
N GLN A 303 17.83 15.28 50.64
CA GLN A 303 17.56 15.20 52.08
C GLN A 303 18.60 16.08 52.77
N GLU A 304 18.36 16.49 54.01
CA GLU A 304 19.24 17.46 54.66
C GLU A 304 19.25 18.82 53.97
N VAL A 305 18.15 19.55 54.11
CA VAL A 305 18.02 20.92 53.58
C VAL A 305 18.64 22.00 54.49
N GLY A 306 19.15 21.60 55.65
CA GLY A 306 20.04 22.45 56.45
C GLY A 306 19.56 23.18 57.69
N SER A 307 18.25 23.36 57.84
CA SER A 307 17.68 24.10 58.97
C SER A 307 18.50 25.32 59.39
N THR A 312 10.37 30.54 58.64
CA THR A 312 11.21 31.12 57.60
C THR A 312 11.50 30.13 56.46
N ARG A 313 10.53 30.01 55.54
CA ARG A 313 10.57 29.00 54.48
C ARG A 313 10.40 29.59 53.07
N GLY A 314 11.45 29.49 52.23
CA GLY A 314 11.35 29.82 50.82
C GLY A 314 11.43 28.61 49.89
N ILE A 315 11.57 28.86 48.59
CA ILE A 315 11.83 27.78 47.63
C ILE A 315 13.32 27.61 47.32
N PHE A 316 14.15 28.36 48.02
CA PHE A 316 15.59 28.35 47.75
C PHE A 316 16.27 27.05 48.21
N ARG A 317 16.07 26.70 49.48
CA ARG A 317 16.51 25.41 49.99
C ARG A 317 15.31 24.49 50.15
N VAL A 318 15.26 23.47 49.31
CA VAL A 318 14.14 22.54 49.29
C VAL A 318 14.64 21.14 48.98
N HIS A 319 13.78 20.16 49.23
CA HIS A 319 14.13 18.76 49.02
C HIS A 319 14.03 18.31 47.55
N GLN A 320 13.11 18.90 46.78
CA GLN A 320 12.99 18.57 45.36
C GLN A 320 12.95 19.81 44.46
N PHE A 321 13.72 19.78 43.38
CA PHE A 321 13.79 20.87 42.40
C PHE A 321 14.22 20.32 41.04
N GLU A 322 13.90 21.02 39.95
CA GLU A 322 14.45 20.64 38.64
C GLU A 322 15.84 21.20 38.46
N LYS A 323 16.69 20.49 37.74
CA LYS A 323 18.05 20.96 37.48
C LYS A 323 18.45 20.68 36.03
N ILE A 324 19.02 21.67 35.34
CA ILE A 324 19.67 21.44 34.04
C ILE A 324 21.18 21.38 34.22
N GLU A 325 21.78 20.26 33.87
CA GLU A 325 23.22 20.08 34.07
C GLU A 325 23.96 19.89 32.76
N GLN A 326 25.20 20.38 32.69
CA GLN A 326 26.09 20.10 31.56
C GLN A 326 27.03 18.95 31.93
N PHE A 327 27.08 17.93 31.07
CA PHE A 327 27.97 16.80 31.28
CA PHE A 327 27.99 16.81 31.28
C PHE A 327 28.80 16.58 30.02
N VAL A 328 30.10 16.81 30.10
CA VAL A 328 30.97 16.65 28.91
C VAL A 328 32.02 15.55 29.02
N TYR A 329 32.11 14.70 28.00
CA TYR A 329 33.21 13.78 27.87
C TYR A 329 34.22 14.36 26.85
N SER A 330 35.51 14.36 27.23
CA SER A 330 36.53 15.08 26.48
C SER A 330 37.75 14.21 26.19
N SER A 331 38.63 14.67 25.30
CA SER A 331 39.87 13.94 25.03
C SER A 331 40.88 14.24 26.14
N PRO A 332 41.62 13.20 26.57
CA PRO A 332 42.62 13.29 27.64
C PRO A 332 43.86 14.06 27.20
N HIS A 333 44.04 14.12 25.88
CA HIS A 333 45.25 14.66 25.30
C HIS A 333 45.31 16.16 25.28
N ASP A 334 46.54 16.65 25.29
CA ASP A 334 46.81 18.08 25.18
C ASP A 334 46.11 18.89 26.27
N ASN A 335 45.55 20.01 25.88
CA ASN A 335 44.74 20.80 26.79
C ASN A 335 43.23 20.57 26.66
N LYS A 336 42.80 19.62 25.83
CA LYS A 336 41.42 19.67 25.36
C LYS A 336 40.39 19.88 26.49
N SER A 337 40.49 19.10 27.56
CA SER A 337 39.54 19.25 28.63
C SER A 337 39.64 20.60 29.32
N TRP A 338 40.81 21.21 29.38
CA TRP A 338 40.86 22.55 30.01
C TRP A 338 40.28 23.64 29.12
N GLU A 339 40.29 23.41 27.82
CA GLU A 339 39.72 24.39 26.91
C GLU A 339 38.23 24.18 27.05
N MET A 340 37.83 22.91 27.04
CA MET A 340 36.44 22.54 27.28
C MET A 340 35.93 23.14 28.58
N PHE A 341 36.67 22.98 29.66
CA PHE A 341 36.32 23.57 30.94
C PHE A 341 35.94 25.03 30.80
N GLU A 342 36.69 25.76 29.96
CA GLU A 342 36.46 27.20 29.80
C GLU A 342 35.22 27.51 28.97
N GLU A 343 34.98 26.68 27.96
CA GLU A 343 33.76 26.78 27.18
C GLU A 343 32.58 26.70 28.13
N MET A 344 32.59 25.68 28.97
CA MET A 344 31.49 25.37 29.85
C MET A 344 31.20 26.48 30.83
N ILE A 345 32.22 27.02 31.45
CA ILE A 345 31.96 28.05 32.44
C ILE A 345 31.46 29.31 31.73
N THR A 346 31.90 29.48 30.50
CA THR A 346 31.57 30.64 29.69
C THR A 346 30.11 30.58 29.27
N THR A 347 29.73 29.42 28.72
CA THR A 347 28.36 29.14 28.32
C THR A 347 27.37 29.50 29.43
N ALA A 348 27.74 29.20 30.67
CA ALA A 348 26.90 29.55 31.81
C ALA A 348 26.89 31.06 32.04
N GLU A 349 28.07 31.66 32.08
CA GLU A 349 28.13 33.12 32.28
C GLU A 349 27.24 33.80 31.27
N GLU A 350 27.37 33.41 30.01
CA GLU A 350 26.58 34.01 28.96
C GLU A 350 25.08 33.83 29.19
N PHE A 351 24.68 32.62 29.56
CA PHE A 351 23.33 32.38 30.03
C PHE A 351 22.90 33.43 31.10
N TYR A 352 23.57 33.46 32.24
CA TYR A 352 23.13 34.41 33.27
C TYR A 352 23.24 35.86 32.84
N GLN A 353 24.11 36.12 31.87
CA GLN A 353 24.28 37.44 31.32
C GLN A 353 23.07 37.84 30.49
N SER A 354 22.70 36.98 29.57
CA SER A 354 21.50 37.22 28.78
C SER A 354 20.25 37.37 29.66
N LEU A 355 20.20 36.71 30.83
CA LEU A 355 19.02 36.88 31.71
C LEU A 355 19.16 38.12 32.58
N GLY A 356 20.24 38.86 32.38
CA GLY A 356 20.48 40.08 33.12
C GLY A 356 20.67 39.83 34.59
N ILE A 357 21.45 38.79 34.94
CA ILE A 357 21.66 38.46 36.35
C ILE A 357 23.08 38.81 36.76
N PRO A 358 23.25 39.74 37.72
CA PRO A 358 24.57 40.15 38.25
C PRO A 358 25.24 39.03 39.06
N TYR A 359 26.53 38.81 38.83
CA TYR A 359 27.17 37.70 39.49
C TYR A 359 28.67 37.84 39.55
N HIS A 360 29.33 37.03 40.38
CA HIS A 360 30.78 36.90 40.25
C HIS A 360 31.27 35.45 40.19
N ILE A 361 32.37 35.21 39.49
CA ILE A 361 32.97 33.88 39.44
C ILE A 361 33.95 33.69 40.58
N VAL A 362 33.90 32.53 41.22
CA VAL A 362 34.74 32.28 42.37
C VAL A 362 35.58 31.04 42.13
N ASN A 363 36.89 31.15 42.32
CA ASN A 363 37.75 30.00 42.23
C ASN A 363 37.88 29.38 43.61
N ILE A 364 37.39 28.15 43.75
CA ILE A 364 37.27 27.47 45.04
C ILE A 364 38.60 26.93 45.51
N VAL A 365 38.92 27.15 46.79
CA VAL A 365 40.21 26.78 47.38
C VAL A 365 40.47 25.28 47.40
N SER A 366 41.75 24.92 47.48
CA SER A 366 42.18 23.52 47.44
C SER A 366 41.56 22.63 48.51
N GLY A 367 41.49 23.16 49.73
CA GLY A 367 40.85 22.44 50.82
C GLY A 367 39.47 21.87 50.51
N SER A 368 38.64 22.64 49.79
CA SER A 368 37.21 22.33 49.61
C SER A 368 36.82 21.48 48.41
N LEU A 369 37.80 21.04 47.63
CA LEU A 369 37.50 20.27 46.42
C LEU A 369 37.17 18.80 46.68
N ASN A 370 36.28 18.23 45.88
CA ASN A 370 36.05 16.80 45.95
C ASN A 370 37.36 16.14 45.57
N HIS A 371 37.54 14.88 45.96
CA HIS A 371 38.71 14.14 45.54
C HIS A 371 38.91 14.11 44.02
N ALA A 372 37.83 14.06 43.25
CA ALA A 372 37.97 13.98 41.81
C ALA A 372 38.26 15.33 41.13
N ALA A 373 37.96 16.44 41.80
CA ALA A 373 38.08 17.73 41.14
C ALA A 373 39.50 18.23 40.98
N SER A 374 39.92 18.53 39.75
CA SER A 374 41.16 19.25 39.53
C SER A 374 40.98 20.74 39.77
N LYS A 375 39.80 21.27 39.47
CA LYS A 375 39.52 22.69 39.65
C LYS A 375 38.03 22.86 39.83
N LYS A 376 37.61 23.92 40.50
CA LYS A 376 36.18 24.19 40.53
C LYS A 376 35.88 25.70 40.48
N LEU A 377 34.99 26.10 39.59
CA LEU A 377 34.54 27.48 39.54
C LEU A 377 33.07 27.54 39.92
N ASP A 378 32.72 28.54 40.72
CA ASP A 378 31.36 28.72 41.18
C ASP A 378 30.86 30.03 40.66
N LEU A 379 29.69 30.05 40.03
CA LEU A 379 29.06 31.30 39.65
C LEU A 379 28.08 31.66 40.75
N GLU A 380 28.29 32.79 41.41
CA GLU A 380 27.38 33.16 42.49
C GLU A 380 26.68 34.45 42.17
N ALA A 381 25.37 34.38 41.96
CA ALA A 381 24.59 35.55 41.61
C ALA A 381 24.36 36.42 42.83
N TRP A 382 24.06 37.68 42.60
CA TRP A 382 23.84 38.63 43.69
C TRP A 382 22.35 38.76 43.90
N PHE A 383 21.91 38.71 45.16
CA PHE A 383 20.50 38.92 45.46
C PHE A 383 20.29 40.27 46.15
N PRO A 384 19.75 41.26 45.41
CA PRO A 384 19.58 42.61 45.95
C PRO A 384 18.69 42.65 47.18
N GLY A 385 17.58 41.93 47.13
CA GLY A 385 16.69 41.88 48.27
C GLY A 385 17.41 41.35 49.49
N SER A 386 18.10 40.24 49.33
CA SER A 386 18.76 39.57 50.44
C SER A 386 20.09 40.20 50.85
N GLY A 387 20.74 40.91 49.93
CA GLY A 387 22.05 41.48 50.17
C GLY A 387 23.13 40.41 50.29
N ALA A 388 23.10 39.45 49.37
CA ALA A 388 23.96 38.29 49.51
C ALA A 388 24.31 37.68 48.16
N PHE A 389 25.46 37.02 48.11
CA PHE A 389 25.78 36.18 46.96
C PHE A 389 25.32 34.77 47.26
N ARG A 390 24.69 34.13 46.28
CA ARG A 390 24.31 32.73 46.43
C ARG A 390 24.61 31.97 45.15
N GLU A 391 25.13 30.76 45.28
CA GLU A 391 25.66 30.05 44.13
C GLU A 391 24.53 29.52 43.25
N LEU A 392 24.48 29.95 41.99
CA LEU A 392 23.67 29.30 40.97
C LEU A 392 24.36 28.25 40.09
N VAL A 393 25.67 28.22 40.09
CA VAL A 393 26.36 27.35 39.15
C VAL A 393 27.67 26.84 39.74
N SER A 394 28.00 25.59 39.49
CA SER A 394 29.32 25.13 39.85
C SER A 394 29.82 24.24 38.74
N CYS A 395 31.06 24.47 38.33
CA CYS A 395 31.66 23.79 37.20
C CYS A 395 32.97 23.15 37.62
N SER A 396 33.17 21.88 37.29
CA SER A 396 34.35 21.14 37.76
C SER A 396 34.96 20.39 36.61
N ASN A 397 36.28 20.29 36.63
CA ASN A 397 36.94 19.38 35.70
C ASN A 397 37.59 18.28 36.51
N CYS A 398 37.14 17.04 36.32
CA CYS A 398 37.66 15.88 37.05
C CYS A 398 38.72 15.07 36.29
N THR A 399 39.08 15.56 35.11
CA THR A 399 40.04 14.85 34.27
C THR A 399 39.67 13.37 34.20
N ASP A 400 40.64 12.47 34.40
CA ASP A 400 40.35 11.04 34.25
C ASP A 400 40.05 10.30 35.55
N TYR A 401 40.03 11.01 36.66
CA TYR A 401 39.78 10.41 37.96
C TYR A 401 38.58 9.45 37.97
N GLN A 402 37.39 9.96 37.71
CA GLN A 402 36.21 9.11 37.71
C GLN A 402 36.14 8.21 36.50
N ALA A 403 36.64 8.69 35.37
CA ALA A 403 36.58 7.89 34.16
C ALA A 403 37.35 6.59 34.36
N ARG A 404 38.44 6.68 35.10
CA ARG A 404 39.27 5.51 35.32
C ARG A 404 38.55 4.45 36.16
N ARG A 405 37.82 4.87 37.19
CA ARG A 405 37.04 3.94 38.00
C ARG A 405 35.83 3.38 37.26
N LEU A 406 35.16 4.25 36.51
CA LEU A 406 34.01 3.87 35.69
C LEU A 406 34.46 3.09 34.47
N ARG A 407 35.75 3.14 34.19
CA ARG A 407 36.36 2.41 33.09
C ARG A 407 35.87 2.87 31.74
N ILE A 408 35.69 4.18 31.60
CA ILE A 408 35.28 4.71 30.32
C ILE A 408 36.54 5.11 29.56
N ARG A 409 36.83 4.38 28.50
CA ARG A 409 38.15 4.40 27.87
C ARG A 409 38.22 5.25 26.59
N TYR A 410 39.38 5.85 26.34
CA TYR A 410 39.61 6.61 25.11
C TYR A 410 40.19 5.74 24.00
N GLY A 411 39.44 5.58 22.92
CA GLY A 411 39.89 4.87 21.72
C GLY A 411 40.19 3.40 21.85
N GLN A 412 41.00 2.90 20.90
CA GLN A 412 41.50 1.51 20.84
C GLN A 412 40.42 0.46 21.15
N THR A 413 39.40 0.39 20.28
CA THR A 413 38.21 -0.44 20.55
C THR A 413 38.30 -1.86 19.95
N MET A 417 47.30 -5.47 24.91
CA MET A 417 48.23 -4.55 24.25
C MET A 417 48.84 -3.49 25.21
N ASP A 418 49.24 -2.36 24.62
CA ASP A 418 49.84 -1.21 25.33
C ASP A 418 48.89 -0.40 26.25
N LYS A 419 49.48 0.45 27.10
CA LYS A 419 48.78 1.16 28.18
C LYS A 419 47.48 1.85 27.79
N VAL A 420 46.44 1.59 28.58
CA VAL A 420 45.11 2.10 28.33
C VAL A 420 44.89 3.51 28.88
N GLU A 421 44.15 4.31 28.13
CA GLU A 421 43.88 5.69 28.49
C GLU A 421 42.40 5.90 28.84
N PHE A 422 42.11 6.94 29.61
CA PHE A 422 40.71 7.23 29.92
C PHE A 422 40.33 8.65 29.54
N VAL A 423 39.05 8.84 29.20
CA VAL A 423 38.54 10.14 28.79
C VAL A 423 38.52 11.09 29.96
N HIS A 424 38.45 12.38 29.68
CA HIS A 424 38.25 13.35 30.73
C HIS A 424 36.78 13.67 30.88
N MET A 425 36.35 13.92 32.10
CA MET A 425 34.95 14.17 32.35
C MET A 425 34.80 15.47 33.09
N LEU A 426 33.93 16.34 32.58
CA LEU A 426 33.63 17.58 33.28
C LEU A 426 32.14 17.70 33.45
N ASN A 427 31.72 18.41 34.47
CA ASN A 427 30.30 18.61 34.69
C ASN A 427 30.02 19.93 35.38
N ALA A 428 28.94 20.58 34.97
CA ALA A 428 28.55 21.81 35.62
C ALA A 428 27.04 21.86 35.66
N THR A 429 26.51 22.38 36.76
CA THR A 429 25.09 22.64 36.84
C THR A 429 24.92 24.09 36.39
N MET A 430 24.29 24.26 35.23
CA MET A 430 23.99 25.56 34.66
C MET A 430 22.77 26.29 35.26
N CYS A 431 21.66 25.59 35.43
CA CYS A 431 20.44 26.19 36.01
C CYS A 431 19.74 25.28 37.00
N ALA A 432 19.63 25.73 38.25
CA ALA A 432 18.78 25.07 39.22
C ALA A 432 17.50 25.90 39.32
N THR A 433 16.40 25.40 38.79
CA THR A 433 15.24 26.29 38.54
C THR A 433 14.77 27.17 39.72
N THR A 434 14.60 26.58 40.90
CA THR A 434 14.12 27.36 42.03
C THR A 434 15.06 28.47 42.48
N ARG A 435 16.35 28.18 42.55
CA ARG A 435 17.35 29.19 42.89
C ARG A 435 17.37 30.29 41.82
N THR A 436 17.42 29.89 40.57
CA THR A 436 17.49 30.83 39.47
C THR A 436 16.27 31.72 39.50
N ILE A 437 15.09 31.11 39.57
CA ILE A 437 13.84 31.86 39.74
C ILE A 437 13.88 32.87 40.89
N CYS A 438 14.54 32.55 42.00
CA CYS A 438 14.70 33.51 43.09
C CYS A 438 15.59 34.68 42.69
N ALA A 439 16.67 34.37 41.99
CA ALA A 439 17.57 35.43 41.53
C ALA A 439 16.81 36.36 40.61
N ILE A 440 16.05 35.81 39.67
CA ILE A 440 15.24 36.61 38.76
C ILE A 440 14.24 37.50 39.49
N LEU A 441 13.49 36.94 40.43
CA LEU A 441 12.54 37.74 41.19
C LEU A 441 13.22 38.88 41.95
N GLU A 442 14.26 38.57 42.70
CA GLU A 442 14.90 39.61 43.51
C GLU A 442 15.51 40.73 42.67
N ASN A 443 16.04 40.39 41.51
CA ASN A 443 16.66 41.37 40.63
C ASN A 443 15.68 42.13 39.75
N TYR A 444 14.63 41.47 39.31
CA TYR A 444 13.66 42.09 38.43
C TYR A 444 12.47 42.70 39.15
N GLN A 445 12.52 42.70 40.48
CA GLN A 445 11.42 43.24 41.25
C GLN A 445 11.27 44.73 40.94
N THR A 446 10.06 45.24 41.11
CA THR A 446 9.74 46.66 40.92
C THR A 446 8.66 46.98 41.96
N GLU A 447 8.02 48.14 41.85
CA GLU A 447 6.90 48.42 42.76
C GLU A 447 5.64 47.66 42.36
N LYS A 448 5.40 47.58 41.05
CA LYS A 448 4.19 46.92 40.54
C LYS A 448 4.25 45.39 40.52
N GLY A 449 5.44 44.83 40.32
CA GLY A 449 5.56 43.39 40.17
C GLY A 449 6.96 42.97 39.80
N ILE A 450 7.10 41.79 39.18
CA ILE A 450 8.39 41.30 38.73
C ILE A 450 8.50 41.50 37.23
N THR A 451 9.39 42.37 36.78
CA THR A 451 9.54 42.56 35.35
C THR A 451 10.02 41.27 34.71
N VAL A 452 9.42 40.88 33.60
CA VAL A 452 9.87 39.66 32.94
C VAL A 452 11.12 39.96 32.13
N PRO A 453 12.16 39.12 32.31
CA PRO A 453 13.44 39.27 31.62
C PRO A 453 13.30 39.03 30.12
N GLU A 454 13.93 39.86 29.32
CA GLU A 454 13.69 39.86 27.89
C GLU A 454 13.73 38.47 27.23
N LYS A 455 14.77 37.68 27.53
CA LYS A 455 14.95 36.43 26.82
C LYS A 455 13.90 35.40 27.20
N LEU A 456 13.26 35.62 28.34
CA LEU A 456 12.15 34.78 28.77
C LEU A 456 10.79 35.09 28.14
N LYS A 457 10.55 36.34 27.73
CA LYS A 457 9.23 36.81 27.25
C LYS A 457 8.65 35.87 26.22
N GLU A 458 9.46 35.53 25.26
CA GLU A 458 9.08 34.60 24.21
C GLU A 458 8.46 33.30 24.73
N PHE A 459 8.88 32.84 25.90
CA PHE A 459 8.44 31.55 26.41
C PHE A 459 7.27 31.59 27.38
N MET A 460 6.88 32.79 27.79
CA MET A 460 5.75 32.97 28.70
C MET A 460 4.43 33.10 27.94
N PRO A 461 3.30 32.82 28.60
CA PRO A 461 2.01 32.98 27.98
C PRO A 461 1.63 34.45 27.88
N PRO A 462 0.80 34.79 26.88
CA PRO A 462 0.19 36.13 26.82
C PRO A 462 -0.46 36.55 28.15
N GLY A 463 -0.19 37.79 28.55
CA GLY A 463 -0.64 38.36 29.81
C GLY A 463 0.49 38.32 30.82
N LEU A 464 1.40 37.38 30.63
CA LEU A 464 2.64 37.27 31.39
C LEU A 464 3.92 37.80 30.72
N GLN A 465 3.83 38.30 29.50
CA GLN A 465 5.05 38.67 28.79
C GLN A 465 5.67 40.01 29.17
N GLU A 466 4.87 41.00 29.54
CA GLU A 466 5.46 42.23 30.08
C GLU A 466 5.80 42.16 31.57
N LEU A 467 4.86 41.69 32.38
CA LEU A 467 5.03 41.75 33.83
C LEU A 467 4.26 40.67 34.59
N ILE A 468 4.78 40.32 35.77
CA ILE A 468 4.17 39.35 36.65
C ILE A 468 3.74 40.13 37.90
N PRO A 469 2.42 40.34 38.09
CA PRO A 469 1.88 41.32 39.03
C PRO A 469 1.91 40.87 40.46
N PHE A 470 1.94 41.80 41.41
CA PHE A 470 1.80 41.45 42.82
C PHE A 470 0.31 41.46 43.11
N VAL A 471 -0.23 40.28 43.38
CA VAL A 471 -1.63 40.16 43.75
C VAL A 471 -1.88 40.01 45.25
N LYS A 472 -0.84 39.91 46.05
CA LYS A 472 -1.03 39.80 47.49
C LYS A 472 -0.10 40.72 48.25
N PRO A 473 -0.53 41.20 49.41
CA PRO A 473 0.37 42.01 50.23
C PRO A 473 1.54 41.16 50.70
N ALA A 474 2.65 41.80 51.02
CA ALA A 474 3.83 41.10 51.49
C ALA A 474 3.56 40.53 52.86
N PRO A 475 4.26 39.44 53.22
CA PRO A 475 4.13 38.87 54.57
C PRO A 475 4.81 39.77 55.60
N ILE A 476 4.16 40.88 55.95
CA ILE A 476 4.73 41.83 56.92
C ILE A 476 3.71 42.17 58.01
N VAL B 2 -15.19 8.12 51.42
CA VAL B 2 -16.02 7.24 52.26
C VAL B 2 -17.46 7.81 52.39
N LEU B 3 -18.46 6.92 52.47
CA LEU B 3 -19.86 7.37 52.50
C LEU B 3 -20.27 7.92 53.85
N ASP B 4 -21.22 8.85 53.86
CA ASP B 4 -21.84 9.34 55.10
C ASP B 4 -22.45 8.17 55.87
N LEU B 5 -22.19 8.08 57.18
CA LEU B 5 -22.79 7.04 58.00
C LEU B 5 -24.30 7.16 58.06
N ASP B 6 -24.81 8.39 58.05
CA ASP B 6 -26.24 8.63 58.09
C ASP B 6 -26.95 7.99 56.91
N LEU B 7 -26.20 7.56 55.90
CA LEU B 7 -26.79 6.86 54.78
C LEU B 7 -27.17 5.42 55.14
N PHE B 8 -26.52 4.89 56.17
CA PHE B 8 -26.78 3.52 56.63
C PHE B 8 -27.82 3.43 57.75
N ARG B 9 -28.39 4.57 58.13
CA ARG B 9 -29.33 4.62 59.23
C ARG B 9 -30.70 5.12 58.78
N VAL B 10 -31.72 4.26 58.77
CA VAL B 10 -33.01 4.68 58.23
C VAL B 10 -33.61 5.81 59.08
N ASP B 11 -33.30 5.81 60.36
CA ASP B 11 -33.85 6.82 61.25
C ASP B 11 -33.22 8.20 61.06
N LYS B 12 -32.07 8.24 60.38
CA LYS B 12 -31.42 9.48 59.98
C LYS B 12 -31.70 9.89 58.52
N GLY B 13 -32.54 9.12 57.84
CA GLY B 13 -32.89 9.43 56.47
C GLY B 13 -32.13 8.66 55.41
N GLY B 14 -31.43 7.61 55.80
CA GLY B 14 -30.66 6.85 54.85
C GLY B 14 -31.43 5.70 54.22
N ASP B 15 -30.78 5.00 53.30
CA ASP B 15 -31.34 3.82 52.63
C ASP B 15 -30.27 2.73 52.50
N PRO B 16 -30.07 1.93 53.55
CA PRO B 16 -29.11 0.83 53.49
C PRO B 16 -29.37 -0.04 52.27
N ALA B 17 -30.61 -0.06 51.82
CA ALA B 17 -30.99 -0.86 50.66
C ALA B 17 -30.32 -0.35 49.40
N LEU B 18 -30.30 0.97 49.22
CA LEU B 18 -29.67 1.58 48.04
C LEU B 18 -28.17 1.25 47.96
N ILE B 19 -27.51 1.22 49.10
CA ILE B 19 -26.10 0.95 49.16
C ILE B 19 -25.86 -0.53 48.97
N ARG B 20 -26.78 -1.36 49.45
CA ARG B 20 -26.62 -2.80 49.29
C ARG B 20 -26.63 -3.08 47.81
N GLU B 21 -27.57 -2.42 47.14
CA GLU B 21 -27.78 -2.57 45.71
C GLU B 21 -26.59 -2.04 44.89
N THR B 22 -26.02 -0.91 45.28
CA THR B 22 -24.83 -0.41 44.61
C THR B 22 -23.69 -1.40 44.75
N GLN B 23 -23.50 -1.89 45.96
CA GLN B 23 -22.43 -2.84 46.22
C GLN B 23 -22.59 -4.03 45.25
N GLU B 24 -23.83 -4.29 44.84
CA GLU B 24 -24.08 -5.35 43.87
C GLU B 24 -23.75 -4.94 42.43
N LYS B 25 -23.97 -3.68 42.08
CA LYS B 25 -23.69 -3.20 40.74
C LYS B 25 -22.18 -3.14 40.44
N ARG B 26 -21.39 -2.63 41.37
CA ARG B 26 -19.96 -2.94 41.38
C ARG B 26 -20.02 -4.40 41.73
N PHE B 27 -19.01 -5.19 41.48
CA PHE B 27 -19.21 -6.55 41.94
C PHE B 27 -18.37 -6.80 43.19
N LYS B 28 -19.08 -6.81 44.33
CA LYS B 28 -18.50 -6.80 45.68
C LYS B 28 -19.55 -7.37 46.63
N ASP B 29 -19.16 -7.70 47.86
CA ASP B 29 -20.10 -8.29 48.83
C ASP B 29 -21.12 -7.28 49.36
N PRO B 30 -22.41 -7.49 49.05
CA PRO B 30 -23.51 -6.64 49.56
C PRO B 30 -23.74 -6.82 51.06
N GLY B 31 -23.24 -7.92 51.62
CA GLY B 31 -23.38 -8.15 53.05
C GLY B 31 -22.45 -7.24 53.83
N LEU B 32 -21.40 -6.75 53.19
CA LEU B 32 -20.51 -5.80 53.83
C LEU B 32 -21.34 -4.64 54.37
N VAL B 33 -22.49 -4.37 53.74
CA VAL B 33 -23.41 -3.35 54.23
C VAL B 33 -24.18 -3.79 55.49
N ASP B 34 -24.72 -5.01 55.44
CA ASP B 34 -25.45 -5.57 56.56
C ASP B 34 -24.58 -5.63 57.81
N GLN B 35 -23.31 -5.97 57.64
CA GLN B 35 -22.42 -6.08 58.77
C GLN B 35 -22.17 -4.71 59.36
N LEU B 36 -22.13 -3.70 58.50
CA LEU B 36 -21.89 -2.33 58.96
C LEU B 36 -23.09 -1.80 59.73
N VAL B 37 -24.28 -2.06 59.21
CA VAL B 37 -25.49 -1.59 59.87
C VAL B 37 -25.60 -2.26 61.23
N LYS B 38 -25.45 -3.59 61.25
CA LYS B 38 -25.48 -4.36 62.49
C LYS B 38 -24.50 -3.81 63.51
N ALA B 39 -23.23 -3.72 63.14
CA ALA B 39 -22.21 -3.24 64.04
C ALA B 39 -22.47 -1.79 64.44
N ASP B 40 -23.03 -1.00 63.53
CA ASP B 40 -23.35 0.38 63.88
C ASP B 40 -24.45 0.42 64.93
N SER B 41 -25.48 -0.41 64.75
CA SER B 41 -26.63 -0.46 65.66
C SER B 41 -26.21 -0.90 67.07
N GLU B 42 -25.37 -1.94 67.14
CA GLU B 42 -24.80 -2.40 68.39
C GLU B 42 -23.97 -1.29 69.01
N TRP B 43 -23.18 -0.61 68.21
CA TRP B 43 -22.44 0.52 68.70
C TRP B 43 -23.38 1.50 69.38
N ARG B 44 -24.49 1.81 68.71
CA ARG B 44 -25.38 2.86 69.19
C ARG B 44 -26.18 2.46 70.42
N ARG B 45 -26.43 1.16 70.57
CA ARG B 45 -27.19 0.69 71.72
C ARG B 45 -26.31 0.76 72.94
N CYS B 46 -25.03 0.41 72.77
CA CYS B 46 -24.03 0.52 73.84
C CYS B 46 -23.94 1.93 74.43
N ARG B 47 -23.82 2.95 73.59
CA ARG B 47 -23.78 4.30 74.12
C ARG B 47 -25.02 4.60 74.95
N PHE B 48 -26.14 4.02 74.54
CA PHE B 48 -27.38 4.22 75.24
C PHE B 48 -27.46 3.44 76.56
N ARG B 49 -27.15 2.15 76.49
CA ARG B 49 -27.21 1.32 77.68
C ARG B 49 -26.18 1.78 78.70
N ALA B 50 -24.96 2.08 78.25
CA ALA B 50 -23.90 2.51 79.17
C ALA B 50 -24.20 3.84 79.84
N ASP B 51 -25.11 4.62 79.28
CA ASP B 51 -25.51 5.84 79.95
C ASP B 51 -26.49 5.54 81.08
N ASN B 52 -27.23 4.43 80.95
CA ASN B 52 -28.13 3.96 82.01
C ASN B 52 -27.33 3.45 83.19
N LEU B 53 -26.28 2.68 82.89
CA LEU B 53 -25.41 2.12 83.91
C LEU B 53 -24.71 3.21 84.72
N ASN B 54 -24.45 4.34 84.10
CA ASN B 54 -23.82 5.46 84.80
C ASN B 54 -24.73 5.99 85.89
N LYS B 55 -26.01 6.04 85.60
CA LYS B 55 -27.00 6.47 86.56
C LYS B 55 -27.11 5.47 87.72
N LEU B 56 -27.10 4.18 87.40
CA LEU B 56 -27.15 3.13 88.42
C LEU B 56 -25.92 3.10 89.31
N LYS B 57 -24.74 3.21 88.70
CA LYS B 57 -23.50 3.38 89.46
C LYS B 57 -23.58 4.60 90.39
N ASN B 58 -24.02 5.73 89.87
CA ASN B 58 -24.15 6.93 90.70
C ASN B 58 -25.02 6.72 91.93
N LEU B 59 -26.26 6.27 91.72
CA LEU B 59 -27.16 5.94 92.82
C LEU B 59 -26.44 5.02 93.82
N CYS B 60 -25.75 4.01 93.32
CA CYS B 60 -24.96 3.11 94.15
C CYS B 60 -23.91 3.84 95.02
N SER B 61 -23.07 4.66 94.38
CA SER B 61 -21.97 5.35 95.07
C SER B 61 -22.45 6.47 95.99
N LYS B 62 -23.63 7.01 95.68
CA LYS B 62 -24.23 8.04 96.53
C LYS B 62 -24.86 7.42 97.76
N THR B 63 -25.41 6.21 97.61
CA THR B 63 -25.98 5.48 98.73
C THR B 63 -24.89 4.83 99.60
N ILE B 64 -23.86 4.25 98.98
CA ILE B 64 -22.68 3.85 99.74
C ILE B 64 -22.03 5.11 100.33
N GLY B 65 -22.43 6.26 99.80
CA GLY B 65 -21.98 7.55 100.31
C GLY B 65 -22.65 7.90 101.62
N GLU B 66 -23.97 7.69 101.69
CA GLU B 66 -24.73 7.98 102.90
C GLU B 66 -24.62 6.88 103.96
N LYS B 67 -24.18 5.69 103.57
CA LYS B 67 -23.97 4.60 104.54
C LYS B 67 -22.61 4.66 105.24
N MET B 68 -21.66 5.39 104.66
CA MET B 68 -20.36 5.66 105.30
C MET B 68 -20.41 7.01 106.05
N LYS B 69 -21.62 7.58 106.07
CA LYS B 69 -21.96 8.69 106.96
C LYS B 69 -22.41 8.19 108.34
N LYS B 70 -22.35 6.87 108.55
CA LYS B 70 -22.67 6.28 109.84
C LYS B 70 -21.56 5.36 110.36
N ASP B 77 -16.39 -5.03 105.10
CA ASP B 77 -16.36 -5.86 106.30
C ASP B 77 -17.50 -6.88 106.35
N GLU B 78 -18.59 -6.53 107.03
CA GLU B 78 -19.72 -7.44 107.19
C GLU B 78 -20.40 -7.65 105.85
N SER B 79 -20.53 -8.92 105.47
CA SER B 79 -20.96 -9.30 104.12
C SER B 79 -22.02 -10.41 104.09
N VAL B 80 -22.74 -10.50 102.96
CA VAL B 80 -23.56 -11.65 102.61
C VAL B 80 -23.55 -11.81 101.08
N PRO B 81 -23.77 -13.03 100.57
CA PRO B 81 -23.74 -13.11 99.11
C PRO B 81 -24.82 -12.22 98.48
N GLU B 82 -26.05 -12.36 98.97
CA GLU B 82 -27.13 -11.38 98.78
C GLU B 82 -27.31 -10.68 97.42
N ASN B 83 -27.73 -11.42 96.39
CA ASN B 83 -28.26 -10.73 95.20
C ASN B 83 -29.56 -11.30 94.64
N VAL B 84 -30.64 -10.52 94.75
CA VAL B 84 -31.84 -10.66 93.92
C VAL B 84 -31.81 -9.63 92.79
N LEU B 85 -30.75 -8.81 92.78
CA LEU B 85 -30.72 -7.56 92.00
C LEU B 85 -30.04 -7.67 90.64
N SER B 86 -30.85 -7.52 89.59
CA SER B 86 -30.45 -7.71 88.20
C SER B 86 -30.07 -6.41 87.48
N PHE B 87 -30.06 -5.31 88.24
CA PHE B 87 -30.05 -3.90 87.77
C PHE B 87 -31.44 -3.49 87.35
N ASP B 88 -32.32 -4.45 87.13
CA ASP B 88 -33.69 -4.15 86.75
C ASP B 88 -34.42 -3.73 88.01
N ASP B 89 -34.23 -4.55 89.05
CA ASP B 89 -34.90 -4.38 90.34
C ASP B 89 -34.24 -3.26 91.16
N LEU B 90 -33.12 -2.75 90.66
CA LEU B 90 -32.32 -1.80 91.43
C LEU B 90 -32.93 -0.40 91.43
N THR B 91 -33.22 0.09 92.64
CA THR B 91 -33.94 1.34 92.84
C THR B 91 -33.30 2.08 94.01
N ALA B 92 -33.56 3.38 94.13
CA ALA B 92 -32.96 4.15 95.22
C ALA B 92 -33.26 3.53 96.59
N ASP B 93 -34.47 3.03 96.75
CA ASP B 93 -34.91 2.39 97.99
C ASP B 93 -34.39 0.97 98.18
N ALA B 94 -34.47 0.16 97.12
CA ALA B 94 -34.08 -1.25 97.17
C ALA B 94 -32.72 -1.47 97.81
N LEU B 95 -31.76 -0.64 97.44
CA LEU B 95 -30.39 -0.77 97.96
C LEU B 95 -30.20 -0.19 99.36
N ALA B 96 -30.98 0.85 99.70
CA ALA B 96 -30.86 1.50 101.00
C ALA B 96 -31.14 0.49 102.12
N ASN B 97 -31.67 -0.66 101.72
CA ASN B 97 -31.98 -1.75 102.64
C ASN B 97 -30.84 -2.77 102.77
N LEU B 98 -29.69 -2.48 102.15
CA LEU B 98 -28.60 -3.44 102.04
C LEU B 98 -27.33 -3.05 102.80
N LYS B 99 -26.53 -4.05 103.15
CA LYS B 99 -25.22 -3.82 103.75
C LYS B 99 -24.25 -3.17 102.74
N VAL B 100 -23.42 -2.25 103.22
CA VAL B 100 -22.52 -1.51 102.35
C VAL B 100 -21.63 -2.45 101.55
N SER B 101 -21.36 -3.63 102.11
CA SER B 101 -20.55 -4.62 101.40
C SER B 101 -21.27 -5.14 100.16
N GLN B 102 -22.60 -5.20 100.23
CA GLN B 102 -23.44 -5.67 99.14
C GLN B 102 -23.64 -4.62 98.06
N ILE B 103 -23.81 -3.37 98.45
CA ILE B 103 -23.91 -2.30 97.47
C ILE B 103 -22.60 -2.19 96.70
N LYS B 104 -21.50 -2.51 97.37
CA LYS B 104 -20.20 -2.50 96.73
C LYS B 104 -20.12 -3.56 95.64
N LYS B 105 -20.58 -4.78 95.96
CA LYS B 105 -20.49 -5.89 95.01
C LYS B 105 -21.42 -5.70 93.83
N VAL B 106 -22.45 -4.87 94.04
CA VAL B 106 -23.34 -4.47 92.95
C VAL B 106 -22.71 -3.40 92.08
N ARG B 107 -22.17 -2.36 92.70
CA ARG B 107 -21.52 -1.31 91.92
C ARG B 107 -20.41 -1.90 91.09
N LEU B 108 -19.70 -2.88 91.64
CA LEU B 108 -18.68 -3.59 90.91
C LEU B 108 -19.23 -4.31 89.68
N LEU B 109 -20.48 -4.76 89.76
CA LEU B 109 -21.09 -5.49 88.65
C LEU B 109 -21.55 -4.52 87.56
N ILE B 110 -21.87 -3.30 87.98
CA ILE B 110 -22.19 -2.21 87.08
C ILE B 110 -20.97 -1.67 86.32
N ASP B 111 -19.91 -1.26 87.03
CA ASP B 111 -18.72 -0.72 86.36
C ASP B 111 -18.05 -1.76 85.48
N GLU B 112 -18.27 -3.03 85.82
CA GLU B 112 -17.77 -4.13 85.03
C GLU B 112 -18.63 -4.33 83.78
N ALA B 113 -19.90 -3.92 83.85
CA ALA B 113 -20.74 -3.90 82.66
C ALA B 113 -20.50 -2.66 81.81
N ILE B 114 -20.27 -1.52 82.47
CA ILE B 114 -19.95 -0.26 81.75
C ILE B 114 -18.67 -0.43 80.96
N LEU B 115 -17.77 -1.26 81.45
CA LEU B 115 -16.53 -1.53 80.75
C LEU B 115 -16.74 -2.52 79.62
N LYS B 116 -17.62 -3.49 79.81
CA LYS B 116 -17.91 -4.42 78.71
C LYS B 116 -18.48 -3.66 77.51
N CYS B 117 -19.12 -2.52 77.76
CA CYS B 117 -19.62 -1.65 76.70
C CYS B 117 -18.49 -1.00 75.95
N ASP B 118 -17.56 -0.43 76.71
CA ASP B 118 -16.36 0.22 76.15
C ASP B 118 -15.49 -0.75 75.36
N ALA B 119 -15.54 -2.03 75.71
CA ALA B 119 -14.80 -3.05 74.98
C ALA B 119 -15.51 -3.31 73.66
N GLU B 120 -16.82 -3.49 73.70
CA GLU B 120 -17.59 -3.66 72.48
C GLU B 120 -17.45 -2.40 71.63
N ARG B 121 -17.74 -1.23 72.21
CA ARG B 121 -17.72 0.01 71.44
C ARG B 121 -16.43 0.13 70.64
N ILE B 122 -15.31 -0.23 71.25
CA ILE B 122 -13.99 -0.12 70.64
C ILE B 122 -13.79 -1.11 69.51
N LYS B 123 -14.07 -2.39 69.75
CA LYS B 123 -14.00 -3.38 68.70
C LYS B 123 -15.02 -3.08 67.59
N LEU B 124 -16.08 -2.36 67.93
CA LEU B 124 -17.07 -1.97 66.93
C LEU B 124 -16.64 -0.76 66.09
N GLU B 125 -16.13 0.27 66.75
CA GLU B 125 -15.77 1.50 66.04
C GLU B 125 -14.82 1.15 64.90
N ALA B 126 -14.03 0.11 65.11
CA ALA B 126 -13.12 -0.38 64.08
C ALA B 126 -13.83 -1.26 63.05
N GLU B 127 -14.62 -2.21 63.52
CA GLU B 127 -15.32 -3.10 62.60
C GLU B 127 -16.22 -2.28 61.68
N ARG B 128 -16.54 -1.08 62.14
CA ARG B 128 -17.33 -0.15 61.35
C ARG B 128 -16.46 0.50 60.31
N PHE B 129 -15.25 0.94 60.71
CA PHE B 129 -14.38 1.67 59.80
C PHE B 129 -13.71 0.80 58.76
N GLU B 130 -13.43 -0.45 59.13
CA GLU B 130 -12.91 -1.44 58.19
C GLU B 130 -13.91 -1.73 57.09
N ASN B 131 -15.19 -1.68 57.42
CA ASN B 131 -16.26 -1.93 56.45
C ASN B 131 -16.59 -0.73 55.57
N LEU B 132 -16.61 0.44 56.19
CA LEU B 132 -16.90 1.65 55.49
C LEU B 132 -15.85 1.92 54.40
N ARG B 133 -14.57 1.64 54.70
CA ARG B 133 -13.47 1.81 53.72
C ARG B 133 -13.68 1.01 52.44
N GLU B 134 -14.32 -0.16 52.56
CA GLU B 134 -14.48 -1.11 51.46
C GLU B 134 -15.80 -1.00 50.71
N ILE B 135 -16.61 -0.01 51.08
CA ILE B 135 -17.89 0.21 50.40
C ILE B 135 -17.79 1.41 49.49
N GLY B 136 -18.00 1.17 48.20
CA GLY B 136 -17.76 2.19 47.20
C GLY B 136 -18.86 3.24 47.08
N ASN B 137 -18.54 4.30 46.36
CA ASN B 137 -19.45 5.42 46.14
C ASN B 137 -20.65 5.04 45.27
N LEU B 138 -21.71 5.85 45.34
CA LEU B 138 -22.90 5.65 44.54
C LEU B 138 -22.58 5.81 43.07
N LEU B 139 -23.24 5.04 42.21
CA LEU B 139 -22.99 5.10 40.76
C LEU B 139 -23.92 6.03 40.03
N HIS B 140 -23.40 6.73 39.04
CA HIS B 140 -24.25 7.49 38.15
C HIS B 140 -25.09 6.46 37.40
N PRO B 141 -26.32 6.83 37.04
CA PRO B 141 -27.23 5.88 36.38
C PRO B 141 -26.67 5.43 35.05
N SER B 142 -25.75 6.22 34.47
CA SER B 142 -25.23 5.93 33.13
C SER B 142 -24.15 4.84 33.05
N VAL B 143 -23.55 4.49 34.18
CA VAL B 143 -22.50 3.47 34.21
C VAL B 143 -23.02 2.12 33.74
N PRO B 144 -22.36 1.52 32.73
CA PRO B 144 -22.72 0.16 32.34
C PRO B 144 -22.51 -0.79 33.49
N ILE B 145 -23.48 -1.62 33.84
CA ILE B 145 -23.29 -2.56 34.94
C ILE B 145 -22.77 -3.87 34.36
N SER B 146 -21.48 -4.14 34.60
CA SER B 146 -20.84 -5.39 34.21
C SER B 146 -19.55 -5.57 35.00
N ASN B 147 -19.10 -6.81 35.16
CA ASN B 147 -17.78 -7.00 35.73
C ASN B 147 -16.70 -7.23 34.65
N ASP B 148 -17.12 -7.31 33.39
CA ASP B 148 -16.18 -7.67 32.31
C ASP B 148 -15.75 -6.45 31.52
N GLU B 149 -14.51 -6.02 31.72
CA GLU B 149 -14.10 -4.70 31.28
C GLU B 149 -14.07 -4.58 29.76
N ASP B 150 -13.64 -5.63 29.07
CA ASP B 150 -13.33 -5.55 27.63
C ASP B 150 -14.57 -5.62 26.74
N VAL B 151 -15.50 -6.47 27.11
CA VAL B 151 -16.73 -6.63 26.38
C VAL B 151 -17.76 -5.50 26.60
N ASP B 152 -17.95 -5.13 27.86
CA ASP B 152 -18.98 -4.15 28.23
C ASP B 152 -18.64 -2.67 28.40
N ASN B 153 -17.35 -2.29 28.39
CA ASN B 153 -17.03 -0.87 28.32
C ASN B 153 -17.75 -0.36 27.09
N LYS B 154 -18.31 0.82 27.17
CA LYS B 154 -19.29 1.24 26.19
C LYS B 154 -18.77 2.44 25.41
N VAL B 155 -18.79 2.38 24.08
CA VAL B 155 -18.23 3.49 23.34
C VAL B 155 -19.29 4.54 23.09
N GLU B 156 -19.10 5.71 23.71
CA GLU B 156 -20.00 6.86 23.60
C GLU B 156 -19.86 7.87 22.41
N ARG B 157 -18.63 8.21 22.03
CA ARG B 157 -18.35 9.12 20.90
C ARG B 157 -17.16 8.54 20.14
N ILE B 158 -17.04 8.86 18.84
CA ILE B 158 -15.82 8.55 18.10
C ILE B 158 -15.37 9.75 17.31
N TRP B 159 -14.07 9.93 17.15
CA TRP B 159 -13.58 11.10 16.42
C TRP B 159 -12.36 10.92 15.52
N GLY B 160 -12.45 11.41 14.30
CA GLY B 160 -11.41 11.18 13.31
C GLY B 160 -11.37 9.75 12.84
N ASP B 161 -10.34 9.43 12.06
CA ASP B 161 -10.31 8.18 11.33
C ASP B 161 -9.62 7.18 12.23
N CYS B 162 -10.39 6.24 12.78
CA CYS B 162 -9.85 5.22 13.69
C CYS B 162 -9.58 3.90 13.01
N THR B 163 -9.81 3.86 11.71
CA THR B 163 -9.49 2.69 10.89
C THR B 163 -8.02 2.63 10.41
N VAL B 164 -7.50 3.81 10.01
CA VAL B 164 -6.27 3.95 9.22
C VAL B 164 -5.08 3.20 9.81
N ARG B 165 -4.31 2.54 8.96
CA ARG B 165 -3.09 1.84 9.40
C ARG B 165 -1.84 2.49 8.85
N LYS B 166 -0.78 2.54 9.65
CA LYS B 166 0.45 3.15 9.20
C LYS B 166 1.60 2.20 9.41
N LYS B 167 2.80 2.59 8.98
CA LYS B 167 3.86 1.59 8.85
C LYS B 167 4.45 1.07 10.17
N TYR B 168 4.90 1.98 11.02
CA TYR B 168 5.65 1.57 12.21
C TYR B 168 4.92 1.74 13.54
N SER B 169 5.17 0.80 14.45
CA SER B 169 4.83 0.90 15.86
C SER B 169 5.65 2.01 16.56
N HIS B 170 5.18 2.47 17.73
CA HIS B 170 5.91 3.50 18.50
C HIS B 170 7.20 2.94 19.12
N VAL B 171 7.26 1.63 19.29
CA VAL B 171 8.47 1.01 19.79
C VAL B 171 9.63 1.27 18.84
N ASP B 172 9.43 0.99 17.55
CA ASP B 172 10.42 1.33 16.55
C ASP B 172 10.62 2.83 16.42
N LEU B 173 9.56 3.62 16.36
CA LEU B 173 9.73 5.03 16.06
C LEU B 173 10.60 5.78 17.09
N VAL B 174 10.52 5.42 18.37
CA VAL B 174 11.34 6.10 19.38
C VAL B 174 12.84 5.86 19.12
N VAL B 175 13.19 4.71 18.56
CA VAL B 175 14.55 4.45 18.10
C VAL B 175 14.90 5.21 16.82
N MET B 176 14.09 5.05 15.79
CA MET B 176 14.37 5.68 14.52
C MET B 176 14.58 7.19 14.56
N VAL B 177 13.99 7.92 15.50
CA VAL B 177 14.30 9.36 15.55
C VAL B 177 15.41 9.60 16.55
N ASP B 178 15.83 8.49 17.17
CA ASP B 178 16.84 8.47 18.22
C ASP B 178 16.56 9.46 19.32
N GLY B 179 15.45 9.21 20.03
CA GLY B 179 15.13 9.87 21.28
C GLY B 179 15.16 8.95 22.48
N PHE B 180 15.61 7.72 22.30
CA PHE B 180 15.36 6.71 23.31
C PHE B 180 16.57 5.86 23.62
N GLU B 181 16.96 5.82 24.89
CA GLU B 181 17.89 4.80 25.37
C GLU B 181 17.20 3.87 26.39
N GLY B 182 16.88 2.65 25.97
CA GLY B 182 16.22 1.72 26.87
C GLY B 182 17.06 0.61 27.44
N GLU B 183 18.23 0.39 26.84
CA GLU B 183 19.15 -0.67 27.25
C GLU B 183 19.85 -0.28 28.55
N LYS B 184 20.44 0.92 28.56
CA LYS B 184 21.16 1.42 29.72
C LYS B 184 20.19 1.96 30.76
N GLY B 185 19.07 2.50 30.31
CA GLY B 185 18.02 2.87 31.23
C GLY B 185 17.57 1.66 32.05
N ALA B 186 17.63 0.48 31.44
CA ALA B 186 17.23 -0.75 32.11
C ALA B 186 18.28 -1.19 33.13
N VAL B 187 19.54 -0.88 32.84
CA VAL B 187 20.62 -1.14 33.77
C VAL B 187 20.52 -0.21 34.98
N VAL B 188 20.41 1.08 34.71
CA VAL B 188 20.44 2.10 35.76
C VAL B 188 19.28 2.05 36.76
N ALA B 189 18.05 2.14 36.26
CA ALA B 189 16.88 2.24 37.13
C ALA B 189 16.09 0.92 37.40
N GLY B 190 16.51 -0.17 36.77
CA GLY B 190 15.76 -1.41 36.85
C GLY B 190 14.91 -1.66 35.62
N SER B 191 14.08 -2.70 35.67
CA SER B 191 13.26 -3.05 34.52
C SER B 191 12.44 -1.86 34.01
N ARG B 192 12.44 -1.66 32.69
CA ARG B 192 11.60 -0.65 32.05
C ARG B 192 12.09 0.78 32.22
N GLY B 193 13.16 0.96 32.99
CA GLY B 193 13.79 2.27 33.13
C GLY B 193 14.21 2.76 31.76
N TYR B 194 14.34 4.06 31.59
CA TYR B 194 14.69 4.60 30.28
C TYR B 194 15.33 5.99 30.37
N PHE B 195 16.04 6.37 29.31
CA PHE B 195 16.46 7.75 29.06
C PHE B 195 15.69 8.28 27.85
N LEU B 196 15.34 9.56 27.86
CA LEU B 196 14.77 10.16 26.67
C LEU B 196 15.81 11.12 26.13
N LYS B 197 16.10 11.03 24.84
CA LYS B 197 17.13 11.87 24.23
C LYS B 197 16.57 12.92 23.28
N GLY B 198 17.21 14.08 23.27
CA GLY B 198 17.13 14.96 22.14
C GLY B 198 15.74 15.38 21.71
N VAL B 199 15.41 15.11 20.45
CA VAL B 199 14.16 15.59 19.90
C VAL B 199 13.00 15.26 20.83
N LEU B 200 12.93 14.00 21.27
CA LEU B 200 11.88 13.60 22.22
C LEU B 200 11.80 14.43 23.52
N VAL B 201 12.93 14.95 23.99
CA VAL B 201 12.91 15.83 25.13
C VAL B 201 12.25 17.12 24.72
N PHE B 202 12.64 17.65 23.56
CA PHE B 202 12.07 18.93 23.07
C PHE B 202 10.60 18.78 22.74
N LEU B 203 10.22 17.59 22.25
CA LEU B 203 8.84 17.30 21.92
C LEU B 203 7.98 17.31 23.18
N GLU B 204 8.45 16.63 24.22
CA GLU B 204 7.75 16.53 25.49
C GLU B 204 7.58 17.91 26.11
N GLN B 205 8.63 18.71 26.10
CA GLN B 205 8.49 20.08 26.59
C GLN B 205 7.39 20.85 25.84
N ALA B 206 7.26 20.61 24.53
CA ALA B 206 6.25 21.32 23.74
C ALA B 206 4.83 20.89 24.17
N LEU B 207 4.60 19.59 24.26
CA LEU B 207 3.38 19.03 24.82
C LEU B 207 3.02 19.65 26.18
N ILE B 208 3.96 19.67 27.09
CA ILE B 208 3.72 20.23 28.40
C ILE B 208 3.36 21.70 28.28
N GLN B 209 3.94 22.40 27.32
CA GLN B 209 3.70 23.83 27.25
C GLN B 209 2.32 24.05 26.72
N TYR B 210 1.99 23.31 25.68
CA TYR B 210 0.72 23.47 25.01
C TYR B 210 -0.43 23.11 25.98
N ALA B 211 -0.25 22.02 26.73
CA ALA B 211 -1.23 21.66 27.73
C ALA B 211 -1.40 22.77 28.76
N LEU B 212 -0.32 23.15 29.43
CA LEU B 212 -0.43 24.25 30.39
C LEU B 212 -1.11 25.49 29.81
N ARG B 213 -0.69 25.94 28.63
CA ARG B 213 -1.35 27.09 27.98
C ARG B 213 -2.84 26.83 27.86
N THR B 214 -3.21 25.67 27.30
CA THR B 214 -4.61 25.30 27.14
C THR B 214 -5.43 25.45 28.43
N LEU B 215 -5.15 24.59 29.40
CA LEU B 215 -5.84 24.62 30.69
C LEU B 215 -5.79 26.01 31.31
N GLY B 216 -4.65 26.67 31.17
CA GLY B 216 -4.48 27.99 31.76
C GLY B 216 -5.56 28.93 31.31
N SER B 217 -5.80 28.97 30.01
CA SER B 217 -6.71 29.96 29.44
C SER B 217 -8.17 29.52 29.56
N ARG B 218 -8.39 28.28 29.97
CA ARG B 218 -9.74 27.83 30.31
C ARG B 218 -10.02 28.06 31.80
N GLY B 219 -9.08 28.71 32.48
CA GLY B 219 -9.29 29.06 33.88
C GLY B 219 -8.51 28.26 34.90
N TYR B 220 -7.81 27.21 34.48
CA TYR B 220 -7.05 26.37 35.40
C TYR B 220 -5.82 27.08 35.95
N ILE B 221 -5.48 26.75 37.18
CA ILE B 221 -4.30 27.31 37.81
C ILE B 221 -3.26 26.22 37.81
N PRO B 222 -2.21 26.37 36.98
CA PRO B 222 -1.13 25.38 36.92
C PRO B 222 -0.48 25.27 38.27
N ILE B 223 -0.26 24.05 38.71
CA ILE B 223 0.30 23.78 40.02
C ILE B 223 1.28 22.63 39.93
N TYR B 224 2.45 22.83 40.49
CA TYR B 224 3.51 21.85 40.43
C TYR B 224 3.51 21.20 41.80
N THR B 225 3.24 19.91 41.86
CA THR B 225 3.02 19.22 43.13
C THR B 225 4.34 18.73 43.73
N PRO B 226 4.39 18.53 45.06
CA PRO B 226 5.53 17.74 45.58
C PRO B 226 5.40 16.31 45.08
N PHE B 227 6.52 15.61 44.84
CA PHE B 227 6.45 14.30 44.20
C PHE B 227 6.28 13.14 45.19
N PHE B 228 6.48 13.41 46.47
CA PHE B 228 6.20 12.42 47.52
C PHE B 228 5.34 12.96 48.66
N MET B 229 4.46 12.10 49.18
CA MET B 229 3.49 12.48 50.21
C MET B 229 3.73 11.72 51.50
N ARG B 230 3.37 12.33 52.64
CA ARG B 230 3.37 11.67 53.94
C ARG B 230 2.43 10.45 53.94
N LYS B 231 2.85 9.36 54.58
CA LYS B 231 2.03 8.14 54.64
C LYS B 231 0.67 8.40 55.30
N GLU B 232 0.59 9.44 56.11
CA GLU B 232 -0.63 9.79 56.84
C GLU B 232 -1.64 10.49 55.93
N VAL B 233 -1.16 11.38 55.06
CA VAL B 233 -2.05 12.09 54.14
C VAL B 233 -2.40 11.24 52.93
N MET B 234 -1.49 10.33 52.59
CA MET B 234 -1.69 9.44 51.46
C MET B 234 -2.88 8.48 51.68
N GLN B 235 -2.97 7.89 52.88
CA GLN B 235 -4.02 6.93 53.21
C GLN B 235 -5.43 7.53 53.06
N GLU B 236 -5.51 8.85 53.21
CA GLU B 236 -6.77 9.56 53.04
C GLU B 236 -7.18 9.74 51.57
N VAL B 237 -6.19 9.94 50.70
CA VAL B 237 -6.49 10.19 49.28
C VAL B 237 -6.42 8.97 48.35
N ALA B 238 -6.04 7.81 48.87
CA ALA B 238 -5.97 6.59 48.05
C ALA B 238 -6.64 5.40 48.76
N GLN B 239 -6.66 4.24 48.11
CA GLN B 239 -7.30 3.07 48.71
C GLN B 239 -6.31 1.94 49.04
N LEU B 240 -6.81 0.85 49.62
CA LEU B 240 -5.96 -0.27 50.02
C LEU B 240 -5.28 -0.94 48.83
N SER B 241 -6.00 -1.06 47.72
CA SER B 241 -5.45 -1.68 46.51
C SER B 241 -4.44 -0.77 45.82
N GLN B 242 -4.34 0.48 46.29
CA GLN B 242 -3.31 1.39 45.80
C GLN B 242 -1.92 1.12 46.42
N PHE B 243 -1.86 0.95 47.74
CA PHE B 243 -0.58 0.80 48.46
C PHE B 243 0.17 -0.48 48.11
N ASP B 244 -0.49 -1.34 47.35
CA ASP B 244 0.11 -2.57 46.85
C ASP B 244 0.46 -2.43 45.38
N GLU B 245 -0.56 -2.42 44.52
CA GLU B 245 -0.36 -2.45 43.06
C GLU B 245 0.65 -1.42 42.52
N GLU B 246 0.33 -0.13 42.52
CA GLU B 246 1.37 0.86 42.27
C GLU B 246 1.45 2.02 43.28
N LEU B 247 2.52 2.01 44.09
CA LEU B 247 3.03 3.18 44.82
C LEU B 247 4.43 2.77 45.17
N TYR B 248 5.32 3.73 45.44
CA TYR B 248 6.66 3.37 45.92
C TYR B 248 6.84 3.88 47.34
N LYS B 249 7.53 3.10 48.16
CA LYS B 249 7.79 3.47 49.54
C LYS B 249 9.11 4.25 49.59
N VAL B 250 9.12 5.36 50.34
CA VAL B 250 10.30 6.20 50.46
C VAL B 250 10.70 6.43 51.92
N ILE B 251 12.01 6.30 52.20
CA ILE B 251 12.61 6.71 53.48
C ILE B 251 13.98 7.34 53.24
N ASP B 264 10.38 11.25 58.17
CA ASP B 264 9.30 10.31 58.41
C ASP B 264 9.30 9.13 57.45
N GLU B 265 8.12 8.78 56.95
CA GLU B 265 7.97 7.78 55.88
C GLU B 265 6.95 8.23 54.84
N LYS B 266 7.36 8.28 53.58
CA LYS B 266 6.55 8.86 52.51
C LYS B 266 6.37 7.95 51.29
N TYR B 267 5.39 8.28 50.44
CA TYR B 267 5.14 7.54 49.20
C TYR B 267 5.35 8.42 47.97
N LEU B 268 5.83 7.84 46.88
CA LEU B 268 5.97 8.56 45.62
C LEU B 268 4.63 8.61 44.90
N ILE B 269 4.14 9.81 44.63
CA ILE B 269 2.80 10.00 44.04
C ILE B 269 2.60 9.28 42.71
N ALA B 270 1.49 8.57 42.58
CA ALA B 270 1.16 7.89 41.33
C ALA B 270 0.39 8.77 40.34
N THR B 271 -0.15 9.88 40.83
CA THR B 271 -0.87 10.85 39.98
C THR B 271 -0.73 12.25 40.58
N SER B 272 -1.29 13.24 39.90
CA SER B 272 -1.25 14.60 40.40
C SER B 272 -2.52 14.92 41.18
N GLU B 273 -3.41 13.94 41.23
CA GLU B 273 -4.64 14.05 41.98
C GLU B 273 -4.40 13.83 43.48
N GLN B 274 -3.44 12.98 43.83
CA GLN B 274 -3.16 12.73 45.23
C GLN B 274 -2.77 14.00 45.99
N PRO B 275 -1.67 14.67 45.60
CA PRO B 275 -1.27 15.83 46.41
C PRO B 275 -2.27 16.99 46.34
N ILE B 276 -2.88 17.18 45.18
CA ILE B 276 -3.81 18.29 44.96
C ILE B 276 -5.10 18.16 45.79
N ALA B 277 -5.64 16.94 45.88
CA ALA B 277 -6.73 16.68 46.81
C ALA B 277 -6.27 17.07 48.22
N ALA B 278 -5.15 16.52 48.67
CA ALA B 278 -4.66 16.81 50.01
C ALA B 278 -4.28 18.29 50.18
N LEU B 279 -4.36 19.05 49.08
CA LEU B 279 -3.94 20.44 49.12
C LEU B 279 -4.87 21.27 50.01
N HIS B 280 -6.16 21.10 49.78
CA HIS B 280 -7.22 21.87 50.44
C HIS B 280 -7.78 21.19 51.69
N ARG B 281 -7.15 20.11 52.11
CA ARG B 281 -7.69 19.31 53.21
C ARG B 281 -8.00 20.11 54.48
N ASP B 282 -9.08 19.72 55.16
CA ASP B 282 -9.48 20.36 56.42
C ASP B 282 -9.68 21.86 56.26
N GLU B 283 -10.55 22.26 55.33
CA GLU B 283 -10.71 23.66 54.96
C GLU B 283 -12.14 23.95 54.51
N TRP B 284 -12.54 25.23 54.54
CA TRP B 284 -13.90 25.59 54.13
C TRP B 284 -13.86 26.42 52.85
N LEU B 285 -14.30 25.85 51.74
CA LEU B 285 -14.21 26.56 50.47
C LEU B 285 -15.47 27.34 50.26
N ARG B 286 -15.36 28.61 49.90
CA ARG B 286 -16.52 29.46 49.76
C ARG B 286 -17.11 29.36 48.36
N PRO B 287 -18.43 29.31 48.27
CA PRO B 287 -19.15 29.18 47.00
C PRO B 287 -18.75 30.16 45.90
N GLU B 288 -18.49 31.42 46.24
CA GLU B 288 -18.06 32.38 45.21
C GLU B 288 -16.75 31.94 44.53
N ASP B 289 -15.93 31.21 45.30
CA ASP B 289 -14.65 30.69 44.83
C ASP B 289 -14.76 29.42 43.97
N LEU B 290 -15.83 28.65 44.15
CA LEU B 290 -15.98 27.44 43.37
C LEU B 290 -16.56 27.76 41.99
N PRO B 291 -16.25 26.95 40.98
CA PRO B 291 -15.29 25.84 41.06
C PRO B 291 -13.86 26.35 41.04
N ILE B 292 -12.98 25.66 41.76
CA ILE B 292 -11.56 25.92 41.74
C ILE B 292 -10.93 24.85 40.85
N LYS B 293 -10.25 25.27 39.80
CA LYS B 293 -9.67 24.33 38.86
C LYS B 293 -8.14 24.44 38.86
N TYR B 294 -7.48 23.31 39.13
CA TYR B 294 -6.02 23.23 39.08
C TYR B 294 -5.56 22.41 37.88
N ALA B 295 -4.42 22.79 37.31
CA ALA B 295 -3.77 21.94 36.31
C ALA B 295 -2.52 21.36 36.95
N GLY B 296 -2.59 20.09 37.27
CA GLY B 296 -1.50 19.41 37.96
C GLY B 296 -0.36 19.12 37.03
N LEU B 297 0.84 19.45 37.48
CA LEU B 297 2.04 19.16 36.73
C LEU B 297 2.94 18.36 37.66
N SER B 298 3.24 17.12 37.31
CA SER B 298 4.08 16.32 38.19
C SER B 298 4.79 15.18 37.48
N THR B 299 5.83 14.65 38.10
CA THR B 299 6.40 13.41 37.63
C THR B 299 5.74 12.35 38.46
N CYS B 300 5.25 11.29 37.83
CA CYS B 300 4.49 10.27 38.52
C CYS B 300 5.18 8.93 38.46
N PHE B 301 4.98 8.14 39.49
CA PHE B 301 5.63 6.84 39.60
C PHE B 301 4.62 5.74 39.91
N ARG B 302 4.63 4.71 39.07
CA ARG B 302 3.76 3.57 39.28
C ARG B 302 4.61 2.31 39.24
N GLN B 303 4.45 1.47 40.26
CA GLN B 303 5.17 0.19 40.31
C GLN B 303 4.57 -0.79 39.30
N GLU B 304 3.31 -0.55 38.94
CA GLU B 304 2.64 -1.26 37.84
C GLU B 304 2.76 -2.77 37.93
N VAL B 305 2.33 -3.33 39.06
CA VAL B 305 2.25 -4.77 39.24
C VAL B 305 1.03 -5.36 38.51
N GLY B 306 1.26 -6.40 37.69
CA GLY B 306 0.22 -7.00 36.88
C GLY B 306 0.31 -6.74 35.38
N SER B 307 1.24 -5.88 34.99
CA SER B 307 1.39 -5.44 33.59
C SER B 307 2.40 -6.26 32.75
N HIS B 308 2.97 -7.31 33.34
CA HIS B 308 3.99 -8.13 32.66
C HIS B 308 3.55 -8.67 31.29
N GLY B 309 4.40 -8.47 30.29
CA GLY B 309 4.12 -8.91 28.93
C GLY B 309 4.57 -7.91 27.89
N THR B 312 8.25 -7.08 24.82
CA THR B 312 9.22 -6.51 25.73
C THR B 312 8.86 -5.09 26.17
N ARG B 313 9.59 -4.09 25.67
CA ARG B 313 9.51 -2.73 26.20
C ARG B 313 9.58 -1.58 25.18
N GLY B 314 9.16 -0.40 25.62
CA GLY B 314 9.15 0.84 24.86
C GLY B 314 8.95 1.93 25.89
N ILE B 315 8.60 3.15 25.49
CA ILE B 315 8.27 4.18 26.47
C ILE B 315 6.80 4.28 26.89
N PHE B 316 5.96 3.34 26.47
CA PHE B 316 4.52 3.44 26.72
C PHE B 316 4.10 3.11 28.17
N ARG B 317 4.31 1.86 28.61
CA ARG B 317 4.09 1.50 30.00
C ARG B 317 5.40 1.60 30.76
N VAL B 318 5.50 2.56 31.67
CA VAL B 318 6.78 2.79 32.30
C VAL B 318 6.59 3.33 33.71
N HIS B 319 7.54 3.04 34.59
CA HIS B 319 7.43 3.39 35.99
C HIS B 319 7.55 4.89 36.26
N GLN B 320 8.12 5.66 35.34
CA GLN B 320 8.34 7.10 35.58
C GLN B 320 7.99 7.99 34.40
N PHE B 321 7.09 8.95 34.59
CA PHE B 321 6.59 9.78 33.50
C PHE B 321 6.02 11.09 34.03
N GLU B 322 5.87 12.10 33.18
CA GLU B 322 5.20 13.32 33.58
C GLU B 322 3.73 13.27 33.20
N LYS B 323 2.87 13.81 34.07
CA LYS B 323 1.46 13.97 33.75
C LYS B 323 1.04 15.42 33.89
N ILE B 324 0.10 15.82 33.06
CA ILE B 324 -0.65 17.05 33.27
C ILE B 324 -2.08 16.64 33.60
N GLU B 325 -2.49 16.88 34.85
CA GLU B 325 -3.82 16.51 35.35
C GLU B 325 -4.77 17.68 35.56
N GLN B 326 -6.06 17.45 35.31
CA GLN B 326 -7.09 18.39 35.72
C GLN B 326 -7.66 17.99 37.08
N PHE B 327 -7.72 18.92 38.00
CA PHE B 327 -8.38 18.69 39.28
CA PHE B 327 -8.42 18.67 39.26
C PHE B 327 -9.36 19.81 39.55
N VAL B 328 -10.61 19.46 39.86
CA VAL B 328 -11.60 20.46 40.11
C VAL B 328 -12.31 20.29 41.41
N TYR B 329 -12.44 21.38 42.15
CA TYR B 329 -13.28 21.42 43.33
C TYR B 329 -14.61 22.05 42.92
N SER B 330 -15.71 21.31 43.13
CA SER B 330 -17.04 21.76 42.73
C SER B 330 -18.03 21.85 43.89
N SER B 331 -19.00 22.76 43.76
CA SER B 331 -20.19 22.75 44.59
C SER B 331 -20.92 21.39 44.47
N PRO B 332 -21.52 20.91 45.57
CA PRO B 332 -22.34 19.69 45.70
C PRO B 332 -23.75 19.76 45.08
N HIS B 333 -24.21 20.96 44.76
CA HIS B 333 -25.63 21.22 44.49
C HIS B 333 -25.94 21.37 43.03
N ASP B 334 -27.16 21.03 42.60
CA ASP B 334 -27.62 21.59 41.33
C ASP B 334 -27.08 20.83 40.14
N ASN B 335 -26.36 19.74 40.42
CA ASN B 335 -25.65 19.01 39.39
C ASN B 335 -24.48 19.80 38.80
N LYS B 336 -23.95 20.76 39.56
CA LYS B 336 -22.86 21.55 39.04
C LYS B 336 -21.61 20.70 38.89
N SER B 337 -21.51 19.60 39.63
CA SER B 337 -20.38 18.71 39.47
C SER B 337 -20.52 17.80 38.25
N TRP B 338 -21.72 17.37 37.89
CA TRP B 338 -21.82 16.61 36.66
C TRP B 338 -21.69 17.51 35.42
N GLU B 339 -22.09 18.76 35.55
CA GLU B 339 -21.92 19.68 34.44
C GLU B 339 -20.43 19.92 34.20
N MET B 340 -19.69 20.03 35.31
CA MET B 340 -18.24 20.24 35.31
C MET B 340 -17.53 19.02 34.77
N PHE B 341 -17.98 17.86 35.20
CA PHE B 341 -17.51 16.59 34.68
C PHE B 341 -17.54 16.56 33.17
N GLU B 342 -18.67 16.92 32.59
CA GLU B 342 -18.76 16.87 31.14
C GLU B 342 -17.85 17.93 30.54
N GLU B 343 -17.74 19.06 31.20
CA GLU B 343 -16.89 20.12 30.72
C GLU B 343 -15.42 19.68 30.74
N MET B 344 -15.09 18.79 31.66
CA MET B 344 -13.72 18.33 31.85
C MET B 344 -13.29 17.37 30.76
N ILE B 345 -14.16 16.43 30.42
CA ILE B 345 -13.83 15.49 29.36
C ILE B 345 -13.90 16.24 28.01
N THR B 346 -14.68 17.29 27.96
CA THR B 346 -14.80 18.06 26.74
C THR B 346 -13.51 18.82 26.50
N THR B 347 -12.93 19.36 27.56
CA THR B 347 -11.64 20.03 27.44
C THR B 347 -10.58 19.05 26.95
N ALA B 348 -10.62 17.83 27.49
CA ALA B 348 -9.69 16.80 27.11
C ALA B 348 -9.82 16.49 25.63
N GLU B 349 -11.04 16.34 25.15
CA GLU B 349 -11.24 16.00 23.74
C GLU B 349 -10.68 17.09 22.83
N GLU B 350 -11.02 18.34 23.13
CA GLU B 350 -10.67 19.44 22.26
C GLU B 350 -9.17 19.60 22.14
N PHE B 351 -8.47 19.21 23.20
CA PHE B 351 -7.01 19.14 23.22
C PHE B 351 -6.54 18.11 22.19
N TYR B 352 -6.99 16.87 22.29
CA TYR B 352 -6.63 15.85 21.30
C TYR B 352 -7.21 16.12 19.93
N GLN B 353 -8.35 16.77 19.90
CA GLN B 353 -8.92 17.21 18.64
C GLN B 353 -7.90 18.12 17.98
N SER B 354 -7.40 19.08 18.73
CA SER B 354 -6.49 20.04 18.13
C SER B 354 -5.18 19.41 17.66
N LEU B 355 -4.73 18.36 18.33
CA LEU B 355 -3.44 17.75 17.99
C LEU B 355 -3.67 16.73 16.91
N GLY B 356 -4.92 16.56 16.54
CA GLY B 356 -5.24 15.66 15.45
C GLY B 356 -4.99 14.20 15.76
N ILE B 357 -5.15 13.81 17.02
CA ILE B 357 -5.16 12.39 17.38
C ILE B 357 -6.59 11.84 17.34
N PRO B 358 -6.84 10.78 16.56
CA PRO B 358 -8.12 10.08 16.57
C PRO B 358 -8.30 9.34 17.89
N TYR B 359 -9.53 9.27 18.37
CA TYR B 359 -9.84 8.60 19.62
C TYR B 359 -11.30 8.23 19.69
N HIS B 360 -11.65 7.34 20.62
CA HIS B 360 -13.05 7.17 21.04
C HIS B 360 -13.23 7.19 22.57
N ILE B 361 -14.30 7.86 23.04
CA ILE B 361 -14.61 7.95 24.48
C ILE B 361 -15.28 6.69 24.97
N VAL B 362 -14.95 6.25 26.17
CA VAL B 362 -15.43 4.97 26.68
C VAL B 362 -15.92 5.08 28.11
N ASN B 363 -17.09 4.49 28.38
CA ASN B 363 -17.70 4.57 29.70
C ASN B 363 -17.37 3.29 30.44
N ILE B 364 -16.65 3.40 31.54
CA ILE B 364 -16.04 2.22 32.16
C ILE B 364 -17.03 1.46 33.00
N VAL B 365 -17.01 0.13 32.92
CA VAL B 365 -17.95 -0.72 33.66
C VAL B 365 -17.81 -0.60 35.18
N SER B 366 -18.90 -0.91 35.89
CA SER B 366 -18.94 -0.73 37.34
C SER B 366 -17.91 -1.57 38.08
N GLY B 367 -17.70 -2.79 37.62
CA GLY B 367 -16.75 -3.66 38.27
C GLY B 367 -15.34 -3.08 38.28
N SER B 368 -15.04 -2.25 37.30
CA SER B 368 -13.69 -1.72 37.15
C SER B 368 -13.51 -0.35 37.76
N LEU B 369 -14.57 0.24 38.30
CA LEU B 369 -14.42 1.51 39.02
C LEU B 369 -13.78 1.31 40.39
N ASN B 370 -13.02 2.28 40.85
CA ASN B 370 -12.57 2.20 42.22
C ASN B 370 -13.58 2.87 43.11
N HIS B 371 -13.33 2.81 44.41
CA HIS B 371 -14.31 3.16 45.40
C HIS B 371 -14.86 4.59 45.33
N ALA B 372 -14.04 5.55 44.95
CA ALA B 372 -14.48 6.93 45.05
C ALA B 372 -15.23 7.39 43.79
N ALA B 373 -15.19 6.58 42.74
CA ALA B 373 -15.73 7.03 41.46
C ALA B 373 -17.23 6.77 41.32
N SER B 374 -18.01 7.79 40.96
CA SER B 374 -19.41 7.56 40.54
C SER B 374 -19.49 7.13 39.10
N LYS B 375 -18.67 7.77 38.28
CA LYS B 375 -18.62 7.49 36.86
C LYS B 375 -17.17 7.67 36.40
N LYS B 376 -16.75 6.94 35.37
CA LYS B 376 -15.45 7.18 34.76
C LYS B 376 -15.49 7.12 33.22
N LEU B 377 -15.04 8.18 32.56
CA LEU B 377 -14.85 8.18 31.10
C LEU B 377 -13.37 8.10 30.72
N ASP B 378 -13.02 7.20 29.80
CA ASP B 378 -11.67 7.11 29.22
C ASP B 378 -11.72 7.63 27.81
N LEU B 379 -10.80 8.51 27.48
CA LEU B 379 -10.50 8.83 26.10
C LEU B 379 -9.37 7.91 25.63
N GLU B 380 -9.63 7.03 24.67
CA GLU B 380 -8.62 6.11 24.15
C GLU B 380 -8.23 6.47 22.72
N ALA B 381 -6.93 6.67 22.51
CA ALA B 381 -6.43 7.09 21.20
C ALA B 381 -6.30 5.91 20.25
N TRP B 382 -6.48 6.18 18.95
CA TRP B 382 -6.18 5.18 17.93
C TRP B 382 -4.69 5.21 17.55
N PHE B 383 -3.98 4.09 17.79
CA PHE B 383 -2.59 3.96 17.32
C PHE B 383 -2.54 3.20 15.98
N PRO B 384 -2.30 3.94 14.88
CA PRO B 384 -2.31 3.36 13.52
C PRO B 384 -1.24 2.27 13.30
N GLY B 385 -0.01 2.51 13.76
CA GLY B 385 1.01 1.48 13.70
C GLY B 385 0.61 0.24 14.48
N SER B 386 0.31 0.39 15.76
CA SER B 386 0.01 -0.77 16.59
C SER B 386 -1.33 -1.36 16.19
N GLY B 387 -2.18 -0.55 15.58
CA GLY B 387 -3.51 -0.98 15.21
C GLY B 387 -4.39 -1.29 16.41
N ALA B 388 -4.21 -0.51 17.47
CA ALA B 388 -5.02 -0.67 18.67
C ALA B 388 -5.38 0.67 19.30
N PHE B 389 -6.41 0.63 20.12
CA PHE B 389 -6.80 1.76 20.96
C PHE B 389 -6.06 1.57 22.27
N ARG B 390 -5.58 2.67 22.84
CA ARG B 390 -4.86 2.65 24.09
C ARG B 390 -5.29 3.88 24.89
N GLU B 391 -5.33 3.79 26.21
CA GLU B 391 -5.92 4.89 26.96
C GLU B 391 -4.94 6.06 27.20
N LEU B 392 -5.25 7.21 26.61
CA LEU B 392 -4.60 8.47 26.92
C LEU B 392 -5.15 9.22 28.14
N VAL B 393 -6.44 9.12 28.38
CA VAL B 393 -7.11 9.96 29.38
C VAL B 393 -8.15 9.20 30.18
N SER B 394 -8.21 9.49 31.46
CA SER B 394 -9.33 9.00 32.24
C SER B 394 -9.89 10.16 33.06
N CYS B 395 -11.21 10.15 33.26
CA CYS B 395 -11.91 11.28 33.84
C CYS B 395 -12.94 10.75 34.86
N SER B 396 -12.93 11.30 36.06
CA SER B 396 -13.77 10.76 37.12
C SER B 396 -14.48 11.81 37.93
N ASN B 397 -15.73 11.55 38.25
CA ASN B 397 -16.38 12.29 39.31
C ASN B 397 -16.45 11.47 40.61
N CYS B 398 -15.81 11.97 41.66
CA CYS B 398 -15.84 11.29 42.96
C CYS B 398 -16.88 11.84 43.93
N THR B 399 -17.64 12.84 43.50
CA THR B 399 -18.60 13.54 44.35
C THR B 399 -17.96 13.85 45.70
N ASP B 400 -18.65 13.57 46.80
CA ASP B 400 -18.11 13.95 48.12
C ASP B 400 -17.32 12.87 48.82
N TYR B 401 -17.15 11.73 48.16
CA TYR B 401 -16.51 10.60 48.80
C TYR B 401 -15.18 10.97 49.44
N GLN B 402 -14.29 11.60 48.68
CA GLN B 402 -12.99 11.93 49.25
C GLN B 402 -13.08 13.17 50.10
N ALA B 403 -13.84 14.15 49.62
CA ALA B 403 -13.97 15.43 50.32
C ALA B 403 -14.35 15.25 51.79
N ARG B 404 -15.13 14.22 52.09
CA ARG B 404 -15.61 14.09 53.45
C ARG B 404 -14.55 13.48 54.35
N ARG B 405 -13.68 12.66 53.78
CA ARG B 405 -12.53 12.13 54.50
C ARG B 405 -11.49 13.22 54.74
N LEU B 406 -11.29 14.06 53.72
CA LEU B 406 -10.34 15.14 53.78
C LEU B 406 -10.95 16.40 54.43
N ARG B 407 -12.22 16.33 54.82
CA ARG B 407 -12.91 17.46 55.45
C ARG B 407 -12.86 18.75 54.65
N ILE B 408 -13.28 18.69 53.40
CA ILE B 408 -13.28 19.86 52.57
C ILE B 408 -14.73 20.24 52.40
N ARG B 409 -15.12 21.32 53.05
CA ARG B 409 -16.52 21.59 53.31
C ARG B 409 -17.02 22.68 52.42
N TYR B 410 -18.29 22.60 52.03
CA TYR B 410 -18.89 23.63 51.20
C TYR B 410 -19.26 24.78 52.13
N GLY B 411 -18.67 25.93 51.89
CA GLY B 411 -18.55 27.00 52.86
C GLY B 411 -19.64 28.06 52.90
N GLN B 412 -20.83 27.72 52.43
CA GLN B 412 -21.91 28.69 52.29
C GLN B 412 -22.13 29.49 53.58
N THR B 413 -22.27 30.80 53.42
CA THR B 413 -22.65 31.66 54.53
C THR B 413 -24.14 32.06 54.61
N LYS B 414 -24.97 31.63 53.66
CA LYS B 414 -26.32 32.21 53.51
C LYS B 414 -27.47 31.58 54.35
N LYS B 415 -27.21 30.46 55.04
CA LYS B 415 -28.24 29.87 55.92
C LYS B 415 -27.63 29.02 57.05
N MET B 416 -28.47 28.50 57.93
CA MET B 416 -28.00 27.70 59.05
C MET B 416 -28.22 26.21 58.80
N MET B 417 -27.22 25.40 59.16
CA MET B 417 -27.20 24.00 58.77
C MET B 417 -27.02 23.05 59.93
N ASP B 418 -27.81 21.99 59.92
CA ASP B 418 -27.63 20.87 60.83
C ASP B 418 -26.24 20.29 60.67
N LYS B 419 -26.00 19.69 59.52
CA LYS B 419 -24.72 19.10 59.16
C LYS B 419 -24.15 19.86 57.98
N VAL B 420 -22.82 20.01 57.96
CA VAL B 420 -22.15 20.65 56.84
C VAL B 420 -22.24 19.78 55.61
N GLU B 421 -22.15 20.40 54.45
CA GLU B 421 -22.01 19.65 53.21
C GLU B 421 -20.60 19.74 52.65
N PHE B 422 -20.17 18.69 51.97
CA PHE B 422 -18.82 18.62 51.45
C PHE B 422 -18.79 18.87 49.95
N VAL B 423 -17.68 19.44 49.47
CA VAL B 423 -17.54 19.77 48.06
C VAL B 423 -17.43 18.52 47.21
N HIS B 424 -17.73 18.64 45.92
CA HIS B 424 -17.44 17.55 45.00
C HIS B 424 -16.05 17.70 44.40
N MET B 425 -15.40 16.57 44.18
CA MET B 425 -14.07 16.58 43.62
C MET B 425 -14.01 15.71 42.38
N LEU B 426 -13.49 16.29 41.31
CA LEU B 426 -13.24 15.56 40.08
C LEU B 426 -11.76 15.64 39.66
N ASN B 427 -11.28 14.59 39.00
CA ASN B 427 -9.94 14.58 38.45
C ASN B 427 -9.86 13.89 37.11
N ALA B 428 -9.12 14.48 36.18
CA ALA B 428 -8.87 13.86 34.89
C ALA B 428 -7.39 13.95 34.57
N THR B 429 -6.83 12.93 33.93
CA THR B 429 -5.44 13.04 33.51
C THR B 429 -5.54 13.42 32.06
N MET B 430 -5.21 14.67 31.75
CA MET B 430 -5.35 15.19 30.42
C MET B 430 -4.26 14.67 29.50
N CYS B 431 -3.01 14.78 29.93
CA CYS B 431 -1.89 14.33 29.11
C CYS B 431 -0.83 13.55 29.88
N ALA B 432 -0.61 12.30 29.52
CA ALA B 432 0.57 11.61 30.06
C ALA B 432 1.64 11.61 28.98
N THR B 433 2.67 12.41 29.18
CA THR B 433 3.60 12.70 28.12
C THR B 433 4.11 11.47 27.38
N THR B 434 4.52 10.42 28.07
CA THR B 434 5.08 9.30 27.33
C THR B 434 4.07 8.73 26.35
N ARG B 435 2.89 8.34 26.85
CA ARG B 435 1.84 7.77 26.02
C ARG B 435 1.39 8.69 24.89
N THR B 436 1.22 9.96 25.19
CA THR B 436 0.80 10.93 24.20
C THR B 436 1.84 11.05 23.08
N ILE B 437 3.11 11.11 23.46
CA ILE B 437 4.22 11.09 22.50
C ILE B 437 4.09 9.87 21.55
N CYS B 438 3.95 8.67 22.11
CA CYS B 438 3.75 7.52 21.25
C CYS B 438 2.58 7.75 20.29
N ALA B 439 1.46 8.20 20.83
CA ALA B 439 0.32 8.50 19.99
C ALA B 439 0.71 9.45 18.87
N ILE B 440 1.35 10.57 19.21
CA ILE B 440 1.74 11.54 18.20
C ILE B 440 2.64 10.89 17.15
N LEU B 441 3.63 10.14 17.63
CA LEU B 441 4.58 9.44 16.76
C LEU B 441 3.90 8.54 15.73
N GLU B 442 3.00 7.66 16.15
CA GLU B 442 2.37 6.76 15.18
C GLU B 442 1.40 7.46 14.23
N ASN B 443 0.79 8.53 14.69
CA ASN B 443 -0.14 9.27 13.85
C ASN B 443 0.50 10.28 12.90
N TYR B 444 1.58 10.90 13.32
CA TYR B 444 2.22 11.87 12.45
C TYR B 444 3.39 11.28 11.65
N GLN B 445 3.62 9.98 11.82
CA GLN B 445 4.77 9.34 11.20
C GLN B 445 4.64 9.38 9.71
N THR B 446 5.68 9.74 8.97
CA THR B 446 5.52 9.47 7.57
C THR B 446 6.59 8.64 6.83
N GLU B 447 7.59 9.34 6.32
CA GLU B 447 8.59 8.73 5.44
C GLU B 447 9.98 9.21 5.78
N LYS B 448 10.15 10.51 5.53
CA LYS B 448 11.25 11.32 6.00
C LYS B 448 11.35 11.31 7.54
N GLY B 449 10.20 11.26 8.22
CA GLY B 449 10.17 11.30 9.67
C GLY B 449 8.80 11.56 10.26
N ILE B 450 8.78 12.08 11.47
CA ILE B 450 7.53 12.38 12.16
C ILE B 450 7.14 13.84 11.92
N THR B 451 5.94 14.09 11.40
CA THR B 451 5.53 15.48 11.22
C THR B 451 5.18 16.10 12.56
N VAL B 452 5.65 17.30 12.82
CA VAL B 452 5.28 18.03 14.02
C VAL B 452 3.88 18.61 13.87
N PRO B 453 2.96 18.24 14.79
CA PRO B 453 1.58 18.71 14.88
C PRO B 453 1.50 20.22 14.96
N GLU B 454 0.61 20.83 14.18
CA GLU B 454 0.58 22.28 14.03
C GLU B 454 0.64 22.99 15.38
N LYS B 455 -0.23 22.56 16.29
CA LYS B 455 -0.41 23.27 17.55
C LYS B 455 0.84 23.27 18.44
N LEU B 456 1.74 22.32 18.18
CA LEU B 456 3.05 22.25 18.86
C LEU B 456 4.24 23.00 18.22
N LYS B 457 4.11 23.45 16.97
CA LYS B 457 5.26 24.00 16.24
C LYS B 457 5.91 25.14 17.00
N GLU B 458 5.12 26.06 17.53
CA GLU B 458 5.68 27.24 18.19
C GLU B 458 6.54 26.87 19.38
N PHE B 459 6.24 25.71 19.97
CA PHE B 459 6.93 25.23 21.16
C PHE B 459 8.20 24.40 20.90
N MET B 460 8.40 24.01 19.63
CA MET B 460 9.63 23.35 19.22
C MET B 460 10.73 24.38 18.99
N PRO B 461 11.98 23.94 19.13
CA PRO B 461 13.13 24.81 18.86
C PRO B 461 13.33 24.93 17.34
N PRO B 462 13.93 26.04 16.88
CA PRO B 462 14.23 26.20 15.45
C PRO B 462 15.02 25.03 14.86
N GLY B 463 14.51 24.49 13.75
CA GLY B 463 15.10 23.34 13.09
C GLY B 463 14.31 22.10 13.41
N LEU B 464 13.62 22.18 14.55
CA LEU B 464 12.68 21.14 14.95
C LEU B 464 11.20 21.41 14.72
N GLN B 465 10.83 22.57 14.18
CA GLN B 465 9.44 22.80 13.76
C GLN B 465 9.23 21.96 12.49
N GLU B 466 8.09 22.04 11.80
CA GLU B 466 8.03 21.22 10.57
C GLU B 466 8.23 19.71 10.85
N LEU B 467 9.34 19.11 10.42
CA LEU B 467 9.54 17.66 10.63
C LEU B 467 10.65 17.28 11.64
N ILE B 468 10.50 16.11 12.28
CA ILE B 468 11.52 15.41 13.08
C ILE B 468 11.98 14.18 12.31
N PRO B 469 13.23 14.21 11.81
CA PRO B 469 13.78 13.24 10.87
C PRO B 469 14.16 11.90 11.49
N PHE B 470 14.00 10.80 10.76
CA PHE B 470 14.60 9.56 11.19
C PHE B 470 16.11 9.72 10.98
N VAL B 471 16.87 9.54 12.05
CA VAL B 471 18.31 9.51 11.96
C VAL B 471 18.90 8.09 11.95
N LYS B 472 18.07 7.09 12.17
CA LYS B 472 18.58 5.75 12.40
C LYS B 472 17.61 4.69 11.90
N PRO B 473 18.11 3.49 11.58
CA PRO B 473 17.22 2.48 11.00
C PRO B 473 16.34 1.83 12.05
N ALA B 474 15.17 1.34 11.65
CA ALA B 474 14.29 0.63 12.57
C ALA B 474 14.75 -0.79 12.82
N PRO B 475 14.69 -1.26 14.07
CA PRO B 475 14.92 -2.66 14.43
C PRO B 475 14.06 -3.61 13.59
N VAL C 2 -64.10 -32.83 -14.50
CA VAL C 2 -65.15 -33.83 -14.32
C VAL C 2 -66.45 -33.21 -13.81
N LEU C 3 -67.56 -33.86 -14.15
CA LEU C 3 -68.86 -33.38 -13.67
C LEU C 3 -69.00 -33.58 -12.16
N ASP C 4 -69.84 -32.77 -11.53
CA ASP C 4 -70.23 -33.00 -10.13
C ASP C 4 -70.74 -34.44 -9.97
N LEU C 5 -70.34 -35.13 -8.91
CA LEU C 5 -70.83 -36.48 -8.70
C LEU C 5 -72.32 -36.46 -8.32
N ASP C 6 -72.76 -35.32 -7.80
CA ASP C 6 -74.15 -35.14 -7.45
C ASP C 6 -75.03 -35.02 -8.68
N LEU C 7 -74.47 -34.61 -9.80
CA LEU C 7 -75.28 -34.49 -11.00
C LEU C 7 -75.82 -35.85 -11.43
N PHE C 8 -75.23 -36.93 -10.91
CA PHE C 8 -75.62 -38.29 -11.30
C PHE C 8 -76.72 -38.86 -10.39
N ARG C 9 -77.18 -38.07 -9.44
CA ARG C 9 -78.12 -38.53 -8.46
C ARG C 9 -79.36 -37.66 -8.42
N VAL C 10 -80.49 -38.22 -8.84
CA VAL C 10 -81.72 -37.46 -8.89
C VAL C 10 -82.03 -36.91 -7.51
N ASP C 11 -81.77 -37.73 -6.50
CA ASP C 11 -82.11 -37.39 -5.12
C ASP C 11 -81.09 -36.45 -4.47
N LYS C 12 -80.02 -36.16 -5.18
CA LYS C 12 -79.16 -35.03 -4.85
C LYS C 12 -79.43 -33.80 -5.71
N GLY C 13 -80.42 -33.88 -6.57
CA GLY C 13 -80.78 -32.75 -7.40
C GLY C 13 -80.30 -32.87 -8.83
N GLY C 14 -79.68 -33.99 -9.14
CA GLY C 14 -79.08 -34.19 -10.45
C GLY C 14 -79.98 -34.66 -11.57
N ASP C 15 -79.37 -34.96 -12.71
CA ASP C 15 -80.06 -35.48 -13.90
C ASP C 15 -79.18 -36.51 -14.61
N PRO C 16 -79.08 -37.72 -14.06
CA PRO C 16 -78.27 -38.76 -14.69
C PRO C 16 -78.78 -39.07 -16.09
N ALA C 17 -80.00 -38.62 -16.39
CA ALA C 17 -80.58 -38.84 -17.72
C ALA C 17 -80.05 -37.86 -18.73
N LEU C 18 -79.88 -36.61 -18.29
CA LEU C 18 -79.44 -35.51 -19.15
C LEU C 18 -77.99 -35.71 -19.48
N ILE C 19 -77.25 -36.29 -18.54
CA ILE C 19 -75.85 -36.60 -18.78
C ILE C 19 -75.76 -37.71 -19.81
N ARG C 20 -76.56 -38.75 -19.64
CA ARG C 20 -76.49 -39.87 -20.56
C ARG C 20 -76.85 -39.41 -21.95
N GLU C 21 -77.71 -38.40 -22.00
CA GLU C 21 -78.16 -37.84 -23.27
C GLU C 21 -77.13 -36.87 -23.84
N THR C 22 -76.50 -36.07 -22.98
CA THR C 22 -75.45 -35.17 -23.44
C THR C 22 -74.32 -35.99 -24.04
N GLN C 23 -73.96 -37.05 -23.32
CA GLN C 23 -72.94 -37.96 -23.78
C GLN C 23 -73.27 -38.54 -25.17
N GLU C 24 -74.53 -38.91 -25.40
CA GLU C 24 -74.92 -39.36 -26.73
C GLU C 24 -74.78 -38.22 -27.75
N LYS C 25 -75.07 -36.98 -27.34
CA LYS C 25 -75.01 -35.83 -28.25
C LYS C 25 -73.58 -35.49 -28.64
N ARG C 26 -72.64 -35.90 -27.80
CA ARG C 26 -71.25 -35.67 -28.11
C ARG C 26 -70.65 -36.80 -28.92
N PHE C 27 -71.41 -37.85 -29.20
CA PHE C 27 -70.87 -38.98 -29.96
C PHE C 27 -69.84 -39.84 -29.24
N LYS C 28 -69.57 -39.47 -27.98
CA LYS C 28 -69.00 -40.34 -26.94
C LYS C 28 -70.01 -41.40 -26.43
N ASP C 29 -69.49 -42.42 -25.73
CA ASP C 29 -70.24 -43.64 -25.36
C ASP C 29 -71.13 -43.57 -24.10
N PRO C 30 -72.46 -43.67 -24.27
CA PRO C 30 -73.43 -43.64 -23.17
C PRO C 30 -73.30 -44.83 -22.23
N GLY C 31 -72.81 -45.94 -22.74
CA GLY C 31 -72.57 -47.11 -21.91
C GLY C 31 -71.68 -46.82 -20.71
N LEU C 32 -70.81 -45.81 -20.85
CA LEU C 32 -69.92 -45.41 -19.76
C LEU C 32 -70.67 -44.74 -18.64
N VAL C 33 -71.71 -43.98 -18.99
CA VAL C 33 -72.52 -43.33 -17.98
C VAL C 33 -73.35 -44.37 -17.26
N ASP C 34 -73.89 -45.33 -18.02
CA ASP C 34 -74.69 -46.42 -17.46
C ASP C 34 -73.93 -47.14 -16.35
N GLN C 35 -72.64 -47.39 -16.60
CA GLN C 35 -71.78 -48.08 -15.64
C GLN C 35 -71.56 -47.30 -14.37
N LEU C 36 -71.25 -46.02 -14.49
CA LEU C 36 -71.10 -45.16 -13.33
C LEU C 36 -72.37 -45.18 -12.48
N VAL C 37 -73.51 -45.04 -13.13
CA VAL C 37 -74.81 -44.98 -12.45
C VAL C 37 -75.15 -46.30 -11.75
N LYS C 38 -74.85 -47.41 -12.41
CA LYS C 38 -75.04 -48.72 -11.77
C LYS C 38 -74.11 -48.85 -10.56
N ALA C 39 -72.82 -48.66 -10.75
CA ALA C 39 -71.89 -48.81 -9.64
C ALA C 39 -72.34 -47.98 -8.45
N ASP C 40 -72.70 -46.73 -8.72
CA ASP C 40 -73.07 -45.80 -7.68
C ASP C 40 -74.30 -46.30 -6.92
N SER C 41 -75.27 -46.84 -7.65
CA SER C 41 -76.50 -47.33 -7.04
C SER C 41 -76.27 -48.54 -6.17
N GLU C 42 -75.58 -49.54 -6.71
CA GLU C 42 -75.26 -50.72 -5.94
C GLU C 42 -74.58 -50.34 -4.64
N TRP C 43 -73.67 -49.36 -4.69
CA TRP C 43 -73.00 -48.94 -3.48
C TRP C 43 -73.93 -48.22 -2.52
N ARG C 44 -74.65 -47.21 -3.00
CA ARG C 44 -75.49 -46.43 -2.12
C ARG C 44 -76.66 -47.25 -1.61
N ARG C 45 -77.03 -48.29 -2.34
CA ARG C 45 -78.08 -49.18 -1.85
C ARG C 45 -77.58 -50.03 -0.68
N CYS C 46 -76.46 -50.71 -0.85
CA CYS C 46 -75.85 -51.48 0.24
C CYS C 46 -75.69 -50.61 1.46
N ARG C 47 -75.20 -49.40 1.23
CA ARG C 47 -75.00 -48.42 2.28
C ARG C 47 -76.30 -48.10 3.03
N PHE C 48 -77.38 -47.95 2.27
CA PHE C 48 -78.70 -47.57 2.79
C PHE C 48 -79.37 -48.72 3.55
N ARG C 49 -79.24 -49.94 3.01
CA ARG C 49 -79.67 -51.14 3.72
C ARG C 49 -79.03 -51.24 5.09
N ALA C 50 -77.69 -51.36 5.10
CA ALA C 50 -76.90 -51.47 6.33
C ALA C 50 -77.25 -50.38 7.35
N ASP C 51 -77.27 -49.12 6.92
CA ASP C 51 -77.65 -48.03 7.81
C ASP C 51 -79.08 -48.16 8.34
N ASN C 52 -80.04 -48.39 7.44
CA ASN C 52 -81.44 -48.50 7.84
C ASN C 52 -81.74 -49.79 8.61
N LEU C 53 -81.02 -50.86 8.28
CA LEU C 53 -81.05 -52.09 9.05
C LEU C 53 -80.67 -51.81 10.51
N ASN C 54 -79.42 -51.38 10.71
CA ASN C 54 -78.93 -51.03 12.05
C ASN C 54 -79.84 -50.07 12.83
N LYS C 55 -80.32 -49.02 12.17
CA LYS C 55 -81.24 -48.11 12.83
C LYS C 55 -82.44 -48.88 13.41
N LEU C 56 -82.80 -49.99 12.75
CA LEU C 56 -83.89 -50.86 13.20
C LEU C 56 -83.46 -51.77 14.35
N LYS C 57 -82.20 -52.20 14.34
CA LYS C 57 -81.65 -52.98 15.44
C LYS C 57 -81.64 -52.16 16.74
N ASN C 58 -81.57 -50.85 16.62
CA ASN C 58 -81.67 -49.95 17.76
C ASN C 58 -83.09 -49.83 18.32
N LEU C 59 -84.06 -49.55 17.45
CA LEU C 59 -85.47 -49.50 17.85
C LEU C 59 -85.95 -50.89 18.25
N CYS C 60 -85.29 -51.90 17.68
CA CYS C 60 -85.51 -53.29 18.06
C CYS C 60 -85.14 -53.46 19.54
N SER C 61 -83.91 -53.13 19.89
CA SER C 61 -83.37 -53.35 21.24
C SER C 61 -83.87 -52.32 22.27
N LYS C 62 -84.25 -51.14 21.78
CA LYS C 62 -84.69 -50.04 22.65
C LYS C 62 -86.12 -50.21 23.15
N THR C 63 -86.96 -50.87 22.36
CA THR C 63 -88.30 -51.21 22.81
C THR C 63 -88.25 -52.45 23.72
N ILE C 64 -87.19 -53.25 23.57
CA ILE C 64 -86.92 -54.34 24.51
C ILE C 64 -86.60 -53.77 25.89
N GLY C 65 -85.98 -52.59 25.91
CA GLY C 65 -85.60 -51.93 27.14
C GLY C 65 -86.77 -51.44 27.97
N GLU C 66 -87.75 -50.83 27.31
CA GLU C 66 -88.90 -50.25 28.00
C GLU C 66 -89.93 -51.30 28.43
N LYS C 67 -89.99 -52.39 27.67
CA LYS C 67 -90.89 -53.50 27.97
C LYS C 67 -90.24 -54.58 28.85
N MET C 68 -88.93 -54.46 29.09
CA MET C 68 -88.24 -55.31 30.07
C MET C 68 -88.50 -54.78 31.48
N LYS C 69 -88.71 -53.48 31.60
CA LYS C 69 -89.09 -52.85 32.87
C LYS C 69 -90.41 -53.39 33.39
N LYS C 70 -91.46 -53.26 32.59
CA LYS C 70 -92.77 -53.81 32.93
C LYS C 70 -92.75 -55.35 32.95
N LYS C 71 -91.65 -55.93 32.45
CA LYS C 71 -91.45 -57.37 32.35
C LYS C 71 -92.52 -58.05 31.48
N GLU C 72 -93.18 -59.07 32.04
CA GLU C 72 -94.28 -59.78 31.37
C GLU C 72 -94.03 -60.14 29.90
N PRO C 73 -93.05 -61.02 29.64
CA PRO C 73 -92.74 -61.57 28.32
C PRO C 73 -91.58 -62.57 28.35
N ASP C 77 -94.94 -65.54 23.02
CA ASP C 77 -95.50 -66.34 21.94
C ASP C 77 -94.47 -67.34 21.38
N GLU C 78 -94.61 -67.66 20.09
CA GLU C 78 -93.73 -68.63 19.42
C GLU C 78 -93.15 -68.10 18.11
N SER C 79 -94.03 -67.87 17.13
CA SER C 79 -93.67 -67.43 15.77
C SER C 79 -93.28 -65.96 15.62
N VAL C 80 -92.58 -65.66 14.53
CA VAL C 80 -92.33 -64.28 14.09
C VAL C 80 -93.42 -63.87 13.11
N PRO C 81 -94.10 -62.73 13.36
CA PRO C 81 -95.19 -62.28 12.48
C PRO C 81 -94.66 -61.88 11.10
N GLU C 82 -95.39 -62.18 10.03
CA GLU C 82 -94.86 -61.94 8.69
C GLU C 82 -95.09 -60.51 8.22
N ASN C 83 -95.91 -59.78 8.96
CA ASN C 83 -96.31 -58.43 8.59
C ASN C 83 -95.50 -57.30 9.21
N VAL C 84 -94.45 -57.67 9.94
CA VAL C 84 -93.44 -56.70 10.38
C VAL C 84 -92.16 -56.67 9.54
N LEU C 85 -92.06 -57.52 8.52
CA LEU C 85 -90.78 -57.81 7.88
C LEU C 85 -90.30 -56.98 6.66
N SER C 86 -91.04 -55.96 6.27
CA SER C 86 -90.47 -54.85 5.48
C SER C 86 -89.79 -53.79 6.37
N PHE C 87 -88.88 -53.00 5.81
CA PHE C 87 -88.40 -51.79 6.49
C PHE C 87 -89.60 -50.93 6.88
N ASP C 88 -90.63 -50.93 6.05
CA ASP C 88 -91.75 -50.02 6.21
C ASP C 88 -92.74 -50.47 7.27
N ASP C 89 -92.92 -51.78 7.38
CA ASP C 89 -93.92 -52.35 8.25
C ASP C 89 -93.38 -52.65 9.65
N LEU C 90 -92.10 -52.41 9.85
CA LEU C 90 -91.50 -52.59 11.17
C LEU C 90 -91.32 -51.20 11.77
N THR C 91 -92.15 -50.89 12.76
CA THR C 91 -92.40 -49.48 13.08
C THR C 91 -92.46 -49.19 14.58
N ALA C 92 -92.71 -47.93 14.93
CA ALA C 92 -92.99 -47.55 16.30
C ALA C 92 -94.18 -48.35 16.82
N ASP C 93 -95.36 -48.07 16.27
CA ASP C 93 -96.59 -48.72 16.69
C ASP C 93 -96.49 -50.24 16.69
N ALA C 94 -96.09 -50.81 15.56
CA ALA C 94 -96.09 -52.26 15.37
C ALA C 94 -95.17 -53.01 16.33
N LEU C 95 -94.30 -52.30 17.02
CA LEU C 95 -93.37 -52.97 17.94
C LEU C 95 -93.91 -53.24 19.35
N ALA C 96 -95.02 -52.59 19.69
CA ALA C 96 -95.67 -52.79 20.99
C ALA C 96 -95.94 -54.28 21.20
N ASN C 97 -96.63 -54.86 20.23
CA ASN C 97 -96.99 -56.28 20.22
C ASN C 97 -95.80 -57.19 19.93
N LEU C 98 -95.93 -58.46 20.29
CA LEU C 98 -94.83 -59.43 20.30
C LEU C 98 -94.08 -59.33 21.62
N LYS C 99 -94.46 -58.33 22.41
CA LYS C 99 -93.82 -58.06 23.70
C LYS C 99 -92.31 -58.04 23.52
N VAL C 100 -91.57 -58.61 24.47
CA VAL C 100 -90.13 -58.79 24.31
C VAL C 100 -89.69 -60.19 23.85
N SER C 101 -90.65 -61.11 23.74
CA SER C 101 -90.32 -62.52 23.52
C SER C 101 -89.80 -62.86 22.12
N GLN C 102 -90.56 -62.49 21.11
CA GLN C 102 -90.21 -62.82 19.73
C GLN C 102 -89.42 -61.71 19.04
N ILE C 103 -89.33 -60.56 19.68
CA ILE C 103 -88.49 -59.48 19.18
C ILE C 103 -87.04 -59.95 19.19
N LYS C 104 -86.74 -60.90 20.07
CA LYS C 104 -85.46 -61.61 20.03
C LYS C 104 -85.28 -62.28 18.68
N LYS C 105 -86.30 -63.02 18.25
CA LYS C 105 -86.26 -63.77 17.00
C LYS C 105 -86.13 -62.83 15.82
N VAL C 106 -86.72 -61.63 15.96
CA VAL C 106 -86.69 -60.60 14.94
C VAL C 106 -85.36 -59.85 14.82
N ARG C 107 -84.75 -59.49 15.95
CA ARG C 107 -83.44 -58.85 15.92
C ARG C 107 -82.41 -59.77 15.28
N LEU C 108 -82.64 -61.08 15.36
CA LEU C 108 -81.72 -62.05 14.75
C LEU C 108 -81.81 -62.02 13.23
N LEU C 109 -83.02 -61.76 12.73
CA LEU C 109 -83.26 -61.70 11.30
C LEU C 109 -82.68 -60.44 10.68
N ILE C 110 -82.72 -59.34 11.44
CA ILE C 110 -82.12 -58.09 11.01
C ILE C 110 -80.60 -58.25 10.90
N ASP C 111 -79.97 -58.75 11.95
CA ASP C 111 -78.51 -58.83 11.99
C ASP C 111 -78.01 -59.79 10.92
N GLU C 112 -78.76 -60.84 10.65
CA GLU C 112 -78.39 -61.78 9.61
C GLU C 112 -78.42 -61.08 8.25
N ALA C 113 -79.22 -60.02 8.18
CA ALA C 113 -79.35 -59.22 6.96
C ALA C 113 -78.23 -58.20 6.75
N ILE C 114 -77.68 -57.65 7.83
CA ILE C 114 -76.62 -56.65 7.72
C ILE C 114 -75.38 -57.21 7.00
N LEU C 115 -74.95 -56.50 5.97
CA LEU C 115 -73.89 -56.96 5.08
C LEU C 115 -72.83 -55.87 4.94
N LYS C 116 -71.66 -56.24 4.42
CA LYS C 116 -70.56 -55.30 4.20
C LYS C 116 -70.60 -54.61 2.83
N CYS C 117 -70.22 -53.33 2.80
CA CYS C 117 -70.27 -52.52 1.59
C CYS C 117 -68.98 -52.63 0.78
N ASP C 118 -68.08 -53.51 1.20
CA ASP C 118 -66.72 -53.56 0.65
C ASP C 118 -66.63 -53.74 -0.85
N ALA C 119 -67.19 -54.83 -1.36
CA ALA C 119 -67.00 -55.17 -2.77
C ALA C 119 -67.48 -54.04 -3.70
N GLU C 120 -68.63 -53.44 -3.37
CA GLU C 120 -69.26 -52.43 -4.22
C GLU C 120 -68.68 -51.03 -4.06
N ARG C 121 -68.02 -50.77 -2.93
CA ARG C 121 -67.36 -49.48 -2.71
C ARG C 121 -66.06 -49.46 -3.51
N ILE C 122 -65.43 -50.62 -3.64
CA ILE C 122 -64.25 -50.77 -4.47
C ILE C 122 -64.67 -50.65 -5.93
N LYS C 123 -65.63 -51.45 -6.34
CA LYS C 123 -66.13 -51.41 -7.72
C LYS C 123 -66.50 -49.99 -8.13
N LEU C 124 -67.12 -49.24 -7.21
CA LEU C 124 -67.46 -47.85 -7.46
C LEU C 124 -66.23 -46.96 -7.71
N GLU C 125 -65.30 -46.93 -6.75
CA GLU C 125 -64.13 -46.05 -6.84
C GLU C 125 -63.31 -46.27 -8.13
N ALA C 126 -63.26 -47.51 -8.57
CA ALA C 126 -62.54 -47.90 -9.78
C ALA C 126 -63.31 -47.43 -11.01
N GLU C 127 -64.62 -47.63 -10.99
CA GLU C 127 -65.47 -47.12 -12.06
C GLU C 127 -65.39 -45.61 -12.18
N ARG C 128 -65.42 -44.91 -11.04
CA ARG C 128 -65.27 -43.45 -11.06
C ARG C 128 -63.96 -43.06 -11.71
N PHE C 129 -62.86 -43.56 -11.13
CA PHE C 129 -61.48 -43.24 -11.52
C PHE C 129 -61.21 -43.49 -13.00
N GLU C 130 -61.72 -44.61 -13.49
CA GLU C 130 -61.52 -45.02 -14.88
C GLU C 130 -62.39 -44.20 -15.84
N ASN C 131 -63.71 -44.30 -15.68
CA ASN C 131 -64.67 -43.65 -16.58
C ASN C 131 -65.06 -42.16 -16.43
N LEU C 132 -65.06 -41.65 -15.20
CA LEU C 132 -65.57 -40.30 -14.95
C LEU C 132 -64.93 -39.21 -15.85
N ARG C 133 -63.70 -39.43 -16.26
CA ARG C 133 -62.97 -38.46 -17.08
C ARG C 133 -63.35 -38.60 -18.54
N GLU C 134 -63.96 -39.73 -18.87
CA GLU C 134 -64.39 -40.03 -20.22
C GLU C 134 -65.80 -39.50 -20.49
N ILE C 135 -66.43 -38.95 -19.46
CA ILE C 135 -67.74 -38.30 -19.59
C ILE C 135 -67.63 -36.78 -19.71
N GLY C 136 -68.19 -36.23 -20.78
CA GLY C 136 -68.04 -34.83 -21.11
C GLY C 136 -69.00 -33.87 -20.44
N ASN C 137 -68.66 -32.60 -20.48
CA ASN C 137 -69.42 -31.57 -19.79
C ASN C 137 -70.80 -31.40 -20.44
N LEU C 138 -71.73 -30.77 -19.73
CA LEU C 138 -73.01 -30.44 -20.35
C LEU C 138 -72.80 -29.53 -21.58
N LEU C 139 -73.69 -29.58 -22.56
CA LEU C 139 -73.61 -28.72 -23.74
C LEU C 139 -74.42 -27.44 -23.63
N HIS C 140 -73.91 -26.37 -24.22
CA HIS C 140 -74.73 -25.19 -24.36
C HIS C 140 -75.76 -25.41 -25.46
N PRO C 141 -76.98 -24.89 -25.23
CA PRO C 141 -78.11 -25.03 -26.14
C PRO C 141 -77.78 -24.69 -27.59
N SER C 142 -76.84 -23.78 -27.83
CA SER C 142 -76.53 -23.37 -29.21
C SER C 142 -75.57 -24.31 -29.97
N VAL C 143 -74.93 -25.24 -29.26
CA VAL C 143 -74.03 -26.17 -29.93
C VAL C 143 -74.82 -27.07 -30.86
N PRO C 144 -74.48 -27.04 -32.17
CA PRO C 144 -75.03 -27.95 -33.18
C PRO C 144 -74.77 -29.41 -32.81
N ILE C 145 -75.72 -30.33 -32.98
CA ILE C 145 -75.42 -31.71 -32.62
C ILE C 145 -75.08 -32.50 -33.87
N SER C 146 -73.80 -32.78 -34.06
CA SER C 146 -73.31 -33.56 -35.19
C SER C 146 -71.92 -34.08 -34.90
N ASN C 147 -71.52 -35.14 -35.60
CA ASN C 147 -70.13 -35.54 -35.57
C ASN C 147 -69.29 -35.07 -36.77
N ASP C 148 -69.90 -34.32 -37.69
CA ASP C 148 -69.25 -34.01 -38.98
C ASP C 148 -68.34 -32.77 -38.99
N GLU C 149 -68.93 -31.60 -38.79
CA GLU C 149 -68.19 -30.34 -38.58
C GLU C 149 -67.62 -29.73 -39.83
N ASP C 150 -67.54 -30.49 -40.91
CA ASP C 150 -67.23 -29.90 -42.21
C ASP C 150 -68.55 -29.41 -42.76
N VAL C 151 -69.46 -30.35 -42.97
CA VAL C 151 -70.83 -30.05 -43.30
C VAL C 151 -71.54 -29.26 -42.20
N ASP C 152 -71.36 -29.70 -40.96
CA ASP C 152 -72.22 -29.26 -39.85
C ASP C 152 -71.81 -28.06 -38.95
N ASN C 153 -70.59 -27.56 -39.07
CA ASN C 153 -70.24 -26.34 -38.32
C ASN C 153 -71.16 -25.18 -38.70
N LYS C 154 -71.61 -24.41 -37.72
CA LYS C 154 -72.61 -23.37 -37.97
C LYS C 154 -71.94 -22.00 -38.09
N VAL C 155 -72.08 -21.32 -39.24
CA VAL C 155 -71.42 -20.02 -39.38
C VAL C 155 -72.31 -18.96 -38.75
N GLU C 156 -71.84 -18.33 -37.69
CA GLU C 156 -72.69 -17.44 -36.91
C GLU C 156 -72.66 -15.96 -37.33
N ARG C 157 -71.75 -15.60 -38.22
CA ARG C 157 -71.39 -14.20 -38.41
C ARG C 157 -70.37 -14.11 -39.53
N ILE C 158 -70.22 -12.94 -40.12
CA ILE C 158 -69.18 -12.74 -41.12
C ILE C 158 -68.83 -11.26 -41.22
N TRP C 159 -67.59 -10.98 -41.64
CA TRP C 159 -67.08 -9.62 -41.68
C TRP C 159 -66.10 -9.42 -42.82
N GLY C 160 -66.16 -8.26 -43.47
CA GLY C 160 -65.28 -7.96 -44.58
C GLY C 160 -65.53 -8.89 -45.75
N ASP C 161 -64.77 -8.72 -46.82
CA ASP C 161 -65.01 -9.49 -48.03
C ASP C 161 -64.17 -10.77 -48.05
N CYS C 162 -64.85 -11.90 -47.89
CA CYS C 162 -64.23 -13.22 -47.85
C CYS C 162 -64.22 -13.89 -49.22
N THR C 163 -64.65 -13.17 -50.25
CA THR C 163 -64.49 -13.68 -51.62
C THR C 163 -63.28 -13.25 -52.44
N VAL C 164 -62.52 -12.24 -51.98
CA VAL C 164 -61.37 -11.70 -52.75
C VAL C 164 -60.31 -12.74 -53.11
N ARG C 165 -59.67 -12.57 -54.25
CA ARG C 165 -58.53 -13.44 -54.59
C ARG C 165 -57.30 -12.61 -54.99
N LYS C 166 -56.15 -12.91 -54.37
CA LYS C 166 -54.93 -12.18 -54.69
C LYS C 166 -53.83 -13.12 -55.22
N LYS C 167 -52.84 -12.56 -55.91
CA LYS C 167 -51.88 -13.35 -56.70
C LYS C 167 -51.21 -14.46 -55.89
N TYR C 168 -50.68 -14.10 -54.72
CA TYR C 168 -49.74 -14.96 -53.98
C TYR C 168 -50.23 -15.48 -52.61
N SER C 169 -49.97 -16.76 -52.35
CA SER C 169 -50.11 -17.35 -51.03
C SER C 169 -49.01 -16.93 -50.05
N HIS C 170 -49.26 -17.15 -48.75
CA HIS C 170 -48.26 -16.86 -47.73
C HIS C 170 -46.93 -17.63 -47.95
N VAL C 171 -47.00 -18.84 -48.52
CA VAL C 171 -45.81 -19.65 -48.71
C VAL C 171 -44.82 -18.96 -49.65
N ASP C 172 -45.35 -18.33 -50.69
CA ASP C 172 -44.51 -17.56 -51.59
C ASP C 172 -44.15 -16.20 -50.98
N LEU C 173 -45.14 -15.48 -50.47
CA LEU C 173 -44.91 -14.13 -49.93
C LEU C 173 -43.80 -14.13 -48.87
N VAL C 174 -43.82 -15.15 -48.02
CA VAL C 174 -42.93 -15.21 -46.87
C VAL C 174 -41.45 -15.15 -47.31
N VAL C 175 -41.15 -15.81 -48.42
CA VAL C 175 -39.82 -15.82 -49.01
C VAL C 175 -39.50 -14.52 -49.75
N MET C 176 -40.45 -14.02 -50.53
CA MET C 176 -40.24 -12.81 -51.31
C MET C 176 -39.88 -11.58 -50.47
N VAL C 177 -40.21 -11.59 -49.18
CA VAL C 177 -39.86 -10.47 -48.30
C VAL C 177 -38.52 -10.64 -47.59
N ASP C 178 -37.88 -11.80 -47.80
CA ASP C 178 -36.62 -12.18 -47.12
C ASP C 178 -36.84 -12.26 -45.62
N GLY C 179 -37.91 -12.93 -45.24
CA GLY C 179 -38.22 -13.18 -43.84
C GLY C 179 -38.14 -14.62 -43.38
N PHE C 180 -37.66 -15.50 -44.24
CA PHE C 180 -37.85 -16.93 -43.98
C PHE C 180 -36.68 -17.81 -44.38
N GLU C 181 -36.26 -18.68 -43.47
CA GLU C 181 -35.41 -19.81 -43.85
C GLU C 181 -36.02 -21.12 -43.33
N GLY C 182 -36.55 -21.93 -44.24
CA GLY C 182 -37.08 -23.25 -43.90
C GLY C 182 -36.27 -24.46 -44.33
N GLU C 183 -35.31 -24.23 -45.23
CA GLU C 183 -34.45 -25.32 -45.69
C GLU C 183 -33.44 -25.62 -44.60
N LYS C 184 -32.80 -24.57 -44.09
CA LYS C 184 -31.83 -24.68 -43.01
C LYS C 184 -32.58 -24.86 -41.68
N GLY C 185 -33.75 -24.26 -41.58
CA GLY C 185 -34.58 -24.41 -40.40
C GLY C 185 -34.88 -25.87 -40.16
N ALA C 186 -35.08 -26.61 -41.24
CA ALA C 186 -35.48 -28.03 -41.19
C ALA C 186 -34.32 -28.98 -40.87
N VAL C 187 -33.13 -28.64 -41.37
CA VAL C 187 -31.93 -29.38 -41.02
C VAL C 187 -31.59 -29.24 -39.52
N VAL C 188 -31.83 -28.05 -38.96
CA VAL C 188 -31.58 -27.78 -37.54
C VAL C 188 -32.57 -28.40 -36.52
N ALA C 189 -33.86 -28.13 -36.68
CA ALA C 189 -34.87 -28.64 -35.75
C ALA C 189 -35.66 -29.89 -36.16
N GLY C 190 -35.43 -30.41 -37.36
CA GLY C 190 -36.27 -31.48 -37.88
C GLY C 190 -37.33 -31.00 -38.87
N SER C 191 -38.29 -31.86 -39.19
CA SER C 191 -39.31 -31.50 -40.17
C SER C 191 -40.12 -30.29 -39.70
N ARG C 192 -40.31 -29.33 -40.59
CA ARG C 192 -41.16 -28.16 -40.33
C ARG C 192 -40.49 -27.03 -39.51
N GLY C 193 -39.25 -27.23 -39.07
CA GLY C 193 -38.48 -26.19 -38.40
C GLY C 193 -38.22 -24.99 -39.31
N TYR C 194 -37.98 -23.82 -38.72
CA TYR C 194 -37.74 -22.62 -39.52
C TYR C 194 -36.93 -21.58 -38.74
N PHE C 195 -36.26 -20.68 -39.47
CA PHE C 195 -35.77 -19.41 -38.94
C PHE C 195 -36.65 -18.30 -39.49
N LEU C 196 -37.16 -17.43 -38.64
CA LEU C 196 -37.85 -16.23 -39.12
C LEU C 196 -36.83 -15.08 -39.12
N LYS C 197 -36.74 -14.32 -40.21
CA LYS C 197 -35.73 -13.26 -40.25
C LYS C 197 -36.19 -11.89 -40.73
N GLY C 198 -35.47 -10.86 -40.31
CA GLY C 198 -35.67 -9.54 -40.87
C GLY C 198 -37.02 -8.93 -40.57
N VAL C 199 -37.72 -8.57 -41.62
CA VAL C 199 -39.01 -7.90 -41.52
C VAL C 199 -40.05 -8.69 -40.71
N LEU C 200 -40.07 -10.01 -40.88
CA LEU C 200 -41.03 -10.82 -40.13
C LEU C 200 -40.73 -10.86 -38.61
N VAL C 201 -39.49 -10.61 -38.22
CA VAL C 201 -39.23 -10.54 -36.81
C VAL C 201 -39.86 -9.27 -36.25
N PHE C 202 -39.72 -8.18 -36.99
CA PHE C 202 -40.31 -6.92 -36.57
C PHE C 202 -41.83 -6.99 -36.61
N LEU C 203 -42.35 -7.54 -37.70
CA LEU C 203 -43.79 -7.71 -37.85
C LEU C 203 -44.40 -8.43 -36.66
N GLU C 204 -43.81 -9.56 -36.28
CA GLU C 204 -44.30 -10.34 -35.15
C GLU C 204 -44.21 -9.57 -33.82
N GLN C 205 -43.18 -8.76 -33.65
CA GLN C 205 -43.03 -7.97 -32.44
C GLN C 205 -44.10 -6.91 -32.41
N ALA C 206 -44.38 -6.35 -33.58
CA ALA C 206 -45.42 -5.36 -33.71
C ALA C 206 -46.72 -5.97 -33.21
N LEU C 207 -47.09 -7.12 -33.78
CA LEU C 207 -48.27 -7.88 -33.41
C LEU C 207 -48.38 -8.14 -31.92
N ILE C 208 -47.30 -8.62 -31.32
CA ILE C 208 -47.31 -8.91 -29.91
C ILE C 208 -47.52 -7.63 -29.11
N GLN C 209 -47.01 -6.51 -29.60
CA GLN C 209 -47.21 -5.24 -28.89
C GLN C 209 -48.66 -4.79 -29.00
N TYR C 210 -49.16 -4.70 -30.22
CA TYR C 210 -50.55 -4.33 -30.44
C TYR C 210 -51.47 -5.27 -29.66
N ALA C 211 -51.23 -6.57 -29.76
CA ALA C 211 -52.02 -7.54 -28.99
C ALA C 211 -51.95 -7.40 -27.46
N LEU C 212 -50.81 -6.98 -26.92
CA LEU C 212 -50.74 -6.80 -25.47
C LEU C 212 -51.39 -5.50 -25.02
N ARG C 213 -51.28 -4.45 -25.85
CA ARG C 213 -51.94 -3.19 -25.53
C ARG C 213 -53.45 -3.34 -25.59
N THR C 214 -53.95 -3.97 -26.64
CA THR C 214 -55.37 -4.24 -26.80
C THR C 214 -55.97 -4.92 -25.55
N LEU C 215 -55.37 -6.02 -25.11
CA LEU C 215 -55.93 -6.78 -24.00
C LEU C 215 -55.65 -6.13 -22.66
N GLY C 216 -54.56 -5.37 -22.58
CA GLY C 216 -54.16 -4.72 -21.33
C GLY C 216 -55.12 -3.60 -20.96
N SER C 217 -55.69 -2.98 -22.00
CA SER C 217 -56.63 -1.89 -21.82
C SER C 217 -58.07 -2.37 -21.62
N ARG C 218 -58.33 -3.66 -21.83
CA ARG C 218 -59.60 -4.28 -21.41
C ARG C 218 -59.48 -4.89 -20.02
N GLY C 219 -58.35 -4.69 -19.36
CA GLY C 219 -58.23 -5.12 -17.98
C GLY C 219 -57.56 -6.46 -17.81
N TYR C 220 -57.02 -7.00 -18.91
CA TYR C 220 -56.25 -8.23 -18.85
C TYR C 220 -54.86 -7.99 -18.26
N ILE C 221 -54.42 -8.88 -17.38
CA ILE C 221 -53.09 -8.81 -16.83
C ILE C 221 -52.18 -9.63 -17.72
N PRO C 222 -51.23 -8.98 -18.44
CA PRO C 222 -50.36 -9.80 -19.29
C PRO C 222 -49.50 -10.67 -18.41
N ILE C 223 -49.21 -11.88 -18.87
CA ILE C 223 -48.56 -12.84 -18.03
C ILE C 223 -47.67 -13.73 -18.89
N TYR C 224 -46.52 -14.06 -18.35
CA TYR C 224 -45.51 -14.73 -19.14
C TYR C 224 -45.41 -16.08 -18.47
N THR C 225 -45.57 -17.12 -19.28
CA THR C 225 -45.63 -18.50 -18.79
C THR C 225 -44.28 -19.21 -18.78
N PRO C 226 -44.01 -20.04 -17.75
CA PRO C 226 -42.94 -21.00 -18.03
C PRO C 226 -43.37 -21.95 -19.17
N PHE C 227 -42.41 -22.44 -19.96
CA PHE C 227 -42.72 -23.33 -21.10
C PHE C 227 -42.61 -24.80 -20.72
N PHE C 228 -42.36 -25.05 -19.43
CA PHE C 228 -42.32 -26.39 -18.86
C PHE C 228 -43.57 -26.65 -18.06
N MET C 229 -44.01 -27.90 -18.04
CA MET C 229 -44.85 -28.38 -16.97
C MET C 229 -44.14 -29.60 -16.42
N ARG C 230 -44.45 -30.01 -15.20
CA ARG C 230 -43.94 -31.28 -14.70
C ARG C 230 -45.02 -32.35 -14.90
N LYS C 231 -44.59 -33.56 -15.25
CA LYS C 231 -45.53 -34.63 -15.62
C LYS C 231 -46.63 -34.80 -14.57
N GLU C 232 -46.29 -34.56 -13.31
CA GLU C 232 -47.25 -34.63 -12.20
C GLU C 232 -48.27 -33.49 -12.25
N VAL C 233 -47.80 -32.29 -12.60
CA VAL C 233 -48.65 -31.11 -12.66
C VAL C 233 -49.48 -31.08 -13.95
N MET C 234 -48.97 -31.75 -14.97
CA MET C 234 -49.65 -31.84 -16.26
C MET C 234 -50.77 -32.89 -16.24
N GLN C 235 -50.53 -34.00 -15.54
CA GLN C 235 -51.50 -35.10 -15.45
C GLN C 235 -52.87 -34.64 -14.95
N GLU C 236 -52.88 -33.57 -14.16
CA GLU C 236 -54.11 -32.92 -13.70
C GLU C 236 -54.74 -31.95 -14.72
N VAL C 237 -53.91 -31.14 -15.36
CA VAL C 237 -54.38 -29.93 -16.05
C VAL C 237 -54.99 -30.05 -17.46
N ALA C 238 -54.40 -30.89 -18.32
CA ALA C 238 -54.77 -30.91 -19.74
C ALA C 238 -56.21 -31.37 -20.04
N GLN C 239 -56.97 -30.53 -20.75
CA GLN C 239 -58.35 -30.85 -21.15
C GLN C 239 -58.38 -31.78 -22.40
N LEU C 240 -59.47 -32.53 -22.57
CA LEU C 240 -59.45 -33.77 -23.36
C LEU C 240 -58.37 -34.64 -22.72
N SER C 241 -57.54 -35.29 -23.53
CA SER C 241 -56.20 -35.63 -23.08
C SER C 241 -55.23 -35.15 -24.17
N GLN C 242 -54.45 -34.13 -23.84
CA GLN C 242 -53.35 -33.70 -24.70
C GLN C 242 -52.19 -34.52 -24.18
N PHE C 243 -52.49 -35.26 -23.10
CA PHE C 243 -51.58 -36.18 -22.44
C PHE C 243 -51.11 -37.29 -23.38
N ASP C 244 -52.07 -37.95 -24.05
CA ASP C 244 -51.77 -39.04 -24.99
C ASP C 244 -51.66 -38.58 -26.45
N GLU C 245 -51.88 -37.29 -26.69
CA GLU C 245 -51.78 -36.69 -28.02
C GLU C 245 -50.34 -36.24 -28.24
N GLU C 246 -49.49 -36.61 -27.28
CA GLU C 246 -48.04 -36.46 -27.40
C GLU C 246 -47.52 -35.03 -27.57
N LEU C 247 -47.60 -34.24 -26.50
CA LEU C 247 -46.80 -33.03 -26.38
C LEU C 247 -45.36 -33.48 -26.12
N TYR C 248 -44.40 -32.61 -26.40
CA TYR C 248 -42.99 -32.98 -26.24
C TYR C 248 -42.65 -33.29 -24.78
N LYS C 249 -41.78 -34.27 -24.57
CA LYS C 249 -41.36 -34.64 -23.23
C LYS C 249 -39.94 -34.16 -22.99
N VAL C 250 -39.70 -33.53 -21.84
CA VAL C 250 -38.37 -33.06 -21.46
C VAL C 250 -37.73 -34.04 -20.46
N ILE C 251 -36.55 -34.54 -20.80
CA ILE C 251 -35.85 -35.49 -19.92
C ILE C 251 -35.18 -34.81 -18.72
N GLY C 252 -34.45 -33.72 -18.96
CA GLY C 252 -33.75 -33.01 -17.90
C GLY C 252 -32.55 -33.73 -17.32
N LYS C 253 -32.47 -33.79 -15.99
CA LYS C 253 -31.37 -34.48 -15.29
C LYS C 253 -31.78 -35.87 -14.77
N TYR C 263 -35.74 -31.30 -12.34
CA TYR C 263 -34.91 -31.92 -13.37
C TYR C 263 -35.32 -33.37 -13.67
N ASP C 264 -36.61 -33.66 -13.55
CA ASP C 264 -37.12 -35.00 -13.85
C ASP C 264 -38.47 -35.00 -14.57
N GLU C 265 -38.54 -35.69 -15.71
CA GLU C 265 -39.80 -35.99 -16.41
C GLU C 265 -40.82 -34.83 -16.54
N LYS C 266 -40.50 -33.82 -17.36
CA LYS C 266 -41.42 -32.70 -17.59
C LYS C 266 -41.93 -32.66 -19.05
N TYR C 267 -42.81 -31.71 -19.36
CA TYR C 267 -43.35 -31.58 -20.71
C TYR C 267 -43.12 -30.18 -21.25
N LEU C 268 -43.53 -29.95 -22.49
CA LEU C 268 -43.47 -28.64 -23.11
C LEU C 268 -44.89 -28.12 -23.38
N ILE C 269 -45.22 -26.97 -22.80
CA ILE C 269 -46.58 -26.47 -22.86
C ILE C 269 -47.08 -26.31 -24.30
N ALA C 270 -48.38 -26.56 -24.47
CA ALA C 270 -49.03 -26.61 -25.76
C ALA C 270 -49.84 -25.34 -25.98
N THR C 271 -50.81 -25.11 -25.10
CA THR C 271 -51.56 -23.85 -25.10
C THR C 271 -51.05 -22.73 -24.17
N SER C 272 -50.13 -23.02 -23.26
CA SER C 272 -49.83 -22.08 -22.17
C SER C 272 -51.02 -21.98 -21.20
N GLU C 273 -52.10 -22.66 -21.56
CA GLU C 273 -53.29 -22.80 -20.73
C GLU C 273 -53.01 -23.78 -19.58
N GLN C 274 -52.13 -24.75 -19.85
CA GLN C 274 -51.74 -25.74 -18.85
C GLN C 274 -51.00 -25.12 -17.65
N PRO C 275 -50.05 -24.20 -17.90
CA PRO C 275 -49.42 -23.49 -16.78
C PRO C 275 -50.35 -22.54 -16.00
N ILE C 276 -51.19 -21.76 -16.70
CA ILE C 276 -52.03 -20.76 -16.02
C ILE C 276 -53.10 -21.40 -15.14
N ALA C 277 -53.71 -22.48 -15.63
CA ALA C 277 -54.67 -23.25 -14.85
C ALA C 277 -54.04 -23.63 -13.51
N ALA C 278 -52.85 -24.23 -13.56
CA ALA C 278 -52.14 -24.60 -12.34
C ALA C 278 -51.75 -23.36 -11.51
N LEU C 279 -51.99 -22.17 -12.06
CA LEU C 279 -51.74 -20.92 -11.35
C LEU C 279 -52.60 -20.79 -10.11
N HIS C 280 -53.92 -20.87 -10.31
CA HIS C 280 -54.86 -20.72 -9.20
C HIS C 280 -55.30 -22.03 -8.55
N ARG C 281 -54.69 -23.13 -8.96
CA ARG C 281 -55.04 -24.42 -8.38
C ARG C 281 -55.07 -24.42 -6.85
N ASP C 282 -56.15 -24.94 -6.30
CA ASP C 282 -56.39 -25.05 -4.86
C ASP C 282 -56.58 -23.75 -4.11
N GLU C 283 -57.23 -22.77 -4.73
CA GLU C 283 -57.47 -21.50 -4.05
C GLU C 283 -58.96 -21.16 -3.98
N TRP C 284 -59.34 -20.38 -2.97
CA TRP C 284 -60.73 -19.97 -2.82
C TRP C 284 -60.80 -18.51 -3.19
N LEU C 285 -61.39 -18.23 -4.36
CA LEU C 285 -61.36 -16.89 -4.94
C LEU C 285 -62.46 -15.97 -4.43
N ARG C 286 -62.07 -14.84 -3.87
CA ARG C 286 -63.04 -13.85 -3.46
C ARG C 286 -63.96 -13.51 -4.65
N PRO C 287 -65.28 -13.53 -4.43
CA PRO C 287 -66.29 -13.19 -5.45
C PRO C 287 -66.17 -11.79 -6.07
N GLU C 288 -65.70 -10.81 -5.32
CA GLU C 288 -65.50 -9.48 -5.90
C GLU C 288 -64.25 -9.42 -6.79
N ASP C 289 -63.32 -10.35 -6.54
CA ASP C 289 -62.11 -10.50 -7.35
C ASP C 289 -62.46 -10.80 -8.81
N LEU C 290 -63.31 -11.82 -9.01
CA LEU C 290 -63.77 -12.19 -10.35
C LEU C 290 -64.65 -11.10 -10.94
N PRO C 291 -64.59 -10.90 -12.28
CA PRO C 291 -63.75 -11.67 -13.21
C PRO C 291 -62.24 -11.42 -13.05
N ILE C 292 -61.45 -12.47 -13.18
CA ILE C 292 -59.99 -12.38 -13.22
C ILE C 292 -59.52 -12.68 -14.62
N LYS C 293 -58.97 -11.69 -15.33
CA LYS C 293 -58.58 -11.86 -16.72
C LYS C 293 -57.06 -11.75 -16.99
N TYR C 294 -56.48 -12.86 -17.47
CA TYR C 294 -55.05 -12.97 -17.78
C TYR C 294 -54.81 -12.96 -19.29
N ALA C 295 -53.84 -12.19 -19.79
CA ALA C 295 -53.44 -12.41 -21.18
C ALA C 295 -52.07 -13.09 -21.20
N GLY C 296 -52.05 -14.37 -21.53
CA GLY C 296 -50.84 -15.18 -21.47
C GLY C 296 -49.96 -15.11 -22.68
N LEU C 297 -48.65 -15.11 -22.43
CA LEU C 297 -47.65 -14.95 -23.47
C LEU C 297 -46.74 -16.16 -23.34
N SER C 298 -46.55 -16.87 -24.44
CA SER C 298 -45.85 -18.14 -24.37
C SER C 298 -45.28 -18.56 -25.71
N THR C 299 -44.28 -19.45 -25.67
CA THR C 299 -43.88 -20.15 -26.86
C THR C 299 -44.41 -21.57 -26.73
N CYS C 300 -45.42 -21.87 -27.54
CA CYS C 300 -46.06 -23.17 -27.61
C CYS C 300 -45.33 -24.16 -28.48
N PHE C 301 -45.55 -25.44 -28.20
CA PHE C 301 -45.01 -26.52 -29.01
C PHE C 301 -46.08 -27.56 -29.35
N ARG C 302 -46.33 -27.79 -30.63
CA ARG C 302 -47.27 -28.80 -31.05
C ARG C 302 -46.48 -29.87 -31.79
N GLN C 303 -46.65 -31.12 -31.37
CA GLN C 303 -45.84 -32.21 -31.93
C GLN C 303 -46.31 -32.75 -33.29
N GLU C 304 -47.59 -32.54 -33.61
CA GLU C 304 -48.19 -33.01 -34.87
C GLU C 304 -47.19 -33.11 -36.03
N ASP C 311 -45.43 -31.66 -50.03
CA ASP C 311 -45.43 -30.64 -51.07
C ASP C 311 -45.58 -29.26 -50.45
N THR C 312 -45.26 -29.17 -49.15
CA THR C 312 -45.52 -27.96 -48.38
C THR C 312 -44.28 -27.26 -47.81
N ARG C 313 -44.42 -25.96 -47.56
CA ARG C 313 -43.41 -25.14 -46.88
C ARG C 313 -44.17 -24.09 -46.06
N GLY C 314 -43.47 -23.09 -45.54
CA GLY C 314 -44.15 -21.99 -44.90
C GLY C 314 -44.21 -22.03 -43.37
N ILE C 315 -44.65 -20.93 -42.79
CA ILE C 315 -44.67 -20.77 -41.35
C ILE C 315 -46.01 -21.12 -40.69
N PHE C 316 -46.98 -21.56 -41.48
CA PHE C 316 -48.35 -21.68 -40.98
C PHE C 316 -48.58 -22.82 -39.97
N ARG C 317 -48.24 -24.03 -40.37
CA ARG C 317 -48.37 -25.16 -39.46
C ARG C 317 -46.95 -25.60 -39.11
N VAL C 318 -46.58 -25.34 -37.85
CA VAL C 318 -45.21 -25.52 -37.40
C VAL C 318 -45.22 -26.02 -35.98
N HIS C 319 -44.07 -26.53 -35.53
CA HIS C 319 -43.95 -27.10 -34.18
C HIS C 319 -43.81 -26.04 -33.09
N GLN C 320 -43.26 -24.87 -33.43
CA GLN C 320 -42.96 -23.81 -32.46
C GLN C 320 -43.34 -22.38 -32.89
N PHE C 321 -44.16 -21.73 -32.06
CA PHE C 321 -44.75 -20.43 -32.40
C PHE C 321 -45.14 -19.68 -31.12
N GLU C 322 -45.43 -18.38 -31.23
CA GLU C 322 -45.92 -17.61 -30.08
C GLU C 322 -47.43 -17.38 -30.11
N LYS C 323 -48.09 -17.75 -29.03
CA LYS C 323 -49.52 -17.51 -28.88
C LYS C 323 -49.74 -16.40 -27.83
N ILE C 324 -50.65 -15.47 -28.12
CA ILE C 324 -51.19 -14.65 -27.04
C ILE C 324 -52.59 -15.16 -26.70
N GLU C 325 -52.75 -15.73 -25.51
CA GLU C 325 -53.97 -16.41 -25.08
C GLU C 325 -54.76 -15.60 -24.08
N GLN C 326 -56.09 -15.74 -24.09
CA GLN C 326 -56.93 -15.18 -23.04
C GLN C 326 -57.36 -16.28 -22.06
N PHE C 327 -57.27 -16.04 -20.76
CA PHE C 327 -57.79 -16.98 -19.80
CA PHE C 327 -57.74 -16.99 -19.76
C PHE C 327 -58.52 -16.22 -18.71
N VAL C 328 -59.79 -16.58 -18.52
CA VAL C 328 -60.64 -15.83 -17.61
C VAL C 328 -61.25 -16.70 -16.54
N TYR C 329 -61.23 -16.24 -15.30
CA TYR C 329 -61.91 -16.94 -14.23
C TYR C 329 -63.16 -16.13 -13.95
N SER C 330 -64.33 -16.78 -13.96
CA SER C 330 -65.62 -16.08 -13.77
C SER C 330 -66.49 -16.70 -12.68
N SER C 331 -67.65 -16.08 -12.46
CA SER C 331 -68.64 -16.63 -11.52
C SER C 331 -69.57 -17.66 -12.17
N PRO C 332 -69.82 -18.76 -11.44
CA PRO C 332 -70.70 -19.84 -11.87
C PRO C 332 -72.18 -19.42 -11.85
N HIS C 333 -72.46 -18.32 -11.17
CA HIS C 333 -73.80 -17.72 -11.15
C HIS C 333 -74.23 -16.84 -12.34
N ASP C 334 -75.54 -16.74 -12.52
CA ASP C 334 -76.19 -15.64 -13.25
C ASP C 334 -75.90 -15.59 -14.73
N ASN C 335 -75.59 -16.74 -15.32
CA ASN C 335 -75.20 -16.72 -16.71
C ASN C 335 -73.94 -15.84 -16.87
N LYS C 336 -73.18 -15.66 -15.79
CA LYS C 336 -72.01 -14.80 -15.83
C LYS C 336 -71.01 -15.25 -16.90
N SER C 337 -70.56 -16.49 -16.82
CA SER C 337 -69.55 -16.96 -17.75
C SER C 337 -70.01 -16.93 -19.20
N TRP C 338 -71.31 -17.00 -19.46
CA TRP C 338 -71.75 -16.93 -20.86
C TRP C 338 -71.74 -15.50 -21.38
N GLU C 339 -71.93 -14.54 -20.48
CA GLU C 339 -71.82 -13.14 -20.84
C GLU C 339 -70.36 -12.91 -21.20
N MET C 340 -69.50 -13.39 -20.30
CA MET C 340 -68.04 -13.34 -20.48
C MET C 340 -67.60 -13.93 -21.80
N PHE C 341 -68.00 -15.17 -22.05
CA PHE C 341 -67.70 -15.87 -23.28
C PHE C 341 -67.97 -14.99 -24.51
N GLU C 342 -69.07 -14.27 -24.50
CA GLU C 342 -69.38 -13.36 -25.61
C GLU C 342 -68.45 -12.15 -25.62
N GLU C 343 -68.06 -11.68 -24.43
CA GLU C 343 -67.13 -10.56 -24.33
C GLU C 343 -65.82 -10.94 -25.00
N MET C 344 -65.27 -12.06 -24.55
CA MET C 344 -64.02 -12.61 -25.05
C MET C 344 -64.03 -12.82 -26.55
N ILE C 345 -65.10 -13.34 -27.08
CA ILE C 345 -65.10 -13.61 -28.50
C ILE C 345 -65.11 -12.27 -29.21
N THR C 346 -65.65 -11.26 -28.55
CA THR C 346 -65.87 -9.95 -29.17
C THR C 346 -64.57 -9.14 -29.20
N THR C 347 -63.87 -9.17 -28.07
CA THR C 347 -62.55 -8.57 -27.96
C THR C 347 -61.72 -9.00 -29.17
N ALA C 348 -61.75 -10.30 -29.47
CA ALA C 348 -60.97 -10.87 -30.55
C ALA C 348 -61.44 -10.43 -31.92
N GLU C 349 -62.75 -10.24 -32.06
CA GLU C 349 -63.32 -9.81 -33.32
C GLU C 349 -62.87 -8.40 -33.62
N GLU C 350 -62.88 -7.55 -32.61
CA GLU C 350 -62.49 -6.16 -32.81
C GLU C 350 -61.02 -6.08 -33.22
N PHE C 351 -60.24 -7.00 -32.66
CA PHE C 351 -58.82 -7.13 -32.97
C PHE C 351 -58.57 -7.43 -34.45
N TYR C 352 -59.18 -8.49 -34.99
CA TYR C 352 -58.95 -8.81 -36.39
C TYR C 352 -59.68 -7.85 -37.30
N GLN C 353 -60.67 -7.19 -36.74
CA GLN C 353 -61.43 -6.17 -37.45
C GLN C 353 -60.52 -4.96 -37.65
N SER C 354 -59.91 -4.50 -36.56
CA SER C 354 -59.02 -3.35 -36.61
C SER C 354 -57.82 -3.59 -37.52
N LEU C 355 -57.40 -4.85 -37.63
CA LEU C 355 -56.28 -5.21 -38.48
C LEU C 355 -56.72 -5.41 -39.93
N GLY C 356 -58.02 -5.25 -40.19
CA GLY C 356 -58.52 -5.33 -41.54
C GLY C 356 -58.50 -6.73 -42.13
N ILE C 357 -58.59 -7.75 -41.27
CA ILE C 357 -58.60 -9.14 -41.73
C ILE C 357 -60.05 -9.63 -41.87
N PRO C 358 -60.42 -10.06 -43.08
CA PRO C 358 -61.73 -10.68 -43.33
C PRO C 358 -61.85 -12.04 -42.64
N TYR C 359 -62.96 -12.27 -41.95
CA TYR C 359 -63.14 -13.54 -41.26
C TYR C 359 -64.61 -13.97 -41.16
N HIS C 360 -64.84 -15.17 -40.61
CA HIS C 360 -66.19 -15.55 -40.18
C HIS C 360 -66.18 -16.36 -38.88
N ILE C 361 -67.15 -16.12 -37.99
CA ILE C 361 -67.23 -16.88 -36.76
C ILE C 361 -67.94 -18.23 -36.98
N VAL C 362 -67.49 -19.26 -36.30
CA VAL C 362 -68.02 -20.60 -36.49
C VAL C 362 -68.29 -21.30 -35.17
N ASN C 363 -69.48 -21.91 -35.05
CA ASN C 363 -69.85 -22.67 -33.88
C ASN C 363 -69.51 -24.14 -34.06
N ILE C 364 -68.57 -24.66 -33.27
CA ILE C 364 -68.07 -26.02 -33.50
C ILE C 364 -69.06 -27.08 -33.03
N VAL C 365 -69.24 -28.12 -33.85
CA VAL C 365 -70.18 -29.20 -33.57
C VAL C 365 -69.85 -29.98 -32.29
N SER C 366 -70.89 -30.49 -31.64
CA SER C 366 -70.77 -31.22 -30.38
C SER C 366 -69.75 -32.35 -30.43
N GLY C 367 -69.66 -33.03 -31.57
CA GLY C 367 -68.74 -34.14 -31.73
C GLY C 367 -67.26 -33.82 -31.54
N SER C 368 -66.88 -32.61 -31.95
CA SER C 368 -65.50 -32.17 -31.97
C SER C 368 -65.08 -31.36 -30.74
N LEU C 369 -66.02 -31.09 -29.84
CA LEU C 369 -65.66 -30.40 -28.60
C LEU C 369 -64.80 -31.27 -27.69
N ASN C 370 -63.91 -30.64 -26.92
CA ASN C 370 -63.18 -31.37 -25.89
C ASN C 370 -64.16 -31.79 -24.82
N HIS C 371 -63.79 -32.78 -24.03
CA HIS C 371 -64.62 -33.17 -22.93
C HIS C 371 -65.03 -31.98 -22.09
N ALA C 372 -64.14 -31.04 -21.83
CA ALA C 372 -64.46 -29.92 -20.94
C ALA C 372 -65.30 -28.80 -21.57
N ALA C 373 -65.26 -28.65 -22.89
CA ALA C 373 -65.92 -27.50 -23.50
C ALA C 373 -67.43 -27.66 -23.62
N SER C 374 -68.15 -26.69 -23.06
CA SER C 374 -69.59 -26.58 -23.19
C SER C 374 -69.98 -25.96 -24.52
N LYS C 375 -69.16 -25.09 -25.06
CA LYS C 375 -69.37 -24.47 -26.36
C LYS C 375 -68.02 -24.03 -26.89
N LYS C 376 -67.85 -23.95 -28.20
CA LYS C 376 -66.59 -23.45 -28.77
C LYS C 376 -66.80 -22.63 -30.04
N LEU C 377 -66.18 -21.45 -30.13
CA LEU C 377 -66.23 -20.62 -31.33
C LEU C 377 -64.85 -20.44 -31.97
N ASP C 378 -64.76 -20.70 -33.27
CA ASP C 378 -63.55 -20.47 -34.02
C ASP C 378 -63.72 -19.20 -34.78
N LEU C 379 -62.70 -18.35 -34.79
CA LEU C 379 -62.63 -17.28 -35.78
C LEU C 379 -61.78 -17.77 -36.94
N GLU C 380 -62.36 -17.90 -38.11
CA GLU C 380 -61.61 -18.41 -39.26
C GLU C 380 -61.43 -17.25 -40.20
N ALA C 381 -60.22 -17.07 -40.73
CA ALA C 381 -59.95 -15.86 -41.48
C ALA C 381 -59.84 -16.20 -42.94
N TRP C 382 -60.16 -15.24 -43.78
CA TRP C 382 -60.12 -15.50 -45.19
C TRP C 382 -58.72 -15.21 -45.72
N PHE C 383 -58.15 -16.19 -46.41
CA PHE C 383 -56.85 -16.01 -47.01
C PHE C 383 -57.04 -15.87 -48.50
N PRO C 384 -56.94 -14.63 -49.02
CA PRO C 384 -57.15 -14.30 -50.43
C PRO C 384 -56.29 -15.10 -51.37
N GLY C 385 -55.04 -15.32 -51.00
CA GLY C 385 -54.10 -15.99 -51.87
C GLY C 385 -54.33 -17.49 -51.95
N SER C 386 -54.60 -18.09 -50.80
CA SER C 386 -54.88 -19.52 -50.72
C SER C 386 -56.31 -19.84 -51.15
N GLY C 387 -57.22 -18.90 -50.98
CA GLY C 387 -58.62 -19.17 -51.22
C GLY C 387 -59.14 -20.15 -50.20
N ALA C 388 -58.99 -19.80 -48.92
CA ALA C 388 -59.45 -20.67 -47.86
C ALA C 388 -59.73 -19.91 -46.57
N PHE C 389 -60.50 -20.54 -45.68
CA PHE C 389 -60.65 -20.07 -44.33
C PHE C 389 -59.73 -20.93 -43.49
N ARG C 390 -58.83 -20.29 -42.75
CA ARG C 390 -57.92 -20.98 -41.82
C ARG C 390 -58.19 -20.43 -40.43
N GLU C 391 -58.16 -21.28 -39.41
CA GLU C 391 -58.60 -20.83 -38.10
C GLU C 391 -57.52 -20.00 -37.41
N LEU C 392 -57.81 -18.72 -37.16
CA LEU C 392 -56.99 -17.87 -36.31
C LEU C 392 -57.24 -17.93 -34.79
N VAL C 393 -58.50 -17.97 -34.38
CA VAL C 393 -58.88 -17.84 -32.97
C VAL C 393 -59.74 -18.99 -32.47
N SER C 394 -59.59 -19.36 -31.21
CA SER C 394 -60.39 -20.43 -30.66
C SER C 394 -60.88 -20.05 -29.29
N CYS C 395 -62.19 -19.97 -29.13
CA CYS C 395 -62.78 -19.56 -27.87
C CYS C 395 -63.66 -20.67 -27.25
N SER C 396 -63.41 -20.99 -25.98
CA SER C 396 -64.13 -22.07 -25.29
C SER C 396 -64.60 -21.60 -23.93
N ASN C 397 -65.76 -22.08 -23.50
CA ASN C 397 -66.18 -21.91 -22.12
C ASN C 397 -66.28 -23.30 -21.52
N CYS C 398 -65.51 -23.57 -20.49
CA CYS C 398 -65.49 -24.91 -19.88
C CYS C 398 -66.33 -24.97 -18.61
N THR C 399 -66.91 -23.85 -18.24
CA THR C 399 -67.64 -23.73 -16.97
C THR C 399 -66.83 -24.34 -15.81
N ASP C 400 -67.47 -25.12 -14.93
CA ASP C 400 -66.76 -25.61 -13.74
C ASP C 400 -65.96 -26.90 -13.95
N TYR C 401 -65.94 -27.38 -15.20
CA TYR C 401 -65.41 -28.70 -15.47
C TYR C 401 -63.97 -28.84 -15.05
N GLN C 402 -63.14 -27.89 -15.46
CA GLN C 402 -61.72 -27.93 -15.12
C GLN C 402 -61.54 -27.48 -13.68
N ALA C 403 -62.25 -26.42 -13.30
CA ALA C 403 -62.11 -25.85 -11.96
C ALA C 403 -62.34 -26.87 -10.86
N ARG C 404 -63.16 -27.88 -11.14
CA ARG C 404 -63.53 -28.81 -10.09
C ARG C 404 -62.41 -29.82 -9.83
N ARG C 405 -61.65 -30.14 -10.87
CA ARG C 405 -60.52 -31.07 -10.77
C ARG C 405 -59.33 -30.39 -10.14
N LEU C 406 -59.18 -29.09 -10.41
CA LEU C 406 -58.09 -28.28 -9.87
C LEU C 406 -58.50 -27.64 -8.56
N ARG C 407 -59.68 -28.00 -8.08
CA ARG C 407 -60.18 -27.51 -6.80
C ARG C 407 -60.12 -26.00 -6.65
N ILE C 408 -60.59 -25.25 -7.63
CA ILE C 408 -60.57 -23.82 -7.46
C ILE C 408 -61.98 -23.38 -7.09
N ARG C 409 -62.13 -23.06 -5.82
CA ARG C 409 -63.42 -22.73 -5.21
C ARG C 409 -63.89 -21.30 -5.46
N TYR C 410 -65.19 -21.07 -5.39
CA TYR C 410 -65.76 -19.73 -5.48
C TYR C 410 -66.22 -19.37 -4.09
N GLY C 411 -65.54 -18.39 -3.48
CA GLY C 411 -65.81 -17.99 -2.11
C GLY C 411 -65.02 -18.82 -1.12
N GLN C 412 -64.67 -18.18 0.01
CA GLN C 412 -63.91 -18.84 1.06
C GLN C 412 -64.89 -19.39 2.09
N THR C 413 -66.17 -19.19 1.82
CA THR C 413 -67.26 -19.64 2.69
C THR C 413 -67.59 -21.13 2.51
N LYS C 414 -68.05 -21.49 1.32
CA LYS C 414 -68.54 -22.84 1.03
C LYS C 414 -69.79 -23.12 1.87
N LYS C 415 -70.61 -22.07 2.01
CA LYS C 415 -71.73 -22.01 2.97
C LYS C 415 -73.15 -22.16 2.39
N MET C 416 -74.16 -21.97 3.25
CA MET C 416 -75.58 -22.05 2.90
C MET C 416 -76.09 -23.41 2.39
N MET C 417 -76.22 -24.38 3.30
CA MET C 417 -76.54 -25.76 2.95
C MET C 417 -75.31 -26.66 2.66
N ASP C 418 -74.12 -26.08 2.71
CA ASP C 418 -72.89 -26.75 2.30
C ASP C 418 -72.90 -27.11 0.80
N LYS C 419 -72.88 -26.06 -0.04
CA LYS C 419 -72.90 -26.19 -1.49
C LYS C 419 -71.55 -26.63 -2.07
N VAL C 420 -70.47 -25.98 -1.65
CA VAL C 420 -69.12 -26.25 -2.19
C VAL C 420 -69.03 -26.00 -3.70
N GLU C 421 -69.04 -24.71 -4.08
CA GLU C 421 -69.21 -24.29 -5.48
C GLU C 421 -67.92 -23.78 -6.18
N PHE C 422 -67.65 -24.23 -7.41
CA PHE C 422 -66.44 -23.81 -8.14
C PHE C 422 -66.65 -22.71 -9.17
N VAL C 423 -65.57 -22.31 -9.83
CA VAL C 423 -65.56 -21.14 -10.69
C VAL C 423 -65.61 -21.60 -12.13
N HIS C 424 -66.24 -20.80 -12.99
CA HIS C 424 -66.25 -21.10 -14.42
C HIS C 424 -64.95 -20.64 -15.10
N MET C 425 -64.43 -21.46 -16.01
CA MET C 425 -63.17 -21.18 -16.68
C MET C 425 -63.32 -21.03 -18.20
N LEU C 426 -62.97 -19.85 -18.70
CA LEU C 426 -62.96 -19.61 -20.14
C LEU C 426 -61.53 -19.41 -20.66
N ASN C 427 -61.31 -19.76 -21.92
CA ASN C 427 -60.04 -19.48 -22.55
C ASN C 427 -60.21 -19.31 -24.05
N ALA C 428 -59.37 -18.47 -24.64
CA ALA C 428 -59.36 -18.31 -26.07
C ALA C 428 -57.92 -18.15 -26.54
N THR C 429 -57.69 -18.31 -27.84
CA THR C 429 -56.40 -17.96 -28.36
C THR C 429 -56.64 -16.77 -29.28
N MET C 430 -56.21 -15.60 -28.82
CA MET C 430 -56.44 -14.35 -29.53
C MET C 430 -55.50 -14.11 -30.73
N CYS C 431 -54.22 -14.35 -30.56
CA CYS C 431 -53.31 -14.27 -31.70
C CYS C 431 -52.28 -15.39 -31.68
N ALA C 432 -52.22 -16.20 -32.73
CA ALA C 432 -51.03 -17.03 -32.91
C ALA C 432 -50.18 -16.38 -33.98
N THR C 433 -49.08 -15.77 -33.55
CA THR C 433 -48.34 -14.81 -34.35
C THR C 433 -48.04 -15.31 -35.77
N THR C 434 -47.57 -16.54 -35.89
CA THR C 434 -47.18 -17.03 -37.20
C THR C 434 -48.38 -17.14 -38.15
N ARG C 435 -49.46 -17.80 -37.71
CA ARG C 435 -50.70 -17.89 -38.49
C ARG C 435 -51.24 -16.53 -38.87
N THR C 436 -51.25 -15.61 -37.91
CA THR C 436 -51.72 -14.25 -38.08
C THR C 436 -50.82 -13.49 -39.07
N ILE C 437 -49.50 -13.68 -38.94
CA ILE C 437 -48.59 -13.10 -39.91
C ILE C 437 -49.02 -13.54 -41.32
N CYS C 438 -49.29 -14.82 -41.52
CA CYS C 438 -49.62 -15.29 -42.87
C CYS C 438 -50.92 -14.71 -43.40
N ALA C 439 -51.85 -14.38 -42.51
CA ALA C 439 -53.13 -13.78 -42.89
C ALA C 439 -52.92 -12.32 -43.25
N ILE C 440 -52.09 -11.63 -42.47
CA ILE C 440 -51.71 -10.26 -42.79
C ILE C 440 -51.02 -10.14 -44.15
N LEU C 441 -50.06 -11.00 -44.42
CA LEU C 441 -49.41 -11.02 -45.73
C LEU C 441 -50.40 -11.21 -46.89
N GLU C 442 -51.18 -12.29 -46.86
CA GLU C 442 -52.04 -12.60 -48.01
C GLU C 442 -53.04 -11.47 -48.26
N ASN C 443 -53.53 -10.86 -47.18
CA ASN C 443 -54.55 -9.83 -47.29
C ASN C 443 -54.00 -8.45 -47.65
N TYR C 444 -52.83 -8.12 -47.12
CA TYR C 444 -52.24 -6.80 -47.36
C TYR C 444 -51.24 -6.71 -48.52
N GLN C 445 -51.08 -7.79 -49.27
CA GLN C 445 -50.20 -7.80 -50.43
C GLN C 445 -50.62 -6.87 -51.57
N THR C 446 -49.64 -6.12 -52.06
CA THR C 446 -49.71 -5.34 -53.29
C THR C 446 -48.71 -5.98 -54.27
N GLU C 447 -48.48 -5.36 -55.43
CA GLU C 447 -47.47 -5.89 -56.36
C GLU C 447 -46.01 -5.51 -56.00
N LYS C 448 -45.84 -4.36 -55.34
CA LYS C 448 -44.52 -3.87 -54.95
C LYS C 448 -44.06 -4.15 -53.48
N GLY C 449 -44.86 -4.86 -52.69
CA GLY C 449 -44.53 -5.06 -51.29
C GLY C 449 -45.64 -5.68 -50.44
N ILE C 450 -45.60 -5.44 -49.14
CA ILE C 450 -46.73 -5.76 -48.30
C ILE C 450 -47.12 -4.57 -47.43
N THR C 451 -48.29 -4.01 -47.71
CA THR C 451 -48.70 -2.83 -46.98
C THR C 451 -48.73 -3.14 -45.49
N VAL C 452 -48.05 -2.33 -44.69
CA VAL C 452 -48.27 -2.39 -43.26
C VAL C 452 -49.68 -1.91 -42.89
N PRO C 453 -50.41 -2.73 -42.12
CA PRO C 453 -51.67 -2.37 -41.46
C PRO C 453 -51.56 -1.17 -40.52
N GLU C 454 -52.52 -0.25 -40.60
CA GLU C 454 -52.49 0.97 -39.81
C GLU C 454 -52.24 0.70 -38.32
N LYS C 455 -53.05 -0.14 -37.72
CA LYS C 455 -52.94 -0.33 -36.28
C LYS C 455 -51.53 -0.80 -35.86
N LEU C 456 -50.83 -1.43 -36.79
CA LEU C 456 -49.44 -1.87 -36.56
C LEU C 456 -48.30 -0.85 -36.76
N LYS C 457 -48.44 0.08 -37.71
CA LYS C 457 -47.33 0.99 -38.12
C LYS C 457 -46.60 1.64 -36.96
N GLU C 458 -47.33 2.09 -35.96
CA GLU C 458 -46.73 2.66 -34.76
C GLU C 458 -45.64 1.76 -34.16
N PHE C 459 -45.82 0.44 -34.26
CA PHE C 459 -44.91 -0.51 -33.61
C PHE C 459 -43.79 -1.06 -34.52
N MET C 460 -43.82 -0.68 -35.78
CA MET C 460 -42.70 -1.02 -36.65
C MET C 460 -41.58 0.01 -36.47
N PRO C 461 -40.36 -0.37 -36.86
CA PRO C 461 -39.26 0.59 -36.90
C PRO C 461 -39.34 1.47 -38.16
N PRO C 462 -38.73 2.66 -38.10
CA PRO C 462 -38.67 3.58 -39.24
C PRO C 462 -38.18 2.88 -40.49
N GLY C 463 -38.82 3.17 -41.63
CA GLY C 463 -38.46 2.60 -42.92
C GLY C 463 -39.21 1.31 -43.17
N LEU C 464 -39.64 0.68 -42.08
CA LEU C 464 -40.54 -0.47 -42.14
C LEU C 464 -42.02 -0.18 -41.90
N GLN C 465 -42.35 1.08 -41.61
CA GLN C 465 -43.74 1.51 -41.66
C GLN C 465 -44.03 1.75 -43.13
N GLU C 466 -45.31 1.63 -43.47
CA GLU C 466 -45.81 1.99 -44.80
C GLU C 466 -45.53 0.99 -45.94
N LEU C 467 -44.56 0.10 -45.78
CA LEU C 467 -44.48 -1.04 -46.70
C LEU C 467 -43.31 -1.93 -46.36
N ILE C 468 -43.44 -3.19 -46.76
CA ILE C 468 -42.41 -4.18 -46.61
C ILE C 468 -42.07 -4.64 -48.01
N PRO C 469 -40.90 -4.24 -48.51
CA PRO C 469 -40.67 -4.48 -49.93
C PRO C 469 -40.45 -5.95 -50.25
N PHE C 470 -40.78 -6.36 -51.46
CA PHE C 470 -40.36 -7.66 -51.95
C PHE C 470 -38.91 -7.47 -52.37
N VAL C 471 -38.01 -8.20 -51.73
CA VAL C 471 -36.62 -8.17 -52.17
C VAL C 471 -36.21 -9.38 -53.03
N LYS C 472 -37.12 -10.30 -53.25
CA LYS C 472 -36.78 -11.48 -54.03
C LYS C 472 -37.88 -11.83 -55.04
N PRO C 473 -37.64 -12.89 -55.84
CA PRO C 473 -38.62 -13.50 -56.74
C PRO C 473 -39.53 -14.48 -55.99
N ALA C 474 -40.34 -15.24 -56.72
CA ALA C 474 -41.19 -16.24 -56.09
C ALA C 474 -40.83 -17.63 -56.58
N PRO C 475 -40.91 -18.62 -55.70
CA PRO C 475 -40.56 -20.00 -56.08
C PRO C 475 -41.46 -20.57 -57.18
N VAL D 2 -11.22 -26.27 -34.38
CA VAL D 2 -9.87 -26.78 -34.16
C VAL D 2 -8.87 -25.90 -34.87
N LEU D 3 -7.60 -25.99 -34.45
CA LEU D 3 -6.57 -25.19 -35.07
C LEU D 3 -6.20 -25.75 -36.44
N ASP D 4 -5.74 -24.89 -37.34
CA ASP D 4 -5.14 -25.36 -38.59
C ASP D 4 -4.04 -26.38 -38.26
N LEU D 5 -3.97 -27.46 -39.04
CA LEU D 5 -3.03 -28.55 -38.77
C LEU D 5 -1.60 -28.22 -39.20
N ASP D 6 -1.46 -27.46 -40.29
CA ASP D 6 -0.20 -26.78 -40.60
C ASP D 6 -0.13 -25.92 -39.36
N LEU D 7 1.02 -25.40 -38.99
CA LEU D 7 1.09 -24.69 -37.71
C LEU D 7 1.36 -25.66 -36.59
N PHE D 8 1.17 -26.94 -36.85
CA PHE D 8 1.82 -27.97 -36.07
C PHE D 8 3.04 -28.49 -36.80
N ARG D 9 3.30 -27.96 -38.00
CA ARG D 9 4.35 -28.47 -38.87
C ARG D 9 5.37 -27.40 -39.21
N VAL D 10 6.60 -27.53 -38.72
CA VAL D 10 7.60 -26.48 -38.96
C VAL D 10 7.94 -26.27 -40.44
N ASP D 11 7.80 -27.32 -41.24
CA ASP D 11 8.07 -27.19 -42.66
C ASP D 11 6.94 -26.49 -43.41
N LYS D 12 5.78 -26.39 -42.75
CA LYS D 12 4.62 -25.71 -43.32
C LYS D 12 4.51 -24.28 -42.83
N GLY D 13 5.46 -23.87 -42.00
CA GLY D 13 5.47 -22.52 -41.47
C GLY D 13 4.95 -22.37 -40.06
N GLY D 14 4.52 -23.47 -39.45
CA GLY D 14 3.92 -23.43 -38.12
C GLY D 14 4.89 -23.55 -36.96
N ASP D 15 4.44 -23.17 -35.77
CA ASP D 15 5.26 -23.22 -34.58
C ASP D 15 4.66 -24.14 -33.51
N PRO D 16 5.22 -25.34 -33.31
CA PRO D 16 4.61 -26.16 -32.26
C PRO D 16 4.84 -25.57 -30.91
N ALA D 17 5.89 -24.75 -30.79
CA ALA D 17 6.25 -24.19 -29.50
C ALA D 17 5.19 -23.17 -29.05
N LEU D 18 4.75 -22.35 -30.00
CA LEU D 18 3.75 -21.33 -29.73
C LEU D 18 2.48 -21.96 -29.16
N ILE D 19 2.18 -23.15 -29.66
CA ILE D 19 1.00 -23.90 -29.27
C ILE D 19 1.23 -24.60 -27.92
N ARG D 20 2.45 -25.10 -27.71
CA ARG D 20 2.81 -25.63 -26.39
C ARG D 20 2.70 -24.53 -25.34
N GLU D 21 3.17 -23.32 -25.67
CA GLU D 21 3.01 -22.16 -24.79
C GLU D 21 1.52 -21.85 -24.55
N THR D 22 0.77 -21.67 -25.62
CA THR D 22 -0.67 -21.43 -25.48
C THR D 22 -1.33 -22.46 -24.54
N GLN D 23 -1.03 -23.74 -24.72
CA GLN D 23 -1.58 -24.75 -23.83
C GLN D 23 -1.25 -24.41 -22.40
N GLU D 24 -0.05 -23.88 -22.18
CA GLU D 24 0.38 -23.48 -20.83
C GLU D 24 -0.39 -22.25 -20.31
N LYS D 25 -0.51 -21.21 -21.16
CA LYS D 25 -1.34 -20.07 -20.82
C LYS D 25 -2.75 -20.50 -20.41
N ARG D 26 -3.28 -21.56 -21.02
CA ARG D 26 -4.64 -22.03 -20.71
C ARG D 26 -4.70 -23.05 -19.57
N PHE D 27 -3.55 -23.33 -18.95
CA PHE D 27 -3.49 -24.26 -17.81
C PHE D 27 -3.95 -25.67 -18.14
N LYS D 28 -3.58 -26.11 -19.35
CA LYS D 28 -3.84 -27.45 -19.84
C LYS D 28 -2.48 -28.07 -20.24
N ASP D 29 -2.46 -29.39 -20.43
CA ASP D 29 -1.23 -30.13 -20.75
C ASP D 29 -0.64 -29.75 -22.12
N PRO D 30 0.60 -29.21 -22.12
CA PRO D 30 1.34 -28.89 -23.35
C PRO D 30 1.84 -30.15 -24.04
N GLY D 31 1.89 -31.23 -23.28
CA GLY D 31 2.36 -32.50 -23.81
C GLY D 31 1.50 -33.00 -24.96
N LEU D 32 0.24 -32.59 -24.96
CA LEU D 32 -0.69 -32.98 -26.01
C LEU D 32 -0.26 -32.47 -27.38
N VAL D 33 0.58 -31.44 -27.41
CA VAL D 33 1.06 -30.90 -28.66
C VAL D 33 2.07 -31.85 -29.25
N ASP D 34 2.95 -32.35 -28.41
CA ASP D 34 3.99 -33.29 -28.86
C ASP D 34 3.39 -34.59 -29.41
N GLN D 35 2.33 -35.06 -28.76
CA GLN D 35 1.65 -36.25 -29.21
C GLN D 35 1.03 -36.04 -30.58
N LEU D 36 0.44 -34.87 -30.79
CA LEU D 36 -0.13 -34.57 -32.09
C LEU D 36 0.96 -34.53 -33.15
N VAL D 37 2.10 -33.92 -32.83
CA VAL D 37 3.16 -33.83 -33.81
C VAL D 37 3.75 -35.22 -34.14
N LYS D 38 3.96 -36.04 -33.12
CA LYS D 38 4.36 -37.44 -33.35
C LYS D 38 3.36 -38.19 -34.26
N ALA D 39 2.07 -38.10 -33.99
CA ALA D 39 1.09 -38.80 -34.81
C ALA D 39 1.04 -38.24 -36.21
N ASP D 40 1.29 -36.95 -36.33
CA ASP D 40 1.13 -36.31 -37.63
C ASP D 40 2.33 -36.65 -38.48
N SER D 41 3.50 -36.72 -37.85
CA SER D 41 4.74 -37.03 -38.57
C SER D 41 4.73 -38.47 -39.02
N GLU D 42 4.29 -39.37 -38.15
CA GLU D 42 4.10 -40.77 -38.53
C GLU D 42 3.09 -40.89 -39.65
N TRP D 43 1.94 -40.30 -39.47
CA TRP D 43 0.92 -40.29 -40.50
C TRP D 43 1.48 -39.89 -41.87
N ARG D 44 2.38 -38.90 -41.90
CA ARG D 44 2.89 -38.36 -43.17
C ARG D 44 3.97 -39.22 -43.81
N ARG D 45 4.77 -39.85 -42.95
CA ARG D 45 5.78 -40.81 -43.33
C ARG D 45 5.17 -42.05 -43.95
N CYS D 46 4.07 -42.52 -43.35
CA CYS D 46 3.33 -43.66 -43.90
C CYS D 46 2.83 -43.30 -45.29
N ARG D 47 2.39 -42.06 -45.46
CA ARG D 47 1.85 -41.65 -46.74
C ARG D 47 2.95 -41.71 -47.79
N PHE D 48 4.19 -41.54 -47.36
CA PHE D 48 5.33 -41.63 -48.25
C PHE D 48 5.63 -43.06 -48.68
N ARG D 49 5.71 -43.98 -47.72
CA ARG D 49 5.88 -45.40 -48.02
C ARG D 49 4.78 -45.88 -48.95
N ALA D 50 3.54 -45.56 -48.62
CA ALA D 50 2.43 -45.95 -49.47
C ALA D 50 2.70 -45.54 -50.93
N ASP D 51 3.00 -44.26 -51.16
CA ASP D 51 3.22 -43.75 -52.52
C ASP D 51 4.41 -44.44 -53.21
N ASN D 52 5.41 -44.85 -52.43
CA ASN D 52 6.53 -45.64 -52.96
C ASN D 52 6.26 -47.12 -53.22
N LEU D 53 5.64 -47.80 -52.25
CA LEU D 53 5.41 -49.23 -52.37
C LEU D 53 4.44 -49.50 -53.50
N ASN D 54 3.50 -48.59 -53.73
CA ASN D 54 2.64 -48.71 -54.89
C ASN D 54 3.38 -48.55 -56.22
N LYS D 55 4.61 -48.06 -56.14
CA LYS D 55 5.49 -48.09 -57.30
C LYS D 55 6.11 -49.48 -57.49
N LEU D 56 6.63 -50.07 -56.42
CA LEU D 56 7.22 -51.41 -56.49
C LEU D 56 6.17 -52.47 -56.78
N LYS D 57 4.91 -52.15 -56.50
CA LYS D 57 3.80 -53.06 -56.81
C LYS D 57 3.54 -53.03 -58.29
N ASN D 58 3.50 -51.83 -58.87
CA ASN D 58 3.28 -51.67 -60.31
C ASN D 58 4.49 -52.03 -61.17
N LEU D 59 5.61 -52.34 -60.52
CA LEU D 59 6.74 -52.98 -61.18
C LEU D 59 6.47 -54.49 -61.19
N CYS D 60 6.39 -55.08 -60.00
CA CYS D 60 6.06 -56.49 -59.85
C CYS D 60 4.84 -56.89 -60.68
N SER D 61 3.75 -56.12 -60.58
CA SER D 61 2.54 -56.40 -61.36
C SER D 61 2.73 -56.28 -62.88
N LYS D 62 3.17 -55.11 -63.36
CA LYS D 62 3.30 -54.89 -64.80
C LYS D 62 4.50 -55.62 -65.42
N THR D 63 5.33 -56.24 -64.58
CA THR D 63 6.37 -57.14 -65.07
C THR D 63 5.77 -58.46 -65.56
N ILE D 64 4.94 -59.07 -64.72
CA ILE D 64 4.32 -60.36 -65.08
C ILE D 64 3.14 -60.17 -66.04
N GLY D 65 2.75 -58.91 -66.26
CA GLY D 65 1.80 -58.56 -67.29
C GLY D 65 2.50 -58.56 -68.64
N GLU D 66 3.78 -58.92 -68.61
CA GLU D 66 4.61 -59.11 -69.81
C GLU D 66 5.28 -60.48 -69.75
N LYS D 67 6.15 -60.63 -68.74
CA LYS D 67 6.98 -61.83 -68.54
C LYS D 67 6.23 -63.16 -68.58
N MET D 68 5.08 -63.27 -67.90
CA MET D 68 4.31 -64.52 -67.89
C MET D 68 3.77 -64.86 -69.28
N LYS D 69 3.62 -63.82 -70.10
CA LYS D 69 3.22 -63.96 -71.50
C LYS D 69 4.36 -64.32 -72.47
N LYS D 70 5.60 -63.95 -72.12
CA LYS D 70 6.77 -64.22 -72.97
C LYS D 70 7.36 -65.61 -72.76
N LYS D 71 6.75 -66.38 -71.85
CA LYS D 71 7.09 -67.78 -71.62
C LYS D 71 5.87 -68.48 -71.00
N GLU D 72 6.05 -69.70 -70.51
CA GLU D 72 4.99 -70.39 -69.76
C GLU D 72 5.56 -71.46 -68.82
N GLY D 75 2.90 -73.99 -62.24
CA GLY D 75 3.13 -72.57 -61.95
C GLY D 75 3.83 -72.37 -60.63
N ASP D 76 4.96 -73.03 -60.46
CA ASP D 76 5.73 -73.03 -59.20
C ASP D 76 7.24 -72.92 -59.42
N ASP D 77 7.98 -72.63 -58.35
CA ASP D 77 9.43 -72.46 -58.40
C ASP D 77 10.13 -72.97 -57.13
N GLU D 78 11.45 -73.13 -57.21
CA GLU D 78 12.27 -73.47 -56.05
C GLU D 78 13.15 -72.29 -55.61
N GLU D 82 18.56 -64.44 -48.88
CA GLU D 82 17.20 -64.37 -49.39
C GLU D 82 17.18 -63.98 -50.88
N ASN D 83 16.11 -64.36 -51.58
CA ASN D 83 15.96 -64.02 -52.99
C ASN D 83 15.16 -62.73 -53.19
N VAL D 84 15.84 -61.69 -53.70
CA VAL D 84 15.31 -60.32 -53.83
C VAL D 84 15.49 -59.48 -52.57
N LEU D 85 15.93 -60.11 -51.49
CA LEU D 85 16.25 -59.44 -50.22
C LEU D 85 15.18 -58.44 -49.73
N SER D 86 15.62 -57.24 -49.38
CA SER D 86 14.73 -56.18 -48.91
C SER D 86 14.22 -55.31 -50.07
N PHE D 87 13.53 -54.21 -49.75
CA PHE D 87 12.94 -53.36 -50.78
C PHE D 87 13.88 -52.25 -51.27
N ASP D 88 15.11 -52.23 -50.75
CA ASP D 88 16.13 -51.29 -51.22
C ASP D 88 16.81 -51.83 -52.48
N ASP D 89 16.35 -53.01 -52.89
CA ASP D 89 16.60 -53.53 -54.23
C ASP D 89 15.32 -53.40 -55.06
N LEU D 90 15.33 -52.47 -56.01
CA LEU D 90 14.20 -52.23 -56.89
C LEU D 90 14.57 -52.94 -58.17
N THR D 91 15.50 -52.35 -58.90
CA THR D 91 16.27 -53.09 -59.90
C THR D 91 15.42 -53.98 -60.80
N ALA D 92 14.67 -53.38 -61.72
CA ALA D 92 13.93 -54.18 -62.69
C ALA D 92 14.93 -55.09 -63.41
N ASP D 93 16.22 -54.73 -63.31
CA ASP D 93 17.34 -55.52 -63.85
C ASP D 93 17.73 -56.74 -63.00
N ALA D 94 17.44 -56.69 -61.71
CA ALA D 94 17.56 -57.86 -60.83
C ALA D 94 16.20 -58.55 -60.69
N LEU D 95 15.19 -58.01 -61.37
CA LEU D 95 13.83 -58.55 -61.35
C LEU D 95 13.63 -59.87 -62.12
N ALA D 96 14.00 -59.88 -63.40
CA ALA D 96 13.73 -61.02 -64.26
C ALA D 96 14.63 -62.20 -63.88
N ASN D 97 15.56 -61.94 -62.96
CA ASN D 97 16.47 -62.95 -62.41
C ASN D 97 15.81 -63.95 -61.47
N LEU D 98 14.72 -63.54 -60.83
CA LEU D 98 13.84 -64.42 -60.03
C LEU D 98 12.73 -65.14 -60.83
N LYS D 99 12.34 -66.34 -60.39
CA LYS D 99 11.18 -67.03 -60.94
C LYS D 99 9.86 -66.35 -60.52
N VAL D 100 8.83 -66.41 -61.38
CA VAL D 100 7.57 -65.71 -61.11
C VAL D 100 6.82 -66.19 -59.86
N SER D 101 7.16 -67.36 -59.34
CA SER D 101 6.65 -67.81 -58.03
C SER D 101 7.33 -67.04 -56.89
N GLN D 102 8.55 -66.59 -57.15
CA GLN D 102 9.30 -65.73 -56.25
C GLN D 102 8.91 -64.23 -56.35
N ILE D 103 8.62 -63.76 -57.57
CA ILE D 103 8.16 -62.39 -57.76
C ILE D 103 6.84 -62.18 -57.03
N LYS D 104 5.84 -63.00 -57.39
CA LYS D 104 4.56 -62.98 -56.73
C LYS D 104 4.76 -63.04 -55.22
N LYS D 105 5.72 -63.85 -54.77
CA LYS D 105 5.95 -64.01 -53.33
C LYS D 105 6.56 -62.75 -52.68
N VAL D 106 7.22 -61.94 -53.51
CA VAL D 106 7.71 -60.60 -53.15
C VAL D 106 6.61 -59.50 -53.18
N ARG D 107 5.82 -59.47 -54.25
CA ARG D 107 4.68 -58.56 -54.33
C ARG D 107 3.64 -58.82 -53.24
N LEU D 108 3.72 -59.97 -52.59
CA LEU D 108 2.87 -60.20 -51.44
C LEU D 108 3.46 -59.42 -50.28
N LEU D 109 4.77 -59.50 -50.12
CA LEU D 109 5.44 -58.82 -49.02
C LEU D 109 5.23 -57.32 -49.10
N ILE D 110 5.20 -56.80 -50.33
CA ILE D 110 4.93 -55.41 -50.61
C ILE D 110 3.52 -55.06 -50.16
N ASP D 111 2.55 -55.78 -50.70
CA ASP D 111 1.16 -55.50 -50.41
C ASP D 111 0.83 -55.70 -48.94
N GLU D 112 1.59 -56.52 -48.25
CA GLU D 112 1.39 -56.65 -46.83
C GLU D 112 1.88 -55.39 -46.16
N ALA D 113 3.00 -54.84 -46.63
CA ALA D 113 3.59 -53.66 -46.01
C ALA D 113 2.72 -52.44 -46.23
N ILE D 114 2.01 -52.41 -47.35
CA ILE D 114 1.08 -51.33 -47.64
C ILE D 114 -0.11 -51.34 -46.70
N LEU D 115 -0.66 -52.52 -46.46
CA LEU D 115 -1.78 -52.67 -45.55
C LEU D 115 -1.36 -52.41 -44.12
N LYS D 116 -0.07 -52.48 -43.82
CA LYS D 116 0.38 -52.16 -42.49
C LYS D 116 0.37 -50.65 -42.33
N CYS D 117 0.64 -49.95 -43.44
CA CYS D 117 0.54 -48.50 -43.48
C CYS D 117 -0.90 -48.07 -43.34
N ASP D 118 -1.76 -48.58 -44.21
CA ASP D 118 -3.16 -48.17 -44.16
C ASP D 118 -3.76 -48.45 -42.79
N ALA D 119 -3.22 -49.42 -42.07
CA ALA D 119 -3.70 -49.71 -40.72
C ALA D 119 -3.15 -48.72 -39.70
N GLU D 120 -1.85 -48.42 -39.78
CA GLU D 120 -1.25 -47.43 -38.89
C GLU D 120 -1.82 -46.04 -39.18
N ARG D 121 -2.06 -45.73 -40.44
CA ARG D 121 -2.66 -44.45 -40.81
C ARG D 121 -4.07 -44.25 -40.22
N ILE D 122 -4.81 -45.32 -40.02
CA ILE D 122 -6.16 -45.16 -39.49
C ILE D 122 -6.13 -44.88 -37.99
N LYS D 123 -5.26 -45.56 -37.27
CA LYS D 123 -5.11 -45.37 -35.84
C LYS D 123 -4.61 -43.96 -35.57
N LEU D 124 -3.72 -43.48 -36.45
CA LEU D 124 -3.09 -42.15 -36.31
C LEU D 124 -4.07 -41.00 -36.59
N GLU D 125 -4.82 -41.08 -37.68
CA GLU D 125 -5.80 -40.04 -38.00
C GLU D 125 -6.70 -39.86 -36.81
N ALA D 126 -6.90 -40.95 -36.08
CA ALA D 126 -7.76 -40.95 -34.91
C ALA D 126 -7.08 -40.29 -33.72
N GLU D 127 -5.84 -40.67 -33.49
CA GLU D 127 -5.09 -40.17 -32.34
C GLU D 127 -4.78 -38.68 -32.56
N ARG D 128 -4.64 -38.30 -33.82
CA ARG D 128 -4.39 -36.92 -34.20
C ARG D 128 -5.62 -36.10 -33.91
N PHE D 129 -6.75 -36.55 -34.42
CA PHE D 129 -7.99 -35.84 -34.16
C PHE D 129 -8.36 -35.81 -32.69
N GLU D 130 -7.95 -36.81 -31.93
CA GLU D 130 -8.32 -36.87 -30.53
C GLU D 130 -7.59 -35.78 -29.73
N ASN D 131 -6.26 -35.71 -29.89
CA ASN D 131 -5.47 -34.61 -29.37
C ASN D 131 -5.93 -33.26 -29.88
N LEU D 132 -6.15 -33.17 -31.18
CA LEU D 132 -6.37 -31.90 -31.85
C LEU D 132 -7.58 -31.16 -31.30
N ARG D 133 -8.55 -31.89 -30.77
CA ARG D 133 -9.75 -31.24 -30.29
C ARG D 133 -9.69 -30.96 -28.79
N GLU D 134 -8.62 -31.39 -28.13
CA GLU D 134 -8.39 -31.01 -26.73
C GLU D 134 -7.49 -29.77 -26.64
N ILE D 135 -7.13 -29.22 -27.79
CA ILE D 135 -6.22 -28.09 -27.84
C ILE D 135 -6.96 -26.80 -28.18
N GLY D 136 -6.91 -25.85 -27.26
CA GLY D 136 -7.62 -24.60 -27.43
C GLY D 136 -7.04 -23.66 -28.48
N ASN D 137 -7.83 -22.68 -28.88
CA ASN D 137 -7.45 -21.70 -29.88
C ASN D 137 -6.31 -20.86 -29.35
N LEU D 138 -5.54 -20.26 -30.25
CA LEU D 138 -4.53 -19.28 -29.85
C LEU D 138 -5.16 -18.10 -29.09
N LEU D 139 -4.48 -17.57 -28.08
CA LEU D 139 -4.96 -16.41 -27.33
C LEU D 139 -4.56 -15.07 -27.93
N HIS D 140 -5.43 -14.08 -27.84
CA HIS D 140 -5.03 -12.72 -28.14
C HIS D 140 -3.99 -12.31 -27.10
N PRO D 141 -3.02 -11.45 -27.49
CA PRO D 141 -1.93 -11.04 -26.58
C PRO D 141 -2.42 -10.38 -25.30
N SER D 142 -3.52 -9.63 -25.41
CA SER D 142 -4.08 -8.88 -24.28
C SER D 142 -4.77 -9.72 -23.20
N VAL D 143 -4.90 -11.03 -23.42
CA VAL D 143 -5.56 -11.88 -22.44
C VAL D 143 -4.67 -12.02 -21.24
N PRO D 144 -5.24 -11.75 -20.05
CA PRO D 144 -4.62 -11.98 -18.74
C PRO D 144 -4.16 -13.42 -18.60
N ILE D 145 -2.95 -13.69 -18.16
CA ILE D 145 -2.62 -15.10 -18.03
C ILE D 145 -2.75 -15.51 -16.58
N SER D 146 -3.84 -16.23 -16.26
CA SER D 146 -4.09 -16.72 -14.92
C SER D 146 -5.11 -17.85 -14.96
N ASN D 147 -5.12 -18.72 -13.94
CA ASN D 147 -6.21 -19.67 -13.79
C ASN D 147 -7.25 -19.27 -12.76
N ASP D 148 -7.10 -18.08 -12.17
CA ASP D 148 -7.98 -17.65 -11.09
C ASP D 148 -8.82 -16.48 -11.56
N GLU D 149 -10.11 -16.69 -11.83
CA GLU D 149 -10.89 -15.55 -12.30
C GLU D 149 -11.41 -14.62 -11.20
N ASP D 150 -11.69 -15.18 -10.03
CA ASP D 150 -12.17 -14.38 -8.90
C ASP D 150 -11.23 -13.21 -8.65
N VAL D 151 -9.95 -13.52 -8.51
CA VAL D 151 -8.92 -12.52 -8.29
C VAL D 151 -8.44 -11.76 -9.53
N ASP D 152 -8.15 -12.52 -10.59
CA ASP D 152 -7.29 -12.04 -11.69
C ASP D 152 -7.91 -11.45 -12.96
N ASN D 153 -9.24 -11.41 -13.06
CA ASN D 153 -9.87 -10.79 -14.22
C ASN D 153 -9.56 -9.29 -14.33
N LYS D 154 -9.08 -8.86 -15.48
CA LYS D 154 -8.57 -7.50 -15.61
C LYS D 154 -9.72 -6.53 -15.94
N VAL D 155 -9.90 -5.49 -15.12
CA VAL D 155 -10.94 -4.49 -15.42
C VAL D 155 -10.39 -3.48 -16.37
N GLU D 156 -10.93 -3.41 -17.57
CA GLU D 156 -10.33 -2.51 -18.56
C GLU D 156 -10.98 -1.13 -18.68
N ARG D 157 -12.16 -0.95 -18.08
CA ARG D 157 -12.93 0.29 -18.24
C ARG D 157 -13.92 0.45 -17.10
N ILE D 158 -14.38 1.67 -16.83
CA ILE D 158 -15.51 1.87 -15.93
C ILE D 158 -16.34 2.98 -16.50
N TRP D 159 -17.67 2.86 -16.33
CA TRP D 159 -18.61 3.91 -16.76
C TRP D 159 -19.65 4.10 -15.67
N GLY D 160 -20.01 5.36 -15.42
CA GLY D 160 -20.97 5.73 -14.39
C GLY D 160 -20.56 5.43 -12.95
N ASP D 161 -21.48 5.67 -12.02
CA ASP D 161 -21.13 5.53 -10.62
C ASP D 161 -21.45 4.13 -10.11
N CYS D 162 -20.39 3.37 -9.87
CA CYS D 162 -20.46 2.00 -9.38
C CYS D 162 -20.26 1.86 -7.88
N THR D 163 -20.11 3.00 -7.21
CA THR D 163 -20.04 3.03 -5.76
C THR D 163 -21.41 3.10 -5.08
N VAL D 164 -22.40 3.59 -5.82
CA VAL D 164 -23.66 4.07 -5.23
C VAL D 164 -24.44 2.95 -4.50
N ARG D 165 -25.31 3.31 -3.57
CA ARG D 165 -26.13 2.28 -2.93
C ARG D 165 -27.60 2.69 -2.88
N LYS D 166 -28.46 1.68 -2.89
CA LYS D 166 -29.90 1.93 -2.84
C LYS D 166 -30.60 0.94 -1.91
N LYS D 167 -31.87 1.24 -1.62
CA LYS D 167 -32.61 0.56 -0.55
C LYS D 167 -32.81 -0.93 -0.82
N TYR D 168 -33.29 -1.23 -2.02
CA TYR D 168 -33.86 -2.53 -2.31
C TYR D 168 -33.10 -3.33 -3.37
N SER D 169 -32.89 -4.63 -3.10
CA SER D 169 -32.41 -5.54 -4.12
C SER D 169 -33.52 -5.89 -5.12
N HIS D 170 -33.14 -6.38 -6.29
CA HIS D 170 -34.13 -6.73 -7.32
C HIS D 170 -35.05 -7.84 -6.81
N VAL D 171 -34.54 -8.70 -5.94
CA VAL D 171 -35.34 -9.78 -5.36
C VAL D 171 -36.63 -9.26 -4.75
N ASP D 172 -36.53 -8.13 -4.06
CA ASP D 172 -37.71 -7.45 -3.52
C ASP D 172 -38.48 -6.73 -4.59
N LEU D 173 -37.77 -5.94 -5.39
CA LEU D 173 -38.41 -4.95 -6.27
C LEU D 173 -39.37 -5.59 -7.23
N VAL D 174 -39.05 -6.81 -7.64
CA VAL D 174 -39.83 -7.56 -8.61
C VAL D 174 -41.21 -7.94 -8.01
N VAL D 175 -41.22 -8.18 -6.70
CA VAL D 175 -42.45 -8.34 -5.93
C VAL D 175 -43.21 -7.03 -5.72
N MET D 176 -42.51 -6.00 -5.24
CA MET D 176 -43.12 -4.71 -4.93
C MET D 176 -43.87 -4.07 -6.10
N VAL D 177 -43.54 -4.43 -7.33
CA VAL D 177 -44.24 -3.87 -8.47
C VAL D 177 -45.36 -4.82 -8.92
N ASP D 178 -45.46 -5.96 -8.23
CA ASP D 178 -46.37 -7.04 -8.62
C ASP D 178 -46.13 -7.48 -10.06
N GLY D 179 -44.87 -7.82 -10.35
CA GLY D 179 -44.52 -8.42 -11.63
C GLY D 179 -44.05 -9.85 -11.56
N PHE D 180 -44.14 -10.49 -10.41
CA PHE D 180 -43.50 -11.78 -10.26
C PHE D 180 -44.36 -12.70 -9.41
N GLU D 181 -44.57 -13.92 -9.89
CA GLU D 181 -45.14 -14.97 -9.02
C GLU D 181 -44.26 -16.23 -9.08
N GLY D 182 -43.56 -16.52 -7.98
CA GLY D 182 -42.61 -17.61 -7.93
C GLY D 182 -42.95 -18.89 -7.20
N GLU D 183 -43.99 -18.87 -6.38
CA GLU D 183 -44.30 -20.05 -5.57
C GLU D 183 -44.98 -21.14 -6.41
N LYS D 184 -46.01 -20.74 -7.15
CA LYS D 184 -46.71 -21.65 -8.05
C LYS D 184 -45.92 -21.80 -9.34
N GLY D 185 -45.15 -20.76 -9.68
CA GLY D 185 -44.24 -20.88 -10.78
C GLY D 185 -43.34 -22.08 -10.53
N ALA D 186 -43.05 -22.32 -9.26
CA ALA D 186 -42.16 -23.40 -8.83
C ALA D 186 -42.83 -24.79 -8.81
N VAL D 187 -44.11 -24.83 -8.44
CA VAL D 187 -44.86 -26.08 -8.46
C VAL D 187 -45.04 -26.55 -9.92
N VAL D 188 -45.40 -25.62 -10.79
CA VAL D 188 -45.57 -25.87 -12.23
C VAL D 188 -44.31 -26.31 -12.97
N ALA D 189 -43.28 -25.47 -12.96
CA ALA D 189 -42.07 -25.73 -13.75
C ALA D 189 -40.92 -26.38 -12.98
N GLY D 190 -41.09 -26.58 -11.68
CA GLY D 190 -40.02 -27.09 -10.83
C GLY D 190 -39.26 -26.00 -10.07
N SER D 191 -38.08 -26.31 -9.56
CA SER D 191 -37.28 -25.34 -8.81
C SER D 191 -36.69 -24.26 -9.71
N ARG D 192 -36.86 -22.99 -9.31
CA ARG D 192 -36.40 -21.85 -10.10
C ARG D 192 -37.39 -21.38 -11.19
N GLY D 193 -38.50 -22.10 -11.33
CA GLY D 193 -39.54 -21.71 -12.27
C GLY D 193 -40.28 -20.46 -11.82
N TYR D 194 -40.73 -19.65 -12.78
CA TYR D 194 -41.35 -18.38 -12.44
C TYR D 194 -42.44 -17.92 -13.42
N PHE D 195 -43.38 -17.14 -12.92
CA PHE D 195 -44.29 -16.38 -13.76
C PHE D 195 -43.84 -14.93 -13.77
N LEU D 196 -43.88 -14.31 -14.93
CA LEU D 196 -43.57 -12.89 -15.00
C LEU D 196 -44.85 -12.22 -15.41
N LYS D 197 -45.41 -11.36 -14.57
CA LYS D 197 -46.69 -10.75 -14.87
C LYS D 197 -46.68 -9.23 -14.90
N GLY D 198 -47.69 -8.65 -15.52
CA GLY D 198 -47.94 -7.22 -15.44
C GLY D 198 -46.94 -6.26 -16.03
N VAL D 199 -46.46 -5.34 -15.20
CA VAL D 199 -45.54 -4.29 -15.64
C VAL D 199 -44.25 -4.90 -16.19
N LEU D 200 -43.80 -5.97 -15.54
CA LEU D 200 -42.55 -6.59 -15.92
C LEU D 200 -42.59 -7.23 -17.31
N VAL D 201 -43.77 -7.55 -17.81
CA VAL D 201 -43.90 -8.11 -19.14
C VAL D 201 -43.81 -7.00 -20.18
N PHE D 202 -44.45 -5.88 -19.87
CA PHE D 202 -44.44 -4.73 -20.76
C PHE D 202 -43.08 -4.13 -20.87
N LEU D 203 -42.33 -4.19 -19.77
CA LEU D 203 -40.99 -3.64 -19.71
C LEU D 203 -40.08 -4.46 -20.58
N GLU D 204 -40.07 -5.77 -20.34
CA GLU D 204 -39.28 -6.70 -21.12
C GLU D 204 -39.51 -6.56 -22.62
N GLN D 205 -40.74 -6.28 -23.00
CA GLN D 205 -41.04 -6.09 -24.42
C GLN D 205 -40.40 -4.81 -24.90
N ALA D 206 -40.22 -3.88 -23.99
CA ALA D 206 -39.60 -2.61 -24.33
C ALA D 206 -38.13 -2.85 -24.61
N LEU D 207 -37.44 -3.51 -23.68
CA LEU D 207 -36.04 -3.91 -23.88
C LEU D 207 -35.89 -4.53 -25.27
N ILE D 208 -36.57 -5.65 -25.47
CA ILE D 208 -36.46 -6.38 -26.71
C ILE D 208 -36.61 -5.42 -27.88
N GLN D 209 -37.57 -4.51 -27.79
CA GLN D 209 -37.82 -3.61 -28.91
C GLN D 209 -36.69 -2.61 -29.08
N TYR D 210 -36.24 -2.04 -27.97
CA TYR D 210 -35.11 -1.13 -28.00
C TYR D 210 -33.89 -1.87 -28.56
N ALA D 211 -33.54 -2.99 -27.93
CA ALA D 211 -32.45 -3.85 -28.39
C ALA D 211 -32.56 -4.16 -29.88
N LEU D 212 -33.73 -4.60 -30.33
CA LEU D 212 -33.85 -4.93 -31.74
C LEU D 212 -33.65 -3.72 -32.65
N ARG D 213 -34.18 -2.55 -32.26
CA ARG D 213 -34.03 -1.36 -33.09
C ARG D 213 -32.61 -0.81 -33.04
N THR D 214 -32.02 -0.78 -31.85
CA THR D 214 -30.59 -0.49 -31.72
C THR D 214 -29.77 -1.30 -32.72
N LEU D 215 -29.70 -2.62 -32.54
CA LEU D 215 -28.93 -3.47 -33.43
C LEU D 215 -29.38 -3.37 -34.88
N GLY D 216 -30.68 -3.24 -35.09
CA GLY D 216 -31.19 -3.25 -36.45
C GLY D 216 -30.63 -2.14 -37.32
N SER D 217 -30.44 -0.99 -36.69
CA SER D 217 -30.03 0.22 -37.37
C SER D 217 -28.50 0.26 -37.58
N ARG D 218 -27.80 -0.60 -36.84
CA ARG D 218 -26.36 -0.76 -36.97
C ARG D 218 -26.01 -1.89 -37.93
N GLY D 219 -27.02 -2.45 -38.59
CA GLY D 219 -26.77 -3.34 -39.70
C GLY D 219 -27.00 -4.82 -39.44
N TYR D 220 -27.23 -5.16 -38.18
CA TYR D 220 -27.60 -6.51 -37.78
C TYR D 220 -29.00 -6.86 -38.29
N ILE D 221 -29.10 -8.00 -38.98
CA ILE D 221 -30.37 -8.60 -39.36
C ILE D 221 -30.92 -9.39 -38.18
N PRO D 222 -32.13 -9.04 -37.72
CA PRO D 222 -32.68 -9.83 -36.61
C PRO D 222 -33.09 -11.20 -37.10
N ILE D 223 -32.89 -12.20 -36.27
CA ILE D 223 -33.22 -13.56 -36.65
C ILE D 223 -33.75 -14.33 -35.45
N TYR D 224 -34.87 -15.01 -35.66
CA TYR D 224 -35.57 -15.72 -34.61
C TYR D 224 -35.26 -17.18 -34.86
N THR D 225 -34.84 -17.91 -33.82
CA THR D 225 -34.22 -19.22 -34.01
C THR D 225 -35.08 -20.36 -33.46
N PRO D 226 -34.91 -21.59 -33.99
CA PRO D 226 -35.51 -22.74 -33.31
C PRO D 226 -34.98 -22.89 -31.88
N PHE D 227 -35.90 -23.18 -30.96
CA PHE D 227 -35.55 -23.32 -29.55
C PHE D 227 -35.06 -24.73 -29.27
N PHE D 228 -35.09 -25.61 -30.28
CA PHE D 228 -34.48 -26.94 -30.15
C PHE D 228 -33.79 -27.49 -31.40
N MET D 229 -32.92 -28.47 -31.19
CA MET D 229 -32.18 -29.10 -32.28
C MET D 229 -32.04 -30.61 -32.06
N ARG D 230 -31.94 -31.37 -33.14
CA ARG D 230 -31.66 -32.80 -33.05
C ARG D 230 -30.24 -33.01 -32.54
N LYS D 231 -29.99 -34.12 -31.84
CA LYS D 231 -28.66 -34.39 -31.28
C LYS D 231 -27.56 -34.21 -32.34
N GLU D 232 -27.74 -34.84 -33.50
CA GLU D 232 -26.71 -34.89 -34.54
C GLU D 232 -26.16 -33.51 -34.96
N VAL D 233 -27.01 -32.50 -35.01
CA VAL D 233 -26.57 -31.15 -35.34
C VAL D 233 -25.94 -30.40 -34.14
N MET D 234 -26.47 -30.65 -32.95
CA MET D 234 -25.99 -30.01 -31.72
C MET D 234 -24.59 -30.49 -31.34
N GLN D 235 -24.30 -31.75 -31.65
CA GLN D 235 -22.98 -32.33 -31.39
C GLN D 235 -21.90 -31.74 -32.31
N GLU D 236 -22.31 -31.21 -33.47
CA GLU D 236 -21.38 -30.52 -34.37
C GLU D 236 -21.17 -29.05 -34.00
N VAL D 237 -22.01 -28.51 -33.13
CA VAL D 237 -21.86 -27.11 -32.68
C VAL D 237 -21.48 -27.10 -31.19
N ALA D 238 -21.25 -25.91 -30.63
CA ALA D 238 -20.79 -25.80 -29.24
C ALA D 238 -19.44 -26.49 -28.97
N GLN D 239 -19.43 -27.44 -28.02
CA GLN D 239 -18.19 -28.12 -27.57
C GLN D 239 -18.46 -29.54 -26.97
N LEU D 240 -17.44 -30.12 -26.33
CA LEU D 240 -17.60 -31.38 -25.58
C LEU D 240 -18.46 -31.21 -24.32
N SER D 241 -18.11 -30.23 -23.48
CA SER D 241 -18.89 -29.89 -22.29
C SER D 241 -20.19 -29.19 -22.68
N PHE D 243 -22.35 -31.29 -26.45
CA PHE D 243 -23.70 -31.74 -26.16
C PHE D 243 -23.79 -32.40 -24.77
N ASP D 244 -23.22 -31.73 -23.78
CA ASP D 244 -23.12 -32.23 -22.41
C ASP D 244 -24.47 -32.33 -21.68
N GLU D 245 -24.49 -33.10 -20.58
CA GLU D 245 -25.69 -33.31 -19.77
C GLU D 245 -26.28 -32.04 -19.12
N GLU D 246 -25.54 -30.93 -19.21
CA GLU D 246 -26.02 -29.62 -18.75
C GLU D 246 -27.07 -28.95 -19.67
N LEU D 247 -27.32 -29.56 -20.83
CA LEU D 247 -28.39 -29.12 -21.75
C LEU D 247 -29.66 -29.94 -21.59
N TYR D 248 -30.81 -29.28 -21.74
CA TYR D 248 -32.09 -29.98 -21.63
C TYR D 248 -32.35 -30.93 -22.80
N LYS D 249 -33.04 -32.04 -22.56
CA LYS D 249 -33.32 -33.04 -23.59
C LYS D 249 -34.78 -33.00 -24.03
N VAL D 250 -35.03 -33.24 -25.32
CA VAL D 250 -36.40 -33.30 -25.85
C VAL D 250 -36.67 -34.65 -26.52
N ILE D 251 -37.89 -35.17 -26.32
CA ILE D 251 -38.24 -36.49 -26.83
C ILE D 251 -39.53 -36.50 -27.66
N GLY D 252 -39.37 -36.85 -28.94
CA GLY D 252 -40.46 -36.83 -29.91
C GLY D 252 -41.01 -38.16 -30.39
N LYS D 253 -41.83 -38.10 -31.43
CA LYS D 253 -42.57 -39.26 -31.93
C LYS D 253 -43.13 -38.99 -33.33
N ASP D 264 -35.12 -39.73 -33.13
CA ASP D 264 -35.05 -38.30 -33.34
C ASP D 264 -35.26 -37.51 -32.04
N GLU D 265 -34.33 -37.71 -31.10
CA GLU D 265 -34.32 -36.96 -29.85
C GLU D 265 -33.53 -35.66 -30.02
N LYS D 266 -33.99 -34.61 -29.35
CA LYS D 266 -33.48 -33.26 -29.59
C LYS D 266 -33.02 -32.58 -28.30
N TYR D 267 -32.29 -31.47 -28.46
CA TYR D 267 -31.85 -30.66 -27.34
C TYR D 267 -32.51 -29.26 -27.36
N LEU D 268 -32.74 -28.69 -26.17
CA LEU D 268 -33.18 -27.29 -26.06
C LEU D 268 -32.01 -26.32 -26.05
N ILE D 269 -31.96 -25.43 -27.03
CA ILE D 269 -30.86 -24.47 -27.17
C ILE D 269 -30.59 -23.63 -25.90
N ALA D 270 -29.31 -23.46 -25.58
CA ALA D 270 -28.89 -22.60 -24.45
C ALA D 270 -28.50 -21.19 -24.89
N THR D 271 -28.47 -20.99 -26.21
CA THR D 271 -28.16 -19.72 -26.84
C THR D 271 -28.72 -19.79 -28.25
N SER D 272 -28.89 -18.63 -28.91
CA SER D 272 -29.18 -18.64 -30.35
C SER D 272 -27.89 -18.98 -31.10
N GLU D 273 -26.77 -18.85 -30.40
CA GLU D 273 -25.44 -19.13 -30.95
C GLU D 273 -25.38 -20.49 -31.64
N GLN D 274 -25.94 -21.50 -30.97
CA GLN D 274 -26.00 -22.84 -31.54
C GLN D 274 -26.73 -22.89 -32.87
N PRO D 275 -28.01 -22.49 -32.91
CA PRO D 275 -28.75 -22.57 -34.19
C PRO D 275 -28.15 -21.74 -35.33
N ILE D 276 -27.61 -20.55 -35.04
CA ILE D 276 -27.14 -19.68 -36.12
C ILE D 276 -25.83 -20.17 -36.70
N ALA D 277 -25.03 -20.82 -35.85
CA ALA D 277 -23.82 -21.51 -36.29
C ALA D 277 -24.20 -22.54 -37.37
N ALA D 278 -25.16 -23.38 -37.04
CA ALA D 278 -25.65 -24.40 -37.98
C ALA D 278 -26.31 -23.76 -39.21
N LEU D 279 -26.47 -22.44 -39.17
CA LEU D 279 -27.05 -21.72 -40.30
C LEU D 279 -26.12 -21.79 -41.49
N HIS D 280 -24.89 -21.37 -41.28
CA HIS D 280 -23.92 -21.25 -42.36
C HIS D 280 -22.97 -22.43 -42.58
N ARG D 281 -23.20 -23.53 -41.89
CA ARG D 281 -22.36 -24.72 -42.06
C ARG D 281 -22.16 -25.05 -43.52
N ASP D 282 -20.94 -25.43 -43.85
CA ASP D 282 -20.63 -26.06 -45.11
C ASP D 282 -20.85 -25.20 -46.36
N GLU D 283 -20.78 -23.88 -46.24
CA GLU D 283 -20.88 -23.04 -47.41
C GLU D 283 -19.73 -22.03 -47.56
N TRP D 284 -19.60 -21.42 -48.74
CA TRP D 284 -18.52 -20.48 -49.04
C TRP D 284 -19.03 -19.05 -49.02
N LEU D 285 -18.64 -18.25 -48.04
CA LEU D 285 -19.13 -16.87 -48.00
C LEU D 285 -18.41 -15.97 -48.99
N ARG D 286 -19.18 -15.10 -49.65
CA ARG D 286 -18.60 -14.15 -50.60
C ARG D 286 -17.95 -13.02 -49.83
N PRO D 287 -16.64 -12.81 -50.05
CA PRO D 287 -15.84 -11.86 -49.27
C PRO D 287 -16.44 -10.46 -49.18
N GLU D 288 -17.21 -10.06 -50.19
CA GLU D 288 -17.80 -8.72 -50.21
C GLU D 288 -19.10 -8.66 -49.41
N ASP D 289 -19.66 -9.83 -49.09
CA ASP D 289 -20.84 -9.91 -48.24
C ASP D 289 -20.50 -9.72 -46.76
N LEU D 290 -19.22 -9.85 -46.41
CA LEU D 290 -18.79 -9.71 -45.02
C LEU D 290 -18.40 -8.28 -44.65
N PRO D 291 -18.61 -7.89 -43.39
CA PRO D 291 -19.18 -8.71 -42.30
C PRO D 291 -20.67 -8.98 -42.43
N ILE D 292 -21.08 -10.16 -42.02
CA ILE D 292 -22.47 -10.54 -41.93
C ILE D 292 -22.87 -10.48 -40.47
N LYS D 293 -23.81 -9.63 -40.12
CA LYS D 293 -24.22 -9.49 -38.72
C LYS D 293 -25.66 -9.95 -38.45
N TYR D 294 -25.86 -10.64 -37.33
CA TYR D 294 -27.16 -11.16 -36.96
C TYR D 294 -27.49 -10.78 -35.53
N ALA D 295 -28.71 -10.33 -35.29
CA ALA D 295 -29.14 -10.17 -33.92
C ALA D 295 -30.08 -11.32 -33.63
N GLY D 296 -29.62 -12.27 -32.83
CA GLY D 296 -30.40 -13.46 -32.56
C GLY D 296 -31.39 -13.22 -31.44
N LEU D 297 -32.56 -13.79 -31.61
CA LEU D 297 -33.61 -13.60 -30.64
C LEU D 297 -34.12 -15.00 -30.34
N SER D 298 -34.12 -15.38 -29.08
CA SER D 298 -34.53 -16.73 -28.73
C SER D 298 -34.96 -16.83 -27.28
N THR D 299 -35.64 -17.91 -26.94
CA THR D 299 -35.76 -18.30 -25.55
C THR D 299 -34.66 -19.32 -25.27
N CYS D 300 -34.07 -19.24 -24.07
CA CYS D 300 -32.94 -20.08 -23.75
C CYS D 300 -33.19 -20.85 -22.49
N PHE D 301 -32.68 -22.07 -22.46
CA PHE D 301 -32.90 -22.96 -21.34
C PHE D 301 -31.57 -23.43 -20.82
N ARG D 302 -31.26 -23.01 -19.60
CA ARG D 302 -30.05 -23.41 -18.92
C ARG D 302 -30.46 -24.36 -17.81
N GLN D 303 -29.89 -25.56 -17.83
CA GLN D 303 -30.03 -26.46 -16.69
C GLN D 303 -28.87 -26.20 -15.74
N GLU D 304 -27.91 -25.40 -16.21
CA GLU D 304 -26.72 -25.06 -15.45
C GLU D 304 -27.06 -24.57 -14.02
N VAL D 305 -27.67 -23.39 -13.92
CA VAL D 305 -28.02 -22.81 -12.62
C VAL D 305 -28.95 -21.61 -12.80
N THR D 312 -34.11 -17.81 -1.59
CA THR D 312 -33.18 -17.39 -2.63
C THR D 312 -33.85 -17.23 -4.00
N ARG D 313 -35.12 -16.86 -4.01
CA ARG D 313 -35.93 -16.87 -5.24
C ARG D 313 -36.21 -15.50 -5.87
N GLY D 314 -35.60 -15.25 -7.03
CA GLY D 314 -35.85 -14.05 -7.81
C GLY D 314 -35.61 -14.31 -9.29
N ILE D 315 -35.89 -13.31 -10.12
CA ILE D 315 -35.77 -13.42 -11.58
C ILE D 315 -34.34 -13.61 -12.13
N PHE D 316 -33.32 -13.40 -11.29
CA PHE D 316 -31.96 -13.26 -11.82
C PHE D 316 -31.34 -14.56 -12.34
N ARG D 317 -31.34 -15.60 -11.53
CA ARG D 317 -30.86 -16.91 -11.99
C ARG D 317 -32.07 -17.84 -12.23
N VAL D 318 -32.31 -18.15 -13.50
CA VAL D 318 -33.52 -18.86 -13.90
C VAL D 318 -33.25 -19.90 -14.99
N HIS D 319 -34.21 -20.80 -15.18
CA HIS D 319 -34.11 -21.88 -16.17
C HIS D 319 -34.37 -21.45 -17.61
N GLN D 320 -35.29 -20.50 -17.80
CA GLN D 320 -35.64 -20.04 -19.13
C GLN D 320 -35.80 -18.52 -19.18
N PHE D 321 -35.23 -17.89 -20.21
CA PHE D 321 -35.25 -16.43 -20.33
C PHE D 321 -35.07 -16.04 -21.79
N GLU D 322 -35.49 -14.83 -22.17
CA GLU D 322 -35.25 -14.32 -23.54
C GLU D 322 -33.90 -13.65 -23.62
N LYS D 323 -33.20 -13.85 -24.72
CA LYS D 323 -31.86 -13.29 -24.83
C LYS D 323 -31.61 -12.78 -26.25
N ILE D 324 -31.14 -11.54 -26.38
CA ILE D 324 -30.71 -10.99 -27.65
C ILE D 324 -29.19 -11.20 -27.80
N GLU D 325 -28.76 -11.84 -28.88
CA GLU D 325 -27.35 -12.10 -29.08
C GLU D 325 -26.87 -11.50 -30.39
N GLN D 326 -25.63 -11.01 -30.42
CA GLN D 326 -25.00 -10.62 -31.68
C GLN D 326 -24.17 -11.77 -32.20
N PHE D 327 -24.27 -12.05 -33.48
CA PHE D 327 -23.41 -13.05 -34.10
CA PHE D 327 -23.41 -13.05 -34.10
C PHE D 327 -22.83 -12.41 -35.36
N VAL D 328 -21.50 -12.36 -35.44
CA VAL D 328 -20.89 -11.76 -36.62
C VAL D 328 -19.96 -12.72 -37.31
N TYR D 329 -20.07 -12.77 -38.62
CA TYR D 329 -19.14 -13.49 -39.48
C TYR D 329 -18.22 -12.44 -40.14
N SER D 330 -16.91 -12.66 -40.18
CA SER D 330 -16.04 -11.68 -40.81
C SER D 330 -14.82 -12.25 -41.51
N SER D 331 -14.03 -11.35 -42.07
CA SER D 331 -12.85 -11.73 -42.81
C SER D 331 -11.69 -12.07 -41.87
N PRO D 332 -10.94 -13.11 -42.21
CA PRO D 332 -9.77 -13.56 -41.45
C PRO D 332 -8.54 -12.64 -41.59
N HIS D 333 -8.54 -11.81 -42.64
CA HIS D 333 -7.42 -10.91 -42.93
C HIS D 333 -7.41 -9.57 -42.21
N ASP D 334 -6.20 -9.02 -42.03
CA ASP D 334 -5.98 -7.58 -41.79
C ASP D 334 -6.50 -7.03 -40.47
N ASN D 335 -6.52 -7.89 -39.46
CA ASN D 335 -7.11 -7.57 -38.16
C ASN D 335 -8.61 -7.21 -38.22
N LYS D 336 -9.30 -7.59 -39.28
CA LYS D 336 -10.68 -7.13 -39.45
C LYS D 336 -11.57 -7.72 -38.35
N SER D 337 -11.30 -8.95 -37.96
CA SER D 337 -12.09 -9.57 -36.91
C SER D 337 -11.87 -8.96 -35.52
N TRP D 338 -10.70 -8.41 -35.24
CA TRP D 338 -10.49 -7.73 -33.94
C TRP D 338 -11.03 -6.31 -33.93
N GLU D 339 -11.09 -5.70 -35.09
CA GLU D 339 -11.70 -4.39 -35.21
C GLU D 339 -13.16 -4.62 -34.87
N MET D 340 -13.72 -5.66 -35.49
CA MET D 340 -15.11 -6.00 -35.32
C MET D 340 -15.38 -6.37 -33.86
N PHE D 341 -14.45 -7.08 -33.25
CA PHE D 341 -14.59 -7.42 -31.84
C PHE D 341 -14.72 -6.19 -30.96
N GLU D 342 -14.03 -5.11 -31.30
CA GLU D 342 -14.10 -3.90 -30.47
C GLU D 342 -15.36 -3.12 -30.77
N GLU D 343 -15.91 -3.34 -31.96
CA GLU D 343 -17.10 -2.62 -32.38
C GLU D 343 -18.34 -3.22 -31.73
N MET D 344 -18.30 -4.54 -31.54
CA MET D 344 -19.37 -5.28 -30.90
C MET D 344 -19.47 -4.93 -29.43
N ILE D 345 -18.33 -4.75 -28.78
CA ILE D 345 -18.36 -4.47 -27.35
C ILE D 345 -18.75 -3.02 -27.08
N THR D 346 -18.39 -2.10 -27.97
CA THR D 346 -18.84 -0.73 -27.77
C THR D 346 -20.32 -0.62 -28.15
N THR D 347 -20.75 -1.35 -29.17
CA THR D 347 -22.18 -1.40 -29.49
C THR D 347 -23.02 -1.74 -28.25
N ALA D 348 -22.52 -2.67 -27.45
CA ALA D 348 -23.18 -3.07 -26.21
C ALA D 348 -23.02 -2.01 -25.15
N GLU D 349 -21.80 -1.51 -25.00
CA GLU D 349 -21.52 -0.43 -24.04
C GLU D 349 -22.46 0.77 -24.25
N GLU D 350 -22.54 1.23 -25.49
CA GLU D 350 -23.43 2.32 -25.83
C GLU D 350 -24.89 2.00 -25.45
N PHE D 351 -25.28 0.74 -25.56
CA PHE D 351 -26.60 0.27 -25.14
C PHE D 351 -26.82 0.49 -23.64
N TYR D 352 -25.93 -0.05 -22.81
CA TYR D 352 -26.09 0.15 -21.37
C TYR D 352 -25.86 1.59 -20.91
N GLN D 353 -25.08 2.34 -21.67
CA GLN D 353 -24.94 3.76 -21.38
C GLN D 353 -26.27 4.42 -21.62
N SER D 354 -26.82 4.22 -22.82
CA SER D 354 -28.04 4.90 -23.17
C SER D 354 -29.16 4.50 -22.22
N LEU D 355 -29.00 3.40 -21.52
CA LEU D 355 -30.00 2.98 -20.55
C LEU D 355 -29.64 3.44 -19.14
N GLY D 356 -28.53 4.14 -19.01
CA GLY D 356 -28.06 4.56 -17.70
C GLY D 356 -27.66 3.49 -16.68
N ILE D 357 -27.11 2.37 -17.13
CA ILE D 357 -26.62 1.38 -16.19
C ILE D 357 -25.13 1.56 -15.93
N PRO D 358 -24.75 1.82 -14.68
CA PRO D 358 -23.32 1.80 -14.40
C PRO D 358 -22.80 0.39 -14.63
N TYR D 359 -21.61 0.26 -15.22
CA TYR D 359 -20.97 -1.04 -15.47
C TYR D 359 -19.46 -0.90 -15.60
N HIS D 360 -18.77 -2.01 -15.52
CA HIS D 360 -17.35 -1.98 -15.91
C HIS D 360 -16.98 -3.15 -16.81
N ILE D 361 -16.09 -2.90 -17.77
CA ILE D 361 -15.64 -3.96 -18.68
C ILE D 361 -14.56 -4.83 -18.05
N VAL D 362 -14.61 -6.12 -18.31
CA VAL D 362 -13.64 -7.03 -17.74
C VAL D 362 -13.11 -8.01 -18.78
N ASN D 363 -11.79 -8.22 -18.77
CA ASN D 363 -11.10 -9.13 -19.68
C ASN D 363 -10.91 -10.44 -18.93
N ILE D 364 -11.37 -11.55 -19.51
CA ILE D 364 -11.46 -12.80 -18.76
C ILE D 364 -10.17 -13.58 -18.84
N VAL D 365 -9.80 -14.23 -17.74
CA VAL D 365 -8.52 -14.91 -17.67
C VAL D 365 -8.42 -16.12 -18.60
N SER D 366 -7.25 -16.33 -19.19
CA SER D 366 -6.99 -17.47 -20.06
C SER D 366 -7.44 -18.80 -19.45
N GLY D 367 -7.14 -19.01 -18.18
CA GLY D 367 -7.53 -20.23 -17.51
C GLY D 367 -9.03 -20.49 -17.60
N SER D 368 -9.80 -19.44 -17.80
CA SER D 368 -11.25 -19.56 -17.89
C SER D 368 -11.92 -19.58 -19.27
N LEU D 369 -11.17 -19.40 -20.35
CA LEU D 369 -11.81 -19.32 -21.65
C LEU D 369 -12.16 -20.71 -22.16
N ASN D 370 -13.18 -20.82 -23.01
CA ASN D 370 -13.41 -22.11 -23.67
C ASN D 370 -12.46 -22.29 -24.85
N HIS D 371 -12.49 -23.44 -25.49
CA HIS D 371 -11.47 -23.79 -26.48
C HIS D 371 -11.49 -22.87 -27.69
N ALA D 372 -12.67 -22.45 -28.11
CA ALA D 372 -12.77 -21.68 -29.34
C ALA D 372 -12.36 -20.24 -29.15
N ALA D 373 -12.60 -19.72 -27.95
CA ALA D 373 -12.41 -18.31 -27.65
C ALA D 373 -10.96 -17.93 -27.65
N SER D 374 -10.62 -16.94 -28.47
CA SER D 374 -9.33 -16.26 -28.48
C SER D 374 -9.21 -15.15 -27.41
N LYS D 375 -10.31 -14.45 -27.16
CA LYS D 375 -10.36 -13.42 -26.13
C LYS D 375 -11.81 -13.26 -25.67
N LYS D 376 -12.05 -12.92 -24.41
CA LYS D 376 -13.43 -12.70 -23.97
C LYS D 376 -13.60 -11.50 -23.05
N LEU D 377 -14.47 -10.56 -23.43
CA LEU D 377 -14.81 -9.43 -22.54
C LEU D 377 -16.20 -9.59 -21.90
N ASP D 378 -16.29 -9.33 -20.60
CA ASP D 378 -17.59 -9.28 -19.92
C ASP D 378 -17.98 -7.83 -19.63
N LEU D 379 -19.27 -7.52 -19.75
CA LEU D 379 -19.77 -6.26 -19.23
C LEU D 379 -20.48 -6.60 -17.93
N GLU D 380 -19.93 -6.20 -16.79
CA GLU D 380 -20.63 -6.43 -15.51
C GLU D 380 -21.28 -5.15 -14.99
N ALA D 381 -22.59 -5.18 -14.80
CA ALA D 381 -23.32 -4.01 -14.29
C ALA D 381 -23.19 -3.86 -12.79
N TRP D 382 -23.26 -2.61 -12.35
CA TRP D 382 -23.30 -2.34 -10.93
C TRP D 382 -24.75 -2.47 -10.41
N PHE D 383 -24.91 -3.15 -9.28
CA PHE D 383 -26.23 -3.41 -8.73
C PHE D 383 -26.34 -2.72 -7.38
N PRO D 384 -26.80 -1.45 -7.40
CA PRO D 384 -26.90 -0.55 -6.25
C PRO D 384 -27.55 -1.23 -5.07
N GLY D 385 -28.62 -1.97 -5.32
CA GLY D 385 -29.30 -2.70 -4.26
C GLY D 385 -28.51 -3.87 -3.69
N SER D 386 -28.04 -4.75 -4.56
CA SER D 386 -27.32 -5.93 -4.11
C SER D 386 -25.91 -5.57 -3.64
N GLY D 387 -25.42 -4.42 -4.11
CA GLY D 387 -24.06 -4.01 -3.80
C GLY D 387 -23.04 -4.97 -4.38
N ALA D 388 -23.25 -5.35 -5.63
CA ALA D 388 -22.32 -6.23 -6.33
C ALA D 388 -22.38 -6.01 -7.84
N PHE D 389 -21.35 -6.51 -8.51
CA PHE D 389 -21.34 -6.57 -9.97
C PHE D 389 -21.97 -7.87 -10.48
N ARG D 390 -22.68 -7.77 -11.59
CA ARG D 390 -23.28 -8.94 -12.22
C ARG D 390 -23.07 -8.86 -13.72
N GLU D 391 -22.78 -9.98 -14.36
CA GLU D 391 -22.50 -9.94 -15.80
C GLU D 391 -23.78 -9.86 -16.62
N LEU D 392 -23.94 -8.77 -17.38
CA LEU D 392 -24.97 -8.70 -18.40
C LEU D 392 -24.51 -9.05 -19.80
N VAL D 393 -23.23 -9.16 -20.04
CA VAL D 393 -22.79 -9.28 -21.42
C VAL D 393 -21.49 -10.04 -21.49
N SER D 394 -21.28 -10.76 -22.57
CA SER D 394 -19.99 -11.37 -22.84
C SER D 394 -19.80 -11.40 -24.32
N CYS D 395 -18.57 -11.13 -24.73
CA CYS D 395 -18.28 -10.95 -26.12
C CYS D 395 -17.05 -11.81 -26.33
N SER D 396 -17.12 -12.74 -27.29
CA SER D 396 -16.00 -13.62 -27.61
C SER D 396 -15.56 -13.44 -29.04
N ASN D 397 -14.26 -13.54 -29.29
CA ASN D 397 -13.78 -13.70 -30.66
C ASN D 397 -13.16 -15.07 -30.80
N CYS D 398 -13.79 -15.95 -31.58
CA CYS D 398 -13.32 -17.32 -31.71
C CYS D 398 -12.48 -17.49 -32.97
N THR D 399 -12.30 -16.40 -33.72
CA THR D 399 -11.52 -16.43 -34.96
C THR D 399 -12.00 -17.62 -35.80
N ASP D 400 -11.07 -18.38 -36.39
CA ASP D 400 -11.49 -19.43 -37.29
C ASP D 400 -11.70 -20.81 -36.65
N TYR D 401 -11.47 -20.91 -35.35
CA TYR D 401 -11.58 -22.20 -34.67
C TYR D 401 -12.89 -22.95 -34.92
N GLN D 402 -14.05 -22.34 -34.68
CA GLN D 402 -15.32 -22.99 -34.99
C GLN D 402 -15.51 -23.04 -36.49
N ALA D 403 -15.28 -21.93 -37.18
CA ALA D 403 -15.50 -21.89 -38.63
C ALA D 403 -14.87 -23.06 -39.38
N ARG D 404 -13.66 -23.44 -38.99
CA ARG D 404 -12.95 -24.56 -39.61
C ARG D 404 -13.68 -25.90 -39.42
N ARG D 405 -14.20 -26.12 -38.21
CA ARG D 405 -14.94 -27.34 -37.89
C ARG D 405 -16.31 -27.39 -38.57
N LEU D 406 -16.87 -26.22 -38.84
CA LEU D 406 -18.16 -26.14 -39.52
C LEU D 406 -17.98 -25.91 -41.03
N ARG D 407 -16.75 -25.78 -41.48
CA ARG D 407 -16.57 -25.69 -42.92
C ARG D 407 -16.99 -24.35 -43.53
N ILE D 408 -17.41 -23.37 -42.72
CA ILE D 408 -17.73 -22.07 -43.32
C ILE D 408 -16.46 -21.41 -43.87
N ARG D 409 -16.40 -21.15 -45.17
CA ARG D 409 -15.12 -20.78 -45.77
C ARG D 409 -15.13 -19.35 -46.22
N TYR D 410 -14.01 -18.89 -46.77
CA TYR D 410 -13.93 -17.51 -47.21
C TYR D 410 -13.34 -17.51 -48.61
N GLY D 411 -14.09 -17.01 -49.59
CA GLY D 411 -13.60 -16.91 -50.94
C GLY D 411 -13.70 -18.23 -51.71
N GLN D 412 -13.10 -18.26 -52.90
CA GLN D 412 -13.21 -19.41 -53.83
C GLN D 412 -14.55 -20.18 -53.72
N MET D 416 -8.16 -24.33 -57.50
CA MET D 416 -6.71 -24.39 -57.30
C MET D 416 -6.31 -25.46 -56.26
N MET D 417 -5.01 -25.58 -55.99
CA MET D 417 -4.53 -26.42 -54.89
C MET D 417 -4.21 -25.67 -53.57
N ASP D 418 -4.36 -24.35 -53.57
CA ASP D 418 -3.94 -23.51 -52.43
C ASP D 418 -4.81 -23.66 -51.16
N LYS D 419 -4.23 -23.26 -50.03
CA LYS D 419 -4.82 -23.45 -48.70
C LYS D 419 -6.20 -22.83 -48.53
N VAL D 420 -7.13 -23.61 -48.01
CA VAL D 420 -8.48 -23.10 -47.76
C VAL D 420 -8.44 -22.07 -46.63
N GLU D 421 -9.14 -20.96 -46.81
CA GLU D 421 -9.26 -19.98 -45.74
C GLU D 421 -10.68 -19.96 -45.13
N PHE D 422 -10.75 -19.82 -43.80
CA PHE D 422 -12.04 -19.83 -43.11
C PHE D 422 -12.40 -18.47 -42.46
N VAL D 423 -13.69 -18.17 -42.35
CA VAL D 423 -14.10 -16.91 -41.74
C VAL D 423 -13.81 -16.88 -40.25
N HIS D 424 -13.75 -15.69 -39.68
CA HIS D 424 -13.70 -15.58 -38.24
C HIS D 424 -15.11 -15.31 -37.72
N MET D 425 -15.45 -15.90 -36.59
CA MET D 425 -16.78 -15.76 -36.05
C MET D 425 -16.74 -15.21 -34.65
N LEU D 426 -17.48 -14.13 -34.44
CA LEU D 426 -17.61 -13.55 -33.12
C LEU D 426 -19.02 -13.69 -32.57
N ASN D 427 -19.15 -13.79 -31.26
CA ASN D 427 -20.46 -13.77 -30.66
C ASN D 427 -20.51 -13.05 -29.31
N ALA D 428 -21.51 -12.19 -29.13
CA ALA D 428 -21.78 -11.54 -27.86
C ALA D 428 -23.22 -11.83 -27.42
N THR D 429 -23.47 -11.86 -26.12
CA THR D 429 -24.85 -11.77 -25.67
C THR D 429 -25.03 -10.35 -25.20
N MET D 430 -25.78 -9.58 -25.98
CA MET D 430 -26.07 -8.19 -25.70
C MET D 430 -27.12 -7.97 -24.59
N CYS D 431 -28.25 -8.69 -24.62
CA CYS D 431 -29.21 -8.55 -23.53
C CYS D 431 -29.83 -9.86 -23.05
N ALA D 432 -29.63 -10.23 -21.78
CA ALA D 432 -30.49 -11.27 -21.18
C ALA D 432 -31.60 -10.56 -20.47
N THR D 433 -32.81 -10.65 -21.00
CA THR D 433 -33.90 -9.80 -20.54
C THR D 433 -34.14 -9.84 -19.03
N THR D 434 -34.07 -11.03 -18.42
CA THR D 434 -34.35 -11.09 -17.00
C THR D 434 -33.29 -10.37 -16.17
N ARG D 435 -32.03 -10.50 -16.55
CA ARG D 435 -30.94 -9.90 -15.78
C ARG D 435 -30.89 -8.39 -15.93
N THR D 436 -31.05 -7.90 -17.15
CA THR D 436 -31.13 -6.47 -17.41
C THR D 436 -32.36 -5.83 -16.77
N ILE D 437 -33.48 -6.53 -16.75
CA ILE D 437 -34.62 -6.00 -16.04
C ILE D 437 -34.22 -5.80 -14.58
N CYS D 438 -33.58 -6.81 -13.98
CA CYS D 438 -33.11 -6.68 -12.59
C CYS D 438 -32.18 -5.48 -12.45
N ALA D 439 -31.31 -5.30 -13.42
CA ALA D 439 -30.40 -4.19 -13.36
C ALA D 439 -31.23 -2.90 -13.36
N ILE D 440 -32.09 -2.76 -14.35
CA ILE D 440 -32.90 -1.55 -14.50
C ILE D 440 -33.72 -1.25 -13.24
N LEU D 441 -34.17 -2.29 -12.54
CA LEU D 441 -34.89 -2.12 -11.28
C LEU D 441 -34.02 -1.56 -10.16
N GLU D 442 -32.91 -2.22 -9.84
CA GLU D 442 -32.10 -1.72 -8.73
C GLU D 442 -31.64 -0.28 -9.00
N ASN D 443 -31.30 0.01 -10.25
CA ASN D 443 -30.72 1.29 -10.57
C ASN D 443 -31.71 2.41 -10.76
N TYR D 444 -32.91 2.07 -11.18
CA TYR D 444 -33.93 3.09 -11.33
C TYR D 444 -34.92 3.24 -10.16
N GLN D 445 -34.70 2.52 -9.06
CA GLN D 445 -35.59 2.63 -7.92
C GLN D 445 -35.60 4.03 -7.28
N THR D 446 -36.80 4.41 -6.83
CA THR D 446 -37.10 5.63 -6.10
C THR D 446 -37.83 5.16 -4.83
N GLU D 447 -38.41 6.07 -4.05
CA GLU D 447 -39.22 5.66 -2.91
C GLU D 447 -40.65 5.28 -3.34
N LYS D 448 -41.10 5.90 -4.44
CA LYS D 448 -42.47 5.72 -4.97
C LYS D 448 -42.69 4.69 -6.09
N GLY D 449 -41.66 3.96 -6.50
CA GLY D 449 -41.78 3.20 -7.73
C GLY D 449 -40.44 2.95 -8.40
N ILE D 450 -40.49 2.78 -9.73
CA ILE D 450 -39.29 2.61 -10.52
C ILE D 450 -39.32 3.48 -11.76
N THR D 451 -38.33 4.34 -11.93
CA THR D 451 -38.39 5.30 -13.02
C THR D 451 -38.11 4.60 -14.34
N VAL D 452 -39.06 4.71 -15.26
CA VAL D 452 -38.85 4.17 -16.59
C VAL D 452 -37.74 4.96 -17.28
N PRO D 453 -36.72 4.27 -17.80
CA PRO D 453 -35.60 4.93 -18.47
C PRO D 453 -36.04 5.67 -19.72
N GLU D 454 -35.44 6.81 -19.98
CA GLU D 454 -35.82 7.67 -21.10
C GLU D 454 -35.98 6.88 -22.39
N LYS D 455 -34.99 6.05 -22.71
CA LYS D 455 -34.97 5.36 -23.99
C LYS D 455 -36.02 4.27 -24.07
N LEU D 456 -36.44 3.76 -22.92
CA LEU D 456 -37.52 2.78 -22.85
C LEU D 456 -38.98 3.29 -22.92
N LYS D 457 -39.26 4.51 -22.45
CA LYS D 457 -40.65 5.04 -22.39
C LYS D 457 -41.38 4.84 -23.70
N GLU D 458 -40.67 5.16 -24.78
CA GLU D 458 -41.21 5.11 -26.13
C GLU D 458 -41.88 3.75 -26.46
N PHE D 459 -41.40 2.66 -25.88
CA PHE D 459 -42.14 1.40 -26.01
C PHE D 459 -42.62 1.03 -24.63
N MET D 460 -43.89 1.26 -24.37
CA MET D 460 -44.37 1.11 -23.03
C MET D 460 -45.76 1.65 -23.16
N PRO D 461 -46.76 0.99 -22.56
CA PRO D 461 -48.11 1.49 -22.81
C PRO D 461 -48.29 2.86 -22.15
N PRO D 462 -49.22 3.68 -22.66
CA PRO D 462 -49.45 5.03 -22.15
C PRO D 462 -49.56 5.09 -20.63
N GLY D 463 -50.26 4.14 -20.01
CA GLY D 463 -50.21 4.00 -18.56
C GLY D 463 -48.83 4.03 -17.89
N LEU D 464 -47.81 3.34 -18.43
CA LEU D 464 -46.45 3.47 -17.88
C LEU D 464 -45.42 4.09 -18.85
N GLN D 465 -45.06 5.34 -18.62
CA GLN D 465 -44.00 6.00 -19.38
C GLN D 465 -43.10 6.60 -18.34
N GLU D 466 -43.68 7.48 -17.54
CA GLU D 466 -42.97 8.07 -16.41
C GLU D 466 -42.62 7.12 -15.23
N LEU D 467 -43.55 6.30 -14.74
CA LEU D 467 -43.22 5.47 -13.56
C LEU D 467 -43.95 4.13 -13.44
N ILE D 468 -43.28 3.14 -12.85
CA ILE D 468 -43.89 1.85 -12.51
C ILE D 468 -44.09 1.83 -11.01
N PRO D 469 -45.35 1.95 -10.57
CA PRO D 469 -45.65 2.17 -9.16
C PRO D 469 -45.44 0.95 -8.29
N PHE D 470 -45.00 1.20 -7.06
CA PHE D 470 -45.03 0.16 -6.04
C PHE D 470 -46.49 -0.17 -5.64
N VAL D 471 -46.69 -1.45 -5.40
CA VAL D 471 -48.02 -2.06 -5.32
C VAL D 471 -48.19 -2.85 -4.02
N LYS D 472 -47.31 -3.81 -3.81
CA LYS D 472 -47.32 -4.56 -2.57
C LYS D 472 -46.08 -4.13 -1.77
N PRO D 473 -46.11 -4.28 -0.44
CA PRO D 473 -44.90 -4.04 0.35
C PRO D 473 -43.93 -5.22 0.22
N ALA D 474 -42.65 -4.98 0.47
CA ALA D 474 -41.61 -5.98 0.24
C ALA D 474 -41.51 -7.00 1.38
N PRO D 475 -41.12 -8.24 1.02
CA PRO D 475 -41.15 -9.45 1.87
C PRO D 475 -40.24 -9.43 3.11
N ILE D 476 -40.50 -10.36 4.03
CA ILE D 476 -39.68 -10.56 5.23
C ILE D 476 -38.21 -10.82 4.90
N VAL E 2 0.23 16.87 -10.50
CA VAL E 2 -0.65 17.35 -9.44
C VAL E 2 -2.10 17.31 -9.94
N LEU E 3 -3.03 16.78 -9.14
CA LEU E 3 -4.41 16.66 -9.60
C LEU E 3 -5.07 18.02 -9.75
N ASP E 4 -6.14 18.10 -10.53
CA ASP E 4 -6.93 19.31 -10.62
C ASP E 4 -7.65 19.58 -9.29
N LEU E 5 -7.47 20.78 -8.77
CA LEU E 5 -8.11 21.16 -7.52
C LEU E 5 -9.63 20.97 -7.51
N ASP E 6 -10.29 21.22 -8.65
CA ASP E 6 -11.75 21.05 -8.76
C ASP E 6 -12.21 19.63 -8.44
N LEU E 7 -11.39 18.64 -8.77
CA LEU E 7 -11.71 17.25 -8.47
C LEU E 7 -11.98 16.99 -6.99
N PHE E 8 -11.50 17.89 -6.13
CA PHE E 8 -11.66 17.76 -4.68
C PHE E 8 -12.89 18.46 -4.15
N ARG E 9 -13.54 19.22 -5.03
CA ARG E 9 -14.67 20.04 -4.64
C ARG E 9 -15.97 19.47 -5.16
N VAL E 10 -16.84 19.00 -4.27
CA VAL E 10 -18.11 18.43 -4.74
C VAL E 10 -18.96 19.40 -5.56
N ASP E 11 -19.05 20.65 -5.12
CA ASP E 11 -19.91 21.61 -5.81
C ASP E 11 -19.39 22.01 -7.18
N LYS E 12 -18.16 21.64 -7.47
CA LYS E 12 -17.60 21.78 -8.81
C LYS E 12 -17.75 20.47 -9.58
N GLY E 13 -18.43 19.51 -8.97
CA GLY E 13 -18.72 18.24 -9.62
C GLY E 13 -17.66 17.18 -9.43
N GLY E 14 -16.75 17.39 -8.49
CA GLY E 14 -15.70 16.44 -8.24
C GLY E 14 -16.07 15.39 -7.21
N ASP E 15 -15.08 14.57 -6.88
CA ASP E 15 -15.27 13.42 -6.02
C ASP E 15 -14.10 13.21 -5.05
N PRO E 16 -14.11 13.91 -3.92
CA PRO E 16 -13.06 13.71 -2.93
C PRO E 16 -13.00 12.26 -2.48
N ALA E 17 -14.15 11.61 -2.40
CA ALA E 17 -14.21 10.22 -1.92
C ALA E 17 -13.40 9.28 -2.79
N LEU E 18 -13.44 9.49 -4.11
CA LEU E 18 -12.66 8.70 -5.07
C LEU E 18 -11.16 8.90 -4.92
N ILE E 19 -10.73 10.14 -4.69
CA ILE E 19 -9.32 10.42 -4.54
C ILE E 19 -8.83 9.83 -3.23
N ARG E 20 -9.69 9.87 -2.21
CA ARG E 20 -9.31 9.34 -0.91
C ARG E 20 -9.03 7.85 -1.06
N GLU E 21 -9.89 7.21 -1.86
CA GLU E 21 -9.87 5.78 -2.07
C GLU E 21 -8.64 5.38 -2.89
N THR E 22 -8.35 6.20 -3.91
CA THR E 22 -7.15 6.02 -4.72
C THR E 22 -5.90 6.11 -3.87
N GLN E 23 -5.91 7.08 -2.95
CA GLN E 23 -4.85 7.20 -1.97
C GLN E 23 -4.69 5.90 -1.16
N GLU E 24 -5.77 5.36 -0.62
CA GLU E 24 -5.69 4.04 0.05
C GLU E 24 -5.26 2.91 -0.89
N LYS E 25 -5.67 2.99 -2.15
CA LYS E 25 -5.25 1.98 -3.14
C LYS E 25 -3.75 2.04 -3.39
N ARG E 26 -3.17 3.22 -3.22
CA ARG E 26 -1.73 3.44 -3.45
C ARG E 26 -0.92 3.21 -2.19
N PHE E 27 -1.58 2.76 -1.13
CA PHE E 27 -0.93 2.53 0.16
C PHE E 27 -0.21 3.74 0.72
N LYS E 28 -0.87 4.87 0.51
CA LYS E 28 -0.43 6.20 0.89
C LYS E 28 -1.52 6.75 1.82
N ASP E 29 -1.21 7.83 2.52
CA ASP E 29 -2.07 8.34 3.56
C ASP E 29 -3.31 9.05 3.00
N PRO E 30 -4.52 8.51 3.28
CA PRO E 30 -5.77 9.16 2.87
C PRO E 30 -5.97 10.47 3.63
N GLY E 31 -5.23 10.61 4.72
CA GLY E 31 -5.33 11.81 5.53
C GLY E 31 -5.01 13.05 4.75
N LEU E 32 -4.09 12.95 3.79
CA LEU E 32 -3.74 14.10 2.98
C LEU E 32 -4.93 14.66 2.22
N VAL E 33 -5.82 13.77 1.75
CA VAL E 33 -7.01 14.19 1.02
C VAL E 33 -7.99 14.87 1.96
N ASP E 34 -8.12 14.29 3.15
CA ASP E 34 -8.92 14.89 4.21
C ASP E 34 -8.41 16.29 4.55
N GLN E 35 -7.12 16.40 4.84
CA GLN E 35 -6.52 17.71 5.12
C GLN E 35 -6.73 18.72 4.01
N LEU E 36 -6.48 18.32 2.77
CA LEU E 36 -6.62 19.22 1.63
C LEU E 36 -8.04 19.71 1.50
N VAL E 37 -9.01 18.79 1.48
CA VAL E 37 -10.40 19.21 1.43
C VAL E 37 -10.75 20.18 2.57
N LYS E 38 -10.35 19.86 3.79
CA LYS E 38 -10.54 20.78 4.92
C LYS E 38 -9.92 22.17 4.64
N ALA E 39 -8.63 22.21 4.33
CA ALA E 39 -7.96 23.47 4.04
C ALA E 39 -8.64 24.21 2.88
N ASP E 40 -9.05 23.48 1.85
CA ASP E 40 -9.63 24.14 0.70
C ASP E 40 -10.97 24.73 1.07
N SER E 41 -11.75 24.03 1.88
CA SER E 41 -13.07 24.52 2.26
C SER E 41 -12.99 25.78 3.13
N GLU E 42 -12.12 25.74 4.12
CA GLU E 42 -11.86 26.88 4.99
C GLU E 42 -11.39 28.08 4.20
N TRP E 43 -10.53 27.82 3.24
CA TRP E 43 -10.07 28.85 2.32
C TRP E 43 -11.19 29.50 1.53
N ARG E 44 -12.20 28.75 1.15
CA ARG E 44 -13.25 29.30 0.30
C ARG E 44 -14.24 30.10 1.11
N ARG E 45 -14.44 29.67 2.35
CA ARG E 45 -15.30 30.38 3.26
C ARG E 45 -14.68 31.71 3.65
N CYS E 46 -13.36 31.74 3.85
CA CYS E 46 -12.66 33.01 4.05
C CYS E 46 -12.84 33.97 2.89
N ARG E 47 -12.82 33.47 1.66
CA ARG E 47 -12.98 34.37 0.51
C ARG E 47 -14.35 34.99 0.53
N PHE E 48 -15.33 34.22 0.98
CA PHE E 48 -16.70 34.71 1.02
C PHE E 48 -16.89 35.71 2.16
N ARG E 49 -16.41 35.37 3.35
CA ARG E 49 -16.51 36.25 4.50
C ARG E 49 -15.84 37.59 4.18
N ALA E 50 -14.59 37.53 3.77
CA ALA E 50 -13.83 38.72 3.46
C ALA E 50 -14.48 39.55 2.33
N ASP E 51 -15.35 38.95 1.54
CA ASP E 51 -16.03 39.73 0.52
C ASP E 51 -17.19 40.52 1.07
N ASN E 52 -17.84 39.96 2.09
CA ASN E 52 -18.96 40.60 2.77
C ASN E 52 -18.45 41.73 3.65
N LEU E 53 -17.57 41.38 4.60
CA LEU E 53 -16.94 42.37 5.46
C LEU E 53 -16.40 43.58 4.69
N ASN E 54 -15.84 43.37 3.51
CA ASN E 54 -15.41 44.53 2.72
C ASN E 54 -16.57 45.40 2.23
N LYS E 55 -17.65 44.79 1.74
CA LYS E 55 -18.85 45.54 1.39
C LYS E 55 -19.43 46.25 2.61
N LEU E 56 -19.30 45.62 3.77
CA LEU E 56 -19.87 46.10 5.01
C LEU E 56 -19.06 47.22 5.68
N LYS E 57 -17.78 47.33 5.31
CA LYS E 57 -16.96 48.47 5.72
C LYS E 57 -16.97 49.53 4.62
N ASN E 58 -17.64 49.23 3.51
CA ASN E 58 -17.85 50.24 2.49
C ASN E 58 -18.98 51.15 2.92
N LEU E 59 -20.03 50.54 3.46
CA LEU E 59 -21.14 51.29 4.04
C LEU E 59 -20.59 52.14 5.17
N CYS E 60 -19.71 51.56 5.98
CA CYS E 60 -19.05 52.27 7.09
C CYS E 60 -18.25 53.51 6.68
N SER E 61 -17.54 53.45 5.56
CA SER E 61 -16.69 54.58 5.15
C SER E 61 -17.36 55.63 4.25
N LYS E 62 -18.52 55.32 3.68
CA LYS E 62 -19.33 56.36 3.06
C LYS E 62 -20.18 57.08 4.12
N THR E 63 -20.37 56.40 5.24
CA THR E 63 -21.11 56.94 6.37
C THR E 63 -20.18 57.75 7.29
N ILE E 64 -18.89 57.73 6.99
CA ILE E 64 -17.99 58.71 7.59
C ILE E 64 -17.99 59.90 6.64
N GLY E 65 -18.87 59.83 5.63
CA GLY E 65 -19.16 60.96 4.76
C GLY E 65 -20.01 62.01 5.48
N GLU E 66 -20.24 61.81 6.77
CA GLU E 66 -20.87 62.82 7.62
C GLU E 66 -19.85 63.76 8.31
N LYS E 67 -18.56 63.42 8.21
CA LYS E 67 -17.52 64.23 8.85
C LYS E 67 -16.97 65.28 7.89
N VAL E 84 -21.36 49.28 22.40
CA VAL E 84 -22.70 48.97 21.93
C VAL E 84 -22.77 47.58 21.29
N LEU E 85 -23.23 47.53 20.04
CA LEU E 85 -23.43 46.25 19.34
C LEU E 85 -22.36 45.97 18.26
N SER E 86 -22.02 44.68 18.11
CA SER E 86 -20.99 44.22 17.16
C SER E 86 -21.43 44.38 15.69
N PHE E 87 -20.45 44.36 14.78
CA PHE E 87 -20.69 44.54 13.33
C PHE E 87 -21.60 43.48 12.70
N ASP E 88 -21.61 42.27 13.27
CA ASP E 88 -22.41 41.19 12.73
C ASP E 88 -23.89 41.55 12.72
N ASP E 89 -24.37 42.02 13.86
CA ASP E 89 -25.78 42.42 13.98
C ASP E 89 -25.85 43.93 13.87
N LEU E 90 -26.35 44.39 12.73
CA LEU E 90 -26.33 45.80 12.41
C LEU E 90 -27.37 46.04 11.35
N THR E 91 -27.82 47.28 11.21
CA THR E 91 -28.78 47.63 10.17
C THR E 91 -28.30 48.90 9.46
N ALA E 92 -28.83 49.15 8.27
CA ALA E 92 -28.45 50.35 7.52
C ALA E 92 -28.74 51.60 8.34
N ASP E 93 -29.86 51.56 9.05
CA ASP E 93 -30.33 52.67 9.87
C ASP E 93 -29.57 52.83 11.19
N ALA E 94 -29.38 51.73 11.92
CA ALA E 94 -28.63 51.78 13.17
C ALA E 94 -27.27 52.40 12.94
N LEU E 95 -26.74 52.21 11.74
CA LEU E 95 -25.46 52.78 11.33
C LEU E 95 -25.58 54.26 10.96
N ALA E 96 -26.61 54.57 10.17
CA ALA E 96 -26.79 55.92 9.61
C ALA E 96 -26.67 57.03 10.66
N ASN E 97 -27.25 56.82 11.83
CA ASN E 97 -26.98 57.72 12.95
C ASN E 97 -26.22 57.06 14.10
N LEU E 98 -24.95 57.42 14.22
CA LEU E 98 -24.13 57.02 15.37
C LEU E 98 -22.93 57.94 15.49
N LYS E 99 -22.31 57.93 16.67
CA LYS E 99 -21.09 58.70 16.91
C LYS E 99 -19.94 58.16 16.05
N VAL E 100 -19.29 59.05 15.30
CA VAL E 100 -18.16 58.67 14.45
C VAL E 100 -17.09 57.92 15.24
N SER E 101 -16.90 58.27 16.51
CA SER E 101 -16.07 57.48 17.42
C SER E 101 -16.50 55.99 17.44
N GLN E 102 -17.80 55.76 17.35
CA GLN E 102 -18.33 54.39 17.30
C GLN E 102 -18.30 53.71 15.93
N ILE E 103 -18.64 54.46 14.87
CA ILE E 103 -18.56 53.91 13.53
C ILE E 103 -17.11 53.54 13.24
N LYS E 104 -16.20 54.48 13.47
CA LYS E 104 -14.79 54.21 13.25
C LYS E 104 -14.34 53.05 14.14
N LYS E 105 -14.86 52.96 15.35
CA LYS E 105 -14.43 51.89 16.24
C LYS E 105 -15.01 50.56 15.79
N VAL E 106 -16.13 50.63 15.08
CA VAL E 106 -16.69 49.44 14.44
C VAL E 106 -15.85 49.03 13.24
N ARG E 107 -15.62 49.97 12.33
CA ARG E 107 -14.90 49.69 11.09
C ARG E 107 -13.56 49.04 11.41
N LEU E 108 -13.01 49.38 12.57
CA LEU E 108 -11.73 48.82 12.97
C LEU E 108 -11.86 47.33 13.29
N LEU E 109 -13.00 46.94 13.84
CA LEU E 109 -13.27 45.55 14.17
C LEU E 109 -13.48 44.74 12.89
N ILE E 110 -14.14 45.39 11.93
CA ILE E 110 -14.36 44.81 10.62
C ILE E 110 -13.04 44.63 9.92
N ASP E 111 -12.25 45.72 9.88
CA ASP E 111 -10.94 45.69 9.24
C ASP E 111 -10.08 44.62 9.89
N GLU E 112 -10.25 44.43 11.18
CA GLU E 112 -9.40 43.51 11.92
C GLU E 112 -9.82 42.06 11.70
N ALA E 113 -11.07 41.87 11.31
CA ALA E 113 -11.56 40.53 10.96
C ALA E 113 -11.12 40.16 9.55
N ILE E 114 -11.18 41.12 8.62
CA ILE E 114 -10.64 40.96 7.27
C ILE E 114 -9.17 40.56 7.25
N LEU E 115 -8.43 40.97 8.27
CA LEU E 115 -7.02 40.65 8.36
C LEU E 115 -6.84 39.23 8.85
N LYS E 116 -7.65 38.81 9.82
CA LYS E 116 -7.63 37.43 10.27
C LYS E 116 -7.93 36.49 9.11
N CYS E 117 -8.78 36.94 8.17
CA CYS E 117 -9.11 36.15 6.98
C CYS E 117 -7.95 36.04 6.01
N ASP E 118 -7.26 37.16 5.80
CA ASP E 118 -6.12 37.20 4.89
C ASP E 118 -4.97 36.40 5.45
N ALA E 119 -4.83 36.40 6.77
CA ALA E 119 -3.77 35.61 7.39
C ALA E 119 -4.08 34.14 7.23
N GLU E 120 -5.31 33.74 7.51
CA GLU E 120 -5.73 32.35 7.36
C GLU E 120 -5.53 31.87 5.93
N ARG E 121 -5.95 32.64 4.95
CA ARG E 121 -5.81 32.22 3.57
C ARG E 121 -4.35 31.98 3.20
N ILE E 122 -3.45 32.79 3.72
CA ILE E 122 -2.02 32.61 3.48
C ILE E 122 -1.61 31.24 4.02
N LYS E 123 -1.86 31.00 5.31
CA LYS E 123 -1.58 29.70 5.88
C LYS E 123 -2.24 28.56 5.08
N LEU E 124 -3.51 28.72 4.70
CA LEU E 124 -4.27 27.68 3.96
C LEU E 124 -3.77 27.40 2.53
N GLU E 125 -3.53 28.44 1.73
CA GLU E 125 -2.94 28.24 0.40
C GLU E 125 -1.69 27.37 0.51
N ALA E 126 -0.86 27.68 1.49
CA ALA E 126 0.36 26.94 1.73
C ALA E 126 0.05 25.49 2.09
N GLU E 127 -0.72 25.29 3.15
CA GLU E 127 -1.11 23.95 3.56
C GLU E 127 -1.73 23.19 2.39
N ARG E 128 -2.63 23.84 1.68
CA ARG E 128 -3.30 23.18 0.57
C ARG E 128 -2.31 22.66 -0.46
N PHE E 129 -1.36 23.50 -0.83
CA PHE E 129 -0.40 23.19 -1.88
C PHE E 129 0.57 22.08 -1.51
N GLU E 130 0.95 21.98 -0.25
CA GLU E 130 1.85 20.92 0.16
C GLU E 130 1.14 19.56 0.10
N ASN E 131 -0.02 19.42 0.74
CA ASN E 131 -0.83 18.22 0.57
C ASN E 131 -1.06 17.79 -0.89
N LEU E 132 -1.36 18.75 -1.74
CA LEU E 132 -1.63 18.47 -3.14
C LEU E 132 -0.45 17.79 -3.83
N ARG E 133 0.76 18.11 -3.38
CA ARG E 133 2.01 17.59 -3.92
C ARG E 133 2.21 16.13 -3.57
N GLU E 134 1.62 15.70 -2.46
CA GLU E 134 1.77 14.35 -1.92
C GLU E 134 0.64 13.38 -2.28
N ILE E 135 -0.31 13.83 -3.10
CA ILE E 135 -1.42 13.00 -3.54
C ILE E 135 -1.19 12.53 -4.98
N GLY E 136 -1.34 11.23 -5.20
CA GLY E 136 -1.00 10.65 -6.50
C GLY E 136 -2.08 10.77 -7.56
N ASN E 137 -1.75 10.38 -8.79
CA ASN E 137 -2.72 10.42 -9.89
C ASN E 137 -3.85 9.41 -9.69
N LEU E 138 -4.97 9.63 -10.37
CA LEU E 138 -6.00 8.60 -10.41
C LEU E 138 -5.34 7.37 -11.03
N LEU E 139 -5.69 6.17 -10.56
CA LEU E 139 -5.14 4.92 -11.10
C LEU E 139 -6.05 4.40 -12.19
N HIS E 140 -5.46 3.82 -13.23
CA HIS E 140 -6.19 3.03 -14.23
C HIS E 140 -6.85 1.82 -13.58
N PRO E 141 -8.03 1.43 -14.07
CA PRO E 141 -8.82 0.35 -13.46
C PRO E 141 -8.05 -0.96 -13.46
N SER E 142 -7.06 -1.11 -14.36
CA SER E 142 -6.35 -2.37 -14.56
C SER E 142 -5.09 -2.58 -13.73
N VAL E 143 -4.77 -1.64 -12.83
CA VAL E 143 -3.62 -1.76 -11.95
C VAL E 143 -3.89 -2.68 -10.77
N PRO E 144 -3.05 -3.69 -10.57
CA PRO E 144 -3.23 -4.54 -9.38
C PRO E 144 -3.11 -3.75 -8.09
N ILE E 145 -3.96 -4.01 -7.08
CA ILE E 145 -3.86 -3.27 -5.85
C ILE E 145 -3.12 -4.08 -4.79
N SER E 146 -1.87 -3.70 -4.52
CA SER E 146 -1.06 -4.38 -3.52
C SER E 146 0.08 -3.48 -3.07
N ASN E 147 0.60 -3.71 -1.88
CA ASN E 147 1.85 -3.04 -1.52
C ASN E 147 3.07 -3.94 -1.69
N ASP E 148 2.85 -5.18 -2.09
CA ASP E 148 3.96 -6.13 -2.23
C ASP E 148 4.39 -6.35 -3.68
N GLU E 149 5.56 -5.87 -4.03
CA GLU E 149 5.99 -5.89 -5.41
C GLU E 149 6.33 -7.29 -5.95
N ASP E 150 6.95 -8.13 -5.12
CA ASP E 150 7.49 -9.42 -5.58
C ASP E 150 6.41 -10.49 -5.76
N VAL E 151 5.49 -10.53 -4.80
CA VAL E 151 4.37 -11.47 -4.82
C VAL E 151 3.25 -11.06 -5.78
N ASP E 152 2.84 -9.79 -5.71
CA ASP E 152 1.62 -9.32 -6.36
C ASP E 152 1.72 -8.61 -7.73
N ASN E 153 2.92 -8.52 -8.29
CA ASN E 153 3.08 -8.03 -9.67
C ASN E 153 2.40 -9.01 -10.66
N LYS E 154 1.78 -8.50 -11.71
CA LYS E 154 1.03 -9.37 -12.61
C LYS E 154 1.73 -9.56 -13.94
N VAL E 155 1.94 -10.81 -14.36
CA VAL E 155 2.62 -11.02 -15.64
C VAL E 155 1.57 -11.00 -16.75
N GLU E 156 1.63 -9.97 -17.58
CA GLU E 156 0.70 -9.80 -18.69
C GLU E 156 1.04 -10.57 -20.00
N ARG E 157 2.31 -10.78 -20.30
CA ARG E 157 2.71 -11.48 -21.53
C ARG E 157 3.97 -12.23 -21.28
N ILE E 158 4.13 -13.39 -21.89
CA ILE E 158 5.45 -13.99 -21.96
C ILE E 158 5.86 -14.12 -23.41
N TRP E 159 7.16 -14.11 -23.68
CA TRP E 159 7.64 -14.29 -25.04
C TRP E 159 8.98 -15.00 -25.02
N GLY E 160 9.15 -15.94 -25.95
CA GLY E 160 10.35 -16.74 -25.97
C GLY E 160 10.48 -17.68 -24.78
N ASP E 161 11.65 -18.29 -24.63
CA ASP E 161 11.83 -19.31 -23.62
C ASP E 161 12.52 -18.70 -22.43
N CYS E 162 11.77 -18.53 -21.35
CA CYS E 162 12.28 -17.90 -20.15
C CYS E 162 12.73 -18.88 -19.09
N THR E 163 12.68 -20.17 -19.41
CA THR E 163 13.22 -21.21 -18.52
C THR E 163 14.65 -21.70 -18.79
N VAL E 164 15.22 -21.33 -19.94
CA VAL E 164 16.51 -21.91 -20.37
C VAL E 164 17.73 -21.41 -19.61
N ARG E 165 18.65 -22.32 -19.30
CA ARG E 165 19.88 -21.89 -18.66
C ARG E 165 21.02 -21.91 -19.67
N LYS E 166 21.98 -21.01 -19.50
CA LYS E 166 23.26 -21.14 -20.18
C LYS E 166 24.40 -21.02 -19.17
N LYS E 167 25.64 -21.18 -19.65
CA LYS E 167 26.75 -21.45 -18.73
C LYS E 167 27.21 -20.29 -17.84
N TYR E 168 27.54 -19.16 -18.47
CA TYR E 168 28.17 -18.04 -17.80
C TYR E 168 27.19 -16.89 -17.62
N SER E 169 27.35 -16.14 -16.54
CA SER E 169 26.56 -14.93 -16.35
C SER E 169 27.24 -13.78 -17.07
N HIS E 170 26.62 -12.60 -17.04
CA HIS E 170 27.20 -11.45 -17.72
C HIS E 170 28.43 -10.91 -16.98
N VAL E 171 28.57 -11.21 -15.69
CA VAL E 171 29.68 -10.68 -14.91
C VAL E 171 31.01 -11.23 -15.42
N ASP E 172 30.99 -12.50 -15.82
CA ASP E 172 32.13 -13.14 -16.47
C ASP E 172 32.26 -12.73 -17.94
N LEU E 173 31.17 -12.84 -18.67
CA LEU E 173 31.18 -12.64 -20.11
C LEU E 173 31.79 -11.29 -20.53
N VAL E 174 31.61 -10.24 -19.73
CA VAL E 174 32.18 -8.94 -20.11
C VAL E 174 33.68 -8.94 -19.93
N VAL E 175 34.17 -9.84 -19.08
CA VAL E 175 35.60 -10.06 -18.91
C VAL E 175 36.17 -10.97 -20.01
N MET E 176 35.42 -12.01 -20.37
CA MET E 176 35.87 -12.97 -21.34
C MET E 176 36.03 -12.40 -22.74
N VAL E 177 35.32 -11.33 -23.07
CA VAL E 177 35.47 -10.71 -24.38
C VAL E 177 36.44 -9.55 -24.27
N ASP E 178 36.91 -9.32 -23.05
CA ASP E 178 37.74 -8.13 -22.75
C ASP E 178 37.07 -6.81 -23.13
N GLY E 179 35.86 -6.56 -22.62
CA GLY E 179 35.21 -5.30 -22.86
C GLY E 179 35.21 -4.38 -21.65
N PHE E 180 35.75 -4.87 -20.53
CA PHE E 180 35.46 -4.27 -19.24
C PHE E 180 36.69 -4.10 -18.37
N GLU E 181 36.94 -2.86 -17.94
CA GLU E 181 37.84 -2.66 -16.82
C GLU E 181 37.03 -2.09 -15.63
N GLY E 182 36.76 -2.98 -14.67
CA GLY E 182 36.13 -2.64 -13.40
C GLY E 182 36.98 -2.13 -12.25
N GLU E 183 38.18 -2.71 -12.11
CA GLU E 183 39.06 -2.41 -10.98
C GLU E 183 39.64 -1.00 -11.08
N LYS E 184 40.25 -0.67 -12.22
CA LYS E 184 40.75 0.68 -12.46
C LYS E 184 39.57 1.62 -12.65
N GLY E 185 38.42 1.03 -12.96
CA GLY E 185 37.20 1.80 -13.10
C GLY E 185 36.82 2.47 -11.79
N ALA E 186 36.86 1.70 -10.70
CA ALA E 186 36.49 2.18 -9.37
C ALA E 186 37.51 3.15 -8.76
N VAL E 187 38.79 2.91 -9.03
CA VAL E 187 39.84 3.81 -8.57
C VAL E 187 39.64 5.21 -9.13
N VAL E 188 39.31 5.29 -10.42
CA VAL E 188 39.04 6.56 -11.11
C VAL E 188 37.70 7.25 -10.83
N ALA E 189 36.59 6.53 -11.00
CA ALA E 189 35.25 7.11 -10.85
C ALA E 189 34.58 6.98 -9.48
N GLY E 190 35.17 6.20 -8.58
CA GLY E 190 34.50 5.84 -7.33
C GLY E 190 33.81 4.49 -7.37
N SER E 191 32.87 4.27 -6.44
CA SER E 191 32.14 3.00 -6.35
C SER E 191 31.34 2.66 -7.62
N ARG E 192 31.48 1.41 -8.07
CA ARG E 192 30.82 0.90 -9.28
C ARG E 192 31.19 1.63 -10.59
N GLY E 193 32.34 2.30 -10.62
CA GLY E 193 32.79 2.99 -11.82
C GLY E 193 33.26 1.99 -12.84
N TYR E 194 33.23 2.34 -14.12
CA TYR E 194 33.68 1.39 -15.14
C TYR E 194 34.24 2.04 -16.41
N PHE E 195 35.20 1.33 -17.02
CA PHE E 195 35.68 1.58 -18.37
C PHE E 195 35.11 0.49 -19.28
N LEU E 196 34.54 0.87 -20.41
CA LEU E 196 34.08 -0.08 -21.41
C LEU E 196 35.03 -0.06 -22.62
N LYS E 197 35.58 -1.20 -23.00
CA LYS E 197 36.54 -1.19 -24.10
C LYS E 197 36.15 -2.07 -25.29
N GLY E 198 36.69 -1.68 -26.45
CA GLY E 198 36.68 -2.54 -27.62
C GLY E 198 35.34 -3.04 -28.11
N VAL E 199 35.25 -4.36 -28.23
CA VAL E 199 34.07 -4.96 -28.82
C VAL E 199 32.80 -4.42 -28.17
N LEU E 200 32.83 -4.21 -26.86
CA LEU E 200 31.64 -3.75 -26.16
C LEU E 200 31.25 -2.32 -26.52
N VAL E 201 32.23 -1.48 -26.85
CA VAL E 201 31.93 -0.11 -27.28
C VAL E 201 31.23 -0.14 -28.63
N PHE E 202 31.56 -1.12 -29.45
CA PHE E 202 30.99 -1.21 -30.78
C PHE E 202 29.61 -1.78 -30.65
N LEU E 203 29.50 -2.78 -29.79
CA LEU E 203 28.21 -3.39 -29.51
C LEU E 203 27.23 -2.30 -29.09
N GLU E 204 27.66 -1.44 -28.16
CA GLU E 204 26.83 -0.37 -27.62
C GLU E 204 26.45 0.67 -28.68
N GLN E 205 27.39 1.04 -29.56
CA GLN E 205 27.06 1.99 -30.63
C GLN E 205 26.06 1.36 -31.59
N ALA E 206 26.13 0.04 -31.70
CA ALA E 206 25.23 -0.71 -32.57
C ALA E 206 23.81 -0.62 -32.05
N LEU E 207 23.62 -1.01 -30.79
CA LEU E 207 22.33 -0.87 -30.11
C LEU E 207 21.76 0.54 -30.24
N ILE E 208 22.59 1.53 -29.97
CA ILE E 208 22.10 2.88 -30.08
C ILE E 208 21.59 3.08 -31.49
N GLN E 209 22.33 2.60 -32.49
CA GLN E 209 21.96 2.88 -33.88
C GLN E 209 20.72 2.09 -34.29
N TYR E 210 20.65 0.82 -33.92
CA TYR E 210 19.44 0.05 -34.20
C TYR E 210 18.24 0.74 -33.53
N ALA E 211 18.34 1.00 -32.24
CA ALA E 211 17.32 1.74 -31.50
C ALA E 211 16.87 3.05 -32.14
N LEU E 212 17.79 3.87 -32.62
CA LEU E 212 17.37 5.14 -33.23
C LEU E 212 16.71 4.95 -34.60
N ARG E 213 17.03 3.86 -35.29
CA ARG E 213 16.34 3.53 -36.53
C ARG E 213 14.91 3.05 -36.28
N THR E 214 14.78 2.07 -35.38
CA THR E 214 13.46 1.59 -35.00
C THR E 214 12.52 2.73 -34.66
N LEU E 215 12.95 3.70 -33.85
CA LEU E 215 12.06 4.79 -33.42
C LEU E 215 11.83 5.87 -34.47
N GLY E 216 12.89 6.27 -35.17
CA GLY E 216 12.74 7.31 -36.17
C GLY E 216 11.81 6.89 -37.30
N SER E 217 11.68 5.57 -37.48
CA SER E 217 10.84 5.06 -38.56
C SER E 217 9.39 4.86 -38.07
N ARG E 218 9.21 5.03 -36.76
CA ARG E 218 7.89 5.03 -36.15
C ARG E 218 7.39 6.48 -35.95
N GLY E 219 8.20 7.45 -36.36
CA GLY E 219 7.77 8.82 -36.25
C GLY E 219 8.31 9.53 -35.03
N TYR E 220 9.22 8.87 -34.29
CA TYR E 220 9.91 9.52 -33.17
C TYR E 220 11.04 10.39 -33.66
N ILE E 221 11.05 11.62 -33.17
CA ILE E 221 12.17 12.51 -33.41
C ILE E 221 13.32 12.24 -32.43
N PRO E 222 14.46 11.74 -32.94
CA PRO E 222 15.58 11.60 -32.00
C PRO E 222 15.94 12.96 -31.47
N ILE E 223 16.30 13.00 -30.20
CA ILE E 223 16.61 14.25 -29.53
C ILE E 223 17.64 13.95 -28.46
N TYR E 224 18.56 14.89 -28.31
CA TYR E 224 19.75 14.67 -27.50
C TYR E 224 19.73 15.77 -26.47
N THR E 225 19.77 15.42 -25.20
CA THR E 225 19.29 16.34 -24.17
C THR E 225 20.49 16.87 -23.39
N PRO E 226 20.36 18.06 -22.78
CA PRO E 226 21.46 18.45 -21.88
C PRO E 226 21.48 17.49 -20.70
N PHE E 227 22.67 17.19 -20.19
CA PHE E 227 22.83 16.15 -19.17
C PHE E 227 22.64 16.68 -17.75
N PHE E 228 22.63 18.01 -17.59
CA PHE E 228 22.29 18.66 -16.31
C PHE E 228 21.23 19.77 -16.42
N MET E 229 20.18 19.71 -15.60
CA MET E 229 19.16 20.76 -15.63
C MET E 229 19.22 21.65 -14.39
N ARG E 230 19.72 22.87 -14.56
CA ARG E 230 19.43 24.02 -13.69
C ARG E 230 19.40 23.75 -12.18
N LYS E 231 18.40 24.32 -11.51
CA LYS E 231 18.05 23.96 -10.13
C LYS E 231 16.55 23.80 -10.06
N GLU E 232 15.87 24.92 -10.28
CA GLU E 232 14.42 25.04 -10.18
C GLU E 232 13.65 24.24 -11.22
N VAL E 233 14.14 24.24 -12.46
CA VAL E 233 13.46 23.54 -13.56
C VAL E 233 13.23 22.06 -13.23
N MET E 234 14.18 21.48 -12.50
CA MET E 234 14.11 20.07 -12.12
C MET E 234 12.92 19.79 -11.20
N GLN E 235 12.66 20.72 -10.28
CA GLN E 235 11.59 20.56 -9.28
C GLN E 235 10.23 20.25 -9.91
N GLU E 236 10.05 20.67 -11.15
CA GLU E 236 8.80 20.44 -11.88
C GLU E 236 8.56 18.99 -12.31
N VAL E 237 9.58 18.35 -12.90
CA VAL E 237 9.52 16.93 -13.28
C VAL E 237 9.79 15.89 -12.16
N ALA E 238 10.68 16.23 -11.24
CA ALA E 238 11.17 15.30 -10.24
C ALA E 238 10.16 14.90 -9.15
N GLN E 239 10.40 13.74 -8.54
CA GLN E 239 9.60 13.22 -7.44
C GLN E 239 10.38 13.27 -6.10
N LEU E 240 11.46 12.49 -5.99
CA LEU E 240 12.30 12.42 -4.79
C LEU E 240 11.51 12.19 -3.50
N GLU E 246 19.76 11.82 -3.02
CA GLU E 246 18.87 11.00 -3.84
C GLU E 246 19.21 11.07 -5.34
N LEU E 247 19.84 12.16 -5.76
CA LEU E 247 20.17 12.42 -7.17
C LEU E 247 21.42 13.30 -7.23
N TYR E 248 22.25 13.14 -8.26
CA TYR E 248 23.52 13.88 -8.31
C TYR E 248 23.34 15.39 -8.41
N LYS E 249 24.31 16.14 -7.89
CA LYS E 249 24.21 17.60 -7.77
C LYS E 249 25.50 18.27 -8.25
N VAL E 250 25.42 19.10 -9.28
CA VAL E 250 26.60 19.74 -9.86
C VAL E 250 26.75 21.20 -9.42
N ILE E 251 28.00 21.63 -9.19
CA ILE E 251 28.29 22.99 -8.71
C ILE E 251 29.19 23.79 -9.66
N GLY E 252 28.62 24.81 -10.28
CA GLY E 252 29.35 25.68 -11.19
C GLY E 252 29.63 27.08 -10.65
N LYS E 253 29.94 28.00 -11.56
CA LYS E 253 30.26 29.39 -11.20
C LYS E 253 29.24 30.37 -11.79
N TYR E 263 28.39 29.57 -7.18
CA TYR E 263 27.41 30.64 -7.38
C TYR E 263 26.00 30.12 -7.73
N ASP E 264 25.89 29.29 -8.76
CA ASP E 264 24.62 28.69 -9.18
C ASP E 264 24.76 27.20 -9.52
N GLU E 265 23.96 26.36 -8.85
CA GLU E 265 24.10 24.90 -8.94
C GLU E 265 23.07 24.20 -9.86
N LYS E 266 23.52 23.16 -10.55
CA LYS E 266 22.64 22.33 -11.38
C LYS E 266 22.58 20.88 -10.88
N TYR E 267 21.78 20.06 -11.55
CA TYR E 267 21.60 18.65 -11.17
C TYR E 267 21.86 17.77 -12.37
N LEU E 268 22.59 16.66 -12.19
CA LEU E 268 22.80 15.71 -13.28
C LEU E 268 21.58 14.81 -13.47
N ILE E 269 20.98 14.87 -14.66
CA ILE E 269 19.73 14.18 -14.98
C ILE E 269 19.78 12.67 -14.75
N ALA E 270 18.69 12.14 -14.19
CA ALA E 270 18.51 10.71 -14.00
C ALA E 270 18.06 10.03 -15.28
N THR E 271 17.35 10.80 -16.12
CA THR E 271 16.86 10.35 -17.42
C THR E 271 16.69 11.57 -18.34
N SER E 272 16.59 11.33 -19.65
CA SER E 272 16.29 12.41 -20.61
C SER E 272 14.80 12.82 -20.56
N GLU E 273 14.02 12.10 -19.77
CA GLU E 273 12.64 12.48 -19.45
C GLU E 273 12.55 13.85 -18.76
N GLN E 274 13.41 14.10 -17.79
CA GLN E 274 13.37 15.36 -17.05
C GLN E 274 13.55 16.59 -17.96
N PRO E 275 14.67 16.66 -18.71
CA PRO E 275 14.86 17.82 -19.58
C PRO E 275 13.81 17.92 -20.71
N ILE E 276 13.43 16.80 -21.32
CA ILE E 276 12.44 16.78 -22.40
C ILE E 276 11.09 17.30 -21.93
N ALA E 277 10.61 16.79 -20.80
CA ALA E 277 9.41 17.32 -20.20
C ALA E 277 9.56 18.85 -20.11
N ALA E 278 10.65 19.31 -19.51
CA ALA E 278 10.84 20.75 -19.35
C ALA E 278 10.92 21.46 -20.71
N LEU E 279 10.98 20.65 -21.78
CA LEU E 279 11.13 21.14 -23.14
C LEU E 279 9.90 21.86 -23.65
N HIS E 280 8.74 21.26 -23.43
CA HIS E 280 7.47 21.84 -23.85
C HIS E 280 6.75 22.67 -22.78
N ARG E 281 7.42 22.85 -21.65
CA ARG E 281 6.87 23.60 -20.53
C ARG E 281 6.33 24.97 -20.94
N ASP E 282 5.14 25.27 -20.46
CA ASP E 282 4.46 26.55 -20.70
C ASP E 282 4.02 26.82 -22.13
N GLU E 283 3.65 25.78 -22.85
CA GLU E 283 3.26 25.94 -24.24
C GLU E 283 1.85 25.44 -24.47
N TRP E 284 1.30 25.83 -25.62
CA TRP E 284 0.00 25.38 -26.04
C TRP E 284 0.15 24.51 -27.28
N LEU E 285 -0.05 23.21 -27.14
CA LEU E 285 0.16 22.32 -28.26
C LEU E 285 -1.06 22.25 -29.16
N ARG E 286 -0.88 22.46 -30.46
CA ARG E 286 -1.96 22.27 -31.43
C ARG E 286 -2.30 20.79 -31.57
N PRO E 287 -3.60 20.48 -31.72
CA PRO E 287 -4.05 19.08 -31.73
C PRO E 287 -3.66 18.24 -32.94
N GLU E 288 -3.37 18.87 -34.08
CA GLU E 288 -2.93 18.14 -35.28
C GLU E 288 -1.43 17.77 -35.24
N ASP E 289 -0.68 18.51 -34.43
CA ASP E 289 0.72 18.18 -34.14
C ASP E 289 0.83 16.94 -33.26
N LEU E 290 -0.23 16.63 -32.52
CA LEU E 290 -0.19 15.53 -31.58
C LEU E 290 -0.60 14.26 -32.32
N PRO E 291 -0.04 13.10 -31.92
CA PRO E 291 1.01 12.99 -30.90
C PRO E 291 2.37 13.56 -31.31
N ILE E 292 3.03 14.24 -30.39
CA ILE E 292 4.43 14.61 -30.54
C ILE E 292 5.31 13.56 -29.83
N LYS E 293 6.23 12.95 -30.58
CA LYS E 293 7.04 11.85 -30.07
C LYS E 293 8.53 12.13 -30.11
N TYR E 294 9.22 11.74 -29.04
CA TYR E 294 10.63 12.01 -28.89
C TYR E 294 11.38 10.74 -28.55
N ALA E 295 12.47 10.49 -29.26
CA ALA E 295 13.38 9.44 -28.85
C ALA E 295 14.54 10.17 -28.21
N GLY E 296 14.62 10.08 -26.89
CA GLY E 296 15.61 10.82 -26.15
C GLY E 296 16.84 9.97 -26.04
N LEU E 297 17.98 10.64 -26.05
CA LEU E 297 19.25 9.96 -26.05
C LEU E 297 20.06 10.77 -25.09
N SER E 298 20.55 10.14 -24.02
CA SER E 298 21.20 10.91 -22.99
C SER E 298 22.11 10.02 -22.19
N THR E 299 23.08 10.62 -21.52
CA THR E 299 23.83 9.87 -20.55
C THR E 299 23.23 10.20 -19.21
N CYS E 300 23.04 9.18 -18.39
CA CYS E 300 22.25 9.32 -17.18
C CYS E 300 23.04 8.98 -15.96
N PHE E 301 22.70 9.64 -14.86
CA PHE E 301 23.42 9.43 -13.63
C PHE E 301 22.47 9.10 -12.49
N ARG E 302 22.58 7.87 -11.98
CA ARG E 302 21.87 7.47 -10.78
C ARG E 302 22.84 7.44 -9.61
N GLN E 303 22.47 8.06 -8.49
CA GLN E 303 23.34 8.12 -7.31
C GLN E 303 23.35 6.86 -6.41
N GLU E 304 22.29 6.06 -6.46
CA GLU E 304 22.17 4.93 -5.53
C GLU E 304 21.83 3.62 -6.23
N VAL E 305 21.94 2.53 -5.48
CA VAL E 305 21.72 1.17 -5.98
C VAL E 305 21.88 0.17 -4.83
N GLY E 306 21.61 -1.11 -5.11
CA GLY E 306 21.65 -2.13 -4.07
C GLY E 306 23.03 -2.68 -3.77
N SER E 307 23.07 -3.89 -3.24
CA SER E 307 24.33 -4.55 -2.89
C SER E 307 24.27 -6.06 -3.07
N ARG E 313 31.71 -6.84 -10.40
CA ARG E 313 30.31 -7.18 -10.58
C ARG E 313 29.56 -6.05 -11.29
N GLY E 314 30.20 -5.48 -12.33
CA GLY E 314 29.72 -4.24 -12.91
C GLY E 314 29.06 -4.28 -14.28
N ILE E 315 28.88 -3.09 -14.84
CA ILE E 315 28.19 -2.85 -16.10
C ILE E 315 26.66 -2.95 -15.99
N PHE E 316 26.14 -3.52 -14.92
CA PHE E 316 24.68 -3.70 -14.83
C PHE E 316 23.97 -2.67 -13.92
N ARG E 317 24.29 -2.71 -12.62
CA ARG E 317 23.95 -1.59 -11.73
C ARG E 317 25.18 -0.69 -11.61
N VAL E 318 25.08 0.49 -12.19
CA VAL E 318 26.21 1.40 -12.29
C VAL E 318 25.66 2.81 -12.25
N HIS E 319 26.53 3.76 -11.93
CA HIS E 319 26.13 5.14 -11.74
C HIS E 319 25.90 5.86 -13.06
N GLN E 320 26.72 5.53 -14.06
CA GLN E 320 26.70 6.18 -15.38
C GLN E 320 26.37 5.25 -16.57
N PHE E 321 25.35 5.62 -17.36
CA PHE E 321 24.97 4.78 -18.48
C PHE E 321 24.24 5.59 -19.56
N GLU E 322 24.16 5.04 -20.77
CA GLU E 322 23.37 5.68 -21.83
C GLU E 322 21.97 5.09 -21.88
N LYS E 323 20.97 5.94 -22.13
CA LYS E 323 19.59 5.50 -22.29
C LYS E 323 19.01 6.04 -23.57
N ILE E 324 18.23 5.22 -24.26
CA ILE E 324 17.31 5.73 -25.26
C ILE E 324 15.92 5.64 -24.63
N GLU E 325 15.20 6.76 -24.58
CA GLU E 325 13.88 6.82 -23.97
C GLU E 325 12.83 7.39 -24.90
N GLN E 326 11.65 6.78 -24.94
CA GLN E 326 10.56 7.32 -25.71
C GLN E 326 9.80 8.30 -24.84
N PHE E 327 9.50 9.49 -25.35
CA PHE E 327 8.63 10.43 -24.64
CA PHE E 327 8.62 10.43 -24.64
C PHE E 327 7.55 10.99 -25.56
N VAL E 328 6.29 10.70 -25.28
CA VAL E 328 5.16 11.12 -26.12
C VAL E 328 4.23 12.12 -25.46
N TYR E 329 3.93 13.22 -26.15
CA TYR E 329 2.88 14.15 -25.74
C TYR E 329 1.60 13.80 -26.49
N SER E 330 0.50 13.58 -25.77
CA SER E 330 -0.72 13.05 -26.36
C SER E 330 -1.94 13.93 -26.12
N SER E 331 -2.98 13.69 -26.91
CA SER E 331 -4.28 14.30 -26.68
C SER E 331 -4.97 13.70 -25.45
N PRO E 332 -5.54 14.56 -24.60
CA PRO E 332 -6.25 14.15 -23.38
C PRO E 332 -7.58 13.46 -23.66
N HIS E 333 -8.15 13.74 -24.83
CA HIS E 333 -9.46 13.20 -25.20
C HIS E 333 -9.50 11.72 -25.58
N ASP E 334 -10.70 11.15 -25.50
CA ASP E 334 -11.09 9.98 -26.27
C ASP E 334 -10.21 8.75 -26.05
N ASN E 335 -9.62 8.63 -24.87
CA ASN E 335 -8.77 7.50 -24.57
C ASN E 335 -7.55 7.38 -25.51
N LYS E 336 -7.20 8.49 -26.13
CA LYS E 336 -6.12 8.50 -27.11
C LYS E 336 -4.74 8.20 -26.47
N SER E 337 -4.52 8.66 -25.25
CA SER E 337 -3.24 8.41 -24.56
C SER E 337 -3.10 6.97 -24.08
N TRP E 338 -4.19 6.26 -23.83
CA TRP E 338 -4.07 4.87 -23.41
C TRP E 338 -3.83 3.97 -24.62
N GLU E 339 -4.36 4.40 -25.76
CA GLU E 339 -4.05 3.73 -27.01
C GLU E 339 -2.56 3.90 -27.26
N MET E 340 -2.13 5.16 -27.15
CA MET E 340 -0.71 5.53 -27.27
C MET E 340 0.20 4.73 -26.35
N PHE E 341 -0.29 4.50 -25.14
CA PHE E 341 0.40 3.73 -24.15
C PHE E 341 0.65 2.32 -24.65
N GLU E 342 -0.36 1.70 -25.25
CA GLU E 342 -0.20 0.30 -25.67
C GLU E 342 0.72 0.22 -26.89
N GLU E 343 0.63 1.25 -27.73
CA GLU E 343 1.53 1.41 -28.84
C GLU E 343 3.00 1.49 -28.38
N MET E 344 3.28 2.36 -27.42
CA MET E 344 4.62 2.49 -26.86
C MET E 344 5.11 1.18 -26.26
N ILE E 345 4.26 0.48 -25.53
CA ILE E 345 4.75 -0.70 -24.88
C ILE E 345 4.99 -1.75 -25.93
N THR E 346 4.28 -1.63 -27.05
CA THR E 346 4.39 -2.60 -28.14
C THR E 346 5.62 -2.35 -29.03
N THR E 347 5.87 -1.08 -29.33
CA THR E 347 7.09 -0.62 -29.98
C THR E 347 8.36 -1.17 -29.29
N ALA E 348 8.33 -1.22 -27.97
CA ALA E 348 9.43 -1.75 -27.22
C ALA E 348 9.42 -3.28 -27.23
N GLU E 349 8.24 -3.86 -27.05
CA GLU E 349 8.08 -5.31 -27.07
C GLU E 349 8.70 -5.84 -28.36
N GLU E 350 8.35 -5.18 -29.47
CA GLU E 350 8.82 -5.57 -30.79
C GLU E 350 10.33 -5.46 -30.92
N PHE E 351 10.90 -4.35 -30.47
CA PHE E 351 12.35 -4.15 -30.43
C PHE E 351 13.08 -5.34 -29.80
N TYR E 352 12.63 -5.78 -28.64
CA TYR E 352 13.30 -6.88 -27.96
C TYR E 352 13.04 -8.20 -28.63
N GLN E 353 11.91 -8.32 -29.32
CA GLN E 353 11.64 -9.53 -30.08
C GLN E 353 12.61 -9.62 -31.26
N SER E 354 12.79 -8.50 -31.95
CA SER E 354 13.68 -8.48 -33.09
C SER E 354 15.16 -8.69 -32.74
N LEU E 355 15.54 -8.48 -31.49
CA LEU E 355 16.90 -8.84 -31.07
C LEU E 355 16.80 -10.20 -30.44
N GLY E 356 15.59 -10.75 -30.46
CA GLY E 356 15.36 -12.08 -29.92
C GLY E 356 15.77 -12.28 -28.47
N ILE E 357 15.25 -11.44 -27.58
CA ILE E 357 15.52 -11.54 -26.16
C ILE E 357 14.25 -12.00 -25.45
N PRO E 358 14.31 -13.13 -24.74
CA PRO E 358 13.14 -13.64 -24.02
C PRO E 358 12.76 -12.68 -22.89
N TYR E 359 11.47 -12.46 -22.70
CA TYR E 359 11.02 -11.55 -21.64
C TYR E 359 9.58 -11.80 -21.21
N HIS E 360 9.23 -11.39 -20.00
CA HIS E 360 7.81 -11.26 -19.71
C HIS E 360 7.51 -9.81 -19.36
N ILE E 361 6.26 -9.41 -19.55
CA ILE E 361 5.85 -8.05 -19.25
C ILE E 361 5.10 -8.02 -17.96
N VAL E 362 5.38 -7.02 -17.13
CA VAL E 362 4.82 -7.00 -15.78
C VAL E 362 3.99 -5.75 -15.58
N ASN E 363 2.80 -5.93 -15.01
CA ASN E 363 1.98 -4.82 -14.54
C ASN E 363 2.33 -4.53 -13.07
N ILE E 364 2.83 -3.32 -12.79
CA ILE E 364 3.47 -3.00 -11.51
C ILE E 364 2.43 -2.67 -10.48
N VAL E 365 2.61 -3.09 -9.24
CA VAL E 365 1.50 -2.95 -8.30
C VAL E 365 1.32 -1.50 -7.94
N SER E 366 0.26 -1.18 -7.22
CA SER E 366 -0.16 0.19 -7.10
C SER E 366 0.68 0.95 -6.08
N GLY E 367 1.18 0.22 -5.09
CA GLY E 367 1.95 0.85 -4.03
C GLY E 367 3.34 1.18 -4.49
N SER E 368 3.73 0.58 -5.60
CA SER E 368 5.03 0.84 -6.17
C SER E 368 5.02 1.86 -7.28
N LEU E 369 3.86 2.37 -7.66
CA LEU E 369 3.86 3.44 -8.65
C LEU E 369 4.35 4.69 -7.98
N ASN E 370 4.50 5.74 -8.75
CA ASN E 370 4.81 6.99 -8.12
C ASN E 370 3.84 8.05 -8.57
N HIS E 371 3.82 9.15 -7.86
CA HIS E 371 2.68 10.04 -7.90
C HIS E 371 2.12 10.32 -9.29
N ALA E 372 2.96 10.51 -10.29
CA ALA E 372 2.43 10.85 -11.60
C ALA E 372 1.91 9.63 -12.34
N ALA E 373 2.41 8.44 -12.03
CA ALA E 373 2.04 7.26 -12.82
C ALA E 373 0.58 6.84 -12.66
N SER E 374 -0.13 6.77 -13.78
CA SER E 374 -1.47 6.23 -13.76
C SER E 374 -1.51 4.72 -13.85
N LYS E 375 -0.59 4.16 -14.63
CA LYS E 375 -0.37 2.71 -14.76
C LYS E 375 1.09 2.55 -15.16
N LYS E 376 1.72 1.43 -14.85
CA LYS E 376 3.09 1.21 -15.31
C LYS E 376 3.39 -0.23 -15.69
N LEU E 377 3.87 -0.43 -16.92
CA LEU E 377 4.38 -1.74 -17.35
C LEU E 377 5.92 -1.83 -17.38
N ASP E 378 6.46 -2.96 -16.95
CA ASP E 378 7.90 -3.22 -16.95
C ASP E 378 8.12 -4.37 -17.90
N LEU E 379 9.06 -4.24 -18.82
CA LEU E 379 9.49 -5.40 -19.56
C LEU E 379 10.72 -5.97 -18.86
N GLU E 380 10.60 -7.13 -18.24
CA GLU E 380 11.74 -7.82 -17.66
C GLU E 380 12.32 -8.88 -18.63
N ALA E 381 13.62 -8.77 -18.92
CA ALA E 381 14.29 -9.71 -19.79
C ALA E 381 14.71 -10.93 -19.01
N TRP E 382 14.73 -12.08 -19.66
CA TRP E 382 15.22 -13.28 -19.00
C TRP E 382 16.74 -13.48 -19.22
N PHE E 383 17.49 -13.65 -18.12
CA PHE E 383 18.93 -13.85 -18.22
C PHE E 383 19.26 -15.30 -17.92
N PRO E 384 19.59 -16.08 -18.96
CA PRO E 384 19.83 -17.53 -18.88
C PRO E 384 20.98 -17.88 -17.96
N GLY E 385 22.04 -17.09 -18.04
CA GLY E 385 23.23 -17.34 -17.25
C GLY E 385 22.99 -17.01 -15.78
N SER E 386 22.27 -15.94 -15.53
CA SER E 386 21.97 -15.54 -14.15
C SER E 386 20.80 -16.36 -13.62
N GLY E 387 19.91 -16.79 -14.51
CA GLY E 387 18.71 -17.48 -14.07
C GLY E 387 17.75 -16.57 -13.31
N ALA E 388 17.33 -15.49 -13.96
CA ALA E 388 16.59 -14.42 -13.30
C ALA E 388 16.13 -13.40 -14.33
N PHE E 389 15.15 -12.61 -13.93
CA PHE E 389 14.58 -11.59 -14.81
C PHE E 389 15.09 -10.27 -14.32
N ARG E 390 15.28 -9.32 -15.25
CA ARG E 390 15.77 -8.00 -14.91
C ARG E 390 15.05 -6.98 -15.77
N GLU E 391 14.60 -5.88 -15.17
CA GLU E 391 13.85 -4.91 -15.95
C GLU E 391 14.78 -4.28 -16.97
N LEU E 392 14.46 -4.41 -18.25
CA LEU E 392 15.06 -3.60 -19.29
C LEU E 392 14.26 -2.38 -19.73
N VAL E 393 13.00 -2.29 -19.32
CA VAL E 393 12.13 -1.24 -19.82
C VAL E 393 11.04 -0.93 -18.82
N SER E 394 10.62 0.32 -18.75
CA SER E 394 9.40 0.65 -18.03
C SER E 394 8.64 1.67 -18.83
N CYS E 395 7.33 1.56 -18.81
CA CYS E 395 6.48 2.44 -19.58
C CYS E 395 5.35 2.93 -18.69
N SER E 396 5.20 4.25 -18.58
CA SER E 396 4.19 4.84 -17.71
C SER E 396 3.31 5.80 -18.47
N ASN E 397 2.03 5.80 -18.14
CA ASN E 397 1.16 6.88 -18.57
C ASN E 397 0.91 7.79 -17.39
N CYS E 398 1.37 9.04 -17.48
CA CYS E 398 1.22 9.97 -16.36
C CYS E 398 0.00 10.86 -16.52
N THR E 399 -0.73 10.69 -17.61
CA THR E 399 -1.94 11.46 -17.84
C THR E 399 -1.60 12.96 -17.78
N ASP E 400 -2.46 13.77 -17.17
CA ASP E 400 -2.29 15.22 -17.19
C ASP E 400 -1.57 15.73 -15.94
N TYR E 401 -1.16 14.81 -15.10
CA TYR E 401 -0.59 15.15 -13.81
C TYR E 401 0.63 16.05 -13.95
N GLN E 402 1.60 15.61 -14.76
CA GLN E 402 2.79 16.42 -14.99
C GLN E 402 2.44 17.62 -15.84
N ALA E 403 1.67 17.41 -16.89
CA ALA E 403 1.33 18.48 -17.81
C ALA E 403 0.76 19.71 -17.10
N ARG E 404 -0.08 19.46 -16.10
CA ARG E 404 -0.73 20.57 -15.40
C ARG E 404 0.27 21.42 -14.65
N ARG E 405 1.26 20.78 -14.05
CA ARG E 405 2.29 21.45 -13.28
C ARG E 405 3.20 22.28 -14.18
N LEU E 406 3.51 21.76 -15.36
CA LEU E 406 4.39 22.43 -16.30
C LEU E 406 3.58 23.29 -17.24
N ARG E 407 2.28 23.34 -17.01
CA ARG E 407 1.40 24.19 -17.82
C ARG E 407 1.55 23.95 -19.32
N ILE E 408 1.41 22.68 -19.73
CA ILE E 408 1.44 22.32 -21.12
C ILE E 408 0.02 22.06 -21.56
N ARG E 409 -0.51 22.97 -22.36
CA ARG E 409 -1.95 23.05 -22.57
C ARG E 409 -2.34 22.46 -23.91
N TYR E 410 -3.54 21.92 -24.01
CA TYR E 410 -3.95 21.38 -25.29
C TYR E 410 -4.79 22.50 -25.85
N GLY E 411 -4.18 23.25 -26.78
CA GLY E 411 -4.80 24.43 -27.38
C GLY E 411 -5.57 24.10 -28.64
N GLN E 412 -6.65 24.83 -28.91
CA GLN E 412 -7.52 24.38 -29.98
C GLN E 412 -8.30 25.48 -30.69
N THR E 413 -8.70 25.20 -31.93
CA THR E 413 -9.47 26.13 -32.73
C THR E 413 -11.00 25.95 -32.60
N LYS E 414 -11.44 24.88 -31.92
CA LYS E 414 -12.86 24.46 -31.97
C LYS E 414 -13.92 25.22 -31.13
N LYS E 415 -13.61 25.57 -29.89
CA LYS E 415 -14.64 26.08 -28.98
C LYS E 415 -14.10 26.96 -27.84
N MET E 416 -14.99 27.68 -27.17
CA MET E 416 -14.64 28.42 -25.95
C MET E 416 -14.77 27.54 -24.71
N MET E 417 -13.85 27.73 -23.77
CA MET E 417 -13.74 26.85 -22.60
C MET E 417 -13.66 27.70 -21.34
N ASP E 418 -14.18 27.19 -20.23
CA ASP E 418 -14.00 27.88 -18.95
C ASP E 418 -12.60 27.64 -18.44
N LYS E 419 -12.20 26.38 -18.47
CA LYS E 419 -10.88 25.96 -18.03
C LYS E 419 -10.28 25.17 -19.16
N VAL E 420 -9.02 25.47 -19.49
CA VAL E 420 -8.29 24.69 -20.47
C VAL E 420 -7.98 23.33 -19.92
N GLU E 421 -7.70 22.40 -20.82
CA GLU E 421 -7.33 21.05 -20.46
C GLU E 421 -5.89 20.85 -20.87
N PHE E 422 -5.20 19.92 -20.22
CA PHE E 422 -3.76 19.74 -20.45
C PHE E 422 -3.51 18.43 -21.16
N VAL E 423 -2.41 18.40 -21.91
CA VAL E 423 -2.07 17.24 -22.71
C VAL E 423 -1.72 16.09 -21.79
N HIS E 424 -1.79 14.88 -22.31
CA HIS E 424 -1.28 13.74 -21.58
C HIS E 424 0.17 13.45 -21.95
N MET E 425 0.96 13.01 -20.98
CA MET E 425 2.36 12.72 -21.19
C MET E 425 2.64 11.30 -20.80
N LEU E 426 3.27 10.57 -21.71
CA LEU E 426 3.72 9.21 -21.43
C LEU E 426 5.21 9.16 -21.62
N ASN E 427 5.86 8.25 -20.91
CA ASN E 427 7.31 8.09 -21.02
C ASN E 427 7.66 6.63 -20.90
N ALA E 428 8.61 6.19 -21.72
CA ALA E 428 9.17 4.86 -21.61
C ALA E 428 10.67 4.95 -21.68
N THR E 429 11.35 4.06 -20.97
CA THR E 429 12.76 3.86 -21.25
C THR E 429 12.82 2.58 -22.07
N MET E 430 13.11 2.73 -23.35
CA MET E 430 13.22 1.62 -24.30
C MET E 430 14.58 0.86 -24.25
N CYS E 431 15.68 1.55 -24.15
CA CYS E 431 16.95 0.85 -24.06
C CYS E 431 17.93 1.47 -23.07
N ALA E 432 18.37 0.73 -22.06
CA ALA E 432 19.49 1.22 -21.24
C ALA E 432 20.67 0.37 -21.66
N THR E 433 21.60 0.98 -22.38
CA THR E 433 22.55 0.21 -23.16
C THR E 433 23.34 -0.84 -22.37
N THR E 434 23.78 -0.52 -21.17
CA THR E 434 24.50 -1.53 -20.40
C THR E 434 23.63 -2.73 -19.96
N ARG E 435 22.45 -2.48 -19.42
CA ARG E 435 21.57 -3.59 -19.05
C ARG E 435 21.27 -4.47 -20.26
N THR E 436 21.01 -3.84 -21.40
CA THR E 436 20.64 -4.57 -22.61
C THR E 436 21.80 -5.40 -23.14
N ILE E 437 22.97 -4.77 -23.25
CA ILE E 437 24.18 -5.50 -23.58
C ILE E 437 24.35 -6.75 -22.71
N CYS E 438 24.13 -6.64 -21.41
CA CYS E 438 24.24 -7.82 -20.57
C CYS E 438 23.24 -8.89 -20.97
N ALA E 439 22.07 -8.48 -21.44
CA ALA E 439 21.04 -9.43 -21.86
C ALA E 439 21.42 -10.09 -23.19
N ILE E 440 22.03 -9.34 -24.08
CA ILE E 440 22.51 -9.93 -25.31
C ILE E 440 23.69 -10.88 -25.09
N LEU E 441 24.57 -10.56 -24.16
CA LEU E 441 25.70 -11.43 -23.82
C LEU E 441 25.25 -12.75 -23.23
N GLU E 442 24.24 -12.72 -22.38
CA GLU E 442 23.84 -13.98 -21.75
C GLU E 442 23.04 -14.84 -22.72
N ASN E 443 22.19 -14.21 -23.50
CA ASN E 443 21.29 -14.95 -24.38
C ASN E 443 22.01 -15.46 -25.62
N TYR E 444 22.98 -14.70 -26.12
CA TYR E 444 23.75 -15.08 -27.30
C TYR E 444 25.10 -15.78 -27.06
N GLN E 445 25.40 -16.09 -25.80
CA GLN E 445 26.63 -16.80 -25.50
C GLN E 445 26.61 -18.22 -26.06
N THR E 446 27.81 -18.69 -26.38
CA THR E 446 28.04 -20.03 -26.93
C THR E 446 29.36 -20.48 -26.32
N GLU E 447 29.92 -21.57 -26.82
CA GLU E 447 31.24 -22.01 -26.35
C GLU E 447 32.35 -21.15 -26.97
N LYS E 448 32.15 -20.72 -28.21
CA LYS E 448 33.14 -19.94 -28.95
C LYS E 448 33.20 -18.44 -28.62
N GLY E 449 32.04 -17.81 -28.40
CA GLY E 449 31.95 -16.36 -28.31
C GLY E 449 30.56 -15.86 -27.98
N ILE E 450 30.29 -14.61 -28.34
CA ILE E 450 28.94 -14.08 -28.30
C ILE E 450 28.48 -13.96 -29.73
N THR E 451 27.42 -14.66 -30.10
CA THR E 451 26.91 -14.54 -31.46
C THR E 451 26.26 -13.17 -31.65
N VAL E 452 26.74 -12.41 -32.63
CA VAL E 452 26.15 -11.10 -32.89
C VAL E 452 24.75 -11.29 -33.44
N PRO E 453 23.74 -10.69 -32.77
CA PRO E 453 22.34 -10.81 -33.20
C PRO E 453 22.06 -10.17 -34.55
N GLU E 454 21.10 -10.73 -35.27
CA GLU E 454 20.86 -10.39 -36.67
C GLU E 454 20.71 -8.90 -36.95
N LYS E 455 19.77 -8.25 -36.28
CA LYS E 455 19.45 -6.86 -36.60
C LYS E 455 20.59 -5.87 -36.25
N LEU E 456 21.55 -6.34 -35.43
CA LEU E 456 22.75 -5.58 -35.10
C LEU E 456 23.89 -5.60 -36.12
N LYS E 457 24.07 -6.75 -36.79
CA LYS E 457 25.24 -6.98 -37.65
C LYS E 457 25.50 -5.81 -38.58
N GLU E 458 24.41 -5.28 -39.12
CA GLU E 458 24.45 -4.17 -40.04
C GLU E 458 25.29 -3.01 -39.53
N PHE E 459 25.26 -2.75 -38.22
CA PHE E 459 26.13 -1.71 -37.68
C PHE E 459 27.15 -2.41 -36.83
N MET E 460 28.35 -2.54 -37.35
CA MET E 460 29.29 -3.37 -36.67
C MET E 460 30.45 -3.42 -37.60
N PRO E 461 31.66 -3.32 -37.06
CA PRO E 461 32.90 -3.40 -37.82
C PRO E 461 32.90 -4.72 -38.60
N PRO E 462 33.49 -4.71 -39.81
CA PRO E 462 33.62 -5.91 -40.65
C PRO E 462 34.14 -7.13 -39.87
N GLY E 463 35.15 -6.93 -39.02
CA GLY E 463 35.63 -8.02 -38.19
C GLY E 463 34.63 -8.59 -37.20
N LEU E 464 33.69 -7.75 -36.74
CA LEU E 464 32.75 -8.13 -35.70
C LEU E 464 31.34 -8.57 -36.06
N GLN E 465 30.99 -8.67 -37.34
CA GLN E 465 29.59 -8.98 -37.68
C GLN E 465 29.08 -10.40 -37.38
N GLU E 466 29.89 -11.43 -37.57
CA GLU E 466 29.46 -12.77 -37.19
C GLU E 466 29.63 -13.15 -35.72
N LEU E 467 30.78 -12.87 -35.13
CA LEU E 467 30.99 -13.28 -33.74
C LEU E 467 31.96 -12.39 -32.94
N ILE E 468 31.71 -12.27 -31.64
CA ILE E 468 32.59 -11.59 -30.70
C ILE E 468 33.33 -12.68 -29.95
N PRO E 469 34.63 -12.82 -30.19
CA PRO E 469 35.44 -13.94 -29.68
C PRO E 469 35.67 -13.90 -28.17
N PHE E 470 35.96 -15.06 -27.58
CA PHE E 470 36.36 -15.10 -26.19
C PHE E 470 37.87 -15.00 -26.17
N VAL E 471 38.34 -13.86 -25.69
CA VAL E 471 39.76 -13.58 -25.64
C VAL E 471 40.44 -13.89 -24.30
N LYS E 472 39.65 -14.17 -23.27
CA LYS E 472 40.22 -14.27 -21.92
C LYS E 472 39.64 -15.40 -21.09
N PRO E 473 40.33 -15.77 -20.00
CA PRO E 473 39.80 -16.90 -19.25
C PRO E 473 38.49 -16.48 -18.60
N ALA E 474 37.80 -17.40 -17.94
CA ALA E 474 36.65 -17.05 -17.11
C ALA E 474 37.08 -16.88 -15.65
N PRO E 475 36.61 -15.82 -14.99
CA PRO E 475 36.94 -15.57 -13.57
C PRO E 475 36.74 -16.78 -12.64
N ILE E 476 37.69 -16.98 -11.73
CA ILE E 476 37.73 -18.13 -10.84
C ILE E 476 37.59 -17.72 -9.37
N VAL F 2 56.93 16.01 -14.97
CA VAL F 2 58.00 16.83 -14.43
C VAL F 2 59.32 16.28 -14.97
N LEU F 3 60.34 17.13 -15.16
CA LEU F 3 61.59 16.65 -15.80
C LEU F 3 62.39 15.69 -14.93
N ASP F 4 63.21 14.85 -15.57
CA ASP F 4 64.10 13.97 -14.82
C ASP F 4 65.22 14.75 -14.12
N LEU F 5 65.44 14.51 -12.83
CA LEU F 5 66.46 15.24 -12.07
C LEU F 5 67.86 14.99 -12.63
N ASP F 6 68.12 13.76 -13.08
CA ASP F 6 69.43 13.46 -13.64
C ASP F 6 69.78 14.46 -14.73
N LEU F 7 68.77 15.00 -15.39
CA LEU F 7 68.95 16.01 -16.42
C LEU F 7 69.53 17.33 -15.90
N PHE F 8 69.41 17.57 -14.60
CA PHE F 8 69.99 18.73 -13.95
C PHE F 8 71.37 18.44 -13.37
N ARG F 9 71.77 17.17 -13.37
CA ARG F 9 73.03 16.82 -12.75
C ARG F 9 74.14 16.58 -13.77
N VAL F 10 75.09 17.50 -13.87
CA VAL F 10 76.12 17.39 -14.90
C VAL F 10 76.96 16.13 -14.76
N ASP F 11 77.21 15.70 -13.55
CA ASP F 11 77.97 14.48 -13.35
C ASP F 11 77.13 13.23 -13.62
N LYS F 12 75.83 13.40 -13.75
CA LYS F 12 74.95 12.31 -14.17
C LYS F 12 74.59 12.35 -15.66
N GLY F 13 75.18 13.29 -16.39
CA GLY F 13 74.94 13.39 -17.82
C GLY F 13 74.08 14.56 -18.18
N GLY F 14 73.47 15.17 -17.17
CA GLY F 14 72.58 16.29 -17.39
C GLY F 14 73.19 17.53 -17.99
N ASP F 15 72.32 18.41 -18.47
CA ASP F 15 72.74 19.66 -19.07
C ASP F 15 71.84 20.79 -18.59
N PRO F 16 72.17 21.38 -17.45
CA PRO F 16 71.40 22.49 -16.91
C PRO F 16 71.28 23.64 -17.90
N ALA F 17 72.25 23.81 -18.78
CA ALA F 17 72.18 24.94 -19.71
C ALA F 17 71.08 24.75 -20.74
N LEU F 18 70.99 23.54 -21.29
CA LEU F 18 69.90 23.20 -22.19
C LEU F 18 68.56 23.49 -21.53
N ILE F 19 68.48 23.36 -20.21
CA ILE F 19 67.23 23.68 -19.55
C ILE F 19 67.02 25.17 -19.35
N ARG F 20 68.09 25.91 -19.08
CA ARG F 20 67.95 27.36 -18.97
C ARG F 20 67.45 27.95 -20.28
N GLU F 21 68.01 27.48 -21.41
CA GLU F 21 67.60 27.91 -22.74
C GLU F 21 66.11 27.58 -22.93
N THR F 22 65.74 26.35 -22.57
CA THR F 22 64.37 25.90 -22.72
C THR F 22 63.40 26.81 -21.97
N GLN F 23 63.83 27.29 -20.81
CA GLN F 23 63.03 28.19 -20.03
C GLN F 23 62.96 29.55 -20.71
N GLU F 24 64.07 29.99 -21.28
CA GLU F 24 64.08 31.19 -22.11
C GLU F 24 63.11 31.02 -23.27
N LYS F 25 63.24 29.92 -24.00
CA LYS F 25 62.39 29.66 -25.15
C LYS F 25 60.91 29.68 -24.79
N ARG F 26 60.58 29.29 -23.57
CA ARG F 26 59.19 29.30 -23.14
C ARG F 26 58.76 30.61 -22.49
N PHE F 27 59.63 31.61 -22.49
CA PHE F 27 59.32 32.90 -21.88
C PHE F 27 58.98 32.83 -20.39
N LYS F 28 59.79 32.06 -19.67
CA LYS F 28 59.66 31.83 -18.23
C LYS F 28 61.02 32.03 -17.56
N ASP F 29 61.06 32.06 -16.23
CA ASP F 29 62.29 32.31 -15.48
C ASP F 29 63.33 31.17 -15.63
N PRO F 30 64.51 31.47 -16.19
CA PRO F 30 65.70 30.61 -16.19
C PRO F 30 66.37 30.49 -14.82
N GLY F 31 66.12 31.44 -13.95
CA GLY F 31 66.64 31.40 -12.59
C GLY F 31 66.29 30.14 -11.81
N LEU F 32 65.14 29.55 -12.11
CA LEU F 32 64.71 28.33 -11.42
C LEU F 32 65.68 27.18 -11.60
N VAL F 33 66.37 27.15 -12.74
CA VAL F 33 67.26 26.04 -13.01
C VAL F 33 68.41 26.01 -12.01
N ASP F 34 69.03 27.16 -11.77
CA ASP F 34 70.18 27.21 -10.86
C ASP F 34 69.75 27.06 -9.41
N GLN F 35 68.55 27.56 -9.10
CA GLN F 35 67.95 27.30 -7.79
C GLN F 35 67.74 25.81 -7.59
N LEU F 36 67.29 25.12 -8.63
CA LEU F 36 67.10 23.69 -8.50
C LEU F 36 68.44 22.99 -8.31
N VAL F 37 69.45 23.33 -9.11
CA VAL F 37 70.76 22.69 -8.97
C VAL F 37 71.40 22.91 -7.59
N LYS F 38 71.28 24.13 -7.06
CA LYS F 38 71.80 24.41 -5.73
C LYS F 38 71.09 23.59 -4.67
N ALA F 39 69.77 23.57 -4.72
CA ALA F 39 68.97 22.73 -3.83
C ALA F 39 69.33 21.25 -3.95
N ASP F 40 69.41 20.75 -5.17
CA ASP F 40 69.61 19.33 -5.37
C ASP F 40 71.00 18.98 -4.97
N SER F 41 71.90 19.96 -5.05
CA SER F 41 73.28 19.64 -4.75
C SER F 41 73.57 19.54 -3.24
N GLU F 42 73.11 20.55 -2.50
CA GLU F 42 73.13 20.49 -1.05
C GLU F 42 72.40 19.25 -0.54
N TRP F 43 71.23 18.98 -1.11
CA TRP F 43 70.52 17.79 -0.75
C TRP F 43 71.43 16.56 -0.89
N ARG F 44 72.26 16.52 -1.92
CA ARG F 44 73.07 15.33 -2.18
C ARG F 44 74.24 15.22 -1.22
N ARG F 45 74.75 16.37 -0.81
CA ARG F 45 75.86 16.44 0.13
C ARG F 45 75.42 16.07 1.53
N CYS F 46 74.25 16.54 1.95
CA CYS F 46 73.64 16.07 3.20
C CYS F 46 73.51 14.55 3.21
N ARG F 47 72.93 13.98 2.16
CA ARG F 47 72.80 12.53 2.06
C ARG F 47 74.17 11.85 2.08
N PHE F 48 75.18 12.51 1.53
CA PHE F 48 76.52 11.95 1.60
C PHE F 48 77.09 12.10 3.01
N ARG F 49 77.03 13.31 3.53
CA ARG F 49 77.54 13.63 4.86
C ARG F 49 76.96 12.74 5.94
N ALA F 50 75.66 12.85 6.17
CA ALA F 50 75.00 12.07 7.22
C ALA F 50 75.29 10.56 7.11
N ASP F 51 75.58 10.08 5.90
CA ASP F 51 76.01 8.70 5.73
C ASP F 51 77.33 8.40 6.46
N ASN F 52 78.29 9.30 6.35
CA ASN F 52 79.54 9.17 7.09
C ASN F 52 79.25 9.25 8.58
N LEU F 53 78.47 10.25 8.97
CA LEU F 53 78.13 10.46 10.37
C LEU F 53 77.59 9.20 11.04
N ASN F 54 77.00 8.30 10.26
CA ASN F 54 76.53 7.00 10.76
C ASN F 54 77.65 5.97 10.93
N LYS F 55 78.55 5.90 9.95
CA LYS F 55 79.79 5.15 10.13
C LYS F 55 80.41 5.57 11.46
N LEU F 56 80.75 6.85 11.57
CA LEU F 56 81.32 7.46 12.78
C LEU F 56 80.55 7.20 14.08
N LYS F 57 79.25 7.48 14.09
CA LYS F 57 78.43 7.30 15.30
C LYS F 57 77.96 5.86 15.57
N ASN F 58 77.97 5.02 14.55
CA ASN F 58 77.73 3.59 14.75
C ASN F 58 78.98 2.86 15.24
N LEU F 59 80.15 3.39 14.88
CA LEU F 59 81.42 2.95 15.48
C LEU F 59 81.60 3.61 16.85
N CYS F 60 81.25 4.90 16.93
CA CYS F 60 81.28 5.65 18.19
C CYS F 60 80.53 4.87 19.27
N SER F 61 79.39 4.30 18.89
CA SER F 61 78.63 3.39 19.76
C SER F 61 79.17 1.96 19.83
N LYS F 62 79.49 1.38 18.69
CA LYS F 62 79.88 -0.03 18.62
C LYS F 62 81.08 -0.37 19.51
N THR F 63 82.19 0.32 19.28
CA THR F 63 83.43 0.03 20.00
C THR F 63 83.33 0.48 21.44
N ILE F 64 82.33 1.33 21.72
CA ILE F 64 82.06 1.80 23.07
C ILE F 64 81.04 0.90 23.79
N GLY F 65 80.45 -0.03 23.05
CA GLY F 65 79.57 -1.03 23.63
C GLY F 65 80.38 -2.11 24.34
N GLU F 66 81.47 -2.51 23.71
CA GLU F 66 82.43 -3.44 24.33
C GLU F 66 83.35 -2.73 25.33
N LYS F 67 83.89 -1.57 24.94
CA LYS F 67 84.90 -0.86 25.75
C LYS F 67 84.48 -0.48 27.18
N MET F 68 83.56 0.48 27.32
CA MET F 68 83.14 0.95 28.65
C MET F 68 81.90 0.26 29.26
N LYS F 69 81.20 -0.55 28.46
CA LYS F 69 80.10 -1.37 28.97
C LYS F 69 80.56 -2.69 29.61
N LYS F 70 81.60 -3.29 29.05
CA LYS F 70 82.18 -4.55 29.54
C LYS F 70 83.31 -4.34 30.56
N LYS F 71 83.77 -3.10 30.70
CA LYS F 71 84.87 -2.79 31.63
C LYS F 71 84.64 -1.49 32.41
N GLU F 72 84.58 -1.58 33.75
CA GLU F 72 84.69 -0.38 34.59
C GLU F 72 83.46 0.52 34.54
N PRO F 73 83.39 1.49 35.46
CA PRO F 73 82.37 2.55 35.48
C PRO F 73 82.75 3.69 36.44
N VAL F 80 83.46 21.53 30.07
CA VAL F 80 84.81 21.75 30.60
C VAL F 80 85.81 20.66 30.18
N PRO F 81 85.37 19.38 30.16
CA PRO F 81 86.21 18.28 29.67
C PRO F 81 86.00 17.87 28.19
N GLU F 82 86.33 18.74 27.24
CA GLU F 82 86.29 18.38 25.81
C GLU F 82 87.52 18.89 25.03
N ASN F 83 88.22 17.96 24.36
CA ASN F 83 89.44 18.29 23.62
C ASN F 83 89.52 17.56 22.27
N VAL F 84 90.01 18.27 21.24
CA VAL F 84 90.03 17.75 19.88
C VAL F 84 88.62 17.36 19.42
N LEU F 85 87.70 18.30 19.56
CA LEU F 85 86.25 18.05 19.38
C LEU F 85 85.80 17.84 17.94
N SER F 86 86.28 18.68 17.01
CA SER F 86 85.79 18.68 15.64
C SER F 86 85.94 17.29 15.01
N PHE F 87 84.99 16.94 14.14
CA PHE F 87 84.86 15.56 13.69
C PHE F 87 86.01 15.16 12.78
N ASP F 88 85.98 13.92 12.31
CA ASP F 88 87.06 13.37 11.50
C ASP F 88 88.39 13.38 12.26
N ASP F 89 88.30 13.42 13.58
CA ASP F 89 89.44 13.16 14.45
C ASP F 89 89.39 11.72 14.98
N LEU F 90 88.35 10.99 14.60
CA LEU F 90 88.12 9.67 15.18
C LEU F 90 88.41 8.54 14.21
N THR F 91 89.53 7.86 14.46
CA THR F 91 89.82 6.55 13.87
C THR F 91 89.46 5.48 14.90
N ALA F 92 88.88 5.92 16.02
CA ALA F 92 88.81 5.16 17.27
C ALA F 92 90.06 5.40 18.11
N ASP F 93 91.02 6.14 17.54
CA ASP F 93 92.28 6.46 18.21
C ASP F 93 92.10 7.48 19.34
N ALA F 94 91.43 8.59 19.05
CA ALA F 94 91.18 9.59 20.07
C ALA F 94 89.96 9.15 20.88
N LEU F 95 89.36 8.04 20.46
CA LEU F 95 88.16 7.48 21.06
C LEU F 95 88.44 6.77 22.40
N ALA F 96 89.24 5.71 22.32
CA ALA F 96 89.56 4.89 23.50
C ALA F 96 90.36 5.65 24.56
N ASN F 97 90.78 6.87 24.22
CA ASN F 97 91.45 7.76 25.18
C ASN F 97 90.49 8.41 26.20
N LEU F 98 89.18 8.31 25.96
CA LEU F 98 88.18 8.91 26.86
C LEU F 98 87.11 7.90 27.31
N VAL F 100 84.40 8.96 28.26
CA VAL F 100 83.21 8.12 28.28
C VAL F 100 81.97 8.94 28.59
N SER F 101 82.08 9.77 29.63
CA SER F 101 81.14 10.88 29.82
C SER F 101 81.41 11.88 28.70
N GLN F 102 82.64 11.83 28.18
CA GLN F 102 83.02 12.59 27.01
C GLN F 102 82.61 11.93 25.69
N ILE F 103 82.77 10.60 25.60
CA ILE F 103 82.36 9.86 24.40
C ILE F 103 80.87 10.01 24.10
N LYS F 104 80.05 9.95 25.14
CA LYS F 104 78.63 10.25 24.99
C LYS F 104 78.49 11.66 24.42
N LYS F 105 79.23 12.62 24.98
CA LYS F 105 79.06 14.01 24.58
C LYS F 105 79.51 14.34 23.14
N VAL F 106 80.31 13.47 22.51
CA VAL F 106 80.60 13.62 21.08
C VAL F 106 79.46 13.08 20.24
N ARG F 107 78.95 11.91 20.65
CA ARG F 107 77.87 11.25 19.95
C ARG F 107 76.63 12.16 19.94
N LEU F 108 76.43 12.88 21.04
CA LEU F 108 75.35 13.86 21.10
C LEU F 108 75.61 14.96 20.08
N LEU F 109 76.88 15.18 19.75
CA LEU F 109 77.24 16.13 18.69
C LEU F 109 77.02 15.53 17.30
N ILE F 110 77.44 14.27 17.13
CA ILE F 110 77.22 13.56 15.88
C ILE F 110 75.74 13.53 15.53
N ASP F 111 74.92 13.06 16.46
CA ASP F 111 73.50 12.89 16.20
C ASP F 111 72.78 14.23 16.05
N GLU F 112 73.25 15.23 16.77
CA GLU F 112 72.72 16.57 16.63
C GLU F 112 73.06 17.10 15.23
N ALA F 113 74.12 16.53 14.65
CA ALA F 113 74.53 16.82 13.28
C ALA F 113 73.73 16.06 12.23
N ILE F 114 73.53 14.75 12.45
CA ILE F 114 72.68 13.94 11.59
C ILE F 114 71.27 14.51 11.59
N LEU F 115 70.91 15.19 12.67
CA LEU F 115 69.61 15.82 12.74
C LEU F 115 69.57 17.14 11.99
N LYS F 116 70.70 17.78 11.82
CA LYS F 116 70.71 19.05 11.11
C LYS F 116 70.54 18.77 9.62
N CYS F 117 71.06 17.64 9.17
CA CYS F 117 70.90 17.20 7.78
C CYS F 117 69.46 16.86 7.46
N ASP F 118 68.90 15.96 8.26
CA ASP F 118 67.50 15.54 8.11
C ASP F 118 66.59 16.76 7.98
N ALA F 119 66.72 17.72 8.90
CA ALA F 119 65.92 18.95 8.88
C ALA F 119 66.07 19.72 7.58
N GLU F 120 67.29 19.76 7.06
CA GLU F 120 67.54 20.52 5.84
C GLU F 120 67.12 19.78 4.57
N ARG F 121 67.32 18.46 4.51
CA ARG F 121 66.85 17.68 3.37
C ARG F 121 65.34 17.79 3.18
N ILE F 122 64.61 17.75 4.28
CA ILE F 122 63.18 17.96 4.23
C ILE F 122 62.90 19.30 3.56
N LYS F 123 63.58 20.34 4.01
CA LYS F 123 63.38 21.67 3.45
C LYS F 123 63.84 21.78 2.00
N LEU F 124 64.88 21.02 1.64
CA LEU F 124 65.41 21.07 0.28
C LEU F 124 64.55 20.33 -0.73
N GLU F 125 64.10 19.13 -0.39
CA GLU F 125 63.13 18.40 -1.21
C GLU F 125 61.94 19.27 -1.60
N ALA F 126 61.46 20.09 -0.67
CA ALA F 126 60.32 20.95 -0.95
C ALA F 126 60.68 22.11 -1.88
N GLU F 127 61.90 22.60 -1.79
CA GLU F 127 62.31 23.71 -2.65
C GLU F 127 62.60 23.17 -4.04
N ARG F 128 62.98 21.90 -4.08
CA ARG F 128 63.35 21.22 -5.31
C ARG F 128 62.11 20.83 -6.08
N PHE F 129 61.10 20.36 -5.36
CA PHE F 129 59.80 20.04 -5.93
C PHE F 129 59.07 21.29 -6.36
N GLU F 130 59.09 22.32 -5.52
CA GLU F 130 58.49 23.60 -5.87
C GLU F 130 59.07 24.16 -7.15
N ASN F 131 60.37 24.01 -7.33
CA ASN F 131 61.05 24.48 -8.55
C ASN F 131 60.74 23.63 -9.76
N LEU F 132 60.91 22.32 -9.61
CA LEU F 132 60.67 21.39 -10.69
C LEU F 132 59.33 21.54 -11.42
N ARG F 133 58.25 21.77 -10.67
CA ARG F 133 56.92 21.74 -11.29
C ARG F 133 56.61 22.97 -12.12
N GLU F 134 57.41 24.02 -11.95
CA GLU F 134 57.26 25.24 -12.76
C GLU F 134 58.21 25.28 -13.95
N ILE F 135 59.02 24.24 -14.12
CA ILE F 135 59.93 24.14 -15.25
C ILE F 135 59.33 23.21 -16.29
N GLY F 136 59.19 23.73 -17.50
CA GLY F 136 58.49 23.02 -18.55
C GLY F 136 59.36 21.97 -19.22
N ASN F 137 58.72 21.13 -20.02
CA ASN F 137 59.40 20.06 -20.73
C ASN F 137 60.34 20.62 -21.81
N LEU F 138 61.29 19.81 -22.26
CA LEU F 138 62.16 20.19 -23.34
C LEU F 138 61.33 20.43 -24.59
N LEU F 139 61.83 21.22 -25.52
CA LEU F 139 61.11 21.52 -26.76
C LEU F 139 61.68 20.79 -27.96
N HIS F 140 60.82 20.44 -28.89
CA HIS F 140 61.27 19.95 -30.18
C HIS F 140 61.90 21.10 -30.91
N PRO F 141 62.91 20.81 -31.72
CA PRO F 141 63.66 21.81 -32.48
C PRO F 141 62.76 22.62 -33.39
N SER F 142 61.71 21.99 -33.92
CA SER F 142 60.81 22.65 -34.86
C SER F 142 59.77 23.61 -34.27
N VAL F 143 59.67 23.67 -32.95
CA VAL F 143 58.72 24.61 -32.36
C VAL F 143 59.18 26.05 -32.60
N PRO F 144 58.28 26.89 -33.13
CA PRO F 144 58.53 28.33 -33.30
C PRO F 144 58.73 29.04 -31.96
N ILE F 145 59.78 29.85 -31.81
CA ILE F 145 60.05 30.42 -30.50
C ILE F 145 59.53 31.84 -30.49
N SER F 146 58.37 32.01 -29.83
CA SER F 146 57.73 33.31 -29.69
C SER F 146 56.73 33.31 -28.54
N ASN F 147 56.45 34.50 -28.01
CA ASN F 147 55.39 34.61 -27.02
C ASN F 147 54.07 35.11 -27.61
N ASP F 148 54.09 35.40 -28.92
CA ASP F 148 52.91 35.89 -29.64
C ASP F 148 52.31 34.81 -30.55
N GLU F 149 51.13 34.33 -30.21
CA GLU F 149 50.39 33.43 -31.07
C GLU F 149 49.92 34.40 -32.13
N ASP F 150 49.01 34.02 -33.02
CA ASP F 150 48.72 34.91 -34.16
C ASP F 150 50.01 35.10 -34.93
N VAL F 151 50.57 36.30 -34.92
CA VAL F 151 51.66 36.62 -35.83
C VAL F 151 52.73 35.52 -35.97
N ASP F 152 53.21 34.95 -34.86
CA ASP F 152 54.28 33.93 -34.96
C ASP F 152 53.89 32.44 -35.02
N ASN F 153 52.62 32.11 -34.76
CA ASN F 153 52.15 30.74 -34.97
C ASN F 153 52.40 30.39 -36.41
N LYS F 154 52.89 29.19 -36.68
CA LYS F 154 53.37 28.87 -38.03
C LYS F 154 52.55 27.80 -38.79
N VAL F 155 52.17 28.10 -40.04
CA VAL F 155 51.31 27.21 -40.80
C VAL F 155 52.12 26.23 -41.61
N GLU F 156 52.07 24.96 -41.23
CA GLU F 156 52.91 23.97 -41.88
C GLU F 156 52.36 23.47 -43.21
N ARG F 157 51.05 23.19 -43.26
CA ARG F 157 50.40 22.64 -44.45
C ARG F 157 49.10 23.37 -44.71
N ILE F 158 48.59 23.29 -45.94
CA ILE F 158 47.24 23.74 -46.25
C ILE F 158 46.65 22.75 -47.21
N TRP F 159 45.38 22.41 -47.01
CA TRP F 159 44.76 21.38 -47.83
C TRP F 159 43.37 21.85 -48.26
N GLY F 160 43.07 21.73 -49.54
CA GLY F 160 41.83 22.24 -50.09
C GLY F 160 41.80 23.74 -50.17
N ASP F 161 40.67 24.27 -50.62
CA ASP F 161 40.53 25.70 -50.86
C ASP F 161 39.97 26.38 -49.63
N CYS F 162 40.85 27.14 -48.96
CA CYS F 162 40.56 27.84 -47.74
C CYS F 162 40.21 29.31 -47.94
N THR F 163 40.12 29.76 -49.19
CA THR F 163 39.55 31.10 -49.44
C THR F 163 38.06 31.18 -49.82
N VAL F 164 37.45 30.05 -50.15
CA VAL F 164 36.11 30.09 -50.73
C VAL F 164 35.14 30.57 -49.68
N ARG F 165 34.12 31.33 -50.07
CA ARG F 165 33.06 31.74 -49.13
C ARG F 165 31.72 31.17 -49.54
N LYS F 166 30.99 30.57 -48.60
CA LYS F 166 29.61 30.16 -48.89
C LYS F 166 28.57 31.03 -48.21
N LYS F 167 27.29 30.71 -48.41
CA LYS F 167 26.23 31.68 -48.07
C LYS F 167 25.95 31.82 -46.57
N TYR F 168 25.82 30.69 -45.90
CA TYR F 168 25.35 30.69 -44.53
C TYR F 168 26.38 30.34 -43.47
N SER F 169 26.22 30.96 -42.30
CA SER F 169 26.95 30.62 -41.10
C SER F 169 26.39 29.32 -40.55
N HIS F 170 27.18 28.62 -39.74
CA HIS F 170 26.70 27.39 -39.12
C HIS F 170 25.56 27.70 -38.15
N VAL F 171 25.53 28.91 -37.61
CA VAL F 171 24.47 29.30 -36.69
C VAL F 171 23.09 29.28 -37.36
N ASP F 172 23.03 29.72 -38.61
CA ASP F 172 21.76 29.70 -39.32
C ASP F 172 21.46 28.31 -39.81
N LEU F 173 22.49 27.62 -40.29
CA LEU F 173 22.28 26.30 -40.88
C LEU F 173 21.68 25.32 -39.87
N VAL F 174 22.07 25.48 -38.61
CA VAL F 174 21.62 24.57 -37.57
C VAL F 174 20.13 24.71 -37.35
N VAL F 175 19.65 25.94 -37.44
CA VAL F 175 18.21 26.21 -37.41
C VAL F 175 17.50 25.77 -38.70
N MET F 176 17.99 26.24 -39.85
CA MET F 176 17.32 25.97 -41.13
C MET F 176 17.16 24.50 -41.40
N VAL F 177 17.94 23.68 -40.71
CA VAL F 177 17.90 22.25 -40.95
C VAL F 177 16.92 21.58 -39.99
N ASP F 178 16.45 22.38 -39.02
CA ASP F 178 15.67 21.96 -37.83
C ASP F 178 16.37 20.92 -36.97
N GLY F 179 17.61 21.23 -36.58
CA GLY F 179 18.40 20.40 -35.70
C GLY F 179 18.72 20.89 -34.31
N PHE F 180 18.16 22.02 -33.90
CA PHE F 180 18.70 22.77 -32.74
C PHE F 180 17.65 23.44 -31.86
N GLU F 181 17.81 23.34 -30.53
CA GLU F 181 17.11 24.26 -29.62
C GLU F 181 18.08 25.04 -28.73
N GLY F 182 18.26 26.33 -29.02
CA GLY F 182 18.94 27.27 -28.14
C GLY F 182 18.02 27.82 -27.07
N GLU F 183 16.81 28.15 -27.51
CA GLU F 183 15.73 28.55 -26.62
C GLU F 183 15.14 27.26 -26.08
N LYS F 184 14.87 27.27 -24.78
CA LYS F 184 14.47 26.10 -23.99
C LYS F 184 15.73 25.29 -23.73
N GLY F 185 16.76 25.54 -24.53
CA GLY F 185 18.04 24.90 -24.31
C GLY F 185 18.76 25.61 -23.20
N ALA F 186 18.70 26.94 -23.25
CA ALA F 186 19.30 27.80 -22.25
C ALA F 186 18.40 27.87 -21.00
N VAL F 187 17.09 27.76 -21.21
CA VAL F 187 16.15 27.73 -20.09
C VAL F 187 16.39 26.51 -19.19
N VAL F 188 16.52 25.34 -19.82
CA VAL F 188 16.76 24.08 -19.08
C VAL F 188 18.13 23.93 -18.40
N ALA F 189 19.22 24.05 -19.16
CA ALA F 189 20.55 23.80 -18.60
C ALA F 189 21.38 25.03 -18.19
N GLY F 190 20.85 26.24 -18.40
CA GLY F 190 21.66 27.44 -18.26
C GLY F 190 22.14 27.99 -19.59
N SER F 191 23.08 28.93 -19.57
CA SER F 191 23.55 29.58 -20.80
C SER F 191 24.35 28.62 -21.66
N ARG F 192 24.13 28.67 -22.98
CA ARG F 192 24.87 27.81 -23.91
C ARG F 192 24.33 26.37 -23.93
N GLY F 193 23.31 26.10 -23.11
CA GLY F 193 22.64 24.81 -23.12
C GLY F 193 21.89 24.62 -24.43
N TYR F 194 21.47 23.39 -24.71
CA TYR F 194 20.92 23.12 -26.02
C TYR F 194 20.41 21.68 -26.17
N PHE F 195 19.55 21.49 -27.17
CA PHE F 195 19.15 20.18 -27.65
C PHE F 195 19.57 20.04 -29.09
N LEU F 196 20.05 18.88 -29.49
CA LEU F 196 20.11 18.58 -30.90
C LEU F 196 18.90 17.71 -31.18
N LYS F 197 18.20 17.97 -32.28
CA LYS F 197 17.14 17.05 -32.70
C LYS F 197 17.34 16.49 -34.11
N GLY F 198 16.69 15.36 -34.38
CA GLY F 198 16.53 14.87 -35.73
C GLY F 198 17.79 14.64 -36.55
N VAL F 199 17.84 15.28 -37.70
CA VAL F 199 18.94 15.10 -38.62
C VAL F 199 20.34 15.27 -37.99
N LEU F 200 20.59 16.41 -37.34
CA LEU F 200 21.86 16.59 -36.65
C LEU F 200 22.25 15.46 -35.67
N VAL F 201 21.29 14.83 -35.01
CA VAL F 201 21.61 13.73 -34.11
C VAL F 201 22.08 12.52 -34.91
N PHE F 202 21.45 12.26 -36.04
CA PHE F 202 21.89 11.14 -36.87
C PHE F 202 23.27 11.44 -37.44
N LEU F 203 23.48 12.72 -37.76
CA LEU F 203 24.72 13.11 -38.39
C LEU F 203 25.85 12.87 -37.40
N GLU F 204 25.69 13.40 -36.19
CA GLU F 204 26.67 13.18 -35.13
C GLU F 204 26.95 11.70 -34.91
N GLN F 205 25.89 10.89 -34.88
CA GLN F 205 26.04 9.46 -34.71
C GLN F 205 26.87 8.87 -35.83
N ALA F 206 26.75 9.45 -37.02
CA ALA F 206 27.50 8.98 -38.18
C ALA F 206 28.99 9.28 -38.01
N LEU F 207 29.31 10.52 -37.65
CA LEU F 207 30.66 10.92 -37.32
C LEU F 207 31.27 9.98 -36.31
N ILE F 208 30.58 9.78 -35.20
CA ILE F 208 31.12 8.91 -34.19
C ILE F 208 31.43 7.51 -34.74
N GLN F 209 30.63 7.02 -35.68
CA GLN F 209 30.81 5.65 -36.17
C GLN F 209 31.98 5.60 -37.11
N TYR F 210 32.05 6.59 -37.98
CA TYR F 210 33.10 6.63 -38.96
C TYR F 210 34.39 6.87 -38.23
N ALA F 211 34.36 7.75 -37.25
CA ALA F 211 35.57 8.07 -36.49
C ALA F 211 36.11 6.84 -35.77
N LEU F 212 35.24 6.02 -35.22
CA LEU F 212 35.70 4.84 -34.50
C LEU F 212 36.11 3.73 -35.43
N ARG F 213 35.45 3.64 -36.59
CA ARG F 213 35.91 2.66 -37.59
C ARG F 213 37.28 3.03 -38.20
N THR F 214 37.49 4.31 -38.46
CA THR F 214 38.82 4.81 -38.79
C THR F 214 39.86 4.42 -37.74
N LEU F 215 39.71 4.92 -36.51
CA LEU F 215 40.71 4.63 -35.49
C LEU F 215 40.83 3.15 -35.18
N GLY F 216 39.75 2.41 -35.35
CA GLY F 216 39.78 0.99 -35.05
C GLY F 216 40.64 0.22 -36.03
N SER F 217 40.58 0.60 -37.31
CA SER F 217 41.30 -0.16 -38.33
C SER F 217 42.80 0.13 -38.33
N ARG F 218 43.18 1.23 -37.68
CA ARG F 218 44.57 1.57 -37.48
C ARG F 218 45.04 1.07 -36.12
N GLY F 219 44.19 0.31 -35.44
CA GLY F 219 44.66 -0.48 -34.31
C GLY F 219 44.46 0.13 -32.94
N TYR F 220 43.75 1.25 -32.89
CA TYR F 220 43.31 1.84 -31.64
C TYR F 220 42.23 0.99 -31.01
N ILE F 221 42.30 0.82 -29.69
CA ILE F 221 41.21 0.17 -28.97
C ILE F 221 40.21 1.25 -28.55
N PRO F 222 38.95 1.14 -28.97
CA PRO F 222 37.99 2.14 -28.48
C PRO F 222 37.72 1.97 -26.98
N ILE F 223 37.66 3.09 -26.28
CA ILE F 223 37.50 3.03 -24.85
C ILE F 223 36.57 4.15 -24.39
N TYR F 224 35.63 3.78 -23.54
CA TYR F 224 34.60 4.66 -23.06
C TYR F 224 35.01 4.96 -21.62
N THR F 225 35.11 6.24 -21.25
CA THR F 225 35.67 6.58 -19.94
C THR F 225 34.55 7.13 -19.03
N PRO F 226 34.73 7.03 -17.69
CA PRO F 226 33.78 7.65 -16.74
C PRO F 226 33.73 9.17 -16.95
N PHE F 227 32.55 9.77 -16.82
CA PHE F 227 32.44 11.20 -17.11
C PHE F 227 32.76 12.03 -15.88
N PHE F 228 32.98 11.37 -14.74
CA PHE F 228 33.45 12.06 -13.55
C PHE F 228 34.55 11.31 -12.80
N MET F 229 35.51 12.06 -12.26
CA MET F 229 36.58 11.50 -11.46
C MET F 229 36.46 12.01 -10.03
N ARG F 230 36.96 11.25 -9.08
CA ARG F 230 36.98 11.71 -7.70
C ARG F 230 38.03 12.81 -7.59
N LYS F 231 37.90 13.66 -6.57
CA LYS F 231 38.77 14.82 -6.46
C LYS F 231 40.24 14.46 -6.25
N GLU F 232 40.50 13.30 -5.65
CA GLU F 232 41.86 12.86 -5.33
C GLU F 232 42.72 12.54 -6.56
N VAL F 233 42.16 11.75 -7.49
CA VAL F 233 42.88 11.31 -8.69
C VAL F 233 42.95 12.39 -9.77
N MET F 234 42.02 13.33 -9.72
CA MET F 234 41.96 14.43 -10.69
C MET F 234 43.04 15.50 -10.43
N GLN F 235 43.51 15.61 -9.20
CA GLN F 235 44.58 16.54 -8.86
C GLN F 235 45.94 16.03 -9.33
N GLU F 236 46.07 14.71 -9.43
CA GLU F 236 47.29 14.07 -9.93
C GLU F 236 47.38 14.07 -11.48
N VAL F 237 46.23 14.12 -12.15
CA VAL F 237 46.20 14.25 -13.61
C VAL F 237 46.02 15.72 -14.03
N ALA F 238 45.96 16.61 -13.04
CA ALA F 238 45.75 18.06 -13.24
C ALA F 238 46.86 18.74 -14.05
N GLN F 239 46.47 19.44 -15.11
CA GLN F 239 47.44 20.04 -16.02
C GLN F 239 47.14 21.52 -16.26
N GLU F 245 37.11 25.02 -9.92
CA GLU F 245 38.14 25.47 -10.84
C GLU F 245 37.51 25.80 -12.20
N GLU F 246 38.09 25.28 -13.27
CA GLU F 246 37.49 25.34 -14.60
C GLU F 246 36.71 24.06 -14.92
N LEU F 247 36.74 23.09 -14.00
CA LEU F 247 35.98 21.86 -14.11
C LEU F 247 34.76 21.95 -13.21
N TYR F 248 33.65 21.38 -13.65
CA TYR F 248 32.43 21.33 -12.84
C TYR F 248 32.62 20.43 -11.61
N LYS F 249 31.98 20.78 -10.49
CA LYS F 249 32.08 19.91 -9.31
C LYS F 249 30.89 18.96 -9.26
N VAL F 250 30.91 18.04 -8.30
CA VAL F 250 29.81 17.09 -8.08
C VAL F 250 29.71 16.72 -6.60
N ILE F 251 28.49 16.62 -6.06
CA ILE F 251 28.31 16.19 -4.67
C ILE F 251 27.83 14.75 -4.60
N GLY F 252 27.69 14.22 -3.38
CA GLY F 252 27.35 12.82 -3.21
C GLY F 252 26.48 12.50 -2.00
N SER F 262 29.73 11.18 4.32
CA SER F 262 28.57 12.01 3.98
C SER F 262 28.52 12.35 2.49
N TYR F 263 29.31 13.35 2.09
CA TYR F 263 29.43 13.76 0.67
C TYR F 263 30.86 13.57 0.16
N ASP F 264 30.98 12.89 -0.98
CA ASP F 264 32.28 12.53 -1.59
C ASP F 264 32.58 13.35 -2.86
N GLU F 265 33.69 14.08 -2.84
CA GLU F 265 33.95 15.09 -3.88
C GLU F 265 34.42 14.52 -5.21
N LYS F 266 33.76 14.93 -6.30
CA LYS F 266 34.16 14.53 -7.65
C LYS F 266 34.13 15.71 -8.65
N TYR F 267 34.55 15.43 -9.88
CA TYR F 267 34.63 16.43 -10.95
C TYR F 267 34.11 15.84 -12.25
N LEU F 268 33.50 16.67 -13.09
CA LEU F 268 33.16 16.28 -14.47
C LEU F 268 34.32 16.53 -15.44
N ILE F 269 34.79 15.47 -16.11
CA ILE F 269 36.00 15.48 -16.96
C ILE F 269 35.92 16.45 -18.15
N ALA F 270 37.00 17.18 -18.41
CA ALA F 270 36.99 18.12 -19.53
C ALA F 270 37.47 17.53 -20.87
N THR F 271 38.07 16.34 -20.81
CA THR F 271 38.46 15.54 -21.98
C THR F 271 38.58 14.08 -21.54
N SER F 272 38.63 13.16 -22.50
CA SER F 272 38.77 11.74 -22.18
C SER F 272 40.17 11.45 -21.61
N GLU F 273 41.13 12.35 -21.90
CA GLU F 273 42.52 12.24 -21.40
C GLU F 273 42.64 12.06 -19.88
N GLN F 274 41.87 12.84 -19.12
CA GLN F 274 41.94 12.75 -17.66
C GLN F 274 41.73 11.32 -17.14
N PRO F 275 40.55 10.72 -17.43
CA PRO F 275 40.40 9.35 -16.93
C PRO F 275 41.41 8.35 -17.53
N ILE F 276 41.85 8.57 -18.76
CA ILE F 276 42.70 7.57 -19.42
C ILE F 276 44.09 7.50 -18.81
N ALA F 277 44.64 8.66 -18.49
CA ALA F 277 45.93 8.78 -17.82
C ALA F 277 45.94 7.90 -16.57
N ALA F 278 44.97 8.10 -15.70
CA ALA F 278 44.85 7.34 -14.47
C ALA F 278 44.60 5.86 -14.70
N LEU F 279 44.36 5.48 -15.95
CA LEU F 279 44.16 4.07 -16.28
C LEU F 279 45.46 3.31 -16.07
N HIS F 280 46.55 3.90 -16.55
CA HIS F 280 47.86 3.28 -16.42
C HIS F 280 48.79 3.69 -15.26
N ARG F 281 48.34 4.53 -14.34
CA ARG F 281 49.20 4.93 -13.21
C ARG F 281 49.83 3.75 -12.50
N ASP F 282 51.11 3.90 -12.20
CA ASP F 282 51.83 2.92 -11.39
C ASP F 282 51.94 1.53 -12.01
N GLU F 283 52.12 1.46 -13.31
CA GLU F 283 52.16 0.17 -13.97
C GLU F 283 53.50 -0.08 -14.64
N TRP F 284 53.78 -1.36 -14.87
CA TRP F 284 55.03 -1.84 -15.46
C TRP F 284 55.09 -1.75 -16.99
N LEU F 285 54.01 -2.04 -17.69
CA LEU F 285 53.97 -1.73 -19.13
C LEU F 285 55.08 -2.33 -20.03
N ARG F 286 55.02 -3.64 -20.32
CA ARG F 286 56.04 -4.32 -21.15
C ARG F 286 56.31 -3.70 -22.53
N PRO F 287 57.57 -3.71 -22.97
CA PRO F 287 58.02 -3.02 -24.18
C PRO F 287 57.51 -3.52 -25.54
N GLU F 288 57.08 -4.78 -25.65
CA GLU F 288 56.59 -5.30 -26.93
C GLU F 288 55.07 -5.10 -27.09
N ASP F 289 54.42 -4.65 -26.02
CA ASP F 289 53.03 -4.22 -26.06
C ASP F 289 52.89 -2.79 -26.61
N LEU F 290 53.98 -2.03 -26.60
CA LEU F 290 53.97 -0.66 -27.12
C LEU F 290 54.19 -0.71 -28.64
N PRO F 291 53.62 0.26 -29.37
CA PRO F 291 52.69 1.29 -28.87
C PRO F 291 51.33 0.73 -28.48
N ILE F 292 50.78 1.24 -27.38
CA ILE F 292 49.42 0.99 -26.95
C ILE F 292 48.56 2.19 -27.35
N LYS F 293 47.50 1.94 -28.12
CA LYS F 293 46.71 3.03 -28.72
C LYS F 293 45.24 2.98 -28.34
N TYR F 294 44.71 4.07 -27.81
CA TYR F 294 43.33 4.08 -27.36
C TYR F 294 42.58 5.17 -28.07
N ALA F 295 41.38 4.85 -28.56
CA ALA F 295 40.49 5.90 -29.04
C ALA F 295 39.44 6.10 -27.96
N GLY F 296 39.58 7.21 -27.24
CA GLY F 296 38.72 7.50 -26.11
C GLY F 296 37.49 8.19 -26.62
N LEU F 297 36.36 7.85 -26.02
CA LEU F 297 35.10 8.35 -26.49
C LEU F 297 34.41 8.78 -25.22
N SER F 298 33.86 10.00 -25.20
CA SER F 298 33.20 10.46 -23.98
C SER F 298 32.40 11.71 -24.19
N THR F 299 31.76 12.16 -23.12
CA THR F 299 31.11 13.45 -23.12
C THR F 299 31.92 14.35 -22.22
N CYS F 300 32.08 15.60 -22.63
CA CYS F 300 32.98 16.49 -21.94
C CYS F 300 32.27 17.75 -21.53
N PHE F 301 32.77 18.37 -20.47
CA PHE F 301 32.15 19.54 -19.94
C PHE F 301 33.20 20.62 -19.68
N ARG F 302 32.94 21.81 -20.20
CA ARG F 302 33.78 22.96 -19.96
C ARG F 302 32.94 24.04 -19.31
N GLN F 303 33.54 24.77 -18.39
CA GLN F 303 32.83 25.82 -17.66
C GLN F 303 32.99 27.17 -18.35
N GLU F 304 34.23 27.65 -18.44
CA GLU F 304 34.54 28.88 -19.15
C GLU F 304 34.30 28.71 -20.66
N VAL F 305 33.73 29.74 -21.27
CA VAL F 305 33.36 29.71 -22.68
C VAL F 305 33.86 30.94 -23.44
N THR F 312 24.13 35.77 -31.41
CA THR F 312 25.17 34.82 -31.79
C THR F 312 25.23 33.65 -30.80
N ARG F 313 24.31 32.69 -30.97
CA ARG F 313 24.26 31.51 -30.10
C ARG F 313 24.07 30.23 -30.94
N GLY F 314 25.03 29.32 -30.82
CA GLY F 314 25.06 28.12 -31.65
C GLY F 314 25.73 26.96 -30.96
N ILE F 315 25.86 25.85 -31.67
CA ILE F 315 26.33 24.59 -31.08
C ILE F 315 27.86 24.46 -31.11
N PHE F 316 28.54 25.52 -31.53
CA PHE F 316 29.99 25.50 -31.61
C PHE F 316 30.69 25.65 -30.25
N ARG F 317 30.52 26.79 -29.59
CA ARG F 317 31.04 26.95 -28.23
C ARG F 317 29.92 26.57 -27.28
N VAL F 318 30.10 25.43 -26.61
CA VAL F 318 29.06 24.91 -25.75
C VAL F 318 29.68 24.20 -24.56
N HIS F 319 28.87 24.05 -23.52
CA HIS F 319 29.32 23.50 -22.25
C HIS F 319 29.46 21.98 -22.28
N GLN F 320 28.72 21.34 -23.17
CA GLN F 320 28.63 19.87 -23.24
C GLN F 320 28.73 19.33 -24.68
N PHE F 321 29.65 18.39 -24.91
CA PHE F 321 29.85 17.82 -26.23
C PHE F 321 30.51 16.45 -26.13
N GLU F 322 30.46 15.68 -27.22
CA GLU F 322 31.15 14.39 -27.33
C GLU F 322 32.51 14.58 -28.00
N LYS F 323 33.51 13.80 -27.58
CA LYS F 323 34.82 13.90 -28.17
C LYS F 323 35.39 12.51 -28.45
N ILE F 324 35.97 12.34 -29.63
CA ILE F 324 36.79 11.17 -29.91
C ILE F 324 38.24 11.61 -29.80
N GLU F 325 39.02 10.92 -28.98
CA GLU F 325 40.38 11.37 -28.67
C GLU F 325 41.38 10.26 -28.86
N GLN F 326 42.53 10.60 -29.42
CA GLN F 326 43.64 9.66 -29.57
C GLN F 326 44.55 9.73 -28.35
N PHE F 327 44.83 8.58 -27.75
CA PHE F 327 45.78 8.51 -26.66
CA PHE F 327 45.78 8.50 -26.65
C PHE F 327 46.76 7.38 -26.95
N VAL F 328 48.04 7.72 -27.07
CA VAL F 328 49.07 6.71 -27.38
C VAL F 328 50.16 6.61 -26.33
N TYR F 329 50.45 5.39 -25.88
CA TYR F 329 51.63 5.17 -25.04
C TYR F 329 52.73 4.60 -25.92
N SER F 330 53.91 5.22 -25.89
CA SER F 330 55.00 4.85 -26.78
C SER F 330 56.30 4.57 -26.04
N SER F 331 57.23 3.92 -26.71
CA SER F 331 58.59 3.76 -26.19
C SER F 331 59.38 5.06 -26.27
N PRO F 332 60.13 5.37 -25.20
CA PRO F 332 60.98 6.55 -25.02
C PRO F 332 62.23 6.51 -25.90
N HIS F 333 62.53 5.33 -26.43
CA HIS F 333 63.73 5.09 -27.21
C HIS F 333 63.68 5.57 -28.64
N ASP F 334 64.88 5.84 -29.17
CA ASP F 334 65.07 6.19 -30.57
C ASP F 334 64.21 7.38 -30.94
N ASN F 335 63.62 7.34 -32.12
CA ASN F 335 62.68 8.39 -32.45
C ASN F 335 61.21 8.03 -32.24
N LYS F 336 60.96 6.86 -31.69
CA LYS F 336 59.63 6.28 -31.79
C LYS F 336 58.48 7.25 -31.44
N SER F 337 58.53 7.93 -30.31
CA SER F 337 57.42 8.81 -30.00
C SER F 337 57.24 9.92 -31.04
N TRP F 338 58.32 10.42 -31.66
CA TRP F 338 58.15 11.45 -32.68
C TRP F 338 57.68 10.90 -34.03
N GLU F 339 57.90 9.62 -34.24
CA GLU F 339 57.39 8.98 -35.43
C GLU F 339 55.89 8.81 -35.21
N MET F 340 55.55 8.35 -34.01
CA MET F 340 54.16 8.19 -33.61
C MET F 340 53.40 9.52 -33.65
N PHE F 341 54.03 10.59 -33.19
CA PHE F 341 53.46 11.93 -33.30
C PHE F 341 53.04 12.24 -34.75
N GLU F 342 53.96 12.11 -35.69
CA GLU F 342 53.60 12.44 -37.06
C GLU F 342 52.50 11.49 -37.57
N GLU F 343 52.46 10.28 -37.06
CA GLU F 343 51.48 9.31 -37.49
C GLU F 343 50.09 9.69 -36.99
N MET F 344 50.04 10.20 -35.76
CA MET F 344 48.79 10.61 -35.15
C MET F 344 48.20 11.82 -35.85
N ILE F 345 49.04 12.81 -36.11
CA ILE F 345 48.59 14.01 -36.79
C ILE F 345 48.18 13.65 -38.20
N THR F 346 48.80 12.62 -38.74
CA THR F 346 48.46 12.23 -40.09
C THR F 346 47.15 11.47 -40.12
N THR F 347 46.96 10.57 -39.17
CA THR F 347 45.67 9.91 -38.99
C THR F 347 44.52 10.94 -38.97
N ALA F 348 44.67 11.98 -38.16
CA ALA F 348 43.70 13.07 -38.15
C ALA F 348 43.53 13.73 -39.51
N GLU F 349 44.63 14.21 -40.09
CA GLU F 349 44.57 14.82 -41.41
C GLU F 349 43.79 13.95 -42.39
N GLU F 350 44.09 12.66 -42.44
CA GLU F 350 43.46 11.80 -43.44
C GLU F 350 41.96 11.69 -43.20
N PHE F 351 41.58 11.57 -41.94
CA PHE F 351 40.18 11.70 -41.52
C PHE F 351 39.52 12.98 -42.12
N TYR F 352 40.02 14.17 -41.80
CA TYR F 352 39.38 15.37 -42.34
C TYR F 352 39.40 15.47 -43.85
N GLN F 353 40.39 14.82 -44.43
CA GLN F 353 40.49 14.78 -45.86
C GLN F 353 39.37 13.94 -46.47
N SER F 354 39.18 12.74 -45.94
CA SER F 354 38.16 11.89 -46.48
C SER F 354 36.78 12.54 -46.34
N LEU F 355 36.62 13.49 -45.43
CA LEU F 355 35.32 14.17 -45.29
C LEU F 355 35.27 15.48 -46.08
N GLY F 356 36.37 15.80 -46.75
CA GLY F 356 36.35 16.97 -47.60
C GLY F 356 36.38 18.29 -46.88
N ILE F 357 36.88 18.30 -45.65
CA ILE F 357 37.02 19.57 -44.95
C ILE F 357 38.37 20.21 -45.23
N PRO F 358 38.37 21.34 -45.92
CA PRO F 358 39.60 22.13 -46.07
C PRO F 358 40.11 22.51 -44.69
N TYR F 359 41.44 22.53 -44.52
CA TYR F 359 42.06 22.86 -43.24
C TYR F 359 43.50 23.28 -43.43
N HIS F 360 44.08 23.91 -42.42
CA HIS F 360 45.51 24.08 -42.39
C HIS F 360 46.08 23.57 -41.06
N ILE F 361 47.36 23.19 -41.03
CA ILE F 361 47.98 22.69 -39.80
C ILE F 361 48.80 23.81 -39.20
N VAL F 362 48.80 23.96 -37.89
CA VAL F 362 49.57 25.04 -37.27
C VAL F 362 50.53 24.50 -36.23
N ASN F 363 51.73 25.07 -36.20
CA ASN F 363 52.71 24.74 -35.18
C ASN F 363 52.62 25.82 -34.10
N ILE F 364 52.26 25.41 -32.88
CA ILE F 364 51.99 26.35 -31.80
C ILE F 364 53.28 26.84 -31.16
N VAL F 365 53.39 28.15 -30.98
CA VAL F 365 54.61 28.79 -30.46
C VAL F 365 54.97 28.39 -29.04
N SER F 366 56.26 28.27 -28.76
CA SER F 366 56.74 27.83 -27.45
C SER F 366 56.10 28.58 -26.28
N GLY F 367 55.95 29.89 -26.44
CA GLY F 367 55.32 30.70 -25.42
C GLY F 367 53.99 30.18 -24.90
N SER F 368 53.14 29.67 -25.80
CA SER F 368 51.84 29.15 -25.38
C SER F 368 51.70 27.62 -25.22
N LEU F 369 52.76 26.88 -25.41
CA LEU F 369 52.73 25.47 -25.01
C LEU F 369 52.57 25.31 -23.51
N ASN F 370 51.73 24.37 -23.08
CA ASN F 370 51.63 24.07 -21.67
C ASN F 370 52.87 23.29 -21.22
N HIS F 371 53.14 23.24 -19.90
CA HIS F 371 54.41 22.67 -19.40
C HIS F 371 54.80 21.31 -19.97
N ALA F 372 53.88 20.36 -20.07
CA ALA F 372 54.23 19.00 -20.49
C ALA F 372 54.40 18.83 -22.00
N ALA F 373 53.84 19.74 -22.79
CA ALA F 373 53.93 19.62 -24.23
C ALA F 373 55.35 19.86 -24.75
N SER F 374 55.89 18.90 -25.48
CA SER F 374 57.13 19.11 -26.19
C SER F 374 56.94 19.80 -27.55
N LYS F 375 55.85 19.49 -28.23
CA LYS F 375 55.43 20.15 -29.46
C LYS F 375 53.93 20.05 -29.58
N LYS F 376 53.29 21.03 -30.20
CA LYS F 376 51.84 20.95 -30.42
C LYS F 376 51.37 21.42 -31.81
N LEU F 377 50.70 20.54 -32.55
CA LEU F 377 50.07 20.88 -33.83
C LEU F 377 48.56 20.98 -33.67
N ASP F 378 47.98 22.08 -34.15
CA ASP F 378 46.51 22.23 -34.27
C ASP F 378 46.11 22.04 -35.71
N LEU F 379 45.06 21.27 -35.97
CA LEU F 379 44.44 21.28 -37.29
C LEU F 379 43.24 22.23 -37.26
N GLU F 380 43.27 23.28 -38.08
CA GLU F 380 42.20 24.27 -38.07
C GLU F 380 41.36 24.24 -39.34
N ALA F 381 40.12 23.78 -39.23
CA ALA F 381 39.25 23.67 -40.41
C ALA F 381 38.90 25.05 -40.93
N TRP F 382 38.58 25.14 -42.22
CA TRP F 382 38.15 26.42 -42.76
C TRP F 382 36.63 26.51 -42.88
N PHE F 383 36.04 27.58 -42.35
CA PHE F 383 34.59 27.70 -42.38
C PHE F 383 34.18 28.70 -43.45
N PRO F 384 33.69 28.19 -44.58
CA PRO F 384 33.36 28.96 -45.77
C PRO F 384 32.33 30.06 -45.50
N GLY F 385 31.28 29.72 -44.74
CA GLY F 385 30.27 30.68 -44.37
C GLY F 385 30.73 31.71 -43.35
N SER F 386 31.37 31.23 -42.29
CA SER F 386 31.83 32.12 -41.21
C SER F 386 33.00 32.98 -41.68
N GLY F 387 33.72 32.47 -42.68
CA GLY F 387 34.89 33.17 -43.18
C GLY F 387 36.03 33.23 -42.18
N ALA F 388 36.46 32.06 -41.70
CA ALA F 388 37.53 31.99 -40.70
C ALA F 388 37.91 30.56 -40.40
N PHE F 389 39.08 30.40 -39.79
CA PHE F 389 39.58 29.09 -39.42
C PHE F 389 39.18 28.84 -37.97
N ARG F 390 38.84 27.61 -37.65
CA ARG F 390 38.41 27.26 -36.30
C ARG F 390 39.05 25.94 -35.96
N GLU F 391 39.52 25.77 -34.73
CA GLU F 391 40.31 24.58 -34.46
C GLU F 391 39.44 23.34 -34.26
N LEU F 392 39.60 22.36 -35.14
CA LEU F 392 39.05 21.03 -34.94
C LEU F 392 39.86 20.04 -34.10
N VAL F 393 41.18 20.04 -34.29
CA VAL F 393 42.03 18.99 -33.72
C VAL F 393 43.24 19.59 -33.08
N SER F 394 43.72 19.00 -32.00
CA SER F 394 45.01 19.40 -31.46
C SER F 394 45.78 18.16 -31.07
N CYS F 395 47.08 18.18 -31.35
CA CYS F 395 47.94 17.02 -31.16
C CYS F 395 49.17 17.43 -30.38
N SER F 396 49.52 16.67 -29.34
CA SER F 396 50.66 16.97 -28.47
C SER F 396 51.54 15.77 -28.19
N ASN F 397 52.84 15.99 -28.16
CA ASN F 397 53.75 14.98 -27.63
C ASN F 397 54.27 15.46 -26.29
N CYS F 398 53.94 14.74 -25.21
CA CYS F 398 54.40 15.10 -23.88
C CYS F 398 55.62 14.33 -23.42
N THR F 399 56.09 13.43 -24.26
CA THR F 399 57.20 12.56 -23.91
C THR F 399 56.98 11.98 -22.51
N ASP F 400 58.00 12.00 -21.67
CA ASP F 400 57.92 11.32 -20.37
C ASP F 400 57.54 12.24 -19.23
N TYR F 401 57.29 13.50 -19.53
CA TYR F 401 56.91 14.49 -18.54
C TYR F 401 55.79 14.01 -17.62
N GLN F 402 54.61 13.76 -18.18
CA GLN F 402 53.53 13.29 -17.33
C GLN F 402 53.69 11.82 -16.95
N ALA F 403 54.26 11.00 -17.84
CA ALA F 403 54.45 9.60 -17.50
C ALA F 403 55.23 9.43 -16.21
N ARG F 404 56.17 10.33 -15.96
CA ARG F 404 57.02 10.22 -14.77
C ARG F 404 56.20 10.54 -13.54
N ARG F 405 55.55 11.69 -13.55
CA ARG F 405 54.67 12.09 -12.47
C ARG F 405 53.69 10.96 -12.13
N LEU F 406 53.20 10.27 -13.17
CA LEU F 406 52.22 9.20 -12.99
C LEU F 406 52.83 7.85 -12.76
N ARG F 407 54.15 7.74 -12.84
CA ARG F 407 54.82 6.48 -12.51
C ARG F 407 54.70 5.36 -13.56
N ILE F 408 54.04 5.64 -14.69
CA ILE F 408 54.00 4.65 -15.77
C ILE F 408 55.40 4.37 -16.31
N ARG F 409 55.84 3.12 -16.26
CA ARG F 409 57.26 2.82 -16.47
C ARG F 409 57.42 2.02 -17.73
N TYR F 410 58.60 2.05 -18.33
CA TYR F 410 58.78 1.30 -19.57
C TYR F 410 59.62 0.08 -19.30
N GLY F 411 58.98 -1.10 -19.34
CA GLY F 411 59.65 -2.35 -19.05
C GLY F 411 59.98 -2.59 -17.58
N GLN F 412 60.77 -3.64 -17.33
CA GLN F 412 61.23 -4.04 -15.98
C GLN F 412 60.12 -4.22 -14.94
N ASP F 418 70.05 0.82 -10.78
CA ASP F 418 69.98 1.10 -12.21
C ASP F 418 68.88 2.12 -12.55
N LYS F 419 69.04 2.79 -13.70
CA LYS F 419 68.19 3.90 -14.13
C LYS F 419 66.76 3.50 -14.56
N VAL F 420 65.76 4.09 -13.93
CA VAL F 420 64.39 3.76 -14.29
C VAL F 420 63.90 4.64 -15.45
N GLU F 421 63.12 4.03 -16.34
CA GLU F 421 62.61 4.76 -17.50
C GLU F 421 61.09 4.80 -17.63
N PHE F 422 60.60 5.89 -18.20
CA PHE F 422 59.16 6.07 -18.38
C PHE F 422 58.71 6.11 -19.85
N VAL F 423 57.47 5.72 -20.11
CA VAL F 423 56.92 5.78 -21.45
C VAL F 423 56.76 7.23 -21.95
N HIS F 424 56.63 7.41 -23.26
CA HIS F 424 56.20 8.68 -23.81
C HIS F 424 54.68 8.65 -24.00
N MET F 425 54.01 9.75 -23.68
CA MET F 425 52.56 9.82 -23.84
C MET F 425 52.20 10.91 -24.81
N LEU F 426 51.40 10.55 -25.82
CA LEU F 426 50.93 11.51 -26.83
C LEU F 426 49.43 11.50 -26.86
N ASN F 427 48.83 12.65 -27.11
CA ASN F 427 47.38 12.70 -27.24
C ASN F 427 46.92 13.75 -28.21
N ALA F 428 45.86 13.42 -28.91
CA ALA F 428 45.19 14.33 -29.82
C ALA F 428 43.69 14.21 -29.64
N THR F 429 42.99 15.32 -29.73
CA THR F 429 41.56 15.24 -29.78
C THR F 429 41.24 15.21 -31.28
N MET F 430 40.76 14.05 -31.76
CA MET F 430 40.52 13.83 -33.19
C MET F 430 39.18 14.36 -33.75
N CYS F 431 38.09 14.19 -33.02
CA CYS F 431 36.82 14.76 -33.46
C CYS F 431 36.07 15.35 -32.28
N ALA F 432 35.79 16.64 -32.31
CA ALA F 432 34.82 17.16 -31.35
C ALA F 432 33.49 17.29 -32.09
N THR F 433 32.56 16.40 -31.80
CA THR F 433 31.39 16.20 -32.67
C THR F 433 30.67 17.49 -33.03
N THR F 434 30.32 18.31 -32.05
CA THR F 434 29.67 19.56 -32.39
C THR F 434 30.50 20.42 -33.37
N ARG F 435 31.75 20.72 -33.01
CA ARG F 435 32.60 21.54 -33.88
C ARG F 435 32.64 21.01 -35.30
N THR F 436 32.92 19.71 -35.44
CA THR F 436 32.99 19.05 -36.73
C THR F 436 31.70 19.19 -37.54
N ILE F 437 30.59 18.85 -36.92
CA ILE F 437 29.28 18.99 -37.55
C ILE F 437 29.13 20.40 -38.10
N CYS F 438 29.54 21.39 -37.35
CA CYS F 438 29.51 22.75 -37.88
C CYS F 438 30.36 22.94 -39.12
N ALA F 439 31.60 22.44 -39.10
CA ALA F 439 32.47 22.53 -40.27
C ALA F 439 31.84 21.81 -41.44
N ILE F 440 31.37 20.58 -41.23
CA ILE F 440 30.63 19.89 -42.27
C ILE F 440 29.45 20.69 -42.85
N LEU F 441 28.68 21.36 -42.00
CA LEU F 441 27.50 22.08 -42.48
C LEU F 441 27.87 23.30 -43.32
N GLU F 442 28.86 24.07 -42.89
CA GLU F 442 29.23 25.25 -43.67
C GLU F 442 29.84 24.83 -44.99
N ASN F 443 30.49 23.68 -45.00
CA ASN F 443 31.18 23.22 -46.19
C ASN F 443 30.33 22.51 -47.22
N TYR F 444 29.37 21.73 -46.76
CA TYR F 444 28.49 20.99 -47.65
C TYR F 444 27.13 21.65 -47.99
N GLN F 445 26.92 22.89 -47.54
CA GLN F 445 25.70 23.60 -47.88
C GLN F 445 25.49 23.78 -49.38
N THR F 446 24.23 23.67 -49.78
CA THR F 446 23.78 23.92 -51.13
C THR F 446 22.66 24.95 -51.04
N GLU F 447 21.95 25.17 -52.15
CA GLU F 447 20.75 25.98 -52.16
C GLU F 447 19.64 25.27 -51.40
N LYS F 448 19.58 23.94 -51.56
CA LYS F 448 18.46 23.09 -51.11
C LYS F 448 18.59 22.42 -49.74
N GLY F 449 19.73 22.56 -49.07
CA GLY F 449 20.01 21.67 -47.97
C GLY F 449 21.51 21.51 -47.78
N ILE F 450 21.91 20.36 -47.23
CA ILE F 450 23.30 20.10 -46.95
C ILE F 450 23.67 18.73 -47.47
N THR F 451 24.59 18.68 -48.43
CA THR F 451 24.94 17.42 -49.03
C THR F 451 25.65 16.56 -48.01
N VAL F 452 25.23 15.31 -47.89
CA VAL F 452 25.86 14.39 -46.94
C VAL F 452 27.16 13.94 -47.53
N PRO F 453 28.26 14.07 -46.77
CA PRO F 453 29.61 13.61 -47.10
C PRO F 453 29.65 12.14 -47.44
N GLU F 454 30.43 11.77 -48.46
CA GLU F 454 30.45 10.38 -48.94
C GLU F 454 30.67 9.35 -47.85
N LYS F 455 31.75 9.50 -47.08
CA LYS F 455 32.08 8.50 -46.08
C LYS F 455 31.06 8.45 -44.92
N LEU F 456 30.27 9.50 -44.76
CA LEU F 456 29.19 9.51 -43.78
C LEU F 456 27.89 8.86 -44.27
N LYS F 457 27.75 8.74 -45.59
CA LYS F 457 26.52 8.19 -46.18
C LYS F 457 26.11 6.87 -45.56
N GLU F 458 27.01 5.91 -45.49
CA GLU F 458 26.61 4.58 -45.05
C GLU F 458 26.22 4.55 -43.59
N PHE F 459 26.48 5.63 -42.87
CA PHE F 459 26.05 5.70 -41.48
C PHE F 459 24.75 6.48 -41.21
N MET F 460 24.21 7.09 -42.24
CA MET F 460 22.95 7.80 -42.10
C MET F 460 21.78 6.83 -42.36
N PRO F 461 20.63 7.11 -41.75
CA PRO F 461 19.48 6.23 -41.95
C PRO F 461 18.89 6.49 -43.33
N PRO F 462 18.22 5.48 -43.90
CA PRO F 462 17.61 5.65 -45.22
C PRO F 462 16.72 6.89 -45.26
N GLY F 463 16.94 7.72 -46.29
CA GLY F 463 16.19 8.94 -46.48
C GLY F 463 16.99 10.16 -46.10
N LEU F 464 18.01 9.95 -45.28
CA LEU F 464 19.02 10.96 -44.98
C LEU F 464 20.34 10.84 -45.74
N GLN F 465 20.43 9.91 -46.69
CA GLN F 465 21.71 9.60 -47.35
C GLN F 465 22.22 10.56 -48.44
N GLU F 466 21.36 11.09 -49.29
CA GLU F 466 21.84 12.12 -50.21
C GLU F 466 21.89 13.56 -49.65
N LEU F 467 20.82 14.00 -49.00
CA LEU F 467 20.72 15.40 -48.62
C LEU F 467 19.99 15.60 -47.28
N ILE F 468 20.42 16.59 -46.51
CA ILE F 468 19.70 16.99 -45.34
C ILE F 468 19.01 18.30 -45.71
N PRO F 469 17.68 18.25 -45.91
CA PRO F 469 16.95 19.37 -46.54
C PRO F 469 16.72 20.52 -45.60
N PHE F 470 16.75 21.74 -46.13
CA PHE F 470 16.41 22.90 -45.32
C PHE F 470 14.90 22.81 -45.06
N VAL F 471 14.53 22.79 -43.78
CA VAL F 471 13.13 22.86 -43.37
C VAL F 471 12.67 24.25 -42.89
N LYS F 472 13.56 25.23 -42.82
CA LYS F 472 13.15 26.52 -42.28
C LYS F 472 13.86 27.71 -42.91
N PRO F 473 13.21 28.88 -42.87
CA PRO F 473 13.85 30.13 -43.28
C PRO F 473 15.04 30.42 -42.37
N ALA F 474 16.05 31.12 -42.87
CA ALA F 474 17.21 31.44 -42.05
C ALA F 474 16.92 32.63 -41.15
N PRO F 475 17.21 32.49 -39.85
CA PRO F 475 16.90 33.50 -38.84
C PRO F 475 17.45 34.88 -39.23
N ILE F 476 16.66 35.92 -38.97
CA ILE F 476 17.11 37.30 -39.19
C ILE F 476 16.98 38.10 -37.89
#